data_4BLB
#
_entry.id   4BLB
#
_cell.length_a   116.300
_cell.length_b   137.600
_cell.length_c   116.540
_cell.angle_alpha   90.00
_cell.angle_beta   105.49
_cell.angle_gamma   90.00
#
_symmetry.space_group_name_H-M   'P 1 21 1'
#
loop_
_entity.id
_entity.type
_entity.pdbx_description
1 polymer 'MALTOSE-BINDING PERIPLASMIC PROTEIN, SUPPRESSOR OF FUSED HOMOLOG'
2 polymer 'ZINC FINGER PROTEIN GLI1'
3 branched alpha-D-glucopyranose-(1-4)-alpha-D-glucopyranose
4 non-polymer 'ZINC ION'
#
loop_
_entity_poly.entity_id
_entity_poly.type
_entity_poly.pdbx_seq_one_letter_code
_entity_poly.pdbx_strand_id
1 'polypeptide(L)'
;MKTEEGKLVIWINGDKGYNGLAEVGKKFEKDTGIKVTVEHPDKLEEKFPQVAATGDGPDIIFWAHDRFGGYAQSGLLAEI
TPDKAFQDKLYPFTWDAVRYNGKLIAYPIAVEALSLIYNKDLLPNPPKTWEEIPALDKELKAKGKSALMFNLQEPYFTWP
LIAADGGYAFKYENGKYDIKDVGVDNAGAKAGLTFLVDLIKNKHMNADTDYSIAEHAFNHGETAMTINGPWAWSNIDTSK
VNYGVTVLPTFKGQPSKPFVGVLSAGINAASPNKELAKEFLENYLLTDEGLEAVNKDKPLGAVALKSYEEELAKDPRIAA
TMENAQKGEIMPNIPQMSAFWYAVRTAVINAASGRQTVDAALAAAQTNAAAPGLHAIYGECRRLYPDQPNPLQVTAIVKY
DSFGPDPLDYVSMYRNVGSPSANIPEHWHYISFGLSDLYGDNRVHEFTGTDGPSGFGFELTFRLKRETGESAPPTWPAEL
MQGLARYVFQSENTFCSGDHVSWHSPLDNSESRIQHMLLTEDPQMQPVQTPFGVVTFLQIVGVCTEELHSAQQWNGQGIL
ELLRTVPIAGGPWLITDMRRGETIFEIDPHLQERVDKGIETDGSNLSGVSAKCAWDDLPSRGEDPIRTRQLESVHLKFNQ
ESGALIPLCLRGRLLHGRHFTYKSITGDMAITFVSTGVEGAFATEEHPYAAHGPWLQILLTEEFVEKMLEDLEDLTSAAL
PKEYSWPEKKLKVSILPDVVFDSPLVEHHHHHH
;
A,B,C,D
2 'polypeptide(L)' TSPGGSYGHLSIGTMSP E,F,G,H
#
# COMPACT_ATOMS: atom_id res chain seq x y z
N MET A 1 8.07 76.52 14.12
CA MET A 1 6.82 77.19 13.66
C MET A 1 6.40 76.65 12.30
N LYS A 2 5.24 76.00 12.25
CA LYS A 2 4.77 75.37 11.03
C LYS A 2 3.88 76.34 10.26
N THR A 3 4.22 76.53 8.98
CA THR A 3 3.45 77.39 8.08
C THR A 3 2.92 76.58 6.93
N GLU A 4 1.80 75.93 7.17
CA GLU A 4 1.29 74.89 6.29
C GLU A 4 -0.03 74.38 6.83
N GLU A 5 -0.78 73.70 5.98
CA GLU A 5 -1.99 73.04 6.43
C GLU A 5 -1.77 71.56 6.64
N GLY A 6 -2.40 71.05 7.69
CA GLY A 6 -2.35 69.66 8.03
C GLY A 6 -3.51 68.96 7.37
N LYS A 7 -3.33 67.67 7.11
CA LYS A 7 -4.34 66.85 6.45
C LYS A 7 -4.65 65.69 7.40
N LEU A 8 -5.68 64.92 7.08
CA LEU A 8 -6.01 63.74 7.85
C LEU A 8 -6.13 62.52 6.94
N VAL A 9 -5.28 61.53 7.20
CA VAL A 9 -5.38 60.24 6.53
C VAL A 9 -5.92 59.26 7.57
N ILE A 10 -6.99 58.57 7.20
CA ILE A 10 -7.67 57.64 8.11
C ILE A 10 -7.74 56.24 7.52
N TRP A 11 -7.40 55.26 8.35
CA TRP A 11 -7.54 53.86 7.99
C TRP A 11 -8.66 53.23 8.78
N ILE A 12 -9.57 52.57 8.08
CA ILE A 12 -10.67 51.83 8.69
C ILE A 12 -10.87 50.54 7.90
N ASN A 13 -11.31 49.47 8.58
CA ASN A 13 -11.44 48.18 7.92
C ASN A 13 -12.51 48.20 6.84
N GLY A 14 -12.30 47.40 5.79
CA GLY A 14 -13.14 47.40 4.61
C GLY A 14 -14.58 46.97 4.80
N ASP A 15 -14.87 46.30 5.91
CA ASP A 15 -16.23 45.85 6.19
C ASP A 15 -17.04 46.88 6.95
N LYS A 16 -16.43 48.04 7.21
CA LYS A 16 -17.06 49.11 7.98
C LYS A 16 -17.59 50.23 7.10
N GLY A 17 -18.38 51.12 7.69
CA GLY A 17 -19.02 52.19 6.93
C GLY A 17 -18.07 53.33 6.60
N TYR A 18 -17.13 53.10 5.70
CA TYR A 18 -16.09 54.08 5.43
C TYR A 18 -16.57 55.27 4.58
N ASN A 19 -17.62 55.08 3.80
CA ASN A 19 -18.17 56.18 3.03
C ASN A 19 -18.82 57.22 3.94
N GLY A 20 -19.53 56.76 4.96
CA GLY A 20 -20.12 57.65 5.95
C GLY A 20 -19.02 58.44 6.64
N LEU A 21 -17.95 57.74 6.97
CA LEU A 21 -16.81 58.39 7.59
C LEU A 21 -16.24 59.43 6.64
N ALA A 22 -16.17 59.09 5.36
CA ALA A 22 -15.70 60.04 4.36
C ALA A 22 -16.61 61.27 4.31
N GLU A 23 -17.92 61.07 4.44
CA GLU A 23 -18.86 62.19 4.54
C GLU A 23 -18.55 63.07 5.75
N VAL A 24 -18.31 62.44 6.91
CA VAL A 24 -17.91 63.21 8.08
C VAL A 24 -16.63 64.01 7.76
N GLY A 25 -15.71 63.37 7.05
CA GLY A 25 -14.50 64.04 6.61
C GLY A 25 -14.79 65.21 5.68
N LYS A 26 -15.80 65.05 4.85
CA LYS A 26 -16.21 66.13 3.95
C LYS A 26 -16.74 67.32 4.75
N LYS A 27 -17.55 67.04 5.77
CA LYS A 27 -18.05 68.11 6.63
C LYS A 27 -16.89 68.82 7.35
N PHE A 28 -15.97 68.05 7.90
CA PHE A 28 -14.79 68.62 8.51
C PHE A 28 -14.07 69.51 7.51
N GLU A 29 -13.95 69.03 6.28
CA GLU A 29 -13.32 69.82 5.22
C GLU A 29 -14.11 71.12 4.96
N LYS A 30 -15.44 71.03 4.94
CA LYS A 30 -16.25 72.22 4.73
C LYS A 30 -16.01 73.25 5.84
N ASP A 31 -16.11 72.83 7.10
CA ASP A 31 -15.99 73.77 8.21
C ASP A 31 -14.56 74.27 8.42
N THR A 32 -13.59 73.37 8.26
CA THR A 32 -12.21 73.66 8.64
C THR A 32 -11.32 73.96 7.44
N GLY A 33 -11.69 73.43 6.28
CA GLY A 33 -10.88 73.58 5.08
C GLY A 33 -9.82 72.49 4.94
N ILE A 34 -9.72 71.62 5.95
CA ILE A 34 -8.71 70.56 5.95
C ILE A 34 -9.22 69.28 5.31
N LYS A 35 -8.46 68.77 4.33
CA LYS A 35 -8.85 67.57 3.60
C LYS A 35 -8.70 66.32 4.45
N VAL A 36 -9.70 65.43 4.34
CA VAL A 36 -9.73 64.16 5.05
C VAL A 36 -9.83 63.03 4.05
N THR A 37 -8.82 62.15 4.05
CA THR A 37 -8.76 61.02 3.13
C THR A 37 -8.96 59.71 3.87
N VAL A 38 -10.08 59.04 3.58
CA VAL A 38 -10.40 57.76 4.19
C VAL A 38 -10.00 56.60 3.29
N GLU A 39 -9.19 55.69 3.83
CA GLU A 39 -8.75 54.51 3.09
C GLU A 39 -9.11 53.25 3.87
N HIS A 40 -9.25 52.14 3.14
CA HIS A 40 -9.57 50.85 3.76
C HIS A 40 -8.68 49.76 3.17
N PRO A 41 -7.36 49.86 3.40
CA PRO A 41 -6.41 48.89 2.82
C PRO A 41 -6.60 47.48 3.37
N ASP A 42 -6.17 46.47 2.63
CA ASP A 42 -6.26 45.10 3.11
C ASP A 42 -5.27 44.85 4.24
N LYS A 43 -5.69 44.05 5.21
CA LYS A 43 -4.82 43.66 6.32
C LYS A 43 -4.25 44.88 7.04
N LEU A 44 -5.07 45.88 7.28
CA LEU A 44 -4.57 47.14 7.85
C LEU A 44 -4.02 46.92 9.25
N GLU A 45 -4.56 45.94 9.97
CA GLU A 45 -4.09 45.66 11.33
C GLU A 45 -2.66 45.09 11.31
N GLU A 46 -2.26 44.51 10.18
CA GLU A 46 -0.90 44.04 10.01
C GLU A 46 -0.03 45.13 9.42
N LYS A 47 -0.57 45.90 8.49
CA LYS A 47 0.21 46.93 7.81
C LYS A 47 0.55 48.10 8.71
N PHE A 48 -0.38 48.50 9.57
CA PHE A 48 -0.19 49.69 10.40
C PHE A 48 1.14 49.67 11.14
N PRO A 49 1.44 48.57 11.87
CA PRO A 49 2.74 48.56 12.54
C PRO A 49 3.94 48.55 11.57
N GLN A 50 3.75 48.07 10.35
CA GLN A 50 4.83 48.13 9.37
C GLN A 50 5.05 49.57 8.90
N VAL A 51 3.97 50.26 8.50
CA VAL A 51 4.11 51.59 7.92
C VAL A 51 4.45 52.65 9.01
N ALA A 52 3.94 52.45 10.20
CA ALA A 52 4.21 53.43 11.25
C ALA A 52 5.73 53.59 11.44
N ALA A 53 6.46 52.49 11.22
CA ALA A 53 7.92 52.47 11.34
C ALA A 53 8.62 53.32 10.28
N THR A 54 8.07 53.35 9.08
CA THR A 54 8.66 54.16 8.01
C THR A 54 8.16 55.61 8.12
N GLY A 55 7.18 55.86 8.99
CA GLY A 55 6.65 57.20 9.17
C GLY A 55 5.61 57.44 8.08
N ASP A 56 5.13 56.37 7.45
CA ASP A 56 4.14 56.51 6.35
C ASP A 56 2.76 55.98 6.78
N GLY A 57 2.47 55.99 8.08
CA GLY A 57 1.15 55.62 8.56
C GLY A 57 0.14 56.75 8.53
N PRO A 58 -1.13 56.42 8.79
CA PRO A 58 -2.21 57.41 8.84
C PRO A 58 -2.12 58.26 10.07
N ASP A 59 -2.94 59.28 10.15
CA ASP A 59 -3.04 60.09 11.35
C ASP A 59 -3.92 59.34 12.35
N ILE A 60 -4.99 58.75 11.85
CA ILE A 60 -5.92 57.99 12.68
C ILE A 60 -6.07 56.58 12.16
N ILE A 61 -6.13 55.61 13.08
CA ILE A 61 -6.42 54.24 12.71
C ILE A 61 -7.60 53.68 13.50
N PHE A 62 -8.58 53.16 12.75
CA PHE A 62 -9.75 52.53 13.33
C PHE A 62 -9.57 51.02 13.39
N TRP A 63 -9.85 50.45 14.56
CA TRP A 63 -9.91 48.99 14.70
C TRP A 63 -10.52 48.64 16.04
N ALA A 64 -10.86 47.36 16.21
CA ALA A 64 -11.26 46.86 17.51
C ALA A 64 -10.11 47.07 18.48
N HIS A 65 -10.44 47.25 19.76
CA HIS A 65 -9.45 47.70 20.74
C HIS A 65 -8.31 46.71 20.99
N ASP A 66 -8.55 45.44 20.72
CA ASP A 66 -7.65 44.38 21.14
C ASP A 66 -6.25 44.54 20.54
N ARG A 67 -6.16 45.20 19.40
CA ARG A 67 -4.87 45.40 18.75
C ARG A 67 -4.06 46.52 19.41
N PHE A 68 -4.76 47.49 19.97
CA PHE A 68 -4.18 48.81 20.24
C PHE A 68 -3.13 48.79 21.35
N GLY A 69 -3.28 47.89 22.32
CA GLY A 69 -2.28 47.75 23.36
C GLY A 69 -0.97 47.31 22.75
N GLY A 70 -1.04 46.55 21.65
CA GLY A 70 0.16 46.08 21.01
C GLY A 70 0.85 47.28 20.41
N TYR A 71 0.10 48.02 19.61
CA TYR A 71 0.60 49.24 19.02
C TYR A 71 1.18 50.13 20.13
N ALA A 72 0.42 50.32 21.19
CA ALA A 72 0.81 51.21 22.28
C ALA A 72 2.14 50.80 22.91
N GLN A 73 2.37 49.49 23.01
CA GLN A 73 3.60 48.98 23.60
C GLN A 73 4.75 49.35 22.68
N SER A 74 4.45 49.50 21.40
CA SER A 74 5.46 49.77 20.39
C SER A 74 5.63 51.27 20.17
N GLY A 75 4.88 52.06 20.95
CA GLY A 75 4.96 53.52 20.90
C GLY A 75 4.36 54.10 19.64
N LEU A 76 3.32 53.43 19.12
CA LEU A 76 2.71 53.83 17.84
C LEU A 76 1.46 54.68 18.04
N LEU A 77 0.98 54.79 19.27
CA LEU A 77 -0.24 55.52 19.57
C LEU A 77 -0.01 56.68 20.53
N ALA A 78 -0.52 57.84 20.15
CA ALA A 78 -0.48 59.01 21.03
C ALA A 78 -1.52 58.85 22.12
N GLU A 79 -1.17 59.27 23.33
CA GLU A 79 -2.13 59.28 24.42
C GLU A 79 -3.20 60.29 24.12
N ILE A 80 -4.46 59.89 24.25
CA ILE A 80 -5.58 60.80 24.04
C ILE A 80 -5.94 61.45 25.38
N THR A 81 -6.35 62.71 25.33
CA THR A 81 -6.55 63.49 26.54
C THR A 81 -7.87 64.24 26.53
N PRO A 82 -8.99 63.50 26.59
CA PRO A 82 -10.28 64.18 26.64
C PRO A 82 -10.57 64.72 28.04
N ASP A 83 -11.20 65.88 28.12
CA ASP A 83 -11.61 66.43 29.42
C ASP A 83 -12.73 65.57 29.98
N LYS A 84 -13.06 65.79 31.25
CA LYS A 84 -14.02 64.97 31.97
C LYS A 84 -15.41 64.93 31.31
N ALA A 85 -15.90 66.06 30.82
CA ALA A 85 -17.21 66.11 30.16
C ALA A 85 -17.30 65.16 28.96
N PHE A 86 -16.25 65.18 28.15
CA PHE A 86 -16.25 64.34 26.95
C PHE A 86 -16.19 62.88 27.38
N GLN A 87 -15.36 62.58 28.37
CA GLN A 87 -15.31 61.24 28.93
C GLN A 87 -16.67 60.88 29.51
N ASP A 88 -17.35 61.87 30.06
CA ASP A 88 -18.68 61.66 30.62
C ASP A 88 -19.68 61.36 29.51
N LYS A 89 -19.48 61.93 28.32
CA LYS A 89 -20.38 61.60 27.20
C LYS A 89 -20.40 60.11 26.77
N LEU A 90 -19.31 59.39 27.01
CA LEU A 90 -19.22 57.97 26.62
C LEU A 90 -19.26 57.05 27.84
N TYR A 91 -19.64 55.79 27.61
CA TYR A 91 -19.77 54.79 28.66
C TYR A 91 -18.42 54.40 29.26
N PRO A 92 -18.34 54.29 30.60
CA PRO A 92 -17.08 53.94 31.25
C PRO A 92 -16.41 52.65 30.75
N PHE A 93 -17.17 51.59 30.51
CA PHE A 93 -16.56 50.33 30.11
C PHE A 93 -15.86 50.47 28.75
N THR A 94 -16.36 51.35 27.90
CA THR A 94 -15.71 51.60 26.61
C THR A 94 -14.39 52.33 26.83
N TRP A 95 -14.34 53.24 27.79
CA TRP A 95 -13.06 53.86 28.13
C TRP A 95 -12.14 52.79 28.68
N ASP A 96 -12.68 51.92 29.53
CA ASP A 96 -11.91 50.79 30.09
C ASP A 96 -11.28 49.96 28.97
N ALA A 97 -12.08 49.69 27.94
CA ALA A 97 -11.63 48.91 26.78
C ALA A 97 -10.41 49.50 26.07
N VAL A 98 -10.30 50.82 26.06
CA VAL A 98 -9.21 51.49 25.34
C VAL A 98 -8.14 52.01 26.29
N ARG A 99 -8.09 51.42 27.48
CA ARG A 99 -7.10 51.80 28.50
C ARG A 99 -5.95 50.80 28.57
N TYR A 100 -4.73 51.31 28.52
CA TYR A 100 -3.53 50.48 28.58
C TYR A 100 -2.46 51.07 29.50
N ASN A 101 -2.09 50.29 30.52
CA ASN A 101 -1.15 50.74 31.53
C ASN A 101 -1.54 52.11 32.07
N GLY A 102 -2.83 52.24 32.39
CA GLY A 102 -3.37 53.44 33.00
C GLY A 102 -3.50 54.65 32.09
N LYS A 103 -3.33 54.47 30.78
CA LYS A 103 -3.44 55.56 29.82
C LYS A 103 -4.51 55.29 28.77
N LEU A 104 -5.17 56.35 28.32
CA LEU A 104 -6.13 56.25 27.23
C LEU A 104 -5.40 56.35 25.91
N ILE A 105 -5.50 55.31 25.09
CA ILE A 105 -4.71 55.22 23.85
C ILE A 105 -5.58 55.25 22.60
N ALA A 106 -6.89 55.40 22.79
CA ALA A 106 -7.79 55.49 21.65
C ALA A 106 -9.17 55.95 22.09
N TYR A 107 -9.94 56.44 21.13
CA TYR A 107 -11.33 56.83 21.38
C TYR A 107 -12.26 55.65 21.11
N PRO A 108 -13.05 55.24 22.10
CA PRO A 108 -13.97 54.15 21.77
C PRO A 108 -15.12 54.67 20.92
N ILE A 109 -15.44 53.95 19.86
CA ILE A 109 -16.46 54.36 18.92
C ILE A 109 -17.70 53.54 19.10
N ALA A 110 -17.54 52.22 19.08
CA ALA A 110 -18.72 51.36 19.15
C ALA A 110 -18.45 49.96 19.68
N VAL A 111 -19.47 49.40 20.32
CA VAL A 111 -19.44 48.01 20.80
C VAL A 111 -19.91 47.02 19.73
N GLU A 112 -19.14 45.95 19.58
CA GLU A 112 -19.38 44.91 18.58
C GLU A 112 -19.45 43.54 19.22
N ALA A 113 -20.48 42.79 18.85
CA ALA A 113 -20.60 41.41 19.26
C ALA A 113 -21.37 40.65 18.19
N LEU A 114 -20.98 39.40 17.94
CA LEU A 114 -21.63 38.57 16.93
C LEU A 114 -22.99 38.12 17.41
N SER A 115 -23.93 37.96 16.47
CA SER A 115 -25.27 37.46 16.78
C SER A 115 -25.65 36.39 15.78
N LEU A 116 -26.73 35.66 16.08
CA LEU A 116 -27.24 34.69 15.13
C LEU A 116 -28.22 35.41 14.20
N ILE A 117 -27.89 35.45 12.91
CA ILE A 117 -28.78 36.06 11.93
C ILE A 117 -29.50 34.94 11.19
N TYR A 118 -30.83 35.03 11.11
CA TYR A 118 -31.61 33.93 10.51
C TYR A 118 -32.71 34.40 9.59
N ASN A 119 -32.99 33.59 8.57
CA ASN A 119 -34.07 33.82 7.62
C ASN A 119 -35.42 33.40 8.19
N LYS A 120 -36.29 34.36 8.47
CA LYS A 120 -37.59 34.08 9.08
C LYS A 120 -38.48 33.23 8.16
N ASP A 121 -38.33 33.44 6.86
CA ASP A 121 -39.14 32.73 5.88
C ASP A 121 -38.73 31.27 5.79
N LEU A 122 -37.42 31.01 5.79
CA LEU A 122 -36.91 29.65 5.77
C LEU A 122 -37.03 29.02 7.15
N LEU A 123 -37.03 29.86 8.18
CA LEU A 123 -36.88 29.39 9.56
C LEU A 123 -37.57 30.33 10.54
N PRO A 124 -38.89 30.15 10.73
CA PRO A 124 -39.62 31.09 11.59
C PRO A 124 -39.17 31.00 13.04
N ASN A 125 -38.77 29.80 13.46
CA ASN A 125 -38.26 29.55 14.80
C ASN A 125 -36.80 29.13 14.81
N PRO A 126 -35.89 30.08 15.09
CA PRO A 126 -34.45 29.74 15.08
C PRO A 126 -34.05 28.85 16.26
N PRO A 127 -33.03 28.01 16.08
CA PRO A 127 -32.63 27.02 17.10
C PRO A 127 -32.02 27.66 18.33
N LYS A 128 -32.34 27.11 19.50
CA LYS A 128 -31.77 27.60 20.75
C LYS A 128 -30.40 26.98 21.02
N THR A 129 -30.13 25.84 20.38
CA THR A 129 -28.89 25.08 20.64
C THR A 129 -28.13 24.76 19.35
N TRP A 130 -26.81 24.62 19.48
CA TRP A 130 -25.97 24.22 18.35
C TRP A 130 -26.28 22.78 17.92
N GLU A 131 -26.60 21.93 18.90
CA GLU A 131 -26.82 20.50 18.65
C GLU A 131 -28.01 20.23 17.74
N GLU A 132 -28.94 21.17 17.70
CA GLU A 132 -30.12 21.10 16.85
C GLU A 132 -29.82 21.26 15.37
N ILE A 133 -28.73 21.93 15.05
CA ILE A 133 -28.47 22.41 13.69
C ILE A 133 -28.28 21.28 12.64
N PRO A 134 -27.54 20.21 12.97
CA PRO A 134 -27.39 19.12 11.98
C PRO A 134 -28.74 18.59 11.48
N ALA A 135 -29.64 18.34 12.44
CA ALA A 135 -30.96 17.84 12.11
C ALA A 135 -31.69 18.83 11.18
N LEU A 136 -31.58 20.10 11.53
CA LEU A 136 -32.20 21.16 10.78
C LEU A 136 -31.62 21.22 9.37
N ASP A 137 -30.31 21.01 9.30
CA ASP A 137 -29.60 21.03 8.04
C ASP A 137 -30.08 19.92 7.13
N LYS A 138 -30.26 18.72 7.67
CA LYS A 138 -30.83 17.64 6.85
C LYS A 138 -32.20 18.06 6.31
N GLU A 139 -33.07 18.54 7.19
CA GLU A 139 -34.39 19.00 6.74
C GLU A 139 -34.28 20.05 5.62
N LEU A 140 -33.43 21.05 5.80
CA LEU A 140 -33.27 22.10 4.81
C LEU A 140 -32.63 21.58 3.53
N LYS A 141 -31.72 20.62 3.67
CA LYS A 141 -31.03 20.04 2.51
C LYS A 141 -31.99 19.28 1.64
N ALA A 142 -32.98 18.64 2.26
CA ALA A 142 -34.04 17.98 1.49
C ALA A 142 -34.63 18.92 0.45
N LYS A 143 -34.74 20.21 0.80
CA LYS A 143 -35.26 21.21 -0.13
C LYS A 143 -34.16 22.16 -0.62
N GLY A 144 -32.96 21.60 -0.77
CA GLY A 144 -31.89 22.29 -1.47
C GLY A 144 -31.33 23.55 -0.81
N LYS A 145 -31.40 23.61 0.51
CA LYS A 145 -30.89 24.75 1.28
C LYS A 145 -29.97 24.23 2.38
N SER A 146 -29.27 25.14 3.07
CA SER A 146 -28.42 24.75 4.19
C SER A 146 -28.84 25.51 5.44
N ALA A 147 -28.48 24.98 6.60
CA ALA A 147 -28.87 25.60 7.87
C ALA A 147 -27.99 26.80 8.20
N LEU A 148 -26.67 26.61 8.16
CA LEU A 148 -25.72 27.61 8.65
C LEU A 148 -24.47 27.73 7.79
N MET A 149 -24.10 28.98 7.51
CA MET A 149 -22.83 29.31 6.86
C MET A 149 -22.27 30.57 7.47
N PHE A 150 -21.00 30.52 7.86
CA PHE A 150 -20.32 31.71 8.33
C PHE A 150 -18.82 31.56 8.12
N ASN A 151 -18.11 32.67 8.27
CA ASN A 151 -16.68 32.73 8.02
C ASN A 151 -15.86 31.84 8.96
N LEU A 152 -15.21 30.82 8.39
CA LEU A 152 -14.36 29.93 9.18
C LEU A 152 -12.88 30.27 9.04
N GLN A 153 -12.56 31.29 8.26
CA GLN A 153 -11.18 31.67 8.00
C GLN A 153 -10.66 32.67 9.02
N GLU A 154 -11.57 33.23 9.81
CA GLU A 154 -11.19 34.12 10.90
C GLU A 154 -11.74 33.59 12.24
N PRO A 155 -10.83 33.29 13.19
CA PRO A 155 -11.23 32.61 14.43
C PRO A 155 -12.22 33.41 15.27
N TYR A 156 -12.37 34.67 14.92
CA TYR A 156 -13.31 35.55 15.59
C TYR A 156 -14.71 34.93 15.56
N PHE A 157 -15.06 34.29 14.44
CA PHE A 157 -16.41 33.81 14.22
C PHE A 157 -16.70 32.46 14.89
N THR A 158 -15.68 31.63 15.06
CA THR A 158 -15.86 30.34 15.70
C THR A 158 -15.60 30.42 17.20
N TRP A 159 -14.98 31.51 17.64
CA TRP A 159 -14.62 31.69 19.04
C TRP A 159 -15.79 31.58 20.02
N PRO A 160 -16.97 32.10 19.65
CA PRO A 160 -18.10 32.00 20.57
C PRO A 160 -18.42 30.56 20.96
N LEU A 161 -18.25 29.67 19.99
CA LEU A 161 -18.48 28.25 20.24
C LEU A 161 -17.38 27.67 21.11
N ILE A 162 -16.15 28.02 20.78
CA ILE A 162 -14.99 27.56 21.53
C ILE A 162 -15.08 28.02 22.98
N ALA A 163 -15.51 29.25 23.19
CA ALA A 163 -15.54 29.82 24.53
C ALA A 163 -16.70 29.31 25.37
N ALA A 164 -17.75 28.85 24.70
CA ALA A 164 -18.99 28.47 25.37
C ALA A 164 -18.79 27.47 26.50
N ASP A 165 -18.14 26.34 26.20
CA ASP A 165 -18.01 25.26 27.17
C ASP A 165 -16.74 25.36 28.03
N GLY A 166 -16.00 26.46 27.90
CA GLY A 166 -14.89 26.72 28.79
C GLY A 166 -13.59 27.10 28.14
N GLY A 167 -13.64 27.50 26.87
CA GLY A 167 -12.48 28.08 26.22
C GLY A 167 -12.25 29.52 26.64
N TYR A 168 -10.99 29.94 26.74
CA TYR A 168 -10.68 31.34 26.96
C TYR A 168 -9.29 31.68 26.42
N ALA A 169 -9.04 32.98 26.25
CA ALA A 169 -7.76 33.45 25.75
C ALA A 169 -6.74 33.47 26.88
N PHE A 170 -6.87 34.45 27.77
CA PHE A 170 -6.02 34.55 28.96
C PHE A 170 -6.87 34.66 30.22
N LYS A 171 -6.44 33.99 31.28
CA LYS A 171 -7.22 33.97 32.51
C LYS A 171 -7.19 35.32 33.24
N TYR A 172 -8.38 35.93 33.39
CA TYR A 172 -8.53 37.20 34.11
C TYR A 172 -8.76 36.96 35.60
N GLU A 173 -7.84 37.47 36.44
CA GLU A 173 -7.99 37.36 37.87
C GLU A 173 -7.40 38.58 38.57
N ASN A 174 -8.17 39.16 39.50
CA ASN A 174 -7.70 40.26 40.34
C ASN A 174 -7.08 41.38 39.53
N GLY A 175 -7.72 41.71 38.41
CA GLY A 175 -7.38 42.84 37.56
C GLY A 175 -6.28 42.72 36.52
N LYS A 176 -5.70 41.54 36.33
CA LYS A 176 -4.70 41.36 35.27
C LYS A 176 -4.79 40.00 34.58
N TYR A 177 -4.23 39.95 33.37
CA TYR A 177 -4.19 38.75 32.57
C TYR A 177 -2.88 37.98 32.75
N ASP A 178 -3.00 36.67 32.97
CA ASP A 178 -1.83 35.80 33.07
C ASP A 178 -1.46 35.30 31.69
N ILE A 179 -0.35 35.81 31.16
CA ILE A 179 0.06 35.56 29.79
C ILE A 179 0.52 34.12 29.55
N LYS A 180 0.78 33.38 30.63
CA LYS A 180 1.15 31.97 30.50
C LYS A 180 -0.04 31.00 30.71
N ASP A 181 -1.11 31.48 31.32
CA ASP A 181 -2.34 30.69 31.45
C ASP A 181 -3.26 30.94 30.26
N VAL A 182 -3.12 30.11 29.24
CA VAL A 182 -3.95 30.19 28.05
C VAL A 182 -4.97 29.06 28.08
N GLY A 183 -6.20 29.36 27.72
CA GLY A 183 -7.31 28.42 27.81
C GLY A 183 -7.81 27.89 26.48
N VAL A 184 -6.91 27.57 25.56
CA VAL A 184 -7.31 27.10 24.24
C VAL A 184 -7.26 25.59 24.08
N ASP A 185 -6.61 24.86 25.00
CA ASP A 185 -6.52 23.39 24.85
C ASP A 185 -7.24 22.66 25.98
N ASN A 186 -8.17 23.33 26.65
CA ASN A 186 -8.94 22.66 27.68
C ASN A 186 -10.11 21.89 27.05
N ALA A 187 -10.84 21.14 27.86
CA ALA A 187 -11.91 20.28 27.37
C ALA A 187 -12.99 21.05 26.61
N GLY A 188 -13.33 22.25 27.08
CA GLY A 188 -14.38 23.06 26.49
C GLY A 188 -14.04 23.58 25.11
N ALA A 189 -12.80 24.05 24.95
CA ALA A 189 -12.33 24.55 23.67
C ALA A 189 -12.32 23.41 22.67
N LYS A 190 -11.76 22.29 23.10
CA LYS A 190 -11.70 21.08 22.30
C LYS A 190 -13.09 20.63 21.93
N ALA A 191 -14.01 20.70 22.88
CA ALA A 191 -15.39 20.33 22.63
C ALA A 191 -16.00 21.17 21.53
N GLY A 192 -15.90 22.49 21.69
CA GLY A 192 -16.45 23.43 20.71
C GLY A 192 -15.90 23.20 19.32
N LEU A 193 -14.57 23.13 19.24
CA LEU A 193 -13.92 22.96 17.95
C LEU A 193 -14.26 21.60 17.36
N THR A 194 -14.34 20.57 18.21
CA THR A 194 -14.76 19.25 17.77
C THR A 194 -16.14 19.33 17.16
N PHE A 195 -17.06 20.03 17.83
CA PHE A 195 -18.41 20.16 17.27
C PHE A 195 -18.36 20.82 15.90
N LEU A 196 -17.60 21.91 15.79
CA LEU A 196 -17.41 22.57 14.50
C LEU A 196 -16.90 21.59 13.42
N VAL A 197 -15.83 20.87 13.74
CA VAL A 197 -15.25 19.93 12.78
C VAL A 197 -16.25 18.84 12.44
N ASP A 198 -17.05 18.41 13.42
CA ASP A 198 -18.08 17.40 13.16
C ASP A 198 -19.11 17.94 12.18
N LEU A 199 -19.51 19.20 12.38
CA LEU A 199 -20.41 19.84 11.44
C LEU A 199 -19.83 19.74 10.03
N ILE A 200 -18.55 20.01 9.90
CA ILE A 200 -17.92 19.90 8.58
C ILE A 200 -17.81 18.44 8.07
N LYS A 201 -17.42 17.52 8.95
CA LYS A 201 -17.28 16.11 8.59
C LYS A 201 -18.58 15.54 8.08
N ASN A 202 -19.66 15.88 8.78
CA ASN A 202 -20.98 15.39 8.43
C ASN A 202 -21.63 16.24 7.35
N LYS A 203 -20.83 17.06 6.68
CA LYS A 203 -21.23 17.82 5.49
C LYS A 203 -22.30 18.91 5.71
N HIS A 204 -22.41 19.44 6.93
CA HIS A 204 -23.36 20.52 7.16
C HIS A 204 -22.68 21.88 6.96
N MET A 205 -21.36 21.89 6.93
CA MET A 205 -20.60 23.10 6.60
C MET A 205 -19.35 22.71 5.81
N ASN A 206 -18.75 23.69 5.13
CA ASN A 206 -17.52 23.49 4.38
C ASN A 206 -16.35 24.19 5.05
N ALA A 207 -15.21 23.52 5.13
CA ALA A 207 -14.06 24.06 5.84
C ALA A 207 -13.51 25.34 5.22
N ASP A 208 -13.67 25.49 3.91
CA ASP A 208 -13.09 26.60 3.17
C ASP A 208 -13.97 27.86 3.17
N THR A 209 -15.11 27.80 3.85
CA THR A 209 -16.08 28.90 3.85
C THR A 209 -15.47 30.17 4.46
N ASP A 210 -15.58 31.26 3.71
CA ASP A 210 -15.08 32.55 4.15
C ASP A 210 -16.20 33.57 4.23
N TYR A 211 -15.84 34.82 4.50
CA TYR A 211 -16.81 35.87 4.76
C TYR A 211 -17.74 36.10 3.56
N SER A 212 -17.16 36.31 2.39
CA SER A 212 -17.96 36.67 1.23
C SER A 212 -18.87 35.53 0.81
N ILE A 213 -18.37 34.30 0.92
CA ILE A 213 -19.18 33.12 0.57
C ILE A 213 -20.39 33.03 1.47
N ALA A 214 -20.17 33.11 2.78
CA ALA A 214 -21.27 33.03 3.74
C ALA A 214 -22.26 34.18 3.51
N GLU A 215 -21.73 35.36 3.27
CA GLU A 215 -22.56 36.53 3.00
C GLU A 215 -23.46 36.29 1.78
N HIS A 216 -22.84 35.84 0.69
CA HIS A 216 -23.57 35.52 -0.53
C HIS A 216 -24.64 34.48 -0.23
N ALA A 217 -24.25 33.41 0.45
CA ALA A 217 -25.18 32.33 0.73
C ALA A 217 -26.40 32.84 1.47
N PHE A 218 -26.19 33.56 2.56
CA PHE A 218 -27.33 34.04 3.35
C PHE A 218 -28.15 35.07 2.56
N ASN A 219 -27.48 36.04 1.96
CA ASN A 219 -28.17 37.14 1.28
C ASN A 219 -28.95 36.69 0.05
N HIS A 220 -28.58 35.55 -0.52
CA HIS A 220 -29.33 35.01 -1.64
C HIS A 220 -30.35 33.98 -1.16
N GLY A 221 -30.49 33.86 0.16
CA GLY A 221 -31.49 32.97 0.74
C GLY A 221 -31.12 31.51 0.59
N GLU A 222 -29.85 31.24 0.36
CA GLU A 222 -29.38 29.88 0.15
C GLU A 222 -29.10 29.16 1.46
N THR A 223 -28.84 29.91 2.52
CA THR A 223 -28.65 29.32 3.84
C THR A 223 -29.56 30.02 4.83
N ALA A 224 -30.07 29.27 5.80
CA ALA A 224 -31.10 29.78 6.69
C ALA A 224 -30.51 30.67 7.76
N MET A 225 -29.23 30.46 8.09
CA MET A 225 -28.60 31.20 9.16
C MET A 225 -27.18 31.62 8.83
N THR A 226 -26.72 32.66 9.51
CA THR A 226 -25.32 33.02 9.47
C THR A 226 -24.96 33.64 10.81
N ILE A 227 -23.66 33.78 11.04
CA ILE A 227 -23.14 34.43 12.23
C ILE A 227 -22.29 35.58 11.75
N ASN A 228 -22.61 36.78 12.19
CA ASN A 228 -21.93 37.99 11.75
C ASN A 228 -22.18 39.13 12.73
N GLY A 229 -21.61 40.30 12.45
CA GLY A 229 -21.79 41.47 13.29
C GLY A 229 -22.67 42.51 12.63
N PRO A 230 -22.94 43.64 13.34
CA PRO A 230 -23.83 44.70 12.86
C PRO A 230 -23.47 45.23 11.48
N TRP A 231 -22.19 45.45 11.22
CA TRP A 231 -21.75 45.96 9.93
C TRP A 231 -22.32 45.19 8.75
N ALA A 232 -22.70 43.93 8.96
CA ALA A 232 -23.19 43.08 7.89
C ALA A 232 -24.61 43.44 7.47
N TRP A 233 -25.35 44.09 8.36
CA TRP A 233 -26.79 44.27 8.17
C TRP A 233 -27.15 45.04 6.89
N SER A 234 -26.43 46.11 6.61
CA SER A 234 -26.79 46.99 5.49
C SER A 234 -26.92 46.20 4.19
N ASN A 235 -26.01 45.26 3.97
CA ASN A 235 -26.05 44.43 2.78
C ASN A 235 -27.23 43.47 2.76
N ILE A 236 -27.71 43.09 3.94
CA ILE A 236 -28.83 42.17 4.01
C ILE A 236 -30.09 42.93 3.61
N ASP A 237 -30.25 44.13 4.17
CA ASP A 237 -31.34 45.03 3.81
C ASP A 237 -31.50 45.14 2.29
N THR A 238 -30.38 45.34 1.62
CA THR A 238 -30.36 45.48 0.17
C THR A 238 -30.88 44.21 -0.48
N SER A 239 -30.64 43.07 0.16
CA SER A 239 -30.98 41.77 -0.41
C SER A 239 -32.48 41.50 -0.28
N LYS A 240 -33.13 42.34 0.50
CA LYS A 240 -34.57 42.25 0.73
C LYS A 240 -34.93 40.91 1.40
N VAL A 241 -33.95 40.24 1.99
CA VAL A 241 -34.22 39.03 2.77
C VAL A 241 -34.84 39.40 4.10
N ASN A 242 -35.95 38.74 4.43
CA ASN A 242 -36.63 38.95 5.71
C ASN A 242 -35.88 38.19 6.79
N TYR A 243 -35.04 38.90 7.53
CA TYR A 243 -34.13 38.28 8.48
C TYR A 243 -34.37 38.77 9.88
N GLY A 244 -33.91 37.98 10.85
CA GLY A 244 -33.95 38.35 12.24
C GLY A 244 -32.58 38.21 12.88
N VAL A 245 -32.30 39.08 13.83
CA VAL A 245 -31.08 39.03 14.61
C VAL A 245 -31.44 38.56 16.01
N THR A 246 -30.81 37.48 16.45
CA THR A 246 -31.14 36.88 17.73
C THR A 246 -29.92 36.36 18.46
N VAL A 247 -30.16 35.89 19.67
CA VAL A 247 -29.13 35.31 20.54
C VAL A 247 -28.47 34.10 19.88
N LEU A 248 -27.16 33.97 20.05
CA LEU A 248 -26.43 32.85 19.50
C LEU A 248 -26.93 31.54 20.12
N PRO A 249 -26.80 30.43 19.40
CA PRO A 249 -27.25 29.16 19.97
C PRO A 249 -26.39 28.75 21.16
N THR A 250 -26.98 28.01 22.10
CA THR A 250 -26.23 27.47 23.22
C THR A 250 -25.46 26.20 22.83
N PHE A 251 -24.43 25.89 23.59
CA PHE A 251 -23.66 24.67 23.39
C PHE A 251 -23.47 23.95 24.71
N LYS A 252 -23.92 22.70 24.75
CA LYS A 252 -23.96 21.89 25.98
C LYS A 252 -24.67 22.66 27.10
N GLY A 253 -25.76 23.31 26.70
CA GLY A 253 -26.61 24.05 27.63
C GLY A 253 -26.01 25.37 28.09
N GLN A 254 -24.97 25.82 27.41
CA GLN A 254 -24.28 27.06 27.80
C GLN A 254 -24.29 28.08 26.68
N PRO A 255 -24.37 29.38 27.03
CA PRO A 255 -24.46 30.38 25.95
C PRO A 255 -23.15 30.53 25.19
N SER A 256 -23.23 30.75 23.89
CA SER A 256 -22.05 31.10 23.12
C SER A 256 -21.51 32.43 23.64
N LYS A 257 -20.20 32.52 23.74
CA LYS A 257 -19.51 33.66 24.33
C LYS A 257 -18.70 34.39 23.29
N PRO A 258 -19.34 35.28 22.53
CA PRO A 258 -18.56 36.01 21.53
C PRO A 258 -17.60 36.98 22.18
N PHE A 259 -16.43 37.14 21.59
CA PHE A 259 -15.50 38.15 22.04
C PHE A 259 -16.07 39.51 21.67
N VAL A 260 -16.32 40.33 22.69
CA VAL A 260 -16.85 41.68 22.47
C VAL A 260 -15.73 42.61 22.05
N GLY A 261 -15.90 43.28 20.93
CA GLY A 261 -14.90 44.19 20.44
C GLY A 261 -15.40 45.61 20.50
N VAL A 262 -14.54 46.56 20.83
CA VAL A 262 -14.92 47.97 20.81
C VAL A 262 -14.21 48.64 19.66
N LEU A 263 -14.96 48.96 18.62
CA LEU A 263 -14.40 49.70 17.51
C LEU A 263 -13.88 50.99 18.10
N SER A 264 -12.60 51.25 17.86
CA SER A 264 -11.90 52.37 18.45
C SER A 264 -11.05 53.11 17.43
N ALA A 265 -10.84 54.40 17.70
CA ALA A 265 -10.02 55.26 16.86
C ALA A 265 -8.78 55.71 17.62
N GLY A 266 -7.62 55.31 17.11
CA GLY A 266 -6.35 55.68 17.71
C GLY A 266 -5.64 56.71 16.86
N ILE A 267 -4.83 57.54 17.50
CA ILE A 267 -4.07 58.58 16.82
C ILE A 267 -2.61 58.19 16.75
N ASN A 268 -2.07 58.16 15.54
CA ASN A 268 -0.67 57.83 15.31
C ASN A 268 0.23 58.76 16.12
N ALA A 269 1.16 58.18 16.88
CA ALA A 269 2.07 58.94 17.71
C ALA A 269 2.99 59.84 16.87
N ALA A 270 3.25 59.44 15.63
CA ALA A 270 4.17 60.17 14.76
C ALA A 270 3.44 61.23 13.95
N SER A 271 2.12 61.30 14.09
CA SER A 271 1.30 62.25 13.34
C SER A 271 1.58 63.67 13.77
N PRO A 272 1.71 64.59 12.78
CA PRO A 272 1.79 66.01 13.15
C PRO A 272 0.40 66.63 13.35
N ASN A 273 -0.64 65.80 13.26
CA ASN A 273 -2.00 66.31 13.23
C ASN A 273 -2.85 65.82 14.40
N LYS A 274 -2.22 65.66 15.56
CA LYS A 274 -2.93 65.12 16.73
C LYS A 274 -4.12 65.98 17.17
N GLU A 275 -3.95 67.30 17.13
CA GLU A 275 -5.03 68.22 17.51
C GLU A 275 -6.16 68.25 16.49
N LEU A 276 -5.81 68.29 15.21
CA LEU A 276 -6.80 68.19 14.17
C LEU A 276 -7.57 66.88 14.34
N ALA A 277 -6.81 65.82 14.62
CA ALA A 277 -7.37 64.49 14.80
C ALA A 277 -8.31 64.49 16.00
N LYS A 278 -7.87 65.12 17.09
CA LYS A 278 -8.68 65.22 18.29
C LYS A 278 -9.98 65.99 18.01
N GLU A 279 -9.85 67.09 17.30
CA GLU A 279 -11.00 67.91 16.91
C GLU A 279 -11.99 67.08 16.12
N PHE A 280 -11.47 66.42 15.09
CA PHE A 280 -12.29 65.60 14.21
C PHE A 280 -13.00 64.49 15.00
N LEU A 281 -12.26 63.77 15.82
CA LEU A 281 -12.84 62.65 16.55
C LEU A 281 -13.85 63.10 17.60
N GLU A 282 -13.47 64.10 18.39
CA GLU A 282 -14.30 64.55 19.50
C GLU A 282 -15.49 65.40 19.09
N ASN A 283 -15.29 66.32 18.15
CA ASN A 283 -16.30 67.32 17.83
C ASN A 283 -17.00 67.10 16.49
N TYR A 284 -16.63 66.05 15.77
CA TYR A 284 -17.28 65.75 14.49
C TYR A 284 -17.75 64.30 14.40
N LEU A 285 -16.87 63.34 14.65
CA LEU A 285 -17.25 61.92 14.58
C LEU A 285 -18.11 61.52 15.77
N LEU A 286 -17.64 61.75 16.98
CA LEU A 286 -18.36 61.33 18.18
C LEU A 286 -19.50 62.29 18.53
N THR A 287 -20.40 62.46 17.56
CA THR A 287 -21.62 63.25 17.72
C THR A 287 -22.76 62.49 17.08
N ASP A 288 -24.00 62.88 17.37
CA ASP A 288 -25.16 62.22 16.79
C ASP A 288 -25.07 62.24 15.26
N GLU A 289 -24.68 63.38 14.69
CA GLU A 289 -24.66 63.53 13.25
C GLU A 289 -23.59 62.65 12.59
N GLY A 290 -22.39 62.62 13.17
CA GLY A 290 -21.29 61.82 12.66
C GLY A 290 -21.51 60.31 12.78
N LEU A 291 -21.82 59.87 14.00
CA LEU A 291 -22.08 58.46 14.24
C LEU A 291 -23.26 58.02 13.41
N GLU A 292 -24.26 58.88 13.26
CA GLU A 292 -25.39 58.57 12.39
C GLU A 292 -24.96 58.45 10.93
N ALA A 293 -24.13 59.38 10.48
CA ALA A 293 -23.62 59.32 9.12
C ALA A 293 -22.95 57.98 8.87
N VAL A 294 -22.05 57.59 9.77
CA VAL A 294 -21.36 56.31 9.62
C VAL A 294 -22.36 55.14 9.71
N ASN A 295 -23.22 55.17 10.71
CA ASN A 295 -24.15 54.09 10.95
C ASN A 295 -25.12 53.84 9.79
N LYS A 296 -25.52 54.89 9.09
CA LYS A 296 -26.33 54.69 7.90
C LYS A 296 -25.59 53.87 6.84
N ASP A 297 -24.31 54.17 6.64
CA ASP A 297 -23.51 53.41 5.69
C ASP A 297 -23.44 51.94 6.11
N LYS A 298 -22.78 51.67 7.24
CA LYS A 298 -22.76 50.33 7.82
C LYS A 298 -22.97 50.41 9.32
N PRO A 299 -24.00 49.74 9.85
CA PRO A 299 -24.28 49.85 11.28
C PRO A 299 -23.09 49.55 12.16
N LEU A 300 -22.89 50.38 13.18
CA LEU A 300 -21.74 50.26 14.07
C LEU A 300 -21.97 49.25 15.18
N GLY A 301 -23.25 48.99 15.48
CA GLY A 301 -23.61 48.17 16.62
C GLY A 301 -24.08 49.08 17.74
N ALA A 302 -23.66 48.79 18.97
CA ALA A 302 -23.99 49.63 20.12
C ALA A 302 -22.92 50.69 20.40
N VAL A 303 -23.16 51.92 19.95
CA VAL A 303 -22.15 52.98 20.01
C VAL A 303 -21.78 53.36 21.45
N ALA A 304 -20.58 53.91 21.62
CA ALA A 304 -20.08 54.29 22.94
C ALA A 304 -20.70 55.62 23.41
N LEU A 305 -21.14 56.44 22.46
CA LEU A 305 -21.80 57.71 22.79
C LEU A 305 -23.21 57.46 23.30
N LYS A 306 -23.47 57.87 24.54
CA LYS A 306 -24.74 57.62 25.22
C LYS A 306 -26.00 58.08 24.49
N SER A 307 -26.02 59.33 24.03
CA SER A 307 -27.22 59.89 23.43
C SER A 307 -27.67 59.06 22.21
N TYR A 308 -26.72 58.72 21.37
CA TYR A 308 -27.04 58.00 20.15
C TYR A 308 -27.30 56.57 20.56
N GLU A 309 -26.71 56.16 21.66
CA GLU A 309 -26.95 54.81 22.18
C GLU A 309 -28.38 54.64 22.65
N GLU A 310 -28.90 55.64 23.34
CA GLU A 310 -30.29 55.61 23.74
C GLU A 310 -31.17 55.65 22.51
N GLU A 311 -30.78 56.46 21.53
CA GLU A 311 -31.57 56.47 20.29
C GLU A 311 -31.53 55.11 19.55
N LEU A 312 -30.38 54.44 19.55
CA LEU A 312 -30.25 53.16 18.85
C LEU A 312 -30.63 51.93 19.66
N ALA A 313 -30.82 52.09 20.97
CA ALA A 313 -31.12 50.95 21.82
C ALA A 313 -32.50 50.36 21.50
N LYS A 314 -33.36 51.19 20.91
CA LYS A 314 -34.72 50.79 20.56
C LYS A 314 -34.71 49.56 19.65
N ASP A 315 -33.81 49.62 18.67
CA ASP A 315 -33.65 48.57 17.66
C ASP A 315 -33.43 47.19 18.30
N PRO A 316 -34.33 46.23 18.03
CA PRO A 316 -34.19 44.92 18.68
C PRO A 316 -32.92 44.19 18.24
N ARG A 317 -32.39 44.56 17.09
CA ARG A 317 -31.12 44.01 16.63
C ARG A 317 -30.00 44.40 17.57
N ILE A 318 -29.97 45.68 17.96
CA ILE A 318 -28.97 46.19 18.91
C ILE A 318 -29.18 45.53 20.25
N ALA A 319 -30.43 45.38 20.66
CA ALA A 319 -30.75 44.72 21.91
C ALA A 319 -30.16 43.31 21.90
N ALA A 320 -30.35 42.62 20.79
CA ALA A 320 -29.81 41.28 20.63
C ALA A 320 -28.28 41.30 20.66
N THR A 321 -27.70 42.25 19.93
CA THR A 321 -26.25 42.45 19.92
C THR A 321 -25.71 42.59 21.34
N MET A 322 -26.36 43.42 22.14
CA MET A 322 -25.91 43.65 23.51
C MET A 322 -26.20 42.44 24.40
N GLU A 323 -27.26 41.70 24.08
CA GLU A 323 -27.54 40.46 24.78
C GLU A 323 -26.38 39.46 24.59
N ASN A 324 -26.00 39.24 23.33
CA ASN A 324 -24.85 38.37 23.02
C ASN A 324 -23.56 38.92 23.60
N ALA A 325 -23.40 40.24 23.50
CA ALA A 325 -22.25 40.94 24.08
C ALA A 325 -22.17 40.67 25.57
N GLN A 326 -23.33 40.78 26.21
CA GLN A 326 -23.43 40.55 27.65
C GLN A 326 -23.05 39.13 28.02
N LYS A 327 -23.57 38.17 27.27
CA LYS A 327 -23.23 36.77 27.51
C LYS A 327 -21.78 36.42 27.20
N GLY A 328 -21.12 37.25 26.39
CA GLY A 328 -19.73 37.06 26.05
C GLY A 328 -18.77 37.86 26.92
N GLU A 329 -17.51 37.94 26.49
CA GLU A 329 -16.48 38.72 27.17
C GLU A 329 -15.76 39.70 26.27
N ILE A 330 -15.41 40.86 26.83
CA ILE A 330 -14.64 41.84 26.10
C ILE A 330 -13.22 41.35 25.88
N MET A 331 -12.68 41.58 24.69
CA MET A 331 -11.34 41.15 24.37
C MET A 331 -10.31 41.85 25.24
N PRO A 332 -9.28 41.12 25.68
CA PRO A 332 -8.13 41.82 26.27
C PRO A 332 -7.49 42.71 25.22
N ASN A 333 -6.77 43.75 25.63
CA ASN A 333 -6.03 44.57 24.68
C ASN A 333 -4.53 44.39 24.87
N ILE A 334 -4.15 43.40 25.67
CA ILE A 334 -2.74 43.17 25.96
C ILE A 334 -1.94 42.84 24.69
N PRO A 335 -0.64 43.20 24.67
CA PRO A 335 0.19 43.02 23.47
C PRO A 335 0.26 41.58 22.93
N GLN A 336 -0.03 40.59 23.77
CA GLN A 336 0.09 39.19 23.39
C GLN A 336 -1.05 38.70 22.50
N MET A 337 -2.05 39.55 22.30
CA MET A 337 -3.25 39.15 21.57
C MET A 337 -2.98 38.76 20.12
N SER A 338 -2.10 39.48 19.42
CA SER A 338 -1.89 39.15 18.01
C SER A 338 -1.28 37.76 17.85
N ALA A 339 -0.34 37.39 18.71
CA ALA A 339 0.24 36.05 18.66
C ALA A 339 -0.83 35.01 18.97
N PHE A 340 -1.77 35.41 19.81
CA PHE A 340 -2.85 34.53 20.19
C PHE A 340 -3.75 34.33 18.99
N TRP A 341 -4.04 35.40 18.27
CA TRP A 341 -4.93 35.29 17.13
C TRP A 341 -4.30 34.47 16.01
N TYR A 342 -3.00 34.64 15.79
CA TYR A 342 -2.32 33.84 14.77
C TYR A 342 -2.42 32.38 15.11
N ALA A 343 -2.23 32.06 16.39
CA ALA A 343 -2.25 30.68 16.86
C ALA A 343 -3.63 30.10 16.66
N VAL A 344 -4.66 30.78 17.16
CA VAL A 344 -6.01 30.25 17.10
C VAL A 344 -6.52 30.17 15.65
N ARG A 345 -6.11 31.12 14.81
CA ARG A 345 -6.48 31.07 13.41
C ARG A 345 -5.97 29.80 12.74
N THR A 346 -4.71 29.44 12.97
CA THR A 346 -4.14 28.25 12.35
C THR A 346 -4.85 26.99 12.83
N ALA A 347 -5.08 26.92 14.13
CA ALA A 347 -5.68 25.74 14.74
C ALA A 347 -7.05 25.46 14.13
N VAL A 348 -7.89 26.48 14.10
CA VAL A 348 -9.24 26.34 13.56
C VAL A 348 -9.22 25.96 12.09
N ILE A 349 -8.32 26.54 11.31
CA ILE A 349 -8.30 26.23 9.89
C ILE A 349 -7.83 24.80 9.66
N ASN A 350 -6.74 24.40 10.32
CA ASN A 350 -6.21 23.06 10.17
C ASN A 350 -7.12 21.99 10.77
N ALA A 351 -7.78 22.32 11.88
CA ALA A 351 -8.72 21.38 12.48
C ALA A 351 -9.90 21.14 11.55
N ALA A 352 -10.42 22.23 10.99
CA ALA A 352 -11.57 22.17 10.10
C ALA A 352 -11.23 21.47 8.79
N SER A 353 -10.02 21.70 8.29
CA SER A 353 -9.60 21.11 7.03
C SER A 353 -9.22 19.65 7.22
N GLY A 354 -9.04 19.25 8.47
CA GLY A 354 -8.63 17.89 8.77
C GLY A 354 -7.13 17.74 8.57
N ARG A 355 -6.44 18.85 8.35
CA ARG A 355 -4.98 18.81 8.20
C ARG A 355 -4.40 18.33 9.50
N GLN A 356 -5.08 18.70 10.58
CA GLN A 356 -4.70 18.24 11.90
C GLN A 356 -5.94 17.89 12.70
N THR A 357 -5.75 17.06 13.73
CA THR A 357 -6.80 16.76 14.67
C THR A 357 -7.00 17.97 15.57
N VAL A 358 -8.12 18.01 16.27
CA VAL A 358 -8.38 19.12 17.17
C VAL A 358 -7.31 19.22 18.25
N ASP A 359 -6.99 18.09 18.86
CA ASP A 359 -6.03 18.09 19.95
C ASP A 359 -4.67 18.62 19.53
N ALA A 360 -4.19 18.16 18.38
CA ALA A 360 -2.87 18.58 17.90
C ALA A 360 -2.88 20.09 17.63
N ALA A 361 -3.96 20.53 16.98
CA ALA A 361 -4.14 21.94 16.63
C ALA A 361 -4.19 22.86 17.86
N LEU A 362 -5.04 22.52 18.82
CA LEU A 362 -5.21 23.37 19.99
C LEU A 362 -4.01 23.27 20.93
N ALA A 363 -3.33 22.13 20.92
CA ALA A 363 -2.08 22.01 21.66
C ALA A 363 -1.05 22.97 21.09
N ALA A 364 -0.92 22.97 19.76
CA ALA A 364 -0.02 23.90 19.08
C ALA A 364 -0.41 25.35 19.38
N ALA A 365 -1.71 25.65 19.33
CA ALA A 365 -2.19 26.99 19.62
C ALA A 365 -1.85 27.43 21.05
N GLN A 366 -2.13 26.53 22.00
CA GLN A 366 -1.84 26.79 23.40
C GLN A 366 -0.37 27.11 23.61
N THR A 367 0.52 26.29 23.06
CA THR A 367 1.94 26.57 23.20
C THR A 367 2.34 27.86 22.46
N ASN A 368 1.88 28.00 21.23
CA ASN A 368 2.30 29.10 20.36
C ASN A 368 1.86 30.47 20.85
N ALA A 369 0.69 30.57 21.48
CA ALA A 369 0.24 31.85 22.03
C ALA A 369 1.25 32.44 23.02
N ALA A 370 1.85 31.57 23.82
CA ALA A 370 2.83 31.95 24.84
C ALA A 370 4.29 31.84 24.38
N ALA A 371 4.56 32.04 23.10
CA ALA A 371 5.92 31.83 22.56
C ALA A 371 6.44 33.04 21.76
N PRO A 372 7.07 34.01 22.45
CA PRO A 372 7.51 35.22 21.77
C PRO A 372 8.59 35.03 20.68
N GLY A 373 9.60 34.19 20.91
CA GLY A 373 10.65 34.00 19.93
C GLY A 373 10.10 33.38 18.65
N LEU A 374 9.20 32.43 18.84
CA LEU A 374 8.52 31.79 17.73
C LEU A 374 7.73 32.83 16.97
N HIS A 375 7.04 33.69 17.72
CA HIS A 375 6.19 34.71 17.12
C HIS A 375 7.04 35.68 16.29
N ALA A 376 8.20 36.05 16.82
CA ALA A 376 9.12 36.92 16.10
C ALA A 376 9.58 36.32 14.77
N ILE A 377 10.05 35.09 14.84
CA ILE A 377 10.53 34.43 13.63
C ILE A 377 9.37 34.32 12.64
N TYR A 378 8.21 33.90 13.14
CA TYR A 378 7.03 33.84 12.30
C TYR A 378 6.78 35.16 11.63
N GLY A 379 6.94 36.24 12.38
CA GLY A 379 6.83 37.58 11.81
C GLY A 379 7.71 37.72 10.58
N GLU A 380 8.98 37.38 10.71
CA GLU A 380 9.88 37.40 9.54
C GLU A 380 9.33 36.55 8.38
N CYS A 381 8.90 35.33 8.70
CA CYS A 381 8.30 34.45 7.71
C CYS A 381 7.08 35.04 7.00
N ARG A 382 6.22 35.72 7.78
CA ARG A 382 5.03 36.35 7.24
C ARG A 382 5.43 37.47 6.31
N ARG A 383 6.45 38.23 6.71
CA ARG A 383 6.98 39.26 5.83
C ARG A 383 7.40 38.68 4.50
N LEU A 384 8.19 37.61 4.51
CA LEU A 384 8.60 37.01 3.23
C LEU A 384 7.44 36.31 2.48
N TYR A 385 6.49 35.70 3.19
CA TYR A 385 5.40 34.98 2.52
C TYR A 385 4.02 35.44 2.91
N PRO A 386 3.61 36.63 2.41
CA PRO A 386 2.24 37.13 2.66
C PRO A 386 1.21 36.19 2.05
N ASP A 387 1.59 35.56 0.96
CA ASP A 387 0.71 34.69 0.21
C ASP A 387 0.43 33.38 0.95
N GLN A 388 1.22 33.08 1.97
CA GLN A 388 1.10 31.80 2.67
C GLN A 388 0.96 31.92 4.19
N PRO A 389 -0.23 32.35 4.66
CA PRO A 389 -0.52 32.52 6.09
C PRO A 389 -0.34 31.23 6.88
N ASN A 390 -0.61 30.10 6.24
CA ASN A 390 -0.66 28.81 6.92
C ASN A 390 0.17 27.71 6.26
N PRO A 391 1.50 27.74 6.48
CA PRO A 391 2.39 26.84 5.76
C PRO A 391 2.32 25.43 6.30
N LEU A 392 2.71 24.46 5.48
CA LEU A 392 2.83 23.10 5.94
C LEU A 392 3.99 23.04 6.91
N GLN A 393 3.79 22.32 8.00
CA GLN A 393 4.78 22.26 9.06
C GLN A 393 5.00 20.83 9.54
N VAL A 394 6.26 20.45 9.71
CA VAL A 394 6.59 19.19 10.40
C VAL A 394 6.75 19.49 11.90
N THR A 395 5.90 18.88 12.71
CA THR A 395 5.84 19.11 14.16
C THR A 395 6.32 17.89 14.94
N ALA A 396 7.17 18.12 15.94
CA ALA A 396 7.61 17.03 16.80
C ALA A 396 6.49 16.58 17.71
N ILE A 397 6.17 15.30 17.65
CA ILE A 397 5.07 14.71 18.42
C ILE A 397 5.33 14.88 19.91
N VAL A 398 6.55 14.54 20.33
CA VAL A 398 7.02 14.79 21.69
C VAL A 398 8.13 15.82 21.58
N LYS A 399 7.94 16.95 22.24
CA LYS A 399 8.85 18.07 22.11
C LYS A 399 10.17 17.81 22.84
N TYR A 400 11.22 18.50 22.41
CA TYR A 400 12.56 18.28 22.93
C TYR A 400 12.67 18.55 24.41
N ASP A 401 11.85 19.45 24.93
CA ASP A 401 11.94 19.80 26.35
C ASP A 401 11.57 18.60 27.22
N SER A 402 10.86 17.64 26.63
CA SER A 402 10.53 16.40 27.31
C SER A 402 11.41 15.26 26.80
N PHE A 403 12.46 15.63 26.10
CA PHE A 403 13.46 14.70 25.58
C PHE A 403 12.87 13.75 24.53
N GLY A 404 12.15 14.33 23.60
CA GLY A 404 11.83 13.67 22.36
C GLY A 404 13.10 13.64 21.55
N PRO A 405 13.14 12.80 20.51
CA PRO A 405 14.35 12.65 19.70
C PRO A 405 14.70 13.90 18.89
N ASP A 406 13.69 14.70 18.58
CA ASP A 406 13.84 15.83 17.66
C ASP A 406 14.00 17.18 18.38
N PRO A 407 15.16 17.83 18.23
CA PRO A 407 15.33 19.12 18.91
C PRO A 407 14.62 20.32 18.28
N LEU A 408 14.23 20.23 17.00
CA LEU A 408 13.47 21.29 16.34
C LEU A 408 11.98 21.05 16.51
N ASP A 409 11.31 21.92 17.27
CA ASP A 409 9.89 21.74 17.55
C ASP A 409 9.07 21.76 16.27
N TYR A 410 9.37 22.71 15.40
CA TYR A 410 8.68 22.85 14.12
C TYR A 410 9.67 23.03 13.01
N VAL A 411 9.30 22.53 11.84
CA VAL A 411 9.94 22.93 10.60
C VAL A 411 8.88 23.43 9.64
N SER A 412 8.98 24.68 9.24
CA SER A 412 8.04 25.26 8.29
C SER A 412 8.52 25.05 6.88
N MET A 413 7.59 24.67 6.01
CA MET A 413 7.88 24.40 4.60
C MET A 413 7.07 25.32 3.70
N TYR A 414 7.78 26.18 2.96
CA TYR A 414 7.15 27.17 2.09
C TYR A 414 7.38 26.86 0.62
N ARG A 415 6.45 27.31 -0.21
CA ARG A 415 6.64 27.26 -1.65
C ARG A 415 7.14 28.62 -2.14
N ASN A 416 8.35 28.64 -2.66
CA ASN A 416 8.99 29.85 -3.16
C ASN A 416 9.05 29.84 -4.69
N VAL A 417 8.40 30.82 -5.30
CA VAL A 417 8.33 30.89 -6.75
C VAL A 417 9.68 31.27 -7.38
N GLY A 418 10.64 31.70 -6.56
CA GLY A 418 11.92 32.12 -7.06
C GLY A 418 11.74 33.37 -7.90
N SER A 419 12.64 33.57 -8.86
CA SER A 419 12.51 34.69 -9.79
C SER A 419 12.80 34.13 -11.19
N PRO A 420 11.80 34.16 -12.09
CA PRO A 420 12.02 33.67 -13.44
C PRO A 420 12.93 34.58 -14.27
N SER A 421 12.86 35.88 -14.03
CA SER A 421 13.74 36.83 -14.71
C SER A 421 15.18 36.59 -14.27
N ALA A 422 15.35 36.34 -12.98
CA ALA A 422 16.66 36.06 -12.40
C ALA A 422 17.12 34.63 -12.69
N ASN A 423 16.27 33.87 -13.38
CA ASN A 423 16.56 32.47 -13.65
C ASN A 423 16.78 31.70 -12.34
N ILE A 424 16.07 32.13 -11.30
CA ILE A 424 16.12 31.45 -10.01
C ILE A 424 14.91 30.53 -9.95
N PRO A 425 15.14 29.21 -9.93
CA PRO A 425 14.01 28.29 -10.07
C PRO A 425 13.08 28.27 -8.87
N GLU A 426 11.88 27.74 -9.10
CA GLU A 426 10.92 27.51 -8.05
C GLU A 426 11.47 26.41 -7.14
N HIS A 427 11.25 26.55 -5.83
CA HIS A 427 11.83 25.62 -4.87
C HIS A 427 11.09 25.66 -3.56
N TRP A 428 11.32 24.64 -2.74
CA TRP A 428 10.73 24.59 -1.41
C TRP A 428 11.70 25.18 -0.39
N HIS A 429 11.18 26.07 0.46
CA HIS A 429 11.99 26.75 1.46
C HIS A 429 11.65 26.23 2.86
N TYR A 430 12.62 25.55 3.46
CA TYR A 430 12.47 24.99 4.80
C TYR A 430 13.11 25.91 5.83
N ILE A 431 12.40 26.11 6.93
CA ILE A 431 12.87 26.94 8.04
C ILE A 431 12.65 26.20 9.36
N SER A 432 13.70 26.11 10.18
CA SER A 432 13.63 25.39 11.45
C SER A 432 13.27 26.27 12.63
N PHE A 433 12.63 25.66 13.64
CA PHE A 433 12.39 26.35 14.91
C PHE A 433 12.82 25.47 16.09
N GLY A 434 13.81 25.91 16.85
CA GLY A 434 14.26 25.14 17.99
C GLY A 434 15.68 25.40 18.42
N LEU A 435 16.55 25.72 17.47
CA LEU A 435 17.94 26.01 17.77
C LEU A 435 18.05 27.33 18.53
N SER A 436 17.08 28.20 18.30
CA SER A 436 16.96 29.45 19.03
C SER A 436 15.98 29.28 20.18
N ASP A 437 15.89 30.31 21.03
CA ASP A 437 15.03 30.27 22.19
C ASP A 437 13.64 30.76 21.82
N LEU A 438 12.72 29.82 21.65
CA LEU A 438 11.37 30.15 21.22
C LEU A 438 10.47 30.64 22.35
N TYR A 439 10.61 30.05 23.53
CA TYR A 439 9.63 30.23 24.60
C TYR A 439 10.17 31.06 25.77
N GLY A 440 11.48 31.00 25.99
CA GLY A 440 12.15 31.84 26.98
C GLY A 440 11.90 31.48 28.44
N ASP A 441 11.35 30.30 28.69
CA ASP A 441 11.06 29.84 30.04
C ASP A 441 12.08 28.81 30.51
N ASN A 442 13.20 28.75 29.80
CA ASN A 442 14.32 27.88 30.15
C ASN A 442 13.96 26.39 30.17
N ARG A 443 13.06 25.99 29.29
CA ARG A 443 12.74 24.58 29.12
C ARG A 443 13.86 23.87 28.36
N VAL A 444 14.56 24.61 27.52
CA VAL A 444 15.67 24.07 26.72
C VAL A 444 16.88 24.99 26.74
N HIS A 445 16.66 26.31 26.65
CA HIS A 445 17.74 27.27 26.48
C HIS A 445 17.94 28.14 27.72
N GLU A 446 19.14 28.67 27.90
CA GLU A 446 19.36 29.66 28.97
C GLU A 446 18.86 31.03 28.50
N PHE A 447 17.88 31.60 29.22
CA PHE A 447 17.37 32.93 28.90
C PHE A 447 18.08 34.07 29.63
N THR A 448 18.77 34.92 28.88
CA THR A 448 19.61 35.99 29.44
C THR A 448 19.05 37.39 29.19
N GLY A 449 17.94 37.46 28.45
CA GLY A 449 17.31 38.72 28.08
C GLY A 449 17.63 39.10 26.65
N THR A 450 17.20 40.29 26.25
CA THR A 450 17.40 40.76 24.88
C THR A 450 18.89 40.94 24.65
N ASP A 451 19.27 41.09 23.38
CA ASP A 451 20.67 41.30 23.00
C ASP A 451 21.45 40.00 23.23
N GLY A 452 22.44 39.76 22.38
CA GLY A 452 23.19 38.52 22.45
C GLY A 452 22.37 37.50 21.66
N PRO A 453 22.89 36.27 21.52
CA PRO A 453 22.17 35.29 20.71
C PRO A 453 20.99 34.63 21.41
N SER A 454 19.88 34.47 20.69
CA SER A 454 18.74 33.71 21.17
C SER A 454 19.03 32.20 20.97
N GLY A 455 19.13 31.48 22.09
CA GLY A 455 19.60 30.11 22.04
C GLY A 455 20.97 30.10 21.41
N PHE A 456 21.14 29.25 20.40
CA PHE A 456 22.39 29.19 19.66
C PHE A 456 22.50 30.39 18.72
N GLY A 457 21.42 31.17 18.64
CA GLY A 457 21.45 32.43 17.93
C GLY A 457 21.13 32.32 16.46
N PHE A 458 20.74 31.13 16.01
CA PHE A 458 20.42 30.96 14.60
C PHE A 458 19.41 29.86 14.38
N GLU A 459 18.74 29.92 13.22
CA GLU A 459 17.90 28.81 12.78
C GLU A 459 18.37 28.32 11.42
N LEU A 460 18.09 27.04 11.13
CA LEU A 460 18.50 26.43 9.88
C LEU A 460 17.45 26.62 8.81
N THR A 461 17.92 26.84 7.58
CA THR A 461 17.05 26.94 6.43
C THR A 461 17.56 26.06 5.30
N PHE A 462 16.68 25.76 4.36
CA PHE A 462 17.05 24.91 3.23
C PHE A 462 16.21 25.26 2.02
N ARG A 463 16.81 25.28 0.83
CA ARG A 463 16.08 25.54 -0.40
C ARG A 463 16.27 24.36 -1.34
N LEU A 464 15.18 23.63 -1.56
CA LEU A 464 15.19 22.40 -2.35
C LEU A 464 14.46 22.61 -3.66
N LYS A 465 15.13 22.36 -4.77
CA LYS A 465 14.53 22.48 -6.10
C LYS A 465 13.19 21.75 -6.18
N ARG A 466 12.17 22.43 -6.68
CA ARG A 466 10.87 21.79 -6.85
C ARG A 466 10.90 20.96 -8.11
N GLU A 467 10.48 19.70 -7.99
CA GLU A 467 10.37 18.80 -9.12
C GLU A 467 9.01 18.94 -9.78
N THR A 468 8.97 18.66 -11.08
CA THR A 468 7.74 18.81 -11.84
C THR A 468 6.68 17.86 -11.27
N GLY A 469 5.44 18.33 -11.20
CA GLY A 469 4.36 17.51 -10.68
C GLY A 469 4.24 17.51 -9.16
N GLU A 470 5.20 18.12 -8.45
CA GLU A 470 5.15 18.12 -6.98
C GLU A 470 4.11 19.11 -6.46
N SER A 471 3.07 18.56 -5.86
CA SER A 471 2.05 19.39 -5.24
C SER A 471 2.49 19.91 -3.88
N ALA A 472 3.25 19.11 -3.13
CA ALA A 472 3.66 19.49 -1.77
C ALA A 472 5.15 19.26 -1.51
N PRO A 473 5.71 20.00 -0.53
CA PRO A 473 7.12 19.85 -0.20
C PRO A 473 7.40 18.50 0.45
N PRO A 474 8.51 17.84 0.06
CA PRO A 474 8.91 16.64 0.79
C PRO A 474 9.39 16.95 2.20
N THR A 475 9.28 15.99 3.11
CA THR A 475 9.52 16.25 4.54
C THR A 475 10.89 15.80 5.04
N TRP A 476 11.65 15.07 4.22
CA TRP A 476 12.93 14.53 4.67
C TRP A 476 13.96 15.62 5.07
N PRO A 477 13.91 16.80 4.42
CA PRO A 477 14.89 17.80 4.86
C PRO A 477 14.68 18.22 6.31
N ALA A 478 13.46 18.09 6.81
CA ALA A 478 13.19 18.42 8.20
C ALA A 478 13.99 17.48 9.09
N GLU A 479 13.95 16.19 8.79
CA GLU A 479 14.74 15.20 9.52
C GLU A 479 16.25 15.48 9.38
N LEU A 480 16.66 15.84 8.17
CA LEU A 480 18.05 16.26 7.96
C LEU A 480 18.44 17.37 8.93
N MET A 481 17.58 18.38 9.01
CA MET A 481 17.78 19.50 9.91
C MET A 481 17.83 19.01 11.34
N GLN A 482 16.94 18.09 11.69
CA GLN A 482 16.91 17.51 13.02
C GLN A 482 18.26 16.88 13.36
N GLY A 483 18.83 16.15 12.41
CA GLY A 483 20.15 15.56 12.59
C GLY A 483 21.23 16.59 12.88
N LEU A 484 21.26 17.59 12.02
CA LEU A 484 22.19 18.71 12.20
C LEU A 484 22.02 19.36 13.59
N ALA A 485 20.78 19.59 13.98
CA ALA A 485 20.48 20.20 15.27
C ALA A 485 20.92 19.30 16.43
N ARG A 486 20.69 18.00 16.29
CA ARG A 486 21.14 17.04 17.29
C ARG A 486 22.64 17.19 17.48
N TYR A 487 23.38 17.22 16.37
CA TYR A 487 24.81 17.47 16.50
C TYR A 487 25.07 18.75 17.26
N VAL A 488 24.46 19.86 16.83
CA VAL A 488 24.70 21.15 17.47
C VAL A 488 24.43 21.13 18.98
N PHE A 489 23.29 20.59 19.40
CA PHE A 489 22.98 20.53 20.83
C PHE A 489 23.98 19.65 21.57
N GLN A 490 24.28 18.48 21.00
CA GLN A 490 25.22 17.54 21.63
C GLN A 490 26.65 18.08 21.69
N SER A 491 27.09 18.72 20.62
CA SER A 491 28.49 19.12 20.44
C SER A 491 28.79 20.47 21.05
N GLU A 492 27.76 21.26 21.31
CA GLU A 492 27.87 22.66 21.77
C GLU A 492 28.51 23.58 20.73
N ASN A 493 28.71 23.08 19.51
CA ASN A 493 29.33 23.86 18.43
C ASN A 493 28.32 24.55 17.54
N THR A 494 28.33 25.88 17.53
CA THR A 494 27.46 26.62 16.65
C THR A 494 28.00 26.57 15.22
N PHE A 495 27.08 26.62 14.26
CA PHE A 495 27.44 26.70 12.86
C PHE A 495 27.68 28.15 12.46
N CYS A 496 28.58 28.34 11.50
CA CYS A 496 28.83 29.67 10.93
C CYS A 496 28.86 29.59 9.42
N SER A 497 28.61 30.72 8.76
CA SER A 497 28.68 30.75 7.32
C SER A 497 30.10 30.47 6.87
N GLY A 498 30.22 29.55 5.93
CA GLY A 498 31.52 29.14 5.42
C GLY A 498 31.90 27.77 5.92
N ASP A 499 31.25 27.30 6.98
CA ASP A 499 31.52 25.97 7.48
C ASP A 499 31.04 24.90 6.51
N HIS A 500 31.58 23.70 6.65
CA HIS A 500 31.12 22.55 5.89
C HIS A 500 30.76 21.44 6.85
N VAL A 501 29.98 20.49 6.33
CA VAL A 501 29.52 19.37 7.11
C VAL A 501 29.65 18.13 6.24
N SER A 502 30.48 17.20 6.68
CA SER A 502 30.60 15.92 5.99
C SER A 502 29.52 14.99 6.52
N TRP A 503 28.64 14.54 5.63
CA TRP A 503 27.50 13.70 5.96
C TRP A 503 27.74 12.27 5.47
N HIS A 504 28.34 12.17 4.30
CA HIS A 504 28.74 10.89 3.69
C HIS A 504 27.56 10.00 3.31
N SER A 505 26.39 10.59 3.15
CA SER A 505 25.23 9.86 2.69
C SER A 505 24.39 10.77 1.81
N PRO A 506 23.76 10.21 0.76
CA PRO A 506 22.85 11.08 0.00
C PRO A 506 21.77 11.60 0.91
N LEU A 507 21.64 12.92 0.98
CA LEU A 507 20.88 13.58 2.02
C LEU A 507 19.46 13.06 2.09
N ASP A 508 18.88 12.76 0.93
CA ASP A 508 17.51 12.29 0.83
C ASP A 508 17.42 10.77 0.80
N ASN A 509 18.53 10.11 1.08
CA ASN A 509 18.61 8.65 1.13
C ASN A 509 18.28 8.03 -0.23
N SER A 510 18.46 8.81 -1.30
CA SER A 510 18.30 8.31 -2.67
C SER A 510 19.66 7.84 -3.19
N GLU A 511 19.84 7.89 -4.51
CA GLU A 511 21.14 7.61 -5.14
C GLU A 511 21.90 8.90 -5.45
N SER A 512 21.40 10.01 -4.91
CA SER A 512 21.92 11.34 -5.24
C SER A 512 23.41 11.52 -4.99
N ARG A 513 24.02 12.34 -5.84
CA ARG A 513 25.45 12.64 -5.73
C ARG A 513 25.69 13.71 -4.67
N ILE A 514 24.60 14.32 -4.21
CA ILE A 514 24.64 15.32 -3.16
C ILE A 514 24.72 14.63 -1.79
N GLN A 515 25.93 14.50 -1.26
CA GLN A 515 26.14 13.74 -0.02
C GLN A 515 26.72 14.57 1.12
N HIS A 516 26.87 15.87 0.93
CA HIS A 516 27.53 16.72 1.91
C HIS A 516 26.92 18.10 1.97
N MET A 517 27.31 18.91 2.95
CA MET A 517 26.69 20.21 3.13
C MET A 517 27.67 21.35 3.39
N LEU A 518 27.37 22.49 2.80
CA LEU A 518 28.02 23.75 3.14
C LEU A 518 26.96 24.62 3.77
N LEU A 519 27.40 25.60 4.57
CA LEU A 519 26.49 26.49 5.26
C LEU A 519 26.74 27.92 4.87
N THR A 520 25.67 28.66 4.60
CA THR A 520 25.81 30.08 4.25
C THR A 520 24.66 30.90 4.81
N GLU A 521 24.80 32.23 4.76
CA GLU A 521 23.72 33.10 5.17
C GLU A 521 22.56 32.91 4.21
N ASP A 522 21.36 32.81 4.76
CA ASP A 522 20.17 32.70 3.93
C ASP A 522 20.06 33.96 3.08
N PRO A 523 19.84 33.80 1.75
CA PRO A 523 19.78 34.96 0.86
C PRO A 523 18.56 35.87 1.04
N GLN A 524 17.47 35.43 1.66
CA GLN A 524 16.29 36.29 1.87
C GLN A 524 16.00 36.59 3.33
N MET A 525 16.14 35.58 4.19
CA MET A 525 15.82 35.72 5.60
C MET A 525 16.76 36.68 6.32
N GLN A 526 16.18 37.76 6.85
CA GLN A 526 16.95 38.75 7.59
C GLN A 526 16.96 38.45 9.08
N PRO A 527 18.09 38.75 9.76
CA PRO A 527 18.18 38.48 11.19
C PRO A 527 17.08 39.15 11.98
N VAL A 528 16.70 38.54 13.10
CA VAL A 528 15.54 38.99 13.85
C VAL A 528 15.87 39.27 15.31
N GLN A 529 15.19 40.27 15.86
CA GLN A 529 15.29 40.58 17.28
C GLN A 529 14.10 39.97 17.98
N THR A 530 14.38 39.22 19.04
CA THR A 530 13.34 38.61 19.85
C THR A 530 13.60 39.07 21.26
N PRO A 531 12.59 38.97 22.13
CA PRO A 531 12.86 39.32 23.52
C PRO A 531 13.91 38.43 24.17
N PHE A 532 14.26 37.33 23.50
CA PHE A 532 15.21 36.36 24.05
C PHE A 532 16.56 36.41 23.34
N GLY A 533 16.70 37.31 22.37
CA GLY A 533 17.96 37.51 21.68
C GLY A 533 17.78 37.67 20.20
N VAL A 534 18.90 37.69 19.48
CA VAL A 534 18.90 37.84 18.04
C VAL A 534 19.01 36.48 17.35
N VAL A 535 18.27 36.32 16.26
CA VAL A 535 18.29 35.10 15.45
C VAL A 535 18.72 35.35 14.02
N THR A 536 19.80 34.70 13.60
CA THR A 536 20.20 34.71 12.21
C THR A 536 19.70 33.43 11.55
N PHE A 537 19.84 33.33 10.23
CA PHE A 537 19.34 32.17 9.51
C PHE A 537 20.39 31.56 8.59
N LEU A 538 20.80 30.34 8.92
CA LEU A 538 21.82 29.65 8.12
C LEU A 538 21.20 28.70 7.14
N GLN A 539 21.43 28.94 5.86
CA GLN A 539 20.97 28.04 4.84
C GLN A 539 21.97 26.92 4.58
N ILE A 540 21.40 25.72 4.47
CA ILE A 540 22.14 24.51 4.12
C ILE A 540 22.23 24.41 2.60
N VAL A 541 23.41 24.07 2.11
CA VAL A 541 23.63 23.90 0.69
C VAL A 541 24.25 22.54 0.44
N GLY A 542 23.51 21.67 -0.22
CA GLY A 542 24.01 20.35 -0.53
C GLY A 542 25.11 20.40 -1.57
N VAL A 543 26.16 19.61 -1.37
CA VAL A 543 27.26 19.55 -2.31
C VAL A 543 27.76 18.12 -2.53
N CYS A 544 28.60 17.95 -3.54
CA CYS A 544 29.22 16.67 -3.81
C CYS A 544 30.49 16.54 -3.01
N THR A 545 31.01 15.33 -2.91
CA THR A 545 32.19 15.07 -2.08
C THR A 545 33.35 15.87 -2.63
N GLU A 546 33.43 15.98 -3.95
CA GLU A 546 34.52 16.71 -4.60
C GLU A 546 34.49 18.17 -4.20
N GLU A 547 33.29 18.73 -4.14
CA GLU A 547 33.10 20.11 -3.74
C GLU A 547 33.41 20.31 -2.26
N LEU A 548 33.00 19.35 -1.44
CA LEU A 548 33.35 19.36 -0.03
C LEU A 548 34.86 19.38 0.12
N HIS A 549 35.53 18.46 -0.55
CA HIS A 549 36.98 18.35 -0.46
C HIS A 549 37.66 19.63 -0.94
N SER A 550 37.16 20.21 -2.02
CA SER A 550 37.70 21.49 -2.47
C SER A 550 37.43 22.59 -1.45
N ALA A 551 36.26 22.57 -0.83
CA ALA A 551 35.94 23.55 0.21
C ALA A 551 36.90 23.40 1.38
N GLN A 552 37.20 22.16 1.76
CA GLN A 552 38.18 21.88 2.80
C GLN A 552 39.60 22.33 2.40
N GLN A 553 40.06 21.87 1.25
CA GLN A 553 41.44 22.10 0.81
C GLN A 553 41.71 23.55 0.48
N TRP A 554 40.71 24.25 -0.05
CA TRP A 554 40.83 25.65 -0.46
C TRP A 554 40.04 26.51 0.53
N ASN A 555 38.84 26.96 0.17
CA ASN A 555 37.96 27.61 1.15
C ASN A 555 36.48 27.48 0.81
N GLY A 556 35.65 27.51 1.85
CA GLY A 556 34.22 27.34 1.69
C GLY A 556 33.57 28.45 0.91
N GLN A 557 33.95 29.68 1.23
CA GLN A 557 33.34 30.87 0.61
C GLN A 557 33.58 30.89 -0.90
N GLY A 558 34.79 30.54 -1.30
CA GLY A 558 35.15 30.46 -2.70
C GLY A 558 34.25 29.47 -3.42
N ILE A 559 34.15 28.27 -2.87
CA ILE A 559 33.31 27.23 -3.46
C ILE A 559 31.86 27.69 -3.51
N LEU A 560 31.41 28.35 -2.45
CA LEU A 560 30.05 28.87 -2.44
C LEU A 560 29.83 29.84 -3.60
N GLU A 561 30.76 30.77 -3.77
CA GLU A 561 30.67 31.71 -4.88
C GLU A 561 30.64 30.97 -6.22
N LEU A 562 31.53 30.00 -6.39
CA LEU A 562 31.52 29.18 -7.60
C LEU A 562 30.16 28.52 -7.79
N LEU A 563 29.54 28.06 -6.71
CA LEU A 563 28.21 27.48 -6.79
C LEU A 563 27.18 28.53 -7.19
N ARG A 564 27.37 29.78 -6.74
CA ARG A 564 26.48 30.86 -7.16
C ARG A 564 26.60 31.16 -8.65
N THR A 565 27.83 31.20 -9.15
CA THR A 565 28.07 31.51 -10.56
C THR A 565 27.54 30.44 -11.53
N VAL A 566 27.30 29.24 -11.01
CA VAL A 566 26.74 28.14 -11.81
C VAL A 566 25.31 27.87 -11.34
N PRO A 567 24.31 28.29 -12.13
CA PRO A 567 22.93 28.25 -11.64
C PRO A 567 22.43 26.85 -11.30
N ILE A 568 22.74 25.86 -12.14
CA ILE A 568 22.23 24.52 -11.92
C ILE A 568 22.84 23.89 -10.66
N ALA A 569 23.88 24.53 -10.13
CA ALA A 569 24.57 24.05 -8.94
C ALA A 569 24.20 24.83 -7.67
N GLY A 570 23.38 25.86 -7.82
CA GLY A 570 23.02 26.70 -6.69
C GLY A 570 22.35 27.99 -7.11
N GLY A 571 23.05 28.76 -7.94
CA GLY A 571 22.54 30.05 -8.37
C GLY A 571 22.68 31.05 -7.25
N PRO A 572 22.14 32.26 -7.44
CA PRO A 572 22.25 33.36 -6.48
C PRO A 572 21.78 32.98 -5.08
N TRP A 573 20.72 32.19 -4.99
CA TRP A 573 20.16 31.80 -3.70
C TRP A 573 20.64 30.44 -3.24
N LEU A 574 21.56 29.85 -4.00
CA LEU A 574 22.17 28.58 -3.64
C LEU A 574 21.12 27.51 -3.32
N ILE A 575 20.28 27.23 -4.30
CA ILE A 575 19.29 26.18 -4.21
C ILE A 575 19.91 24.82 -4.42
N THR A 576 19.50 23.84 -3.61
CA THR A 576 20.02 22.49 -3.74
C THR A 576 19.16 21.66 -4.69
N ASP A 577 19.83 21.10 -5.70
CA ASP A 577 19.20 20.21 -6.66
C ASP A 577 19.72 18.79 -6.47
N MET A 578 18.88 17.92 -5.93
CA MET A 578 19.29 16.57 -5.61
C MET A 578 19.53 15.71 -6.85
N ARG A 579 18.97 16.11 -7.99
CA ARG A 579 19.09 15.34 -9.22
C ARG A 579 20.28 15.80 -10.04
N ARG A 580 21.04 16.74 -9.50
CA ARG A 580 22.24 17.21 -10.16
C ARG A 580 23.22 16.05 -10.29
N GLY A 581 23.77 15.89 -11.49
CA GLY A 581 24.60 14.73 -11.78
C GLY A 581 26.07 15.05 -11.94
N GLU A 582 26.38 16.32 -12.15
CA GLU A 582 27.76 16.74 -12.34
C GLU A 582 28.21 17.74 -11.29
N THR A 583 29.49 17.64 -10.91
CA THR A 583 30.11 18.63 -10.06
C THR A 583 30.37 19.88 -10.89
N ILE A 584 30.61 20.99 -10.22
CA ILE A 584 30.92 22.24 -10.91
C ILE A 584 32.19 22.09 -11.73
N PHE A 585 33.06 21.17 -11.29
CA PHE A 585 34.34 20.94 -11.94
C PHE A 585 34.18 20.18 -13.24
N GLU A 586 33.15 19.36 -13.31
CA GLU A 586 32.82 18.64 -14.53
C GLU A 586 32.10 19.55 -15.54
N ILE A 587 31.47 20.60 -15.02
CA ILE A 587 30.72 21.54 -15.86
C ILE A 587 31.66 22.52 -16.55
N ASP A 588 32.71 22.91 -15.85
CA ASP A 588 33.71 23.85 -16.36
C ASP A 588 35.07 23.37 -15.88
N PRO A 589 35.76 22.58 -16.72
CA PRO A 589 37.02 21.98 -16.27
C PRO A 589 37.99 22.99 -15.67
N HIS A 590 38.22 24.08 -16.41
CA HIS A 590 39.17 25.10 -15.99
C HIS A 590 38.98 25.55 -14.55
N LEU A 591 37.74 25.61 -14.07
CA LEU A 591 37.49 26.04 -12.70
C LEU A 591 38.41 25.29 -11.74
N GLN A 592 38.59 23.99 -11.97
CA GLN A 592 39.40 23.18 -11.05
C GLN A 592 40.76 23.85 -10.95
N GLU A 593 41.28 24.29 -12.08
CA GLU A 593 42.60 24.87 -12.16
C GLU A 593 42.64 26.12 -11.28
N ARG A 594 41.50 26.81 -11.19
CA ARG A 594 41.45 28.04 -10.43
C ARG A 594 41.59 27.70 -8.96
N VAL A 595 41.17 26.49 -8.60
CA VAL A 595 41.25 26.03 -7.22
C VAL A 595 42.68 25.63 -6.94
N ASP A 596 43.20 24.76 -7.81
CA ASP A 596 44.56 24.25 -7.70
C ASP A 596 45.60 25.37 -7.72
N LYS A 597 45.30 26.48 -8.39
CA LYS A 597 46.15 27.65 -8.28
C LYS A 597 46.03 28.22 -6.88
N GLY A 598 44.82 28.18 -6.33
CA GLY A 598 44.54 28.79 -5.04
C GLY A 598 45.20 28.01 -3.92
N ILE A 599 45.07 26.68 -3.96
CA ILE A 599 45.60 25.85 -2.89
C ILE A 599 47.12 25.95 -2.76
N GLU A 600 47.83 26.11 -3.88
CA GLU A 600 49.28 26.11 -3.83
C GLU A 600 49.81 27.46 -3.36
N THR A 601 49.13 28.54 -3.75
CA THR A 601 49.59 29.89 -3.41
C THR A 601 49.03 30.40 -2.09
N ASP A 602 47.78 30.08 -1.80
CA ASP A 602 47.12 30.61 -0.59
C ASP A 602 46.85 29.52 0.46
N GLY A 603 46.74 28.27 0.03
CA GLY A 603 46.47 27.18 0.95
C GLY A 603 45.02 27.03 1.37
N SER A 604 44.83 26.52 2.59
CA SER A 604 43.51 26.26 3.15
C SER A 604 42.98 27.40 4.03
N ASN A 605 41.66 27.54 4.05
CA ASN A 605 40.96 28.55 4.85
C ASN A 605 40.52 28.01 6.20
N LEU A 606 40.59 26.69 6.35
CA LEU A 606 40.04 26.00 7.52
C LEU A 606 40.87 26.21 8.75
N SER A 607 40.39 27.03 9.67
CA SER A 607 41.13 27.27 10.90
C SER A 607 41.21 25.96 11.68
N GLY A 608 40.18 25.12 11.55
CA GLY A 608 40.11 23.87 12.29
C GLY A 608 38.93 22.99 11.89
N VAL A 609 38.80 21.83 12.53
CA VAL A 609 37.69 20.95 12.25
C VAL A 609 37.26 20.22 13.54
N SER A 610 35.98 19.89 13.63
CA SER A 610 35.47 19.09 14.74
C SER A 610 35.37 17.64 14.31
N ALA A 611 36.08 16.76 15.02
CA ALA A 611 36.22 15.39 14.58
C ALA A 611 36.50 14.46 15.74
N LYS A 612 36.58 13.17 15.46
CA LYS A 612 37.00 12.20 16.46
C LYS A 612 38.52 12.21 16.57
N CYS A 613 39.03 12.64 17.72
CA CYS A 613 40.46 12.70 17.96
C CYS A 613 40.73 12.78 19.45
N ALA A 614 41.99 12.64 19.82
CA ALA A 614 42.39 12.78 21.22
C ALA A 614 43.91 12.88 21.30
N TRP A 615 44.41 13.14 22.51
CA TRP A 615 45.85 13.14 22.72
C TRP A 615 46.20 12.71 24.15
N ASP A 616 47.44 12.28 24.34
CA ASP A 616 47.91 11.88 25.68
C ASP A 616 49.43 11.72 25.65
N ASP A 617 50.04 11.33 26.77
CA ASP A 617 51.50 11.16 26.83
C ASP A 617 51.95 9.81 26.30
N ARG A 627 45.89 25.60 34.79
CA ARG A 627 46.79 24.45 34.65
C ARG A 627 47.42 24.37 33.26
N THR A 628 48.46 25.18 33.06
CA THR A 628 49.28 25.13 31.85
C THR A 628 50.37 24.09 32.04
N ARG A 629 50.55 23.22 31.06
CA ARG A 629 51.47 22.10 31.16
C ARG A 629 52.42 22.01 29.99
N GLN A 630 53.71 21.86 30.30
CA GLN A 630 54.70 21.51 29.29
C GLN A 630 54.93 20.01 29.38
N LEU A 631 55.16 19.38 28.23
CA LEU A 631 55.30 17.93 28.14
C LEU A 631 56.57 17.53 27.41
N GLU A 632 57.25 16.48 27.89
CA GLU A 632 58.43 15.98 27.19
C GLU A 632 57.99 15.16 25.99
N SER A 633 56.91 14.40 26.18
CA SER A 633 56.35 13.55 25.12
C SER A 633 54.88 13.85 24.85
N VAL A 634 54.45 13.54 23.62
CA VAL A 634 53.07 13.70 23.18
C VAL A 634 52.68 12.51 22.32
N HIS A 635 51.43 12.12 22.42
CA HIS A 635 50.87 11.03 21.63
C HIS A 635 49.52 11.45 21.08
N LEU A 636 49.43 11.61 19.76
CA LEU A 636 48.23 12.12 19.12
C LEU A 636 47.41 11.01 18.49
N LYS A 637 46.09 11.15 18.59
CA LYS A 637 45.18 10.12 18.12
C LYS A 637 44.10 10.71 17.25
N PHE A 638 43.92 10.10 16.07
CA PHE A 638 42.94 10.55 15.09
C PHE A 638 42.16 9.35 14.57
N ASN A 639 40.98 9.61 14.00
CA ASN A 639 40.26 8.59 13.24
C ASN A 639 40.69 8.75 11.78
N GLN A 640 40.23 7.86 10.91
CA GLN A 640 40.63 7.93 9.50
C GLN A 640 40.33 9.26 8.83
N GLU A 641 39.12 9.77 9.04
CA GLU A 641 38.70 10.99 8.36
C GLU A 641 39.59 12.16 8.77
N SER A 642 39.72 12.37 10.08
CA SER A 642 40.59 13.43 10.58
C SER A 642 42.03 13.14 10.17
N GLY A 643 42.38 11.86 10.13
CA GLY A 643 43.69 11.46 9.68
C GLY A 643 43.97 11.88 8.24
N ALA A 644 42.96 11.77 7.40
CA ALA A 644 43.07 12.16 6.00
C ALA A 644 43.26 13.66 5.81
N LEU A 645 42.92 14.43 6.83
CA LEU A 645 43.10 15.88 6.81
C LEU A 645 44.47 16.33 7.30
N ILE A 646 45.23 15.43 7.90
CA ILE A 646 46.55 15.77 8.41
C ILE A 646 47.39 16.41 7.29
N PRO A 647 47.39 15.79 6.09
CA PRO A 647 48.08 16.46 4.98
C PRO A 647 47.54 17.86 4.69
N LEU A 648 46.25 18.09 4.90
CA LEU A 648 45.70 19.44 4.75
C LEU A 648 46.28 20.34 5.82
N CYS A 649 46.25 19.86 7.07
CA CYS A 649 46.79 20.59 8.20
C CYS A 649 48.25 21.01 8.03
N LEU A 650 49.08 20.08 7.56
CA LEU A 650 50.52 20.34 7.42
C LEU A 650 50.84 21.16 6.17
N ARG A 651 50.57 20.61 5.00
CA ARG A 651 50.86 21.29 3.74
C ARG A 651 49.99 22.54 3.56
N GLY A 652 48.71 22.38 3.90
CA GLY A 652 47.71 23.41 3.67
C GLY A 652 47.83 24.64 4.54
N ARG A 653 48.32 24.48 5.76
CA ARG A 653 48.36 25.59 6.70
C ARG A 653 49.72 25.85 7.35
N LEU A 654 50.37 24.83 7.88
CA LEU A 654 51.63 25.07 8.59
C LEU A 654 52.68 25.66 7.66
N LEU A 655 52.75 25.16 6.44
CA LEU A 655 53.71 25.67 5.47
C LEU A 655 53.36 27.08 4.97
N HIS A 656 52.17 27.56 5.33
CA HIS A 656 51.77 28.93 5.01
C HIS A 656 51.76 29.80 6.25
N GLY A 657 52.42 29.33 7.31
CA GLY A 657 52.52 30.10 8.54
C GLY A 657 51.21 30.22 9.29
N ARG A 658 50.32 29.27 9.05
CA ARG A 658 49.00 29.24 9.69
C ARG A 658 48.89 28.08 10.67
N HIS A 659 47.88 28.13 11.53
CA HIS A 659 47.66 27.09 12.53
C HIS A 659 46.43 26.24 12.17
N PHE A 660 46.34 25.05 12.76
CA PHE A 660 45.17 24.19 12.51
C PHE A 660 44.73 23.49 13.78
N THR A 661 43.42 23.42 13.99
CA THR A 661 42.90 22.87 15.23
C THR A 661 41.91 21.73 14.98
N TYR A 662 42.25 20.56 15.52
CA TYR A 662 41.31 19.45 15.60
C TYR A 662 40.64 19.54 16.96
N LYS A 663 39.32 19.64 16.98
CA LYS A 663 38.59 19.58 18.24
C LYS A 663 37.69 18.36 18.31
N SER A 664 37.66 17.74 19.48
CA SER A 664 36.78 16.59 19.70
C SER A 664 35.36 17.05 19.98
N ILE A 665 34.41 16.37 19.36
CA ILE A 665 32.99 16.65 19.56
C ILE A 665 32.44 15.96 20.81
N THR A 666 32.99 14.80 21.12
CA THR A 666 32.57 14.04 22.27
C THR A 666 33.13 14.63 23.57
N GLY A 667 34.42 14.96 23.56
CA GLY A 667 35.10 15.46 24.75
C GLY A 667 35.35 16.96 24.75
N ASP A 668 36.20 17.42 25.66
CA ASP A 668 36.65 18.82 25.65
C ASP A 668 38.08 18.97 25.09
N MET A 669 38.66 17.87 24.62
CA MET A 669 40.03 17.93 24.10
C MET A 669 40.12 18.64 22.76
N ALA A 670 41.30 19.20 22.52
CA ALA A 670 41.61 19.87 21.26
C ALA A 670 43.10 19.76 21.00
N ILE A 671 43.47 19.76 19.72
CA ILE A 671 44.86 19.73 19.31
C ILE A 671 45.07 20.82 18.26
N THR A 672 45.94 21.77 18.56
CA THR A 672 46.25 22.84 17.62
C THR A 672 47.68 22.71 17.09
N PHE A 673 47.80 22.40 15.81
CA PHE A 673 49.10 22.43 15.13
C PHE A 673 49.52 23.86 14.79
N VAL A 674 50.78 24.17 15.12
CA VAL A 674 51.38 25.49 14.98
C VAL A 674 52.78 25.36 14.39
N SER A 675 53.20 26.31 13.55
CA SER A 675 54.59 26.32 13.04
C SER A 675 55.36 27.48 13.69
N THR A 676 56.58 27.70 13.24
CA THR A 676 57.40 28.77 13.78
C THR A 676 56.83 30.17 13.52
N GLY A 677 57.04 31.06 14.49
CA GLY A 677 56.55 32.43 14.41
C GLY A 677 55.20 32.64 15.08
N VAL A 678 54.26 33.22 14.32
CA VAL A 678 52.86 33.45 14.71
C VAL A 678 52.61 34.08 16.10
N GLU A 679 53.68 34.39 16.84
CA GLU A 679 53.58 35.06 18.16
C GLU A 679 52.55 34.48 19.14
N GLY A 680 51.28 34.58 18.78
CA GLY A 680 50.18 34.13 19.63
C GLY A 680 50.33 32.74 20.20
N ALA A 681 51.21 31.94 19.61
CA ALA A 681 51.44 30.58 20.08
C ALA A 681 52.19 30.58 21.41
N PHE A 682 51.70 29.77 22.36
CA PHE A 682 52.39 29.56 23.62
C PHE A 682 53.35 28.38 23.51
N ALA A 683 53.20 27.61 22.43
CA ALA A 683 54.15 26.55 22.12
C ALA A 683 55.34 27.18 21.42
N THR A 684 56.53 27.01 21.99
CA THR A 684 57.76 27.48 21.34
C THR A 684 58.52 26.29 20.77
N GLU A 685 59.48 26.56 19.90
CA GLU A 685 60.34 25.51 19.36
C GLU A 685 61.18 24.89 20.48
N GLU A 686 61.54 25.70 21.46
CA GLU A 686 62.28 25.23 22.64
C GLU A 686 61.43 24.25 23.43
N HIS A 687 60.14 24.56 23.56
CA HIS A 687 59.19 23.70 24.25
C HIS A 687 58.00 23.38 23.32
N PRO A 688 58.17 22.39 22.42
CA PRO A 688 57.22 22.08 21.35
C PRO A 688 55.79 21.79 21.79
N TYR A 689 55.63 21.07 22.91
CA TYR A 689 54.32 20.58 23.32
C TYR A 689 53.85 21.30 24.58
N ALA A 690 52.71 21.98 24.50
CA ALA A 690 52.19 22.69 25.66
C ALA A 690 50.68 22.60 25.70
N ALA A 691 50.12 22.57 26.90
CA ALA A 691 48.71 22.26 27.06
C ALA A 691 47.99 23.12 28.09
N HIS A 692 46.89 23.75 27.68
CA HIS A 692 46.01 24.47 28.60
C HIS A 692 44.85 23.54 28.94
N GLY A 693 45.09 22.56 29.81
CA GLY A 693 44.05 21.62 30.12
C GLY A 693 43.91 20.65 28.96
N PRO A 694 42.66 20.41 28.49
CA PRO A 694 42.49 19.54 27.31
C PRO A 694 43.00 20.16 26.01
N TRP A 695 43.19 21.47 25.99
CA TRP A 695 43.71 22.15 24.82
C TRP A 695 45.20 21.90 24.70
N LEU A 696 45.59 21.25 23.61
CA LEU A 696 47.00 20.96 23.36
C LEU A 696 47.45 21.74 22.15
N GLN A 697 48.56 22.46 22.31
CA GLN A 697 49.19 23.11 21.19
C GLN A 697 50.56 22.48 21.00
N ILE A 698 50.85 22.10 19.76
CA ILE A 698 52.15 21.54 19.41
C ILE A 698 52.79 22.27 18.23
N LEU A 699 54.07 22.59 18.38
CA LEU A 699 54.82 23.30 17.37
C LEU A 699 55.70 22.37 16.52
N LEU A 700 55.53 22.48 15.21
CA LEU A 700 56.33 21.72 14.25
C LEU A 700 57.11 22.67 13.35
N THR A 701 58.34 22.30 13.02
CA THR A 701 59.21 23.10 12.15
C THR A 701 58.97 22.72 10.69
N GLU A 702 59.21 23.66 9.78
CA GLU A 702 58.98 23.41 8.35
C GLU A 702 59.68 22.13 7.91
N GLU A 703 60.92 21.97 8.36
CA GLU A 703 61.70 20.78 8.07
C GLU A 703 60.96 19.53 8.52
N PHE A 704 60.58 19.49 9.79
CA PHE A 704 59.87 18.33 10.30
C PHE A 704 58.49 18.18 9.67
N VAL A 705 57.85 19.28 9.33
CA VAL A 705 56.57 19.20 8.62
C VAL A 705 56.78 18.44 7.32
N GLU A 706 57.81 18.81 6.58
CA GLU A 706 58.11 18.16 5.31
C GLU A 706 58.40 16.68 5.54
N LYS A 707 59.24 16.40 6.53
CA LYS A 707 59.57 15.02 6.88
C LYS A 707 58.31 14.23 7.24
N MET A 708 57.46 14.83 8.07
CA MET A 708 56.22 14.23 8.49
C MET A 708 55.35 13.94 7.29
N LEU A 709 55.29 14.89 6.36
CA LEU A 709 54.53 14.69 5.13
C LEU A 709 55.07 13.48 4.38
N GLU A 710 56.39 13.37 4.26
CA GLU A 710 56.96 12.20 3.61
C GLU A 710 56.60 10.91 4.33
N ASP A 711 56.67 10.90 5.65
CA ASP A 711 56.41 9.69 6.42
C ASP A 711 54.99 9.13 6.28
N LEU A 712 54.01 10.00 6.14
CA LEU A 712 52.59 9.61 6.09
C LEU A 712 52.07 9.43 4.68
N GLU A 713 51.53 8.25 4.39
CA GLU A 713 50.94 7.97 3.07
C GLU A 713 49.80 6.95 3.16
N ASP A 714 48.73 7.37 3.84
CA ASP A 714 47.52 6.56 4.00
C ASP A 714 46.55 6.85 2.85
N ALA A 718 46.20 2.02 3.31
CA ALA A 718 46.84 1.42 4.49
C ALA A 718 45.81 0.95 5.51
N ALA A 719 46.11 -0.13 6.21
CA ALA A 719 45.17 -0.75 7.15
C ALA A 719 45.34 -0.21 8.56
N LEU A 720 44.26 -0.29 9.36
CA LEU A 720 44.26 0.25 10.72
C LEU A 720 44.28 -0.88 11.75
N PRO A 721 44.84 -0.61 12.94
CA PRO A 721 45.48 0.63 13.42
C PRO A 721 46.83 0.89 12.75
N LYS A 722 47.10 2.14 12.42
CA LYS A 722 48.42 2.51 11.90
C LYS A 722 49.18 3.38 12.90
N GLU A 723 50.46 3.05 13.04
CA GLU A 723 51.34 3.60 14.06
C GLU A 723 52.42 4.47 13.43
N TYR A 724 52.54 5.71 13.88
CA TYR A 724 53.67 6.55 13.50
C TYR A 724 54.45 6.92 14.75
N SER A 725 55.78 6.87 14.66
CA SER A 725 56.60 7.16 15.83
C SER A 725 57.87 7.93 15.47
N TRP A 726 58.37 8.69 16.44
CA TRP A 726 59.60 9.46 16.33
C TRP A 726 60.28 9.39 17.72
N PRO A 727 61.52 9.90 17.84
CA PRO A 727 62.09 9.85 19.20
C PRO A 727 61.33 10.65 20.28
N GLU A 728 60.49 11.62 19.89
CA GLU A 728 59.83 12.49 20.88
C GLU A 728 58.31 12.36 20.88
N LYS A 729 57.77 11.63 19.91
CA LYS A 729 56.34 11.72 19.61
C LYS A 729 55.77 10.58 18.77
N LYS A 730 54.50 10.28 19.02
CA LYS A 730 53.77 9.23 18.33
C LYS A 730 52.44 9.73 17.79
N LEU A 731 52.06 9.19 16.64
CA LEU A 731 50.83 9.55 15.97
C LEU A 731 50.11 8.30 15.48
N LYS A 732 48.93 8.03 16.04
CA LYS A 732 48.10 6.91 15.60
C LYS A 732 46.79 7.28 14.90
N VAL A 733 46.38 6.37 14.01
CA VAL A 733 45.09 6.39 13.35
C VAL A 733 44.34 5.14 13.83
N SER A 734 43.10 5.29 14.30
CA SER A 734 42.40 4.20 15.02
C SER A 734 40.99 3.88 14.50
N ILE A 735 40.43 2.81 15.08
CA ILE A 735 39.20 2.15 14.63
C ILE A 735 37.98 2.69 15.41
N LEU A 736 37.96 4.00 15.60
CA LEU A 736 36.92 4.65 16.37
C LEU A 736 36.80 4.13 17.82
N PRO A 737 37.96 3.95 18.51
CA PRO A 737 37.86 3.71 19.95
C PRO A 737 37.28 4.96 20.61
N ASP A 738 37.44 6.08 19.91
CA ASP A 738 37.03 7.39 20.40
C ASP A 738 35.52 7.38 20.68
N VAL A 739 35.14 7.16 21.94
CA VAL A 739 33.72 7.02 22.32
C VAL A 739 33.36 7.65 23.67
N VAL A 740 32.06 7.89 23.85
CA VAL A 740 31.45 8.38 25.09
C VAL A 740 32.29 9.44 25.81
N HIS A 748 28.04 14.16 25.83
CA HIS A 748 26.70 13.85 26.31
C HIS A 748 26.02 15.07 26.97
N HIS A 749 25.95 16.16 26.21
CA HIS A 749 25.30 17.41 26.65
C HIS A 749 23.89 17.53 26.10
N HIS A 750 22.97 17.92 26.97
CA HIS A 750 21.56 18.03 26.62
C HIS A 750 21.11 19.46 26.81
N HIS A 751 20.27 19.95 25.90
CA HIS A 751 19.69 21.29 26.00
C HIS A 751 20.78 22.37 25.95
N HIS A 752 20.42 23.61 26.26
CA HIS A 752 21.36 24.74 26.28
C HIS A 752 21.40 25.39 27.66
N HIS A 753 20.97 24.67 28.69
CA HIS A 753 21.04 25.16 30.05
C HIS A 753 22.47 25.53 30.45
N GLU B 5 56.85 -4.45 36.03
CA GLU B 5 56.34 -3.08 36.06
C GLU B 5 56.42 -2.49 37.47
N GLY B 6 56.86 -1.25 37.55
CA GLY B 6 56.88 -0.52 38.81
C GLY B 6 55.68 0.39 38.94
N LYS B 7 54.57 0.04 38.27
CA LYS B 7 53.40 0.92 38.29
C LYS B 7 52.15 0.19 38.75
N LEU B 8 51.08 0.94 39.02
CA LEU B 8 49.80 0.37 39.42
C LEU B 8 48.66 0.95 38.56
N VAL B 9 47.95 0.10 37.81
CA VAL B 9 46.79 0.53 37.01
C VAL B 9 45.46 0.07 37.61
N ILE B 10 44.52 1.00 37.78
CA ILE B 10 43.24 0.70 38.42
C ILE B 10 42.07 1.05 37.50
N TRP B 11 41.11 0.13 37.39
CA TRP B 11 39.87 0.34 36.66
C TRP B 11 38.70 0.47 37.62
N ILE B 12 37.96 1.55 37.45
CA ILE B 12 36.76 1.79 38.22
C ILE B 12 35.74 2.41 37.28
N ASN B 13 34.45 2.17 37.50
CA ASN B 13 33.42 2.70 36.61
C ASN B 13 33.29 4.23 36.70
N GLY B 14 32.91 4.84 35.58
CA GLY B 14 32.90 6.29 35.44
C GLY B 14 31.93 7.05 36.31
N ASP B 15 30.94 6.35 36.88
CA ASP B 15 29.98 6.99 37.76
C ASP B 15 30.45 6.95 39.21
N LYS B 16 31.67 6.47 39.44
CA LYS B 16 32.24 6.38 40.77
C LYS B 16 33.24 7.52 40.98
N GLY B 17 33.64 7.75 42.22
CA GLY B 17 34.53 8.84 42.54
C GLY B 17 35.97 8.51 42.17
N TYR B 18 36.27 8.52 40.88
CA TYR B 18 37.59 8.07 40.44
C TYR B 18 38.65 9.13 40.69
N ASN B 19 38.25 10.40 40.77
CA ASN B 19 39.20 11.45 41.11
C ASN B 19 39.62 11.35 42.57
N GLY B 20 38.68 11.03 43.44
CA GLY B 20 39.01 10.80 44.84
C GLY B 20 39.96 9.61 44.94
N LEU B 21 39.65 8.56 44.21
CA LEU B 21 40.53 7.40 44.17
C LEU B 21 41.89 7.80 43.63
N ALA B 22 41.91 8.66 42.63
CA ALA B 22 43.17 9.18 42.09
C ALA B 22 43.94 9.96 43.15
N GLU B 23 43.23 10.71 43.98
CA GLU B 23 43.86 11.38 45.11
C GLU B 23 44.51 10.36 46.05
N VAL B 24 43.78 9.31 46.38
CA VAL B 24 44.37 8.22 47.17
C VAL B 24 45.59 7.65 46.45
N GLY B 25 45.50 7.51 45.13
CA GLY B 25 46.61 7.07 44.33
C GLY B 25 47.78 8.02 44.45
N LYS B 26 47.48 9.32 44.51
CA LYS B 26 48.54 10.31 44.71
C LYS B 26 49.16 10.24 46.09
N LYS B 27 48.35 10.08 47.14
CA LYS B 27 48.93 9.94 48.48
C LYS B 27 49.83 8.72 48.52
N PHE B 28 49.34 7.62 47.95
CA PHE B 28 50.13 6.39 47.83
C PHE B 28 51.43 6.64 47.09
N GLU B 29 51.36 7.35 45.97
CA GLU B 29 52.56 7.69 45.20
C GLU B 29 53.50 8.58 45.98
N LYS B 30 52.96 9.59 46.65
CA LYS B 30 53.77 10.52 47.41
C LYS B 30 54.52 9.76 48.49
N ASP B 31 53.81 8.89 49.21
CA ASP B 31 54.46 8.15 50.28
C ASP B 31 55.42 7.07 49.75
N THR B 32 55.04 6.37 48.68
CA THR B 32 55.81 5.21 48.26
C THR B 32 56.68 5.55 47.04
N GLY B 33 56.28 6.56 46.28
CA GLY B 33 57.00 6.95 45.08
C GLY B 33 56.55 6.17 43.86
N ILE B 34 55.64 5.23 44.09
CA ILE B 34 55.13 4.35 43.03
C ILE B 34 53.89 4.98 42.40
N LYS B 35 53.93 5.09 41.08
CA LYS B 35 52.87 5.72 40.31
C LYS B 35 51.56 4.91 40.29
N VAL B 36 50.44 5.62 40.45
CA VAL B 36 49.11 5.01 40.42
C VAL B 36 48.27 5.69 39.35
N THR B 37 47.84 4.90 38.36
CA THR B 37 47.02 5.41 37.26
C THR B 37 45.58 4.88 37.36
N VAL B 38 44.65 5.80 37.63
CA VAL B 38 43.22 5.46 37.73
C VAL B 38 42.52 5.75 36.41
N GLU B 39 41.86 4.73 35.86
CA GLU B 39 41.13 4.85 34.59
C GLU B 39 39.68 4.39 34.74
N HIS B 40 38.82 4.89 33.85
CA HIS B 40 37.41 4.50 33.87
C HIS B 40 36.87 4.19 32.48
N PRO B 41 37.38 3.11 31.86
CA PRO B 41 36.91 2.81 30.50
C PRO B 41 35.43 2.41 30.47
N ASP B 42 34.78 2.62 29.33
CA ASP B 42 33.38 2.25 29.19
C ASP B 42 33.32 0.74 29.11
N LYS B 43 32.30 0.16 29.74
CA LYS B 43 32.09 -1.29 29.72
C LYS B 43 33.31 -2.06 30.23
N LEU B 44 33.92 -1.58 31.31
CA LEU B 44 35.14 -2.19 31.82
C LEU B 44 34.86 -3.60 32.30
N GLU B 45 33.66 -3.84 32.79
CA GLU B 45 33.29 -5.16 33.29
C GLU B 45 33.26 -6.18 32.16
N GLU B 46 33.07 -5.72 30.94
CA GLU B 46 33.15 -6.60 29.79
C GLU B 46 34.57 -6.67 29.25
N LYS B 47 35.25 -5.53 29.27
CA LYS B 47 36.58 -5.41 28.70
C LYS B 47 37.61 -6.20 29.49
N PHE B 48 37.45 -6.21 30.80
CA PHE B 48 38.42 -6.87 31.69
C PHE B 48 38.74 -8.33 31.29
N PRO B 49 37.72 -9.18 31.15
CA PRO B 49 38.01 -10.56 30.74
C PRO B 49 38.60 -10.68 29.33
N GLN B 50 38.34 -9.70 28.48
CA GLN B 50 38.90 -9.67 27.13
C GLN B 50 40.39 -9.37 27.20
N VAL B 51 40.77 -8.35 27.97
CA VAL B 51 42.16 -7.90 28.05
C VAL B 51 43.00 -8.89 28.86
N ALA B 52 42.37 -9.59 29.81
CA ALA B 52 43.08 -10.54 30.65
C ALA B 52 43.79 -11.60 29.79
N ALA B 53 43.20 -11.92 28.65
CA ALA B 53 43.75 -12.92 27.74
C ALA B 53 45.10 -12.49 27.16
N THR B 54 45.25 -11.19 26.90
CA THR B 54 46.52 -10.67 26.39
C THR B 54 47.47 -10.40 27.55
N GLY B 55 46.95 -10.47 28.77
CA GLY B 55 47.76 -10.27 29.96
C GLY B 55 47.94 -8.79 30.23
N ASP B 56 47.11 -7.96 29.58
CA ASP B 56 47.24 -6.49 29.72
C ASP B 56 46.06 -5.88 30.49
N GLY B 57 45.48 -6.64 31.41
CA GLY B 57 44.43 -6.09 32.25
C GLY B 57 45.03 -5.25 33.35
N PRO B 58 44.19 -4.56 34.12
CA PRO B 58 44.69 -3.71 35.21
C PRO B 58 45.25 -4.53 36.35
N ASP B 59 45.86 -3.85 37.31
CA ASP B 59 46.33 -4.53 38.49
C ASP B 59 45.13 -4.75 39.41
N ILE B 60 44.28 -3.74 39.49
CA ILE B 60 43.08 -3.79 40.31
C ILE B 60 41.87 -3.45 39.45
N ILE B 61 40.76 -4.15 39.68
CA ILE B 61 39.50 -3.83 39.03
C ILE B 61 38.38 -3.62 40.04
N PHE B 62 37.72 -2.47 39.93
CA PHE B 62 36.58 -2.15 40.80
C PHE B 62 35.27 -2.46 40.11
N TRP B 63 34.38 -3.16 40.81
CA TRP B 63 33.02 -3.35 40.33
C TRP B 63 32.16 -3.93 41.44
N ALA B 64 30.85 -3.95 41.23
CA ALA B 64 29.98 -4.65 42.15
C ALA B 64 30.34 -6.13 42.19
N HIS B 65 30.09 -6.77 43.32
CA HIS B 65 30.58 -8.11 43.58
C HIS B 65 30.01 -9.14 42.60
N ASP B 66 28.84 -8.82 42.03
CA ASP B 66 28.08 -9.82 41.28
C ASP B 66 28.86 -10.36 40.09
N ARG B 67 29.80 -9.58 39.56
CA ARG B 67 30.63 -10.02 38.46
C ARG B 67 31.76 -10.94 38.89
N PHE B 68 32.25 -10.77 40.11
CA PHE B 68 33.57 -11.27 40.45
C PHE B 68 33.67 -12.78 40.49
N GLY B 69 32.59 -13.45 40.80
CA GLY B 69 32.60 -14.90 40.79
C GLY B 69 32.89 -15.40 39.39
N GLY B 70 32.47 -14.65 38.37
CA GLY B 70 32.70 -15.07 37.00
C GLY B 70 34.18 -15.04 36.74
N TYR B 71 34.78 -13.87 36.96
CA TYR B 71 36.22 -13.68 36.80
C TYR B 71 36.97 -14.77 37.56
N ALA B 72 36.55 -14.98 38.80
CA ALA B 72 37.14 -15.99 39.67
C ALA B 72 36.97 -17.37 39.06
N GLN B 73 35.85 -17.59 38.37
CA GLN B 73 35.56 -18.92 37.83
C GLN B 73 36.56 -19.16 36.70
N SER B 74 36.97 -18.07 36.06
CA SER B 74 37.89 -18.08 34.92
C SER B 74 39.35 -17.95 35.35
N GLY B 75 39.59 -17.88 36.65
CA GLY B 75 40.94 -17.82 37.17
C GLY B 75 41.63 -16.51 36.89
N LEU B 76 40.86 -15.42 36.89
CA LEU B 76 41.39 -14.10 36.54
C LEU B 76 41.73 -13.27 37.76
N LEU B 77 41.32 -13.75 38.93
CA LEU B 77 41.48 -13.00 40.17
C LEU B 77 42.35 -13.73 41.18
N ALA B 78 43.33 -13.02 41.72
CA ALA B 78 44.18 -13.55 42.78
C ALA B 78 43.39 -13.60 44.08
N GLU B 79 43.60 -14.65 44.87
CA GLU B 79 42.97 -14.75 46.17
C GLU B 79 43.55 -13.70 47.07
N ILE B 80 42.69 -12.97 47.77
CA ILE B 80 43.15 -11.97 48.73
C ILE B 80 43.20 -12.64 50.10
N THR B 81 44.18 -12.24 50.92
CA THR B 81 44.44 -12.90 52.19
C THR B 81 44.70 -11.92 53.35
N PRO B 82 43.65 -11.23 53.82
CA PRO B 82 43.79 -10.31 54.97
C PRO B 82 43.88 -11.01 56.32
N ASP B 83 44.68 -10.44 57.22
CA ASP B 83 44.79 -10.93 58.59
C ASP B 83 43.47 -10.69 59.34
N LYS B 84 43.32 -11.32 60.50
CA LYS B 84 42.07 -11.25 61.24
C LYS B 84 41.71 -9.81 61.60
N ALA B 85 42.70 -9.02 62.00
CA ALA B 85 42.44 -7.63 62.37
C ALA B 85 41.80 -6.84 61.21
N PHE B 86 42.34 -7.02 60.02
CA PHE B 86 41.81 -6.29 58.88
C PHE B 86 40.41 -6.79 58.55
N GLN B 87 40.22 -8.11 58.55
CA GLN B 87 38.87 -8.66 58.34
C GLN B 87 37.92 -8.16 59.40
N ASP B 88 38.44 -7.97 60.62
CA ASP B 88 37.63 -7.44 61.69
C ASP B 88 37.26 -5.99 61.41
N LYS B 89 38.16 -5.27 60.75
CA LYS B 89 37.83 -3.87 60.40
C LYS B 89 36.60 -3.72 59.49
N LEU B 90 36.25 -4.74 58.71
CA LEU B 90 35.08 -4.65 57.81
C LEU B 90 33.90 -5.50 58.26
N TYR B 91 32.70 -5.13 57.81
CA TYR B 91 31.49 -5.86 58.19
C TYR B 91 31.52 -7.25 57.57
N PRO B 92 31.15 -8.28 58.36
CA PRO B 92 31.20 -9.66 57.84
C PRO B 92 30.40 -9.88 56.55
N PHE B 93 29.19 -9.32 56.43
CA PHE B 93 28.38 -9.56 55.24
C PHE B 93 29.04 -8.98 53.98
N THR B 94 29.82 -7.93 54.14
CA THR B 94 30.53 -7.39 52.98
C THR B 94 31.58 -8.39 52.53
N TRP B 95 32.24 -9.06 53.48
CA TRP B 95 33.15 -10.14 53.13
C TRP B 95 32.36 -11.27 52.48
N ASP B 96 31.19 -11.56 53.04
CA ASP B 96 30.33 -12.59 52.48
C ASP B 96 30.07 -12.34 51.00
N ALA B 97 29.77 -11.10 50.65
CA ALA B 97 29.51 -10.75 49.25
C ALA B 97 30.66 -11.10 48.31
N VAL B 98 31.89 -11.03 48.80
CA VAL B 98 33.07 -11.24 47.96
C VAL B 98 33.70 -12.62 48.16
N ARG B 99 32.90 -13.57 48.65
CA ARG B 99 33.36 -14.94 48.85
C ARG B 99 32.82 -15.83 47.74
N TYR B 100 33.71 -16.61 47.13
CA TYR B 100 33.34 -17.53 46.07
C TYR B 100 34.03 -18.88 46.25
N ASN B 101 33.23 -19.93 46.38
CA ASN B 101 33.74 -21.27 46.64
C ASN B 101 34.72 -21.28 47.81
N GLY B 102 34.32 -20.63 48.89
CA GLY B 102 35.11 -20.64 50.12
C GLY B 102 36.37 -19.79 50.09
N LYS B 103 36.51 -18.97 49.05
CA LYS B 103 37.67 -18.10 48.93
C LYS B 103 37.29 -16.63 48.80
N LEU B 104 38.12 -15.77 49.40
CA LEU B 104 37.96 -14.33 49.30
C LEU B 104 38.64 -13.85 48.02
N ILE B 105 37.87 -13.28 47.10
CA ILE B 105 38.36 -12.96 45.75
C ILE B 105 38.41 -11.48 45.46
N ALA B 106 38.03 -10.67 46.44
CA ALA B 106 38.04 -9.23 46.25
C ALA B 106 37.87 -8.54 47.59
N TYR B 107 38.28 -7.27 47.64
CA TYR B 107 38.09 -6.47 48.82
C TYR B 107 36.75 -5.75 48.73
N PRO B 108 35.88 -5.93 49.73
CA PRO B 108 34.63 -5.18 49.71
C PRO B 108 34.83 -3.71 50.10
N ILE B 109 34.21 -2.79 49.36
CA ILE B 109 34.38 -1.37 49.64
C ILE B 109 33.12 -0.76 50.28
N ALA B 110 31.98 -0.90 49.60
CA ALA B 110 30.76 -0.25 50.05
C ALA B 110 29.50 -0.92 49.53
N VAL B 111 28.44 -0.82 50.31
CA VAL B 111 27.11 -1.33 49.93
C VAL B 111 26.29 -0.30 49.15
N GLU B 112 25.70 -0.76 48.06
CA GLU B 112 24.94 0.06 47.12
C GLU B 112 23.52 -0.46 46.92
N ALA B 113 22.55 0.44 46.99
CA ALA B 113 21.16 0.11 46.69
C ALA B 113 20.45 1.33 46.13
N LEU B 114 19.55 1.11 45.16
CA LEU B 114 18.81 2.19 44.54
C LEU B 114 17.76 2.76 45.50
N SER B 115 17.51 4.05 45.41
CA SER B 115 16.48 4.70 46.22
C SER B 115 15.63 5.59 45.33
N LEU B 116 14.50 6.05 45.84
CA LEU B 116 13.70 7.05 45.13
C LEU B 116 14.22 8.44 45.50
N ILE B 117 14.70 9.17 44.51
CA ILE B 117 15.14 10.55 44.72
C ILE B 117 14.07 11.48 44.18
N TYR B 118 13.68 12.45 45.00
CA TYR B 118 12.60 13.36 44.61
C TYR B 118 12.89 14.82 44.93
N ASN B 119 12.40 15.69 44.05
CA ASN B 119 12.47 17.13 44.20
C ASN B 119 11.41 17.62 45.18
N LYS B 120 11.84 18.09 46.34
CA LYS B 120 10.90 18.48 47.39
C LYS B 120 10.03 19.66 46.97
N ASP B 121 10.60 20.56 46.17
CA ASP B 121 9.90 21.77 45.73
C ASP B 121 8.80 21.45 44.72
N LEU B 122 9.06 20.55 43.78
CA LEU B 122 8.03 20.14 42.83
C LEU B 122 7.03 19.19 43.46
N LEU B 123 7.47 18.50 44.49
CA LEU B 123 6.72 17.39 45.05
C LEU B 123 7.06 17.21 46.51
N PRO B 124 6.43 18.00 47.39
CA PRO B 124 6.77 17.94 48.81
C PRO B 124 6.44 16.59 49.42
N ASN B 125 5.39 15.93 48.92
CA ASN B 125 4.99 14.62 49.41
C ASN B 125 5.15 13.53 48.33
N PRO B 126 6.25 12.76 48.39
CA PRO B 126 6.52 11.74 47.36
C PRO B 126 5.56 10.54 47.45
N PRO B 127 5.28 9.89 46.29
CA PRO B 127 4.30 8.80 46.25
C PRO B 127 4.79 7.53 46.93
N LYS B 128 3.89 6.86 47.63
CA LYS B 128 4.21 5.59 48.27
C LYS B 128 4.04 4.41 47.31
N THR B 129 3.29 4.61 46.22
CA THR B 129 3.00 3.54 45.26
C THR B 129 3.34 3.93 43.83
N TRP B 130 3.67 2.94 43.02
CA TRP B 130 3.91 3.14 41.59
C TRP B 130 2.65 3.56 40.87
N GLU B 131 1.52 3.06 41.33
CA GLU B 131 0.24 3.30 40.68
C GLU B 131 -0.18 4.78 40.70
N GLU B 132 0.32 5.54 41.69
CA GLU B 132 0.02 6.95 41.79
C GLU B 132 0.66 7.78 40.68
N ILE B 133 1.79 7.29 40.17
CA ILE B 133 2.72 8.09 39.40
C ILE B 133 2.15 8.64 38.08
N PRO B 134 1.38 7.84 37.34
CA PRO B 134 0.78 8.39 36.12
C PRO B 134 -0.06 9.66 36.37
N ALA B 135 -0.91 9.60 37.39
CA ALA B 135 -1.73 10.75 37.75
C ALA B 135 -0.84 11.93 38.13
N LEU B 136 0.23 11.63 38.85
CA LEU B 136 1.16 12.65 39.28
C LEU B 136 1.80 13.30 38.07
N ASP B 137 2.14 12.47 37.08
CA ASP B 137 2.71 12.98 35.85
C ASP B 137 1.68 13.83 35.13
N LYS B 138 0.42 13.42 35.14
CA LYS B 138 -0.65 14.20 34.54
C LYS B 138 -0.68 15.60 35.17
N GLU B 139 -0.70 15.64 36.51
CA GLU B 139 -0.66 16.92 37.21
C GLU B 139 0.57 17.75 36.84
N LEU B 140 1.75 17.13 36.86
CA LEU B 140 2.99 17.86 36.56
C LEU B 140 3.12 18.31 35.10
N LYS B 141 2.57 17.52 34.17
CA LYS B 141 2.66 17.86 32.74
C LYS B 141 1.88 19.13 32.42
N ALA B 142 0.78 19.35 33.13
CA ALA B 142 -0.03 20.57 33.00
C ALA B 142 0.81 21.83 33.17
N LYS B 143 1.81 21.75 34.05
CA LYS B 143 2.74 22.85 34.28
C LYS B 143 4.15 22.54 33.76
N GLY B 144 4.21 21.82 32.64
CA GLY B 144 5.44 21.64 31.88
C GLY B 144 6.57 20.81 32.50
N LYS B 145 6.20 19.86 33.35
CA LYS B 145 7.16 19.01 34.05
C LYS B 145 6.78 17.55 33.87
N SER B 146 7.66 16.65 34.29
CA SER B 146 7.36 15.21 34.29
C SER B 146 7.55 14.65 35.70
N ALA B 147 6.90 13.53 35.99
CA ALA B 147 6.97 12.93 37.32
C ALA B 147 8.26 12.16 37.54
N LEU B 148 8.61 11.29 36.60
CA LEU B 148 9.70 10.33 36.77
C LEU B 148 10.52 10.15 35.51
N MET B 149 11.84 10.16 35.69
CA MET B 149 12.77 9.78 34.64
C MET B 149 13.92 9.01 35.28
N PHE B 150 14.23 7.85 34.73
CA PHE B 150 15.40 7.09 35.16
C PHE B 150 15.90 6.20 34.04
N ASN B 151 17.12 5.69 34.23
CA ASN B 151 17.78 4.91 33.21
C ASN B 151 17.05 3.62 32.89
N LEU B 152 16.54 3.53 31.67
CA LEU B 152 15.83 2.34 31.20
C LEU B 152 16.74 1.44 30.37
N GLN B 153 17.98 1.86 30.20
CA GLN B 153 18.93 1.13 29.35
C GLN B 153 19.73 0.08 30.12
N GLU B 154 19.70 0.14 31.45
CA GLU B 154 20.35 -0.86 32.30
C GLU B 154 19.32 -1.51 33.21
N PRO B 155 19.12 -2.84 33.10
CA PRO B 155 18.04 -3.50 33.83
C PRO B 155 18.16 -3.37 35.34
N TYR B 156 19.34 -2.96 35.79
CA TYR B 156 19.60 -2.74 37.19
C TYR B 156 18.55 -1.81 37.79
N PHE B 157 18.14 -0.83 37.01
CA PHE B 157 17.25 0.23 37.49
C PHE B 157 15.78 -0.14 37.46
N THR B 158 15.41 -1.04 36.56
CA THR B 158 14.02 -1.45 36.42
C THR B 158 13.72 -2.68 37.25
N TRP B 159 14.78 -3.38 37.65
CA TRP B 159 14.67 -4.62 38.41
C TRP B 159 13.89 -4.47 39.71
N PRO B 160 14.07 -3.36 40.43
CA PRO B 160 13.30 -3.24 41.66
C PRO B 160 11.80 -3.34 41.40
N LEU B 161 11.35 -2.79 40.29
CA LEU B 161 9.95 -2.86 39.93
C LEU B 161 9.58 -4.28 39.49
N ILE B 162 10.41 -4.88 38.64
CA ILE B 162 10.17 -6.22 38.16
C ILE B 162 10.12 -7.25 39.28
N ALA B 163 11.00 -7.12 40.26
CA ALA B 163 11.09 -8.11 41.32
C ALA B 163 9.94 -7.97 42.30
N ALA B 164 9.32 -6.80 42.32
CA ALA B 164 8.33 -6.44 43.34
C ALA B 164 7.24 -7.50 43.54
N ASP B 165 6.57 -7.90 42.47
CA ASP B 165 5.43 -8.81 42.58
C ASP B 165 5.84 -10.29 42.49
N GLY B 166 7.14 -10.55 42.43
CA GLY B 166 7.64 -11.91 42.52
C GLY B 166 8.64 -12.34 41.47
N GLY B 167 9.24 -11.38 40.77
CA GLY B 167 10.35 -11.68 39.89
C GLY B 167 11.59 -11.93 40.72
N TYR B 168 12.44 -12.85 40.26
CA TYR B 168 13.73 -13.09 40.91
C TYR B 168 14.72 -13.59 39.87
N ALA B 169 16.00 -13.56 40.23
CA ALA B 169 17.05 -14.02 39.31
C ALA B 169 17.19 -15.54 39.33
N PHE B 170 17.80 -16.08 40.39
CA PHE B 170 17.94 -17.51 40.59
C PHE B 170 17.40 -17.89 41.95
N LYS B 171 16.75 -19.04 42.01
CA LYS B 171 16.13 -19.51 43.25
C LYS B 171 17.20 -19.94 44.24
N TYR B 172 17.21 -19.25 45.38
CA TYR B 172 18.10 -19.55 46.50
C TYR B 172 17.41 -20.53 47.44
N GLU B 173 17.97 -21.73 47.56
CA GLU B 173 17.39 -22.76 48.41
C GLU B 173 18.46 -23.60 49.09
N ASN B 174 18.30 -23.77 50.39
CA ASN B 174 19.16 -24.64 51.18
C ASN B 174 20.63 -24.32 50.98
N GLY B 175 20.93 -23.02 50.91
CA GLY B 175 22.29 -22.51 50.80
C GLY B 175 22.94 -22.43 49.41
N LYS B 176 22.17 -22.70 48.35
CA LYS B 176 22.69 -22.64 46.98
C LYS B 176 21.69 -22.10 45.96
N TYR B 177 22.21 -21.65 44.82
CA TYR B 177 21.40 -21.16 43.72
C TYR B 177 21.12 -22.21 42.64
N ASP B 178 19.86 -22.35 42.24
CA ASP B 178 19.53 -23.24 41.11
C ASP B 178 19.64 -22.48 39.80
N ILE B 179 20.69 -22.75 39.03
CA ILE B 179 20.99 -21.97 37.84
C ILE B 179 20.00 -22.19 36.69
N LYS B 180 19.20 -23.24 36.77
CA LYS B 180 18.20 -23.50 35.74
C LYS B 180 16.81 -23.00 36.14
N ASP B 181 16.63 -22.68 37.42
CA ASP B 181 15.39 -22.07 37.90
C ASP B 181 15.49 -20.54 37.86
N VAL B 182 15.04 -19.93 36.76
CA VAL B 182 15.09 -18.47 36.60
C VAL B 182 13.70 -17.85 36.77
N GLY B 183 13.62 -16.73 37.47
CA GLY B 183 12.34 -16.13 37.79
C GLY B 183 12.01 -14.85 37.04
N VAL B 184 12.33 -14.81 35.74
CA VAL B 184 12.10 -13.62 34.94
C VAL B 184 10.82 -13.64 34.11
N ASP B 185 10.20 -14.80 33.94
CA ASP B 185 8.99 -14.89 33.10
C ASP B 185 7.75 -15.27 33.88
N ASN B 186 7.77 -15.08 35.20
CA ASN B 186 6.60 -15.35 36.02
C ASN B 186 5.62 -14.17 36.03
N ALA B 187 4.46 -14.37 36.64
CA ALA B 187 3.41 -13.37 36.65
C ALA B 187 3.89 -12.04 37.24
N GLY B 188 4.71 -12.10 38.28
CA GLY B 188 5.19 -10.90 38.95
C GLY B 188 6.11 -10.08 38.05
N ALA B 189 7.03 -10.77 37.39
CA ALA B 189 7.96 -10.11 36.48
C ALA B 189 7.17 -9.49 35.33
N LYS B 190 6.26 -10.28 34.76
CA LYS B 190 5.43 -9.81 33.67
C LYS B 190 4.61 -8.60 34.10
N ALA B 191 4.09 -8.65 35.32
CA ALA B 191 3.32 -7.53 35.86
C ALA B 191 4.19 -6.28 35.91
N GLY B 192 5.34 -6.40 36.55
CA GLY B 192 6.23 -5.27 36.72
C GLY B 192 6.61 -4.65 35.40
N LEU B 193 7.07 -5.49 34.48
CA LEU B 193 7.50 -4.98 33.19
C LEU B 193 6.31 -4.42 32.41
N THR B 194 5.15 -5.06 32.52
CA THR B 194 3.95 -4.56 31.88
C THR B 194 3.65 -3.15 32.37
N PHE B 195 3.73 -2.93 33.68
CA PHE B 195 3.49 -1.61 34.22
C PHE B 195 4.48 -0.61 33.64
N LEU B 196 5.75 -0.99 33.66
CA LEU B 196 6.78 -0.13 33.08
C LEU B 196 6.44 0.23 31.64
N VAL B 197 6.13 -0.76 30.81
CA VAL B 197 5.81 -0.49 29.40
C VAL B 197 4.55 0.37 29.27
N ASP B 198 3.59 0.17 30.16
CA ASP B 198 2.36 0.95 30.13
C ASP B 198 2.66 2.42 30.40
N LEU B 199 3.55 2.69 31.36
CA LEU B 199 3.98 4.08 31.62
C LEU B 199 4.49 4.76 30.35
N ILE B 200 5.29 4.03 29.57
CA ILE B 200 5.83 4.55 28.31
C ILE B 200 4.75 4.72 27.26
N LYS B 201 3.88 3.72 27.13
CA LYS B 201 2.81 3.78 26.14
C LYS B 201 1.91 4.99 26.39
N ASN B 202 1.60 5.24 27.65
CA ASN B 202 0.76 6.39 28.01
C ASN B 202 1.58 7.67 28.15
N LYS B 203 2.81 7.64 27.63
CA LYS B 203 3.66 8.81 27.48
C LYS B 203 4.16 9.43 28.80
N HIS B 204 4.22 8.67 29.88
CA HIS B 204 4.74 9.23 31.13
C HIS B 204 6.26 9.03 31.21
N MET B 205 6.79 8.19 30.33
CA MET B 205 8.22 8.02 30.17
C MET B 205 8.55 7.78 28.69
N ASN B 206 9.81 8.00 28.34
CA ASN B 206 10.31 7.77 26.99
C ASN B 206 11.20 6.55 27.01
N ALA B 207 11.03 5.68 26.03
CA ALA B 207 11.77 4.43 25.98
C ALA B 207 13.27 4.68 25.86
N ASP B 208 13.63 5.86 25.35
CA ASP B 208 15.03 6.19 25.09
C ASP B 208 15.78 6.71 26.31
N THR B 209 15.07 6.88 27.43
CA THR B 209 15.69 7.51 28.59
C THR B 209 16.85 6.69 29.12
N ASP B 210 18.00 7.34 29.25
CA ASP B 210 19.20 6.72 29.77
C ASP B 210 19.71 7.48 30.98
N TYR B 211 20.90 7.11 31.47
CA TYR B 211 21.43 7.69 32.69
C TYR B 211 21.62 9.21 32.63
N SER B 212 22.30 9.70 31.60
CA SER B 212 22.63 11.12 31.54
C SER B 212 21.37 11.96 31.39
N ILE B 213 20.45 11.48 30.57
CA ILE B 213 19.20 12.19 30.33
C ILE B 213 18.40 12.28 31.62
N ALA B 214 18.24 11.15 32.32
CA ALA B 214 17.50 11.14 33.57
C ALA B 214 18.18 12.07 34.58
N GLU B 215 19.51 12.00 34.63
CA GLU B 215 20.28 12.83 35.52
C GLU B 215 20.07 14.32 35.24
N HIS B 216 20.20 14.69 33.97
CA HIS B 216 19.96 16.05 33.54
C HIS B 216 18.57 16.50 33.92
N ALA B 217 17.56 15.70 33.56
CA ALA B 217 16.19 16.09 33.80
C ALA B 217 15.98 16.37 35.28
N PHE B 218 16.42 15.45 36.13
CA PHE B 218 16.21 15.66 37.56
C PHE B 218 16.99 16.87 38.07
N ASN B 219 18.26 16.97 37.71
CA ASN B 219 19.12 18.01 38.25
C ASN B 219 18.76 19.44 37.81
N HIS B 220 18.11 19.55 36.66
CA HIS B 220 17.64 20.83 36.17
C HIS B 220 16.16 21.04 36.53
N GLY B 221 15.64 20.18 37.39
CA GLY B 221 14.29 20.35 37.89
C GLY B 221 13.24 20.12 36.82
N GLU B 222 13.64 19.44 35.75
CA GLU B 222 12.76 19.22 34.61
C GLU B 222 11.82 18.03 34.91
N THR B 223 12.25 17.14 35.81
CA THR B 223 11.42 16.02 36.27
C THR B 223 11.38 15.96 37.79
N ALA B 224 10.27 15.50 38.35
CA ALA B 224 10.04 15.53 39.79
C ALA B 224 10.78 14.42 40.55
N MET B 225 11.03 13.30 39.90
CA MET B 225 11.66 12.17 40.54
C MET B 225 12.67 11.46 39.67
N THR B 226 13.57 10.73 40.33
CA THR B 226 14.44 9.82 39.62
C THR B 226 14.77 8.63 40.53
N ILE B 227 15.33 7.59 39.94
CA ILE B 227 15.77 6.42 40.68
C ILE B 227 17.26 6.28 40.43
N ASN B 228 18.04 6.30 41.49
CA ASN B 228 19.50 6.26 41.36
C ASN B 228 20.15 5.86 42.68
N GLY B 229 21.49 5.75 42.66
CA GLY B 229 22.24 5.35 43.83
C GLY B 229 23.06 6.47 44.44
N PRO B 230 23.79 6.17 45.52
CA PRO B 230 24.58 7.15 46.27
C PRO B 230 25.49 8.01 45.39
N TRP B 231 26.19 7.38 44.47
CA TRP B 231 27.08 8.09 43.57
C TRP B 231 26.41 9.27 42.86
N ALA B 232 25.09 9.23 42.72
CA ALA B 232 24.36 10.26 42.00
C ALA B 232 24.24 11.57 42.81
N TRP B 233 24.34 11.47 44.12
CA TRP B 233 24.01 12.61 44.99
C TRP B 233 24.92 13.81 44.71
N SER B 234 26.20 13.54 44.53
CA SER B 234 27.21 14.58 44.39
C SER B 234 26.86 15.58 43.30
N ASN B 235 26.40 15.08 42.16
CA ASN B 235 25.98 15.95 41.08
C ASN B 235 24.70 16.70 41.42
N ILE B 236 23.88 16.14 42.30
CA ILE B 236 22.63 16.81 42.65
C ILE B 236 22.95 17.99 43.56
N ASP B 237 23.79 17.74 44.56
CA ASP B 237 24.24 18.79 45.46
C ASP B 237 24.68 20.02 44.69
N THR B 238 25.49 19.81 43.66
CA THR B 238 25.99 20.90 42.83
C THR B 238 24.85 21.66 42.15
N SER B 239 23.77 20.95 41.82
CA SER B 239 22.68 21.57 41.08
C SER B 239 21.82 22.43 41.99
N LYS B 240 22.03 22.30 43.30
CA LYS B 240 21.28 23.08 44.28
C LYS B 240 19.79 22.80 44.21
N VAL B 241 19.42 21.65 43.66
CA VAL B 241 18.06 21.15 43.71
C VAL B 241 17.81 20.69 45.14
N ASN B 242 16.70 21.14 45.72
CA ASN B 242 16.32 20.71 47.06
C ASN B 242 15.69 19.32 46.99
N TYR B 243 16.48 18.29 47.27
CA TYR B 243 16.05 16.91 47.04
C TYR B 243 16.00 16.04 48.28
N GLY B 244 15.21 14.98 48.21
CA GLY B 244 15.15 13.97 49.24
C GLY B 244 15.36 12.58 48.68
N VAL B 245 16.00 11.74 49.48
CA VAL B 245 16.21 10.33 49.17
C VAL B 245 15.29 9.48 50.04
N THR B 246 14.45 8.66 49.42
CA THR B 246 13.44 7.91 50.17
C THR B 246 13.21 6.49 49.62
N VAL B 247 12.39 5.71 50.33
CA VAL B 247 12.05 4.36 49.93
C VAL B 247 11.37 4.34 48.55
N LEU B 248 11.73 3.35 47.74
CA LEU B 248 11.15 3.21 46.41
C LEU B 248 9.66 2.96 46.55
N PRO B 249 8.87 3.32 45.52
CA PRO B 249 7.42 3.11 45.61
C PRO B 249 7.07 1.62 45.63
N THR B 250 5.95 1.28 46.27
CA THR B 250 5.47 -0.10 46.27
C THR B 250 4.79 -0.42 44.96
N PHE B 251 4.73 -1.71 44.64
CA PHE B 251 4.02 -2.17 43.46
C PHE B 251 3.10 -3.31 43.87
N LYS B 252 1.82 -3.15 43.54
CA LYS B 252 0.76 -4.04 43.99
C LYS B 252 0.82 -4.22 45.50
N GLY B 253 1.08 -3.10 46.18
CA GLY B 253 1.10 -3.08 47.63
C GLY B 253 2.31 -3.79 48.21
N GLN B 254 3.28 -4.10 47.35
CA GLN B 254 4.47 -4.82 47.80
C GLN B 254 5.72 -4.00 47.49
N PRO B 255 6.74 -4.09 48.36
CA PRO B 255 7.93 -3.23 48.22
C PRO B 255 8.76 -3.53 46.98
N SER B 256 9.36 -2.49 46.43
CA SER B 256 10.36 -2.66 45.38
C SER B 256 11.56 -3.40 45.96
N LYS B 257 12.09 -4.34 45.18
CA LYS B 257 13.21 -5.16 45.63
C LYS B 257 14.43 -4.91 44.76
N PRO B 258 15.18 -3.85 45.08
CA PRO B 258 16.41 -3.56 44.32
C PRO B 258 17.49 -4.59 44.60
N PHE B 259 18.26 -4.94 43.58
CA PHE B 259 19.42 -5.81 43.77
C PHE B 259 20.53 -5.05 44.49
N VAL B 260 20.89 -5.47 45.69
CA VAL B 260 21.94 -4.79 46.46
C VAL B 260 23.33 -5.18 46.00
N GLY B 261 24.16 -4.19 45.67
CA GLY B 261 25.49 -4.44 45.16
C GLY B 261 26.56 -4.00 46.13
N VAL B 262 27.64 -4.75 46.23
CA VAL B 262 28.78 -4.39 47.08
C VAL B 262 29.94 -4.02 46.20
N LEU B 263 30.29 -2.73 46.16
CA LEU B 263 31.44 -2.28 45.40
C LEU B 263 32.67 -3.00 45.91
N SER B 264 33.40 -3.63 45.00
CA SER B 264 34.53 -4.44 45.37
C SER B 264 35.72 -4.18 44.49
N ALA B 265 36.90 -4.40 45.05
CA ALA B 265 38.16 -4.27 44.34
C ALA B 265 38.82 -5.64 44.23
N GLY B 266 39.02 -6.10 43.01
CA GLY B 266 39.69 -7.37 42.76
C GLY B 266 41.09 -7.14 42.24
N ILE B 267 41.97 -8.10 42.51
CA ILE B 267 43.35 -8.08 42.04
C ILE B 267 43.55 -9.08 40.92
N ASN B 268 44.02 -8.59 39.77
CA ASN B 268 44.31 -9.44 38.61
C ASN B 268 45.29 -10.57 38.94
N ALA B 269 44.93 -11.79 38.58
CA ALA B 269 45.80 -12.93 38.83
C ALA B 269 47.14 -12.83 38.09
N ALA B 270 47.14 -12.13 36.96
CA ALA B 270 48.33 -12.00 36.11
C ALA B 270 49.18 -10.78 36.46
N SER B 271 48.70 -9.98 37.40
CA SER B 271 49.39 -8.75 37.79
C SER B 271 50.72 -9.06 38.45
N PRO B 272 51.79 -8.34 38.07
CA PRO B 272 53.06 -8.48 38.80
C PRO B 272 53.13 -7.58 40.05
N ASN B 273 52.03 -6.87 40.34
CA ASN B 273 52.03 -5.84 41.37
C ASN B 273 51.04 -6.15 42.49
N LYS B 274 50.86 -7.44 42.78
CA LYS B 274 49.86 -7.89 43.74
C LYS B 274 50.08 -7.35 45.14
N GLU B 275 51.35 -7.29 45.56
CA GLU B 275 51.66 -6.78 46.90
C GLU B 275 51.43 -5.27 46.98
N LEU B 276 51.84 -4.57 45.93
CA LEU B 276 51.58 -3.15 45.83
C LEU B 276 50.07 -2.89 45.90
N ALA B 277 49.32 -3.72 45.16
CA ALA B 277 47.86 -3.60 45.14
C ALA B 277 47.27 -3.86 46.52
N LYS B 278 47.73 -4.91 47.17
CA LYS B 278 47.26 -5.23 48.52
C LYS B 278 47.56 -4.11 49.49
N GLU B 279 48.79 -3.59 49.44
CA GLU B 279 49.18 -2.47 50.28
C GLU B 279 48.26 -1.29 50.04
N PHE B 280 48.09 -0.95 48.76
CA PHE B 280 47.24 0.16 48.38
C PHE B 280 45.81 0.01 48.88
N LEU B 281 45.23 -1.15 48.65
CA LEU B 281 43.85 -1.39 49.00
C LEU B 281 43.67 -1.42 50.52
N GLU B 282 44.54 -2.16 51.20
CA GLU B 282 44.41 -2.36 52.65
C GLU B 282 44.83 -1.16 53.50
N ASN B 283 45.95 -0.52 53.14
CA ASN B 283 46.54 0.50 54.00
C ASN B 283 46.38 1.95 53.52
N TYR B 284 45.74 2.14 52.38
CA TYR B 284 45.54 3.49 51.84
C TYR B 284 44.07 3.75 51.46
N LEU B 285 43.49 2.88 50.63
CA LEU B 285 42.09 3.06 50.22
C LEU B 285 41.12 2.74 51.35
N LEU B 286 41.25 1.55 51.92
CA LEU B 286 40.32 1.09 52.95
C LEU B 286 40.68 1.65 54.32
N THR B 287 40.68 2.98 54.41
CA THR B 287 40.89 3.69 55.68
C THR B 287 39.90 4.82 55.74
N ASP B 288 39.74 5.44 56.90
CA ASP B 288 38.81 6.57 57.03
C ASP B 288 39.15 7.66 56.03
N GLU B 289 40.44 7.95 55.88
CA GLU B 289 40.89 9.04 55.03
C GLU B 289 40.64 8.74 53.55
N GLY B 290 40.94 7.50 53.15
CA GLY B 290 40.75 7.05 51.78
C GLY B 290 39.29 7.00 51.37
N LEU B 291 38.48 6.32 52.18
CA LEU B 291 37.06 6.25 51.91
C LEU B 291 36.39 7.61 51.99
N GLU B 292 36.86 8.48 52.89
CA GLU B 292 36.36 9.84 52.92
C GLU B 292 36.72 10.57 51.63
N ALA B 293 37.97 10.41 51.19
CA ALA B 293 38.40 11.01 49.93
C ALA B 293 37.53 10.59 48.76
N VAL B 294 37.31 9.29 48.61
CA VAL B 294 36.47 8.79 47.54
C VAL B 294 35.02 9.25 47.72
N ASN B 295 34.49 9.08 48.92
CA ASN B 295 33.10 9.42 49.21
C ASN B 295 32.81 10.90 49.01
N LYS B 296 33.78 11.79 49.25
CA LYS B 296 33.56 13.19 48.94
C LYS B 296 33.32 13.37 47.44
N ASP B 297 34.13 12.71 46.62
CA ASP B 297 33.97 12.82 45.17
C ASP B 297 32.57 12.36 44.78
N LYS B 298 32.31 11.06 44.96
CA LYS B 298 30.99 10.49 44.75
C LYS B 298 30.67 9.57 45.93
N PRO B 299 29.55 9.82 46.62
CA PRO B 299 29.24 8.99 47.80
C PRO B 299 29.26 7.50 47.50
N LEU B 300 29.89 6.73 48.37
CA LEU B 300 30.04 5.30 48.16
C LEU B 300 28.81 4.52 48.63
N GLY B 301 28.05 5.12 49.53
CA GLY B 301 26.92 4.45 50.15
C GLY B 301 27.26 4.04 51.58
N ALA B 302 26.84 2.84 51.96
CA ALA B 302 27.17 2.31 53.29
C ALA B 302 28.48 1.53 53.19
N VAL B 303 29.58 2.17 53.55
CA VAL B 303 30.90 1.58 53.37
C VAL B 303 31.10 0.32 54.21
N ALA B 304 32.01 -0.55 53.76
CA ALA B 304 32.27 -1.80 54.47
C ALA B 304 33.10 -1.58 55.73
N LEU B 305 33.88 -0.50 55.75
CA LEU B 305 34.71 -0.17 56.90
C LEU B 305 33.83 0.34 58.03
N LYS B 306 33.83 -0.38 59.14
CA LYS B 306 32.96 -0.09 60.28
C LYS B 306 33.07 1.34 60.80
N SER B 307 34.30 1.75 61.05
CA SER B 307 34.57 3.02 61.71
C SER B 307 33.98 4.19 60.94
N TYR B 308 34.14 4.18 59.62
CA TYR B 308 33.64 5.27 58.80
C TYR B 308 32.14 5.12 58.53
N GLU B 309 31.67 3.88 58.52
CA GLU B 309 30.26 3.62 58.29
C GLU B 309 29.45 4.14 59.47
N GLU B 310 29.96 3.96 60.69
CA GLU B 310 29.28 4.52 61.87
C GLU B 310 29.23 6.04 61.78
N GLU B 311 30.30 6.63 61.27
CA GLU B 311 30.35 8.08 61.08
C GLU B 311 29.35 8.53 60.02
N LEU B 312 29.21 7.75 58.97
CA LEU B 312 28.28 8.08 57.87
C LEU B 312 26.86 7.55 58.03
N ALA B 313 26.63 6.70 59.02
CA ALA B 313 25.32 6.08 59.18
C ALA B 313 24.27 7.11 59.55
N LYS B 314 24.71 8.23 60.14
CA LYS B 314 23.82 9.30 60.56
C LYS B 314 23.03 9.88 59.39
N ASP B 315 23.68 10.03 58.24
CA ASP B 315 23.05 10.58 57.04
C ASP B 315 21.73 9.85 56.70
N PRO B 316 20.60 10.58 56.70
CA PRO B 316 19.33 9.91 56.44
C PRO B 316 19.23 9.38 55.02
N ARG B 317 20.05 9.93 54.12
CA ARG B 317 20.13 9.44 52.76
C ARG B 317 20.63 7.98 52.77
N ILE B 318 21.64 7.73 53.60
CA ILE B 318 22.19 6.39 53.77
C ILE B 318 21.15 5.49 54.44
N ALA B 319 20.44 6.03 55.42
CA ALA B 319 19.38 5.29 56.09
C ALA B 319 18.34 4.84 55.08
N ALA B 320 17.99 5.76 54.18
CA ALA B 320 17.05 5.45 53.11
C ALA B 320 17.65 4.38 52.18
N THR B 321 18.92 4.55 51.84
CA THR B 321 19.64 3.56 51.04
C THR B 321 19.49 2.18 51.64
N MET B 322 19.75 2.08 52.93
CA MET B 322 19.74 0.81 53.62
C MET B 322 18.34 0.26 53.83
N GLU B 323 17.37 1.14 54.01
CA GLU B 323 15.98 0.70 54.09
C GLU B 323 15.63 0.00 52.76
N ASN B 324 15.95 0.67 51.66
CA ASN B 324 15.74 0.08 50.35
C ASN B 324 16.55 -1.21 50.16
N ALA B 325 17.80 -1.21 50.62
CA ALA B 325 18.66 -2.39 50.54
C ALA B 325 18.07 -3.59 51.28
N GLN B 326 17.63 -3.37 52.50
CA GLN B 326 17.07 -4.43 53.31
C GLN B 326 15.83 -5.00 52.63
N LYS B 327 14.96 -4.13 52.13
CA LYS B 327 13.78 -4.62 51.43
C LYS B 327 14.13 -5.36 50.13
N GLY B 328 15.34 -5.15 49.63
CA GLY B 328 15.80 -5.82 48.42
C GLY B 328 16.55 -7.10 48.75
N GLU B 329 17.24 -7.65 47.76
CA GLU B 329 18.05 -8.85 47.99
C GLU B 329 19.45 -8.60 47.46
N ILE B 330 20.46 -9.14 48.16
CA ILE B 330 21.83 -9.02 47.71
C ILE B 330 22.08 -9.88 46.47
N MET B 331 22.83 -9.33 45.52
CA MET B 331 23.09 -10.03 44.28
C MET B 331 23.93 -11.29 44.50
N PRO B 332 23.57 -12.38 43.79
CA PRO B 332 24.47 -13.54 43.69
C PRO B 332 25.74 -13.13 42.98
N ASN B 333 26.83 -13.84 43.20
CA ASN B 333 28.05 -13.60 42.45
C ASN B 333 28.38 -14.76 41.53
N ILE B 334 27.45 -15.70 41.39
CA ILE B 334 27.69 -16.88 40.60
C ILE B 334 27.97 -16.44 39.18
N PRO B 335 28.76 -17.24 38.47
CA PRO B 335 29.17 -16.88 37.12
C PRO B 335 28.03 -16.62 36.12
N GLN B 336 26.87 -17.19 36.43
CA GLN B 336 25.73 -17.15 35.54
C GLN B 336 25.04 -15.82 35.56
N MET B 337 25.47 -14.91 36.44
CA MET B 337 24.82 -13.63 36.58
C MET B 337 24.90 -12.81 35.31
N SER B 338 26.08 -12.76 34.69
CA SER B 338 26.22 -11.90 33.52
C SER B 338 25.24 -12.33 32.43
N ALA B 339 25.06 -13.63 32.27
CA ALA B 339 24.10 -14.15 31.31
C ALA B 339 22.71 -13.71 31.72
N PHE B 340 22.49 -13.57 33.03
CA PHE B 340 21.18 -13.16 33.51
C PHE B 340 20.95 -11.70 33.16
N TRP B 341 21.95 -10.87 33.41
CA TRP B 341 21.83 -9.44 33.18
C TRP B 341 21.70 -9.13 31.69
N TYR B 342 22.48 -9.80 30.87
CA TYR B 342 22.40 -9.59 29.43
C TYR B 342 20.99 -9.91 28.94
N ALA B 343 20.43 -11.01 29.44
CA ALA B 343 19.12 -11.46 29.03
C ALA B 343 18.08 -10.42 29.39
N VAL B 344 18.10 -10.00 30.65
CA VAL B 344 17.11 -9.04 31.13
C VAL B 344 17.31 -7.67 30.48
N ARG B 345 18.55 -7.30 30.19
CA ARG B 345 18.80 -6.01 29.54
C ARG B 345 18.06 -5.90 28.21
N THR B 346 18.17 -6.95 27.39
CA THR B 346 17.52 -6.98 26.09
C THR B 346 16.02 -6.94 26.24
N ALA B 347 15.50 -7.73 27.19
CA ALA B 347 14.06 -7.81 27.39
C ALA B 347 13.46 -6.45 27.73
N VAL B 348 14.01 -5.78 28.72
CA VAL B 348 13.48 -4.50 29.17
C VAL B 348 13.53 -3.49 28.03
N ILE B 349 14.63 -3.50 27.27
CA ILE B 349 14.78 -2.55 26.18
C ILE B 349 13.79 -2.84 25.08
N ASN B 350 13.66 -4.11 24.71
CA ASN B 350 12.76 -4.48 23.62
C ASN B 350 11.30 -4.27 23.96
N ALA B 351 10.92 -4.52 25.21
CA ALA B 351 9.54 -4.30 25.65
C ALA B 351 9.20 -2.82 25.60
N ALA B 352 10.11 -2.01 26.13
CA ALA B 352 9.91 -0.58 26.22
C ALA B 352 9.88 0.06 24.84
N SER B 353 10.71 -0.46 23.93
CA SER B 353 10.79 0.09 22.59
C SER B 353 9.61 -0.36 21.76
N GLY B 354 8.90 -1.38 22.25
CA GLY B 354 7.78 -1.94 21.54
C GLY B 354 8.24 -2.88 20.44
N ARG B 355 9.55 -3.16 20.40
CA ARG B 355 10.12 -4.08 19.44
C ARG B 355 9.63 -5.51 19.66
N GLN B 356 9.36 -5.84 20.91
CA GLN B 356 8.82 -7.15 21.28
C GLN B 356 7.68 -6.97 22.28
N THR B 357 6.80 -7.95 22.39
CA THR B 357 5.78 -7.93 23.44
C THR B 357 6.48 -8.23 24.76
N VAL B 358 5.81 -7.94 25.88
CA VAL B 358 6.38 -8.22 27.19
C VAL B 358 6.65 -9.72 27.34
N ASP B 359 5.64 -10.50 26.96
CA ASP B 359 5.69 -11.95 27.08
C ASP B 359 6.86 -12.54 26.29
N ALA B 360 7.02 -12.07 25.06
CA ALA B 360 8.08 -12.57 24.19
C ALA B 360 9.46 -12.24 24.74
N ALA B 361 9.60 -10.99 25.19
CA ALA B 361 10.86 -10.50 25.74
C ALA B 361 11.25 -11.30 26.98
N LEU B 362 10.31 -11.46 27.91
CA LEU B 362 10.62 -12.15 29.15
C LEU B 362 10.74 -13.69 28.99
N ALA B 363 10.00 -14.25 28.04
CA ALA B 363 10.15 -15.67 27.71
C ALA B 363 11.55 -15.91 27.12
N ALA B 364 11.90 -15.07 26.16
CA ALA B 364 13.22 -15.16 25.54
C ALA B 364 14.30 -14.98 26.59
N ALA B 365 14.10 -14.01 27.49
CA ALA B 365 15.05 -13.77 28.58
C ALA B 365 15.19 -14.98 29.51
N GLN B 366 14.07 -15.55 29.93
CA GLN B 366 14.08 -16.73 30.77
C GLN B 366 14.88 -17.85 30.13
N THR B 367 14.61 -18.13 28.86
CA THR B 367 15.38 -19.16 28.17
C THR B 367 16.86 -18.78 28.08
N ASN B 368 17.11 -17.55 27.64
CA ASN B 368 18.46 -17.11 27.34
C ASN B 368 19.41 -17.03 28.53
N ALA B 369 18.90 -16.65 29.69
CA ALA B 369 19.74 -16.60 30.89
C ALA B 369 20.35 -17.97 31.17
N ALA B 370 19.57 -19.01 30.90
CA ALA B 370 19.98 -20.39 31.12
C ALA B 370 20.55 -21.10 29.87
N ALA B 371 21.18 -20.37 28.97
CA ALA B 371 21.67 -20.95 27.72
C ALA B 371 23.15 -20.65 27.47
N PRO B 372 24.05 -21.49 28.01
CA PRO B 372 25.49 -21.25 27.95
C PRO B 372 26.08 -21.16 26.53
N GLY B 373 25.62 -22.02 25.63
CA GLY B 373 26.11 -22.01 24.27
C GLY B 373 25.77 -20.71 23.57
N LEU B 374 24.56 -20.23 23.81
CA LEU B 374 24.08 -18.95 23.27
C LEU B 374 24.95 -17.83 23.82
N HIS B 375 25.19 -17.91 25.12
CA HIS B 375 25.91 -16.90 25.86
C HIS B 375 27.35 -16.75 25.38
N ALA B 376 28.02 -17.86 25.12
CA ALA B 376 29.39 -17.79 24.60
C ALA B 376 29.46 -17.06 23.26
N ILE B 377 28.59 -17.46 22.34
CA ILE B 377 28.56 -16.87 21.01
C ILE B 377 28.24 -15.39 21.14
N TYR B 378 27.23 -15.06 21.93
CA TYR B 378 26.90 -13.67 22.19
C TYR B 378 28.13 -12.92 22.68
N GLY B 379 28.88 -13.54 23.60
CA GLY B 379 30.13 -12.99 24.08
C GLY B 379 31.05 -12.61 22.94
N GLU B 380 31.29 -13.55 22.04
CA GLU B 380 32.12 -13.24 20.87
C GLU B 380 31.55 -12.07 20.04
N CYS B 381 30.25 -12.10 19.79
CA CYS B 381 29.58 -11.02 19.06
C CYS B 381 29.79 -9.67 19.73
N ARG B 382 29.70 -9.64 21.05
CA ARG B 382 29.94 -8.44 21.82
C ARG B 382 31.38 -7.99 21.69
N ARG B 383 32.30 -8.94 21.75
CA ARG B 383 33.71 -8.62 21.53
C ARG B 383 33.84 -7.90 20.19
N LEU B 384 33.26 -8.45 19.15
CA LEU B 384 33.32 -7.80 17.84
C LEU B 384 32.57 -6.47 17.74
N TYR B 385 31.40 -6.39 18.38
CA TYR B 385 30.55 -5.21 18.28
C TYR B 385 30.17 -4.65 19.66
N PRO B 386 31.14 -4.02 20.34
CA PRO B 386 30.80 -3.42 21.63
C PRO B 386 29.76 -2.33 21.44
N ASP B 387 29.78 -1.73 20.25
CA ASP B 387 28.91 -0.62 19.91
C ASP B 387 27.44 -1.00 19.74
N GLN B 388 27.16 -2.30 19.65
CA GLN B 388 25.80 -2.78 19.37
C GLN B 388 25.29 -3.79 20.41
N PRO B 389 24.88 -3.30 21.59
CA PRO B 389 24.36 -4.13 22.69
C PRO B 389 23.13 -4.96 22.37
N ASN B 390 22.24 -4.43 21.54
CA ASN B 390 20.97 -5.09 21.24
C ASN B 390 20.67 -5.15 19.75
N PRO B 391 21.28 -6.10 19.03
CA PRO B 391 21.17 -6.13 17.58
C PRO B 391 19.80 -6.58 17.12
N LEU B 392 19.42 -6.23 15.90
CA LEU B 392 18.20 -6.77 15.31
C LEU B 392 18.36 -8.26 15.07
N GLN B 393 17.32 -9.02 15.40
CA GLN B 393 17.37 -10.48 15.34
C GLN B 393 16.16 -11.05 14.64
N VAL B 394 16.39 -11.97 13.73
CA VAL B 394 15.29 -12.74 13.17
C VAL B 394 15.11 -13.94 14.08
N THR B 395 13.92 -14.00 14.68
CA THR B 395 13.58 -15.01 15.66
C THR B 395 12.46 -15.92 15.14
N ALA B 396 12.67 -17.23 15.25
CA ALA B 396 11.63 -18.17 14.90
C ALA B 396 10.55 -18.14 15.97
N ILE B 397 9.32 -17.82 15.57
CA ILE B 397 8.22 -17.74 16.54
C ILE B 397 8.04 -19.08 17.22
N VAL B 398 8.10 -20.16 16.44
CA VAL B 398 8.03 -21.51 16.97
C VAL B 398 9.39 -22.17 16.80
N LYS B 399 9.99 -22.56 17.92
CA LYS B 399 11.36 -23.09 17.91
C LYS B 399 11.47 -24.48 17.33
N TYR B 400 12.66 -24.80 16.84
CA TYR B 400 12.90 -26.08 16.17
C TYR B 400 12.71 -27.28 17.08
N ASP B 401 12.98 -27.12 18.37
CA ASP B 401 12.88 -28.24 19.29
C ASP B 401 11.42 -28.70 19.37
N SER B 402 10.51 -27.83 18.98
CA SER B 402 9.09 -28.15 18.89
C SER B 402 8.70 -28.34 17.43
N PHE B 403 9.70 -28.45 16.58
CA PHE B 403 9.51 -28.68 15.15
C PHE B 403 8.82 -27.53 14.44
N GLY B 404 9.29 -26.31 14.68
CA GLY B 404 9.01 -25.21 13.79
C GLY B 404 9.85 -25.47 12.55
N PRO B 405 9.54 -24.81 11.43
CA PRO B 405 10.25 -25.02 10.17
C PRO B 405 11.70 -24.58 10.22
N ASP B 406 12.00 -23.62 11.09
CA ASP B 406 13.30 -22.97 11.13
C ASP B 406 14.20 -23.55 12.20
N PRO B 407 15.31 -24.20 11.79
CA PRO B 407 16.23 -24.80 12.77
C PRO B 407 17.12 -23.80 13.52
N LEU B 408 17.29 -22.61 12.96
CA LEU B 408 18.05 -21.56 13.63
C LEU B 408 17.11 -20.73 14.48
N ASP B 409 17.28 -20.80 15.80
CA ASP B 409 16.42 -20.06 16.72
C ASP B 409 16.51 -18.55 16.50
N TYR B 410 17.75 -18.06 16.37
CA TYR B 410 18.00 -16.65 16.13
C TYR B 410 18.96 -16.47 14.98
N VAL B 411 18.78 -15.38 14.25
CA VAL B 411 19.81 -14.86 13.38
C VAL B 411 20.05 -13.41 13.77
N SER B 412 21.25 -13.13 14.24
CA SER B 412 21.61 -11.79 14.66
C SER B 412 22.16 -11.02 13.48
N MET B 413 21.75 -9.76 13.37
CA MET B 413 22.20 -8.91 12.27
C MET B 413 22.93 -7.67 12.80
N TYR B 414 24.21 -7.56 12.43
CA TYR B 414 25.05 -6.44 12.84
C TYR B 414 25.38 -5.57 11.65
N ARG B 415 25.61 -4.29 11.94
CA ARG B 415 26.12 -3.38 10.93
C ARG B 415 27.62 -3.25 11.12
N ASN B 416 28.38 -3.65 10.11
CA ASN B 416 29.83 -3.53 10.14
C ASN B 416 30.27 -2.39 9.23
N VAL B 417 30.84 -1.36 9.82
CA VAL B 417 31.25 -0.18 9.08
C VAL B 417 32.47 -0.45 8.21
N GLY B 418 33.16 -1.56 8.48
CA GLY B 418 34.33 -1.92 7.72
C GLY B 418 35.39 -0.85 7.83
N SER B 419 36.30 -0.83 6.85
CA SER B 419 37.31 0.21 6.75
C SER B 419 37.55 0.57 5.27
N PRO B 420 37.32 1.84 4.87
CA PRO B 420 37.61 2.22 3.48
C PRO B 420 39.11 2.21 3.18
N SER B 421 39.94 2.47 4.20
CA SER B 421 41.40 2.40 4.07
C SER B 421 41.79 0.95 3.81
N ALA B 422 41.09 0.03 4.48
CA ALA B 422 41.29 -1.39 4.27
C ALA B 422 40.61 -1.80 2.95
N ASN B 423 39.98 -0.82 2.31
CA ASN B 423 39.22 -0.96 1.08
C ASN B 423 38.15 -2.03 1.25
N ILE B 424 37.68 -2.17 2.49
CA ILE B 424 36.59 -3.07 2.84
C ILE B 424 35.28 -2.28 2.97
N PRO B 425 34.30 -2.57 2.12
CA PRO B 425 33.08 -1.74 2.12
C PRO B 425 32.23 -1.96 3.37
N GLU B 426 31.30 -1.03 3.63
CA GLU B 426 30.33 -1.20 4.69
C GLU B 426 29.37 -2.32 4.32
N HIS B 427 28.94 -3.10 5.31
CA HIS B 427 28.11 -4.27 5.04
C HIS B 427 27.35 -4.76 6.27
N TRP B 428 26.36 -5.61 6.05
CA TRP B 428 25.62 -6.24 7.13
C TRP B 428 26.22 -7.62 7.44
N HIS B 429 26.45 -7.88 8.72
CA HIS B 429 27.03 -9.14 9.19
C HIS B 429 25.97 -9.98 9.92
N TYR B 430 25.60 -11.09 9.31
CA TYR B 430 24.61 -12.02 9.84
C TYR B 430 25.28 -13.17 10.56
N ILE B 431 24.73 -13.51 11.72
CA ILE B 431 25.23 -14.62 12.53
C ILE B 431 24.10 -15.54 12.99
N SER B 432 24.25 -16.84 12.74
CA SER B 432 23.20 -17.81 13.05
C SER B 432 23.36 -18.45 14.43
N PHE B 433 22.23 -18.84 15.02
CA PHE B 433 22.23 -19.61 16.25
C PHE B 433 21.31 -20.83 16.16
N GLY B 434 21.88 -22.04 16.24
CA GLY B 434 21.09 -23.26 16.19
C GLY B 434 21.83 -24.49 15.70
N LEU B 435 22.80 -24.31 14.81
CA LEU B 435 23.57 -25.44 14.30
C LEU B 435 24.47 -26.00 15.40
N SER B 436 24.83 -25.14 16.36
CA SER B 436 25.58 -25.56 17.54
C SER B 436 24.61 -25.81 18.69
N ASP B 437 25.13 -26.32 19.80
CA ASP B 437 24.29 -26.62 20.96
C ASP B 437 24.21 -25.41 21.88
N LEU B 438 23.07 -24.74 21.84
CA LEU B 438 22.88 -23.52 22.63
C LEU B 438 22.54 -23.82 24.08
N TYR B 439 21.72 -24.85 24.31
CA TYR B 439 21.11 -25.06 25.63
C TYR B 439 21.69 -26.26 26.38
N GLY B 440 22.12 -27.27 25.63
CA GLY B 440 22.77 -28.42 26.23
C GLY B 440 21.85 -29.34 27.00
N ASP B 441 20.54 -29.21 26.79
CA ASP B 441 19.55 -30.05 27.46
C ASP B 441 18.97 -31.13 26.53
N ASN B 442 19.67 -31.39 25.43
CA ASN B 442 19.29 -32.44 24.49
C ASN B 442 17.91 -32.26 23.87
N ARG B 443 17.49 -31.01 23.69
CA ARG B 443 16.22 -30.73 23.01
C ARG B 443 16.35 -30.91 21.50
N VAL B 444 17.55 -30.68 20.97
CA VAL B 444 17.83 -30.82 19.55
C VAL B 444 19.13 -31.57 19.33
N HIS B 445 20.13 -31.24 20.14
CA HIS B 445 21.48 -31.78 19.94
C HIS B 445 21.87 -32.76 21.03
N GLU B 446 22.73 -33.72 20.70
CA GLU B 446 23.26 -34.65 21.69
C GLU B 446 24.35 -33.97 22.53
N PHE B 447 24.22 -34.03 23.86
CA PHE B 447 25.20 -33.40 24.75
C PHE B 447 26.42 -34.29 24.94
N THR B 448 27.57 -33.85 24.44
CA THR B 448 28.77 -34.67 24.39
C THR B 448 29.88 -34.25 25.36
N GLY B 449 29.70 -33.11 26.04
CA GLY B 449 30.71 -32.61 26.96
C GLY B 449 31.52 -31.47 26.36
N THR B 450 32.54 -31.01 27.09
CA THR B 450 33.37 -29.90 26.64
C THR B 450 34.21 -30.27 25.41
N ASP B 451 34.75 -31.48 25.39
CA ASP B 451 35.51 -31.94 24.23
C ASP B 451 34.60 -32.22 23.05
N GLY B 452 35.12 -32.01 21.85
CA GLY B 452 34.36 -32.23 20.64
C GLY B 452 33.54 -31.03 20.22
N PRO B 453 32.83 -31.16 19.07
CA PRO B 453 32.03 -30.08 18.52
C PRO B 453 30.69 -29.90 19.24
N SER B 454 30.32 -28.65 19.47
CA SER B 454 29.01 -28.30 20.01
C SER B 454 27.97 -28.38 18.91
N GLY B 455 27.00 -29.28 19.06
CA GLY B 455 26.07 -29.56 17.99
C GLY B 455 26.85 -30.00 16.76
N PHE B 456 26.61 -29.35 15.63
CA PHE B 456 27.40 -29.62 14.44
C PHE B 456 28.77 -28.95 14.53
N GLY B 457 28.97 -28.13 15.57
CA GLY B 457 30.28 -27.58 15.85
C GLY B 457 30.55 -26.27 15.14
N PHE B 458 29.56 -25.74 14.45
CA PHE B 458 29.74 -24.48 13.76
C PHE B 458 28.44 -23.71 13.64
N GLU B 459 28.58 -22.40 13.43
CA GLU B 459 27.43 -21.58 13.07
C GLU B 459 27.70 -20.84 11.76
N LEU B 460 26.62 -20.46 11.09
CA LEU B 460 26.72 -19.76 9.81
C LEU B 460 26.80 -18.25 9.99
N THR B 461 27.61 -17.62 9.14
CA THR B 461 27.66 -16.16 9.09
C THR B 461 27.58 -15.70 7.64
N PHE B 462 27.23 -14.42 7.47
CA PHE B 462 27.12 -13.86 6.13
C PHE B 462 27.44 -12.36 6.12
N ARG B 463 28.15 -11.91 5.10
CA ARG B 463 28.48 -10.49 4.97
C ARG B 463 27.93 -9.94 3.67
N LEU B 464 26.95 -9.04 3.79
CA LEU B 464 26.25 -8.50 2.63
C LEU B 464 26.56 -7.02 2.45
N LYS B 465 27.09 -6.67 1.27
CA LYS B 465 27.42 -5.27 0.96
C LYS B 465 26.21 -4.38 1.23
N ARG B 466 26.42 -3.30 1.96
CA ARG B 466 25.33 -2.38 2.25
C ARG B 466 25.08 -1.47 1.05
N GLU B 467 23.84 -1.40 0.61
CA GLU B 467 23.43 -0.48 -0.45
C GLU B 467 22.98 0.84 0.14
N THR B 468 23.17 1.93 -0.59
CA THR B 468 22.81 3.25 -0.07
C THR B 468 21.30 3.32 0.15
N GLY B 469 20.91 4.03 1.20
CA GLY B 469 19.52 4.20 1.56
C GLY B 469 19.04 3.17 2.57
N GLU B 470 19.85 2.14 2.83
CA GLU B 470 19.47 1.09 3.79
C GLU B 470 19.66 1.58 5.21
N SER B 471 18.55 1.78 5.91
CA SER B 471 18.57 2.17 7.32
C SER B 471 18.80 0.93 8.19
N ALA B 472 18.27 -0.20 7.74
CA ALA B 472 18.32 -1.46 8.48
C ALA B 472 18.75 -2.64 7.58
N PRO B 473 19.26 -3.71 8.19
CA PRO B 473 19.66 -4.88 7.41
C PRO B 473 18.47 -5.63 6.81
N PRO B 474 18.59 -6.07 5.53
CA PRO B 474 17.54 -6.94 4.98
C PRO B 474 17.50 -8.31 5.68
N THR B 475 16.35 -8.97 5.64
CA THR B 475 16.12 -10.18 6.43
C THR B 475 16.25 -11.48 5.65
N TRP B 476 16.31 -11.42 4.32
CA TRP B 476 16.32 -12.63 3.50
C TRP B 476 17.50 -13.57 3.76
N PRO B 477 18.69 -13.02 4.12
CA PRO B 477 19.79 -13.95 4.36
C PRO B 477 19.51 -14.89 5.53
N ALA B 478 18.65 -14.45 6.44
CA ALA B 478 18.27 -15.28 7.56
C ALA B 478 17.56 -16.53 7.05
N GLU B 479 16.58 -16.35 6.18
CA GLU B 479 15.87 -17.48 5.60
C GLU B 479 16.83 -18.35 4.79
N LEU B 480 17.74 -17.70 4.06
CA LEU B 480 18.78 -18.43 3.34
C LEU B 480 19.55 -19.37 4.29
N MET B 481 19.94 -18.81 5.42
CA MET B 481 20.64 -19.59 6.43
C MET B 481 19.75 -20.72 6.94
N GLN B 482 18.47 -20.42 7.14
CA GLN B 482 17.53 -21.44 7.58
C GLN B 482 17.52 -22.59 6.60
N GLY B 483 17.49 -22.28 5.31
CA GLY B 483 17.52 -23.29 4.28
C GLY B 483 18.77 -24.16 4.40
N LEU B 484 19.91 -23.48 4.46
CA LEU B 484 21.18 -24.17 4.62
C LEU B 484 21.17 -25.10 5.83
N ALA B 485 20.67 -24.57 6.96
CA ALA B 485 20.62 -25.34 8.19
C ALA B 485 19.69 -26.54 8.05
N ARG B 486 18.54 -26.32 7.42
CA ARG B 486 17.59 -27.40 7.17
C ARG B 486 18.32 -28.53 6.43
N TYR B 487 19.02 -28.18 5.37
CA TYR B 487 19.83 -29.18 4.66
C TYR B 487 20.78 -29.89 5.61
N VAL B 488 21.56 -29.14 6.37
CA VAL B 488 22.53 -29.76 7.27
C VAL B 488 21.87 -30.78 8.19
N PHE B 489 20.75 -30.40 8.79
CA PHE B 489 20.02 -31.29 9.69
C PHE B 489 19.47 -32.54 8.99
N GLN B 490 18.89 -32.35 7.81
CA GLN B 490 18.31 -33.47 7.05
C GLN B 490 19.36 -34.46 6.55
N SER B 491 20.47 -33.91 6.03
CA SER B 491 21.49 -34.72 5.38
C SER B 491 22.52 -35.26 6.36
N GLU B 492 22.56 -34.69 7.55
CA GLU B 492 23.60 -34.97 8.55
C GLU B 492 24.99 -34.54 8.05
N ASN B 493 25.06 -33.79 6.96
CA ASN B 493 26.34 -33.38 6.40
C ASN B 493 26.83 -32.03 6.95
N THR B 494 27.95 -32.05 7.66
CA THR B 494 28.54 -30.82 8.17
C THR B 494 29.18 -30.05 7.04
N PHE B 495 29.15 -28.72 7.15
CA PHE B 495 29.85 -27.87 6.20
C PHE B 495 31.28 -27.66 6.67
N CYS B 496 32.21 -27.56 5.72
CA CYS B 496 33.60 -27.28 6.03
C CYS B 496 34.10 -26.17 5.14
N SER B 497 35.14 -25.47 5.57
CA SER B 497 35.74 -24.42 4.76
C SER B 497 36.28 -25.02 3.49
N GLY B 498 35.93 -24.40 2.36
CA GLY B 498 36.34 -24.90 1.07
C GLY B 498 35.19 -25.60 0.38
N ASP B 499 34.16 -25.97 1.12
CA ASP B 499 32.99 -26.61 0.52
C ASP B 499 32.23 -25.60 -0.33
N HIS B 500 31.44 -26.12 -1.28
CA HIS B 500 30.58 -25.27 -2.09
C HIS B 500 29.14 -25.75 -2.04
N VAL B 501 28.23 -24.85 -2.38
CA VAL B 501 26.80 -25.11 -2.33
C VAL B 501 26.15 -24.58 -3.58
N SER B 502 25.61 -25.52 -4.37
CA SER B 502 24.87 -25.17 -5.55
C SER B 502 23.42 -24.93 -5.14
N TRP B 503 22.94 -23.72 -5.40
CA TRP B 503 21.60 -23.30 -5.05
C TRP B 503 20.75 -23.22 -6.31
N HIS B 504 21.37 -22.75 -7.39
CA HIS B 504 20.74 -22.64 -8.71
C HIS B 504 19.61 -21.61 -8.73
N SER B 505 19.63 -20.71 -7.76
CA SER B 505 18.65 -19.63 -7.69
C SER B 505 19.33 -18.40 -7.15
N PRO B 506 18.92 -17.20 -7.62
CA PRO B 506 19.49 -15.99 -7.02
C PRO B 506 19.16 -15.94 -5.53
N LEU B 507 20.19 -15.79 -4.70
CA LEU B 507 20.05 -16.00 -3.26
C LEU B 507 18.96 -15.11 -2.63
N ASP B 508 18.84 -13.88 -3.13
CA ASP B 508 17.83 -12.96 -2.61
C ASP B 508 16.58 -12.99 -3.49
N ASN B 509 16.55 -13.94 -4.44
CA ASN B 509 15.43 -14.08 -5.37
C ASN B 509 15.17 -12.81 -6.17
N SER B 510 16.23 -12.03 -6.35
CA SER B 510 16.17 -10.85 -7.20
C SER B 510 16.56 -11.26 -8.62
N GLU B 511 17.14 -10.34 -9.38
CA GLU B 511 17.66 -10.64 -10.72
C GLU B 511 19.15 -10.92 -10.66
N SER B 512 19.68 -11.03 -9.44
CA SER B 512 21.13 -11.15 -9.21
C SER B 512 21.79 -12.35 -9.89
N ARG B 513 23.04 -12.17 -10.29
CA ARG B 513 23.81 -13.23 -10.92
C ARG B 513 24.41 -14.16 -9.86
N ILE B 514 24.34 -13.72 -8.60
CA ILE B 514 24.84 -14.50 -7.47
C ILE B 514 23.83 -15.59 -7.12
N GLN B 515 24.08 -16.80 -7.63
CA GLN B 515 23.13 -17.90 -7.49
C GLN B 515 23.71 -19.08 -6.72
N HIS B 516 24.92 -18.97 -6.21
CA HIS B 516 25.59 -20.11 -5.59
C HIS B 516 26.46 -19.66 -4.42
N MET B 517 26.93 -20.60 -3.62
CA MET B 517 27.66 -20.24 -2.39
C MET B 517 28.93 -21.05 -2.15
N LEU B 518 29.96 -20.37 -1.65
CA LEU B 518 31.15 -21.04 -1.12
C LEU B 518 31.21 -20.79 0.37
N LEU B 519 31.92 -21.66 1.09
CA LEU B 519 32.01 -21.53 2.54
C LEU B 519 33.45 -21.36 2.96
N THR B 520 33.67 -20.38 3.84
CA THR B 520 35.02 -20.09 4.33
C THR B 520 34.97 -19.70 5.80
N GLU B 521 36.15 -19.64 6.43
CA GLU B 521 36.21 -19.18 7.81
C GLU B 521 35.85 -17.71 7.86
N ASP B 522 35.02 -17.34 8.83
CA ASP B 522 34.70 -15.95 9.05
C ASP B 522 35.97 -15.18 9.41
N PRO B 523 36.22 -14.03 8.75
CA PRO B 523 37.46 -13.25 8.93
C PRO B 523 37.60 -12.55 10.29
N GLN B 524 36.51 -12.34 11.02
CA GLN B 524 36.59 -11.69 12.33
C GLN B 524 36.19 -12.64 13.46
N MET B 525 35.14 -13.42 13.22
CA MET B 525 34.63 -14.34 14.24
C MET B 525 35.62 -15.43 14.55
N GLN B 526 36.10 -15.46 15.79
CA GLN B 526 37.03 -16.48 16.24
C GLN B 526 36.25 -17.64 16.86
N PRO B 527 36.76 -18.87 16.70
CA PRO B 527 36.06 -20.02 17.28
C PRO B 527 35.89 -19.86 18.78
N VAL B 528 34.85 -20.47 19.35
CA VAL B 528 34.53 -20.29 20.76
C VAL B 528 34.42 -21.62 21.50
N GLN B 529 34.84 -21.61 22.77
CA GLN B 529 34.69 -22.76 23.65
C GLN B 529 33.47 -22.56 24.51
N THR B 530 32.60 -23.57 24.53
CA THR B 530 31.41 -23.55 25.35
C THR B 530 31.42 -24.84 26.16
N PRO B 531 30.65 -24.89 27.25
CA PRO B 531 30.59 -26.14 28.00
C PRO B 531 30.04 -27.31 27.17
N PHE B 532 29.46 -27.01 26.02
CA PHE B 532 28.83 -28.02 25.17
C PHE B 532 29.68 -28.34 23.94
N GLY B 533 30.84 -27.71 23.83
CA GLY B 533 31.77 -27.98 22.75
C GLY B 533 32.39 -26.74 22.12
N VAL B 534 33.13 -26.96 21.04
CA VAL B 534 33.76 -25.87 20.32
C VAL B 534 32.89 -25.47 19.14
N VAL B 535 32.75 -24.17 18.93
CA VAL B 535 31.98 -23.63 17.81
C VAL B 535 32.84 -22.78 16.91
N THR B 536 32.92 -23.16 15.64
CA THR B 536 33.57 -22.34 14.63
C THR B 536 32.51 -21.55 13.87
N PHE B 537 32.96 -20.64 13.02
CA PHE B 537 32.04 -19.79 12.29
C PHE B 537 32.32 -19.82 10.80
N LEU B 538 31.37 -20.36 10.05
CA LEU B 538 31.50 -20.49 8.60
C LEU B 538 30.76 -19.39 7.90
N GLN B 539 31.51 -18.57 7.18
CA GLN B 539 30.92 -17.50 6.38
C GLN B 539 30.54 -18.03 5.01
N ILE B 540 29.33 -17.65 4.61
CA ILE B 540 28.78 -17.93 3.29
C ILE B 540 29.25 -16.88 2.31
N VAL B 541 29.65 -17.32 1.11
CA VAL B 541 30.11 -16.41 0.09
C VAL B 541 29.35 -16.64 -1.21
N GLY B 542 28.54 -15.66 -1.61
CA GLY B 542 27.75 -15.76 -2.83
C GLY B 542 28.62 -15.71 -4.07
N VAL B 543 28.36 -16.59 -5.02
CA VAL B 543 29.16 -16.65 -6.24
C VAL B 543 28.33 -16.92 -7.50
N CYS B 544 28.98 -16.78 -8.66
CA CYS B 544 28.37 -17.12 -9.94
C CYS B 544 28.61 -18.59 -10.29
N THR B 545 27.85 -19.08 -11.26
CA THR B 545 27.90 -20.49 -11.63
C THR B 545 29.29 -20.88 -12.15
N GLU B 546 29.89 -19.99 -12.93
CA GLU B 546 31.22 -20.23 -13.50
C GLU B 546 32.26 -20.39 -12.39
N GLU B 547 32.14 -19.56 -11.36
CA GLU B 547 33.05 -19.60 -10.23
C GLU B 547 32.83 -20.89 -9.44
N LEU B 548 31.57 -21.27 -9.31
CA LEU B 548 31.21 -22.53 -8.69
C LEU B 548 31.89 -23.67 -9.45
N HIS B 549 31.72 -23.69 -10.77
CA HIS B 549 32.31 -24.72 -11.60
C HIS B 549 33.83 -24.75 -11.55
N SER B 550 34.45 -23.58 -11.56
CA SER B 550 35.90 -23.51 -11.43
C SER B 550 36.33 -24.05 -10.07
N ALA B 551 35.55 -23.72 -9.04
CA ALA B 551 35.82 -24.23 -7.69
C ALA B 551 35.70 -25.74 -7.68
N GLN B 552 34.70 -26.25 -8.40
CA GLN B 552 34.52 -27.67 -8.55
C GLN B 552 35.71 -28.30 -9.28
N GLN B 553 36.04 -27.78 -10.45
CA GLN B 553 37.07 -28.41 -11.27
C GLN B 553 38.46 -28.35 -10.62
N TRP B 554 38.72 -27.27 -9.88
CA TRP B 554 40.00 -27.03 -9.25
C TRP B 554 39.89 -27.18 -7.72
N ASN B 555 39.78 -26.06 -7.00
CA ASN B 555 39.52 -26.09 -5.56
C ASN B 555 38.83 -24.82 -5.04
N GLY B 556 38.07 -24.96 -3.96
CA GLY B 556 37.32 -23.84 -3.41
C GLY B 556 38.21 -22.74 -2.86
N GLN B 557 39.22 -23.13 -2.08
CA GLN B 557 40.12 -22.16 -1.44
C GLN B 557 40.85 -21.31 -2.46
N GLY B 558 41.30 -21.92 -3.54
CA GLY B 558 41.97 -21.17 -4.59
C GLY B 558 41.03 -20.08 -5.10
N ILE B 559 39.83 -20.49 -5.50
CA ILE B 559 38.84 -19.55 -6.00
C ILE B 559 38.53 -18.47 -4.97
N LEU B 560 38.46 -18.89 -3.71
CA LEU B 560 38.21 -17.95 -2.61
C LEU B 560 39.32 -16.90 -2.60
N GLU B 561 40.56 -17.37 -2.68
CA GLU B 561 41.71 -16.47 -2.71
C GLU B 561 41.60 -15.49 -3.90
N LEU B 562 41.29 -16.06 -5.06
CA LEU B 562 41.09 -15.27 -6.26
C LEU B 562 40.04 -14.21 -5.97
N LEU B 563 38.97 -14.61 -5.29
CA LEU B 563 37.91 -13.70 -4.93
C LEU B 563 38.40 -12.63 -3.97
N ARG B 564 39.34 -12.99 -3.10
CA ARG B 564 39.90 -11.98 -2.19
C ARG B 564 40.65 -10.89 -2.93
N THR B 565 41.41 -11.27 -3.95
CA THR B 565 42.17 -10.23 -4.69
C THR B 565 41.31 -9.17 -5.42
N VAL B 566 40.05 -9.49 -5.64
CA VAL B 566 39.10 -8.57 -6.29
C VAL B 566 38.10 -8.08 -5.25
N PRO B 567 38.19 -6.79 -4.86
CA PRO B 567 37.36 -6.32 -3.75
C PRO B 567 35.85 -6.44 -4.01
N ILE B 568 35.40 -6.09 -5.22
CA ILE B 568 33.98 -6.09 -5.54
C ILE B 568 33.43 -7.52 -5.62
N ALA B 569 34.31 -8.49 -5.70
CA ALA B 569 33.91 -9.90 -5.79
C ALA B 569 34.06 -10.61 -4.45
N GLY B 570 34.57 -9.88 -3.46
CA GLY B 570 34.77 -10.43 -2.14
C GLY B 570 35.69 -9.58 -1.29
N GLY B 571 36.91 -9.38 -1.80
CA GLY B 571 37.93 -8.66 -1.05
C GLY B 571 38.45 -9.56 0.04
N PRO B 572 39.33 -9.02 0.91
CA PRO B 572 39.93 -9.83 1.97
C PRO B 572 38.91 -10.55 2.85
N TRP B 573 37.80 -9.90 3.17
CA TRP B 573 36.79 -10.51 4.03
C TRP B 573 35.68 -11.18 3.24
N LEU B 574 35.83 -11.21 1.93
CA LEU B 574 34.89 -11.91 1.06
C LEU B 574 33.44 -11.47 1.31
N ILE B 575 33.19 -10.19 1.13
CA ILE B 575 31.84 -9.66 1.22
C ILE B 575 31.09 -9.95 -0.08
N THR B 576 29.82 -10.33 0.07
CA THR B 576 28.97 -10.65 -1.07
C THR B 576 28.22 -9.41 -1.54
N ASP B 577 28.35 -9.13 -2.83
CA ASP B 577 27.64 -8.02 -3.47
C ASP B 577 26.60 -8.55 -4.45
N MET B 578 25.32 -8.44 -4.10
CA MET B 578 24.25 -8.98 -4.93
C MET B 578 24.07 -8.18 -6.22
N ARG B 579 24.59 -6.95 -6.24
CA ARG B 579 24.45 -6.08 -7.41
C ARG B 579 25.61 -6.27 -8.38
N ARG B 580 26.51 -7.20 -8.06
CA ARG B 580 27.62 -7.54 -8.93
C ARG B 580 27.09 -8.13 -10.22
N GLY B 581 27.63 -7.67 -11.35
CA GLY B 581 27.11 -8.04 -12.66
C GLY B 581 28.03 -8.93 -13.47
N GLU B 582 29.31 -8.96 -13.10
CA GLU B 582 30.30 -9.76 -13.82
C GLU B 582 31.00 -10.79 -12.94
N THR B 583 31.35 -11.92 -13.55
CA THR B 583 32.17 -12.91 -12.87
C THR B 583 33.57 -12.32 -12.77
N ILE B 584 34.41 -12.90 -11.93
CA ILE B 584 35.77 -12.39 -11.82
C ILE B 584 36.49 -12.56 -13.15
N PHE B 585 36.10 -13.59 -13.91
CA PHE B 585 36.80 -13.94 -15.13
C PHE B 585 36.55 -12.89 -16.20
N GLU B 586 35.40 -12.24 -16.13
CA GLU B 586 35.06 -11.17 -17.05
C GLU B 586 35.76 -9.87 -16.67
N ILE B 587 36.14 -9.75 -15.40
CA ILE B 587 36.79 -8.54 -14.91
C ILE B 587 38.26 -8.50 -15.30
N ASP B 588 38.88 -9.68 -15.22
CA ASP B 588 40.26 -9.83 -15.52
C ASP B 588 40.49 -11.22 -16.17
N PRO B 589 40.53 -11.29 -17.52
CA PRO B 589 40.67 -12.58 -18.22
C PRO B 589 41.78 -13.45 -17.62
N HIS B 590 42.87 -12.75 -17.26
CA HIS B 590 44.13 -13.36 -16.81
C HIS B 590 43.80 -14.49 -15.82
N LEU B 591 42.85 -14.18 -14.95
CA LEU B 591 42.41 -15.04 -13.85
C LEU B 591 42.18 -16.48 -14.29
N GLN B 592 41.45 -16.64 -15.40
CA GLN B 592 41.02 -17.96 -15.84
C GLN B 592 42.22 -18.85 -15.96
N GLU B 593 43.30 -18.32 -16.47
CA GLU B 593 44.41 -19.19 -16.80
C GLU B 593 44.98 -19.80 -15.53
N ARG B 594 44.91 -19.09 -14.40
CA ARG B 594 45.49 -19.68 -13.19
C ARG B 594 44.65 -20.88 -12.77
N VAL B 595 43.38 -20.89 -13.16
CA VAL B 595 42.52 -22.00 -12.81
C VAL B 595 42.97 -23.18 -13.64
N ASP B 596 43.06 -22.94 -14.94
CA ASP B 596 43.50 -23.97 -15.87
C ASP B 596 44.85 -24.45 -15.40
N LYS B 597 45.59 -23.60 -14.74
CA LYS B 597 46.85 -24.00 -14.11
C LYS B 597 46.72 -24.83 -12.86
N GLY B 598 45.68 -24.59 -12.07
CA GLY B 598 45.59 -25.36 -10.86
C GLY B 598 45.24 -26.79 -11.24
N ILE B 599 44.26 -26.91 -12.15
CA ILE B 599 43.71 -28.20 -12.57
C ILE B 599 44.79 -29.04 -13.22
N GLU B 600 45.72 -28.35 -13.88
CA GLU B 600 46.77 -29.02 -14.64
C GLU B 600 47.86 -29.55 -13.69
N THR B 601 48.14 -28.81 -12.63
CA THR B 601 49.18 -29.18 -11.66
C THR B 601 48.67 -29.99 -10.46
N ASP B 602 47.48 -29.64 -9.96
CA ASP B 602 46.95 -30.25 -8.73
C ASP B 602 45.77 -31.18 -8.97
N GLY B 603 45.06 -31.00 -10.08
CA GLY B 603 43.87 -31.81 -10.34
C GLY B 603 42.71 -31.24 -9.56
N SER B 604 41.80 -32.11 -9.14
CA SER B 604 40.63 -31.67 -8.37
C SER B 604 40.87 -31.81 -6.87
N ASN B 605 40.26 -30.89 -6.12
CA ASN B 605 40.37 -30.88 -4.67
C ASN B 605 39.17 -31.61 -4.04
N LEU B 606 38.17 -31.90 -4.87
CA LEU B 606 36.88 -32.35 -4.35
C LEU B 606 36.89 -33.81 -3.94
N SER B 607 36.93 -34.09 -2.63
CA SER B 607 37.00 -35.48 -2.16
C SER B 607 35.72 -36.25 -2.51
N GLY B 608 34.60 -35.56 -2.51
CA GLY B 608 33.32 -36.18 -2.83
C GLY B 608 32.22 -35.15 -2.91
N VAL B 609 31.03 -35.60 -3.30
CA VAL B 609 29.89 -34.70 -3.43
C VAL B 609 28.58 -35.37 -3.04
N SER B 610 27.67 -34.57 -2.49
CA SER B 610 26.35 -35.05 -2.13
C SER B 610 25.33 -34.63 -3.19
N ALA B 611 24.69 -35.62 -3.79
CA ALA B 611 23.81 -35.39 -4.93
C ALA B 611 22.81 -36.50 -5.12
N LYS B 612 21.94 -36.33 -6.10
CA LYS B 612 21.01 -37.39 -6.51
C LYS B 612 21.71 -38.46 -7.36
N CYS B 613 21.82 -39.67 -6.79
CA CYS B 613 22.48 -40.78 -7.47
C CYS B 613 22.12 -42.13 -6.85
N ALA B 614 22.45 -43.22 -7.54
CA ALA B 614 22.20 -44.56 -6.98
C ALA B 614 22.93 -45.66 -7.76
N TRP B 615 22.89 -46.88 -7.22
CA TRP B 615 23.43 -48.05 -7.91
C TRP B 615 22.69 -49.33 -7.50
N ASP B 616 22.88 -50.39 -8.28
CA ASP B 616 22.23 -51.69 -8.01
C ASP B 616 22.90 -52.81 -8.79
N SER B 633 29.25 -57.47 -12.39
CA SER B 633 28.60 -56.39 -13.15
C SER B 633 28.06 -55.32 -12.19
N VAL B 634 27.94 -54.09 -12.70
CA VAL B 634 27.47 -52.95 -11.91
C VAL B 634 26.55 -52.04 -12.75
N HIS B 635 25.57 -51.41 -12.08
CA HIS B 635 24.69 -50.43 -12.72
C HIS B 635 24.60 -49.14 -11.93
N LEU B 636 25.15 -48.06 -12.49
CA LEU B 636 25.17 -46.78 -11.77
C LEU B 636 24.17 -45.79 -12.37
N LYS B 637 23.60 -44.96 -11.51
CA LYS B 637 22.54 -44.02 -11.89
C LYS B 637 22.83 -42.62 -11.36
N PHE B 638 22.74 -41.62 -12.25
CA PHE B 638 23.00 -40.22 -11.90
C PHE B 638 21.97 -39.20 -12.41
N ASN B 639 21.99 -38.04 -11.78
CA ASN B 639 21.27 -36.85 -12.25
C ASN B 639 22.20 -36.05 -13.18
N GLN B 640 21.68 -34.99 -13.80
CA GLN B 640 22.47 -34.15 -14.69
C GLN B 640 23.73 -33.60 -14.04
N GLU B 641 23.61 -33.05 -12.85
CA GLU B 641 24.74 -32.44 -12.17
C GLU B 641 25.86 -33.41 -11.85
N SER B 642 25.51 -34.50 -11.15
CA SER B 642 26.49 -35.50 -10.83
C SER B 642 27.08 -36.07 -12.13
N GLY B 643 26.22 -36.21 -13.13
CA GLY B 643 26.65 -36.67 -14.43
C GLY B 643 27.66 -35.70 -15.00
N ALA B 644 27.39 -34.40 -14.85
CA ALA B 644 28.30 -33.38 -15.34
C ALA B 644 29.56 -33.38 -14.49
N LEU B 645 29.45 -33.91 -13.28
CA LEU B 645 30.61 -34.03 -12.42
C LEU B 645 31.38 -35.33 -12.67
N ILE B 646 30.75 -36.27 -13.36
CA ILE B 646 31.49 -37.50 -13.70
C ILE B 646 32.81 -37.25 -14.46
N PRO B 647 32.82 -36.41 -15.51
CA PRO B 647 34.09 -36.10 -16.16
C PRO B 647 35.13 -35.52 -15.21
N LEU B 648 34.67 -34.72 -14.26
CA LEU B 648 35.52 -34.16 -13.22
C LEU B 648 36.06 -35.27 -12.34
N CYS B 649 35.18 -36.17 -11.94
CA CYS B 649 35.56 -37.30 -11.09
C CYS B 649 36.70 -38.12 -11.67
N LEU B 650 36.61 -38.38 -12.97
CA LEU B 650 37.61 -39.18 -13.66
C LEU B 650 38.89 -38.37 -13.89
N ARG B 651 38.76 -37.30 -14.67
CA ARG B 651 39.89 -36.48 -15.05
C ARG B 651 40.52 -35.81 -13.84
N GLY B 652 39.67 -35.30 -12.95
CA GLY B 652 40.12 -34.50 -11.82
C GLY B 652 40.87 -35.26 -10.74
N ARG B 653 40.52 -36.54 -10.53
CA ARG B 653 41.09 -37.28 -9.41
C ARG B 653 41.74 -38.61 -9.78
N LEU B 654 41.07 -39.41 -10.60
CA LEU B 654 41.60 -40.74 -10.91
C LEU B 654 42.97 -40.65 -11.58
N LEU B 655 43.13 -39.67 -12.47
CA LEU B 655 44.40 -39.46 -13.17
C LEU B 655 45.49 -38.96 -12.24
N HIS B 656 45.11 -38.53 -11.05
CA HIS B 656 46.05 -38.00 -10.06
C HIS B 656 46.25 -38.94 -8.87
N GLY B 657 45.85 -40.19 -9.06
CA GLY B 657 46.03 -41.22 -8.04
C GLY B 657 45.15 -41.02 -6.81
N ARG B 658 44.09 -40.23 -6.97
CA ARG B 658 43.14 -39.96 -5.89
C ARG B 658 41.79 -40.61 -6.18
N HIS B 659 40.96 -40.71 -5.14
CA HIS B 659 39.63 -41.31 -5.25
C HIS B 659 38.52 -40.25 -5.16
N PHE B 660 37.32 -40.61 -5.59
CA PHE B 660 36.16 -39.71 -5.56
C PHE B 660 34.88 -40.41 -5.11
N THR B 661 34.09 -39.72 -4.28
CA THR B 661 32.86 -40.30 -3.73
C THR B 661 31.61 -39.45 -3.97
N TYR B 662 30.62 -40.09 -4.60
CA TYR B 662 29.26 -39.55 -4.64
C TYR B 662 28.48 -40.13 -3.47
N LYS B 663 27.90 -39.26 -2.64
CA LYS B 663 27.00 -39.70 -1.57
C LYS B 663 25.58 -39.22 -1.85
N SER B 664 24.60 -40.11 -1.65
CA SER B 664 23.21 -39.71 -1.77
C SER B 664 22.74 -39.07 -0.46
N ILE B 665 22.01 -37.97 -0.58
CA ILE B 665 21.42 -37.32 0.58
C ILE B 665 20.09 -38.00 0.97
N THR B 666 19.39 -38.49 -0.03
CA THR B 666 18.08 -39.10 0.22
C THR B 666 18.29 -40.46 0.84
N GLY B 667 19.21 -41.26 0.29
CA GLY B 667 19.49 -42.59 0.79
C GLY B 667 20.80 -42.59 1.57
N ASP B 668 21.28 -43.80 1.89
CA ASP B 668 22.62 -43.98 2.46
C ASP B 668 23.58 -44.50 1.40
N MET B 669 23.13 -44.51 0.15
CA MET B 669 23.93 -45.05 -0.94
C MET B 669 25.14 -44.16 -1.19
N ALA B 670 26.20 -44.78 -1.67
CA ALA B 670 27.41 -44.07 -2.04
C ALA B 670 28.13 -44.80 -3.16
N ILE B 671 28.81 -44.02 -4.00
CA ILE B 671 29.62 -44.57 -5.08
C ILE B 671 30.99 -43.90 -5.02
N THR B 672 32.02 -44.71 -4.76
CA THR B 672 33.39 -44.21 -4.71
C THR B 672 34.21 -44.75 -5.89
N PHE B 673 34.59 -43.84 -6.77
CA PHE B 673 35.52 -44.13 -7.85
C PHE B 673 36.96 -44.18 -7.31
N THR B 676 43.62 -47.15 -9.52
CA THR B 676 44.86 -47.84 -9.15
C THR B 676 45.80 -46.90 -8.40
N GLY B 677 46.56 -47.44 -7.46
CA GLY B 677 47.55 -46.66 -6.71
C GLY B 677 47.04 -46.07 -5.40
N VAL B 678 45.74 -46.17 -5.15
CA VAL B 678 45.14 -45.68 -3.90
C VAL B 678 45.31 -46.67 -2.74
N GLU B 679 45.05 -46.17 -1.53
CA GLU B 679 45.25 -46.92 -0.28
C GLU B 679 43.93 -47.30 0.42
N GLY B 680 44.00 -48.33 1.27
CA GLY B 680 42.86 -48.79 2.04
C GLY B 680 41.68 -49.40 1.30
N ALA B 681 41.66 -49.23 -0.01
CA ALA B 681 40.56 -49.70 -0.82
C ALA B 681 40.45 -51.23 -0.82
N PHE B 682 39.22 -51.76 -0.71
CA PHE B 682 38.98 -53.21 -0.77
C PHE B 682 38.79 -53.69 -2.22
N ALA B 683 38.58 -52.74 -3.13
CA ALA B 683 38.50 -53.06 -4.58
C ALA B 683 39.88 -53.17 -5.18
N THR B 684 40.11 -54.34 -5.72
CA THR B 684 41.30 -54.63 -6.49
C THR B 684 40.92 -54.72 -7.96
N GLU B 685 41.93 -54.68 -8.82
CA GLU B 685 41.74 -54.90 -10.25
C GLU B 685 41.22 -56.33 -10.42
N GLU B 686 41.48 -57.17 -9.42
CA GLU B 686 41.06 -58.57 -9.44
C GLU B 686 39.54 -58.65 -9.59
N HIS B 687 38.82 -57.80 -8.86
CA HIS B 687 37.36 -57.72 -8.95
C HIS B 687 36.88 -56.27 -9.09
N ALA B 691 31.54 -52.05 -2.21
CA ALA B 691 30.41 -52.93 -1.93
C ALA B 691 30.40 -53.38 -0.48
N HIS B 692 30.75 -52.46 0.42
CA HIS B 692 30.71 -52.69 1.86
C HIS B 692 29.38 -52.18 2.44
N GLY B 693 28.29 -52.62 1.83
CA GLY B 693 26.95 -52.19 2.22
C GLY B 693 26.31 -51.31 1.16
N PRO B 694 25.73 -50.16 1.58
CA PRO B 694 25.19 -49.22 0.58
C PRO B 694 26.31 -48.52 -0.18
N TRP B 695 27.49 -48.53 0.41
CA TRP B 695 28.69 -47.92 -0.17
C TRP B 695 29.30 -48.83 -1.24
N LEU B 696 29.46 -48.28 -2.45
CA LEU B 696 30.00 -49.03 -3.57
C LEU B 696 31.37 -48.49 -3.93
N GLN B 697 32.30 -49.42 -4.14
CA GLN B 697 33.63 -49.10 -4.65
C GLN B 697 33.81 -49.68 -6.05
N ILE B 698 34.28 -48.85 -6.98
CA ILE B 698 34.68 -49.35 -8.29
C ILE B 698 36.06 -48.81 -8.63
N LEU B 699 36.92 -49.72 -9.07
CA LEU B 699 38.29 -49.38 -9.48
C LEU B 699 38.36 -49.30 -11.00
N LEU B 700 38.83 -48.16 -11.49
CA LEU B 700 38.95 -47.92 -12.92
C LEU B 700 40.38 -47.67 -13.36
N THR B 701 40.72 -48.19 -14.54
CA THR B 701 42.05 -48.03 -15.11
C THR B 701 42.07 -46.74 -15.91
N GLU B 702 43.24 -46.12 -15.97
CA GLU B 702 43.40 -44.87 -16.71
C GLU B 702 42.94 -45.01 -18.15
N GLU B 703 43.31 -46.12 -18.81
CA GLU B 703 42.87 -46.33 -20.18
C GLU B 703 41.34 -46.26 -20.21
N PHE B 704 40.72 -47.03 -19.34
CA PHE B 704 39.27 -47.13 -19.30
C PHE B 704 38.67 -45.78 -18.87
N VAL B 705 39.39 -45.04 -18.04
CA VAL B 705 39.00 -43.68 -17.69
C VAL B 705 38.93 -42.86 -18.98
N GLU B 706 39.99 -42.97 -19.78
CA GLU B 706 40.07 -42.28 -21.06
C GLU B 706 38.97 -42.75 -22.00
N LYS B 707 38.75 -44.06 -22.05
CA LYS B 707 37.70 -44.63 -22.91
C LYS B 707 36.37 -44.00 -22.53
N MET B 708 36.09 -43.97 -21.24
CA MET B 708 34.86 -43.36 -20.74
C MET B 708 34.72 -41.88 -21.07
N LEU B 709 35.78 -41.13 -20.82
CA LEU B 709 35.75 -39.70 -21.13
C LEU B 709 35.53 -39.49 -22.62
N GLU B 710 36.26 -40.24 -23.43
CA GLU B 710 36.14 -40.17 -24.87
C GLU B 710 34.74 -40.54 -25.36
N ASP B 711 34.12 -41.55 -24.74
CA ASP B 711 32.83 -42.02 -25.24
C ASP B 711 31.71 -40.97 -25.27
N LEU B 712 31.63 -40.09 -24.26
CA LEU B 712 30.52 -39.14 -24.22
C LEU B 712 30.90 -37.73 -24.71
N GLU B 713 31.74 -37.02 -23.96
CA GLU B 713 32.10 -35.64 -24.29
C GLU B 713 30.84 -34.78 -24.53
N ASP B 714 30.07 -34.58 -23.46
CA ASP B 714 28.78 -33.91 -23.55
C ASP B 714 28.97 -32.40 -23.44
N ALA B 719 17.62 -34.42 -23.50
CA ALA B 719 18.25 -35.56 -24.17
C ALA B 719 18.30 -36.79 -23.27
N LEU B 720 17.39 -36.81 -22.29
CA LEU B 720 17.32 -37.87 -21.28
C LEU B 720 16.05 -38.73 -21.45
N PRO B 721 16.11 -40.00 -21.02
CA PRO B 721 17.24 -40.72 -20.42
C PRO B 721 18.34 -41.02 -21.42
N LYS B 722 19.59 -40.83 -21.02
CA LYS B 722 20.72 -41.21 -21.86
C LYS B 722 21.45 -42.36 -21.17
N GLU B 723 21.68 -43.44 -21.92
CA GLU B 723 22.27 -44.67 -21.39
C GLU B 723 23.59 -45.01 -22.03
N TYR B 724 24.58 -45.31 -21.19
CA TYR B 724 25.87 -45.77 -21.64
C TYR B 724 26.16 -47.20 -21.15
N SER B 725 26.78 -48.01 -22.01
CA SER B 725 27.01 -49.43 -21.73
C SER B 725 28.44 -49.91 -22.08
N TRP B 726 28.88 -50.93 -21.36
CA TRP B 726 30.23 -51.47 -21.54
C TRP B 726 30.17 -52.99 -21.40
N PRO B 727 31.29 -53.69 -21.70
CA PRO B 727 31.21 -55.13 -21.51
C PRO B 727 30.97 -55.58 -20.06
N GLU B 728 31.37 -54.78 -19.07
CA GLU B 728 31.20 -55.16 -17.66
C GLU B 728 30.43 -54.14 -16.82
N LYS B 729 29.78 -53.17 -17.47
CA LYS B 729 29.27 -52.00 -16.74
C LYS B 729 28.14 -51.25 -17.49
N LYS B 730 27.16 -50.74 -16.72
CA LYS B 730 26.04 -49.95 -17.29
C LYS B 730 25.77 -48.68 -16.47
N LEU B 731 25.74 -47.52 -17.12
CA LEU B 731 25.59 -46.25 -16.39
C LEU B 731 24.58 -45.33 -17.08
N LYS B 732 23.52 -44.98 -16.34
CA LYS B 732 22.51 -44.03 -16.82
C LYS B 732 22.51 -42.66 -16.16
N VAL B 733 22.03 -41.70 -16.95
CA VAL B 733 21.71 -40.35 -16.52
C VAL B 733 20.20 -40.24 -16.67
N SER B 734 19.52 -39.88 -15.57
CA SER B 734 18.06 -39.94 -15.51
C SER B 734 17.42 -38.71 -14.89
N ILE B 735 16.08 -38.67 -14.92
CA ILE B 735 15.34 -37.51 -14.44
C ILE B 735 14.62 -37.80 -13.11
N LEU B 736 15.18 -37.23 -12.04
CA LEU B 736 14.58 -37.33 -10.71
C LEU B 736 14.03 -38.73 -10.36
N PRO B 737 14.74 -39.80 -10.81
CA PRO B 737 14.30 -41.17 -10.51
C PRO B 737 14.39 -41.55 -9.03
N ASP B 738 15.28 -40.89 -8.27
CA ASP B 738 15.54 -41.30 -6.89
C ASP B 738 14.34 -41.19 -5.94
N VAL B 739 13.46 -40.23 -6.20
CA VAL B 739 12.34 -39.99 -5.30
C VAL B 739 11.35 -41.15 -5.35
N GLU B 747 10.99 -41.05 6.87
CA GLU B 747 12.15 -41.39 6.06
C GLU B 747 13.10 -40.18 6.01
N HIS B 748 12.76 -39.15 6.77
CA HIS B 748 13.54 -37.92 6.80
C HIS B 748 14.25 -37.86 8.15
N HIS B 749 15.34 -37.11 8.24
CA HIS B 749 16.06 -37.02 9.50
C HIS B 749 15.72 -35.73 10.27
N HIS B 750 15.46 -35.89 11.56
CA HIS B 750 15.01 -34.77 12.38
C HIS B 750 15.92 -34.55 13.57
N HIS B 751 16.23 -33.29 13.86
CA HIS B 751 17.08 -32.90 14.99
C HIS B 751 18.49 -33.48 14.86
N HIS B 752 19.26 -33.36 15.94
CA HIS B 752 20.61 -33.90 16.04
C HIS B 752 20.74 -34.87 17.21
N HIS B 753 19.62 -35.44 17.63
CA HIS B 753 19.63 -36.52 18.62
C HIS B 753 20.50 -37.69 18.17
N GLY C 6 6.73 -68.69 -13.75
CA GLY C 6 6.94 -67.28 -14.05
C GLY C 6 7.51 -66.57 -12.84
N LYS C 7 6.99 -65.38 -12.55
CA LYS C 7 7.47 -64.58 -11.43
C LYS C 7 6.34 -64.15 -10.49
N LEU C 8 6.72 -63.63 -9.33
CA LEU C 8 5.79 -63.00 -8.40
C LEU C 8 6.32 -61.63 -7.95
N VAL C 9 5.61 -60.57 -8.33
CA VAL C 9 5.90 -59.22 -7.86
C VAL C 9 4.78 -58.75 -6.94
N ILE C 10 5.15 -58.28 -5.75
CA ILE C 10 4.17 -57.83 -4.76
C ILE C 10 4.42 -56.39 -4.37
N TRP C 11 3.37 -55.57 -4.35
CA TRP C 11 3.47 -54.19 -3.88
C TRP C 11 2.78 -54.03 -2.54
N ILE C 12 3.50 -53.46 -1.58
CA ILE C 12 2.92 -53.17 -0.27
C ILE C 12 3.47 -51.83 0.23
N ASN C 13 2.67 -51.11 1.00
CA ASN C 13 3.07 -49.79 1.47
C ASN C 13 4.27 -49.86 2.40
N GLY C 14 5.09 -48.81 2.38
CA GLY C 14 6.36 -48.81 3.09
C GLY C 14 6.29 -48.84 4.61
N ASP C 15 5.14 -48.52 5.18
CA ASP C 15 4.99 -48.53 6.63
C ASP C 15 4.55 -49.88 7.14
N LYS C 16 4.43 -50.84 6.23
CA LYS C 16 3.98 -52.18 6.56
C LYS C 16 5.14 -53.17 6.62
N GLY C 17 4.90 -54.36 7.16
CA GLY C 17 5.96 -55.33 7.36
C GLY C 17 6.43 -56.05 6.11
N TYR C 18 7.14 -55.34 5.24
CA TYR C 18 7.50 -55.92 3.95
C TYR C 18 8.65 -56.93 4.04
N ASN C 19 9.49 -56.84 5.06
CA ASN C 19 10.58 -57.81 5.23
C ASN C 19 10.07 -59.20 5.65
N GLY C 20 9.10 -59.23 6.56
CA GLY C 20 8.46 -60.47 6.94
C GLY C 20 7.78 -61.08 5.74
N LEU C 21 7.08 -60.24 4.98
CA LEU C 21 6.46 -60.70 3.75
C LEU C 21 7.52 -61.24 2.80
N ALA C 22 8.67 -60.56 2.75
CA ALA C 22 9.78 -61.05 1.94
C ALA C 22 10.23 -62.44 2.41
N GLU C 23 10.25 -62.64 3.73
CA GLU C 23 10.55 -63.97 4.28
C GLU C 23 9.52 -65.01 3.82
N VAL C 24 8.24 -64.66 3.88
CA VAL C 24 7.18 -65.55 3.39
C VAL C 24 7.42 -65.89 1.92
N GLY C 25 7.80 -64.87 1.15
CA GLY C 25 8.17 -65.06 -0.25
C GLY C 25 9.37 -65.98 -0.43
N LYS C 26 10.34 -65.87 0.47
CA LYS C 26 11.50 -66.75 0.41
C LYS C 26 11.11 -68.20 0.69
N LYS C 27 10.23 -68.42 1.68
CA LYS C 27 9.72 -69.77 1.94
C LYS C 27 8.99 -70.30 0.70
N PHE C 28 8.16 -69.45 0.09
CA PHE C 28 7.49 -69.83 -1.16
C PHE C 28 8.52 -70.23 -2.24
N GLU C 29 9.59 -69.45 -2.37
CA GLU C 29 10.66 -69.80 -3.32
C GLU C 29 11.31 -71.14 -2.96
N LYS C 30 11.56 -71.36 -1.68
CA LYS C 30 12.16 -72.62 -1.22
C LYS C 30 11.31 -73.80 -1.66
N ASP C 31 10.03 -73.73 -1.33
CA ASP C 31 9.14 -74.84 -1.60
C ASP C 31 8.76 -75.00 -3.08
N THR C 32 8.54 -73.88 -3.77
CA THR C 32 7.98 -73.91 -5.12
C THR C 32 8.99 -73.66 -6.22
N GLY C 33 10.06 -72.93 -5.90
CA GLY C 33 11.06 -72.57 -6.88
C GLY C 33 10.77 -71.28 -7.62
N ILE C 34 9.61 -70.67 -7.36
CA ILE C 34 9.23 -69.40 -8.00
C ILE C 34 9.69 -68.22 -7.14
N LYS C 35 10.46 -67.31 -7.74
CA LYS C 35 11.02 -66.16 -7.01
C LYS C 35 9.96 -65.09 -6.69
N VAL C 36 10.08 -64.51 -5.49
CA VAL C 36 9.15 -63.49 -5.01
C VAL C 36 9.87 -62.17 -4.69
N THR C 37 9.50 -61.12 -5.40
CA THR C 37 10.11 -59.81 -5.20
C THR C 37 9.10 -58.87 -4.54
N VAL C 38 9.39 -58.50 -3.29
CA VAL C 38 8.53 -57.58 -2.54
C VAL C 38 9.10 -56.17 -2.66
N GLU C 39 8.28 -55.25 -3.14
CA GLU C 39 8.66 -53.86 -3.33
C GLU C 39 7.70 -52.95 -2.59
N HIS C 40 8.17 -51.77 -2.22
CA HIS C 40 7.33 -50.80 -1.51
C HIS C 40 7.47 -49.41 -2.11
N PRO C 41 7.05 -49.24 -3.37
CA PRO C 41 7.20 -47.93 -4.01
C PRO C 41 6.32 -46.88 -3.34
N ASP C 42 6.73 -45.62 -3.47
CA ASP C 42 5.95 -44.53 -2.91
C ASP C 42 4.70 -44.31 -3.75
N LYS C 43 3.60 -43.98 -3.10
CA LYS C 43 2.34 -43.71 -3.77
C LYS C 43 1.92 -44.86 -4.66
N LEU C 44 2.05 -46.10 -4.18
CA LEU C 44 1.74 -47.26 -4.99
C LEU C 44 0.25 -47.27 -5.35
N GLU C 45 -0.58 -46.74 -4.45
CA GLU C 45 -2.03 -46.74 -4.66
C GLU C 45 -2.41 -45.83 -5.84
N GLU C 46 -1.54 -44.88 -6.16
CA GLU C 46 -1.74 -44.02 -7.33
C GLU C 46 -1.14 -44.64 -8.58
N LYS C 47 0.05 -45.24 -8.43
CA LYS C 47 0.78 -45.75 -9.58
C LYS C 47 0.12 -47.00 -10.16
N PHE C 48 -0.38 -47.87 -9.30
CA PHE C 48 -0.95 -49.13 -9.77
C PHE C 48 -1.98 -48.93 -10.88
N PRO C 49 -3.00 -48.09 -10.64
CA PRO C 49 -4.00 -47.91 -11.72
C PRO C 49 -3.41 -47.26 -12.97
N GLN C 50 -2.33 -46.51 -12.83
CA GLN C 50 -1.68 -45.94 -14.00
C GLN C 50 -0.99 -47.04 -14.81
N VAL C 51 -0.15 -47.82 -14.14
CA VAL C 51 0.68 -48.81 -14.83
C VAL C 51 -0.05 -50.11 -15.23
N ALA C 52 -0.97 -50.56 -14.39
CA ALA C 52 -1.64 -51.86 -14.61
C ALA C 52 -2.33 -51.96 -15.97
N ALA C 53 -2.86 -50.85 -16.47
CA ALA C 53 -3.56 -50.84 -17.75
C ALA C 53 -2.62 -51.21 -18.89
N THR C 54 -1.36 -50.79 -18.77
CA THR C 54 -0.33 -51.10 -19.77
C THR C 54 0.29 -52.49 -19.53
N GLY C 55 -0.05 -53.10 -18.41
CA GLY C 55 0.41 -54.45 -18.11
C GLY C 55 1.76 -54.56 -17.43
N ASP C 56 2.27 -53.44 -16.90
CA ASP C 56 3.56 -53.45 -16.20
C ASP C 56 3.35 -53.23 -14.70
N GLY C 57 2.18 -53.62 -14.20
CA GLY C 57 1.91 -53.62 -12.77
C GLY C 57 2.42 -54.90 -12.12
N PRO C 58 2.38 -54.96 -10.78
CA PRO C 58 2.82 -56.16 -10.04
C PRO C 58 1.83 -57.30 -10.17
N ASP C 59 2.19 -58.47 -9.67
CA ASP C 59 1.29 -59.61 -9.66
C ASP C 59 0.27 -59.48 -8.52
N ILE C 60 0.74 -59.01 -7.37
CA ILE C 60 -0.12 -58.78 -6.20
C ILE C 60 0.01 -57.34 -5.74
N ILE C 61 -1.11 -56.74 -5.32
CA ILE C 61 -1.08 -55.40 -4.72
C ILE C 61 -1.73 -55.38 -3.34
N PHE C 62 -0.97 -54.92 -2.34
CA PHE C 62 -1.49 -54.78 -0.98
C PHE C 62 -1.92 -53.35 -0.70
N TRP C 63 -3.12 -53.21 -0.14
CA TRP C 63 -3.59 -51.91 0.34
C TRP C 63 -4.86 -52.10 1.16
N ALA C 64 -5.28 -51.04 1.85
CA ALA C 64 -6.58 -51.05 2.50
C ALA C 64 -7.64 -51.26 1.42
N HIS C 65 -8.77 -51.84 1.80
CA HIS C 65 -9.77 -52.25 0.83
C HIS C 65 -10.35 -51.11 0.00
N ASP C 66 -10.31 -49.90 0.56
CA ASP C 66 -11.05 -48.77 -0.01
C ASP C 66 -10.64 -48.40 -1.44
N ARG C 67 -9.41 -48.72 -1.82
CA ARG C 67 -8.96 -48.47 -3.19
C ARG C 67 -9.49 -49.51 -4.16
N PHE C 68 -9.69 -50.73 -3.67
CA PHE C 68 -9.79 -51.90 -4.54
C PHE C 68 -11.05 -51.89 -5.37
N GLY C 69 -12.12 -51.28 -4.85
CA GLY C 69 -13.34 -51.16 -5.61
C GLY C 69 -13.08 -50.29 -6.82
N GLY C 70 -12.16 -49.34 -6.70
CA GLY C 70 -11.86 -48.47 -7.81
C GLY C 70 -11.20 -49.31 -8.87
N TYR C 71 -10.10 -49.94 -8.49
CA TYR C 71 -9.34 -50.81 -9.38
C TYR C 71 -10.29 -51.79 -10.05
N ALA C 72 -11.13 -52.41 -9.22
CA ALA C 72 -12.06 -53.42 -9.67
C ALA C 72 -12.99 -52.85 -10.73
N GLN C 73 -13.36 -51.58 -10.58
CA GLN C 73 -14.31 -50.98 -11.52
C GLN C 73 -13.57 -50.79 -12.83
N SER C 74 -12.25 -50.67 -12.76
CA SER C 74 -11.44 -50.40 -13.95
C SER C 74 -10.97 -51.72 -14.57
N GLY C 75 -11.38 -52.84 -13.98
CA GLY C 75 -11.04 -54.15 -14.50
C GLY C 75 -9.56 -54.47 -14.31
N LEU C 76 -9.01 -53.97 -13.21
CA LEU C 76 -7.58 -54.09 -12.91
C LEU C 76 -7.29 -55.24 -11.97
N LEU C 77 -8.35 -55.81 -11.41
CA LEU C 77 -8.25 -56.88 -10.42
C LEU C 77 -8.90 -58.16 -10.94
N ALA C 78 -8.18 -59.27 -10.82
CA ALA C 78 -8.71 -60.57 -11.15
C ALA C 78 -9.66 -61.00 -10.04
N GLU C 79 -10.77 -61.63 -10.41
CA GLU C 79 -11.68 -62.15 -9.39
C GLU C 79 -11.00 -63.29 -8.66
N ILE C 80 -11.08 -63.25 -7.34
CA ILE C 80 -10.50 -64.30 -6.52
C ILE C 80 -11.53 -65.39 -6.35
N THR C 81 -11.06 -66.63 -6.27
CA THR C 81 -11.96 -67.78 -6.28
C THR C 81 -11.58 -68.78 -5.19
N PRO C 82 -11.76 -68.37 -3.92
CA PRO C 82 -11.49 -69.28 -2.80
C PRO C 82 -12.65 -70.24 -2.55
N ASP C 83 -12.35 -71.49 -2.22
CA ASP C 83 -13.37 -72.46 -1.83
C ASP C 83 -13.93 -72.11 -0.44
N LYS C 84 -15.06 -72.73 -0.08
CA LYS C 84 -15.72 -72.44 1.18
C LYS C 84 -14.81 -72.71 2.38
N ALA C 85 -14.07 -73.80 2.28
CA ALA C 85 -13.16 -74.22 3.35
C ALA C 85 -12.21 -73.11 3.71
N PHE C 86 -11.69 -72.44 2.68
CA PHE C 86 -10.76 -71.33 2.88
C PHE C 86 -11.47 -70.09 3.45
N GLN C 87 -12.65 -69.81 2.91
CA GLN C 87 -13.49 -68.72 3.38
C GLN C 87 -13.84 -68.88 4.86
N ASP C 88 -13.96 -70.11 5.32
CA ASP C 88 -14.29 -70.35 6.72
C ASP C 88 -13.23 -69.83 7.70
N LYS C 89 -11.96 -69.87 7.30
CA LYS C 89 -10.90 -69.38 8.17
C LYS C 89 -10.95 -67.88 8.51
N LEU C 90 -11.58 -67.08 7.66
CA LEU C 90 -11.62 -65.63 7.87
C LEU C 90 -13.00 -65.13 8.28
N TYR C 91 -13.03 -63.97 8.93
CA TYR C 91 -14.27 -63.35 9.39
C TYR C 91 -15.10 -62.86 8.20
N PRO C 92 -16.44 -63.06 8.24
CA PRO C 92 -17.29 -62.58 7.14
C PRO C 92 -17.16 -61.08 6.82
N PHE C 93 -17.06 -60.23 7.84
CA PHE C 93 -17.04 -58.78 7.60
C PHE C 93 -15.78 -58.36 6.83
N THR C 94 -14.69 -59.11 6.99
CA THR C 94 -13.47 -58.82 6.24
C THR C 94 -13.73 -59.12 4.76
N TRP C 95 -14.47 -60.21 4.51
CA TRP C 95 -14.89 -60.54 3.15
C TRP C 95 -15.83 -59.49 2.61
N ASP C 96 -16.77 -59.05 3.45
CA ASP C 96 -17.70 -58.00 3.08
C ASP C 96 -16.92 -56.78 2.62
N ALA C 97 -15.89 -56.43 3.38
CA ALA C 97 -15.03 -55.28 3.04
C ALA C 97 -14.40 -55.37 1.65
N VAL C 98 -14.12 -56.59 1.21
CA VAL C 98 -13.47 -56.80 -0.10
C VAL C 98 -14.46 -57.30 -1.15
N ARG C 99 -15.75 -57.03 -0.94
CA ARG C 99 -16.80 -57.47 -1.86
C ARG C 99 -17.22 -56.27 -2.70
N TYR C 100 -17.23 -56.41 -4.03
CA TYR C 100 -17.64 -55.31 -4.90
C TYR C 100 -18.55 -55.77 -6.05
N ASN C 101 -19.77 -55.24 -6.07
CA ASN C 101 -20.76 -55.65 -7.06
C ASN C 101 -20.89 -57.17 -7.14
N GLY C 102 -20.96 -57.80 -5.98
CA GLY C 102 -21.19 -59.24 -5.91
C GLY C 102 -19.99 -60.10 -6.28
N LYS C 103 -18.83 -59.48 -6.45
CA LYS C 103 -17.60 -60.21 -6.80
C LYS C 103 -16.53 -59.95 -5.76
N LEU C 104 -15.72 -60.97 -5.47
CA LEU C 104 -14.58 -60.79 -4.57
C LEU C 104 -13.35 -60.32 -5.34
N ILE C 105 -12.82 -59.17 -4.93
CA ILE C 105 -11.76 -58.49 -5.67
C ILE C 105 -10.42 -58.46 -4.93
N ALA C 106 -10.39 -59.05 -3.74
CA ALA C 106 -9.15 -59.12 -2.97
C ALA C 106 -9.29 -60.06 -1.77
N TYR C 107 -8.13 -60.50 -1.27
CA TYR C 107 -8.06 -61.30 -0.04
C TYR C 107 -7.85 -60.40 1.18
N PRO C 108 -8.75 -60.51 2.19
CA PRO C 108 -8.54 -59.69 3.39
C PRO C 108 -7.40 -60.18 4.26
N ILE C 109 -6.56 -59.25 4.70
CA ILE C 109 -5.39 -59.58 5.51
C ILE C 109 -5.59 -59.14 6.94
N ALA C 110 -5.92 -57.87 7.14
CA ALA C 110 -6.01 -57.36 8.51
C ALA C 110 -6.86 -56.12 8.71
N VAL C 111 -7.42 -56.01 9.91
CA VAL C 111 -8.20 -54.84 10.33
C VAL C 111 -7.30 -53.77 10.95
N GLU C 112 -7.47 -52.53 10.50
CA GLU C 112 -6.67 -51.38 10.92
C GLU C 112 -7.56 -50.27 11.44
N ALA C 113 -7.18 -49.71 12.59
CA ALA C 113 -7.86 -48.55 13.13
C ALA C 113 -6.90 -47.69 13.96
N LEU C 114 -7.05 -46.37 13.89
CA LEU C 114 -6.19 -45.46 14.64
C LEU C 114 -6.53 -45.49 16.11
N SER C 115 -5.50 -45.34 16.94
CA SER C 115 -5.66 -45.29 18.37
C SER C 115 -4.90 -44.12 18.95
N LEU C 116 -5.18 -43.81 20.22
CA LEU C 116 -4.39 -42.81 20.92
C LEU C 116 -3.20 -43.54 21.52
N ILE C 117 -2.00 -43.14 21.12
CA ILE C 117 -0.79 -43.71 21.70
C ILE C 117 -0.25 -42.66 22.67
N TYR C 118 0.05 -43.07 23.90
CA TYR C 118 0.49 -42.11 24.91
C TYR C 118 1.67 -42.62 25.74
N ASN C 119 2.52 -41.69 26.12
CA ASN C 119 3.67 -41.94 26.98
C ASN C 119 3.24 -42.05 28.44
N LYS C 120 3.36 -43.25 29.02
CA LYS C 120 2.92 -43.47 30.39
C LYS C 120 3.71 -42.66 31.41
N ASP C 121 5.01 -42.48 31.15
CA ASP C 121 5.89 -41.77 32.08
C ASP C 121 5.67 -40.26 32.08
N LEU C 122 5.49 -39.68 30.91
CA LEU C 122 5.21 -38.25 30.78
C LEU C 122 3.76 -37.96 31.16
N LEU C 123 2.91 -38.98 31.00
CA LEU C 123 1.47 -38.80 31.10
C LEU C 123 0.78 -40.11 31.52
N PRO C 124 0.75 -40.40 32.84
CA PRO C 124 0.20 -41.68 33.28
C PRO C 124 -1.30 -41.81 33.03
N ASN C 125 -2.02 -40.68 33.11
CA ASN C 125 -3.45 -40.66 32.86
C ASN C 125 -3.79 -39.83 31.60
N PRO C 126 -3.94 -40.51 30.46
CA PRO C 126 -4.23 -39.78 29.22
C PRO C 126 -5.63 -39.20 29.20
N PRO C 127 -5.83 -38.09 28.49
CA PRO C 127 -7.14 -37.43 28.49
C PRO C 127 -8.20 -38.21 27.72
N LYS C 128 -9.42 -38.25 28.26
CA LYS C 128 -10.54 -38.92 27.60
C LYS C 128 -11.20 -38.02 26.57
N THR C 129 -10.93 -36.71 26.65
CA THR C 129 -11.57 -35.73 25.78
C THR C 129 -10.52 -34.89 25.03
N TRP C 130 -10.87 -34.44 23.83
CA TRP C 130 -10.01 -33.54 23.05
C TRP C 130 -9.87 -32.17 23.73
N GLU C 131 -10.94 -31.72 24.37
CA GLU C 131 -10.99 -30.39 24.96
C GLU C 131 -9.95 -30.21 26.08
N GLU C 132 -9.53 -31.31 26.69
CA GLU C 132 -8.52 -31.27 27.76
C GLU C 132 -7.12 -30.88 27.27
N ILE C 133 -6.84 -31.17 26.01
CA ILE C 133 -5.47 -31.17 25.49
C ILE C 133 -4.76 -29.81 25.51
N PRO C 134 -5.45 -28.72 25.13
CA PRO C 134 -4.80 -27.40 25.17
C PRO C 134 -4.22 -27.08 26.54
N ALA C 135 -5.01 -27.36 27.59
CA ALA C 135 -4.57 -27.17 28.97
C ALA C 135 -3.35 -28.04 29.29
N LEU C 136 -3.38 -29.28 28.82
CA LEU C 136 -2.30 -30.24 29.04
C LEU C 136 -1.01 -29.78 28.35
N ASP C 137 -1.17 -29.22 27.16
CA ASP C 137 -0.05 -28.74 26.38
C ASP C 137 0.70 -27.65 27.16
N LYS C 138 -0.05 -26.79 27.84
CA LYS C 138 0.56 -25.77 28.71
C LYS C 138 1.50 -26.38 29.77
N GLU C 139 0.97 -27.34 30.51
CA GLU C 139 1.73 -28.04 31.54
C GLU C 139 2.98 -28.66 30.95
N LEU C 140 2.82 -29.34 29.83
CA LEU C 140 3.97 -29.98 29.21
C LEU C 140 4.98 -28.98 28.64
N LYS C 141 4.48 -27.88 28.09
CA LYS C 141 5.37 -26.86 27.52
C LYS C 141 6.19 -26.18 28.60
N ALA C 142 5.59 -26.03 29.78
CA ALA C 142 6.33 -25.49 30.92
C ALA C 142 7.66 -26.23 31.15
N LYS C 143 7.67 -27.54 30.90
CA LYS C 143 8.88 -28.36 31.06
C LYS C 143 9.41 -28.81 29.70
N GLY C 144 9.27 -27.95 28.69
CA GLY C 144 9.90 -28.13 27.39
C GLY C 144 9.38 -29.27 26.54
N LYS C 145 8.12 -29.62 26.71
CA LYS C 145 7.49 -30.73 25.99
C LYS C 145 6.19 -30.27 25.33
N SER C 146 5.61 -31.11 24.47
CA SER C 146 4.32 -30.82 23.85
C SER C 146 3.33 -31.94 24.14
N ALA C 147 2.05 -31.67 24.03
CA ALA C 147 1.02 -32.67 24.35
C ALA C 147 0.81 -33.67 23.23
N LEU C 148 0.56 -33.18 22.03
CA LEU C 148 0.12 -34.03 20.92
C LEU C 148 0.77 -33.67 19.60
N MET C 149 1.22 -34.70 18.90
CA MET C 149 1.71 -34.56 17.53
C MET C 149 1.30 -35.79 16.74
N PHE C 150 0.70 -35.56 15.58
CA PHE C 150 0.36 -36.66 14.68
C PHE C 150 0.31 -36.13 13.27
N ASN C 151 0.27 -37.06 12.31
CA ASN C 151 0.33 -36.72 10.89
C ASN C 151 -0.87 -35.87 10.43
N LEU C 152 -0.59 -34.63 10.03
CA LEU C 152 -1.63 -33.73 9.55
C LEU C 152 -1.67 -33.64 8.04
N GLN C 153 -0.79 -34.38 7.37
CA GLN C 153 -0.69 -34.33 5.92
C GLN C 153 -1.60 -35.37 5.25
N GLU C 154 -2.13 -36.29 6.05
CA GLU C 154 -3.04 -37.31 5.56
C GLU C 154 -4.37 -37.26 6.29
N PRO C 155 -5.47 -37.04 5.55
CA PRO C 155 -6.77 -36.84 6.21
C PRO C 155 -7.23 -38.03 7.04
N TYR C 156 -6.60 -39.17 6.80
CA TYR C 156 -6.86 -40.39 7.53
C TYR C 156 -6.78 -40.14 9.04
N PHE C 157 -5.80 -39.33 9.44
CA PHE C 157 -5.50 -39.10 10.85
C PHE C 157 -6.39 -38.04 11.49
N THR C 158 -6.86 -37.09 10.70
CA THR C 158 -7.69 -36.00 11.21
C THR C 158 -9.18 -36.33 11.09
N TRP C 159 -9.49 -37.33 10.28
CA TRP C 159 -10.86 -37.74 10.04
C TRP C 159 -11.61 -38.14 11.31
N PRO C 160 -10.96 -38.87 12.23
CA PRO C 160 -11.67 -39.30 13.44
C PRO C 160 -12.27 -38.13 14.21
N LEU C 161 -11.54 -37.02 14.26
CA LEU C 161 -12.02 -35.81 14.91
C LEU C 161 -13.15 -35.18 14.11
N ILE C 162 -12.95 -35.11 12.80
CA ILE C 162 -13.96 -34.55 11.91
C ILE C 162 -15.28 -35.32 11.99
N ALA C 163 -15.16 -36.65 12.01
CA ALA C 163 -16.30 -37.54 11.95
C ALA C 163 -17.04 -37.59 13.27
N ALA C 164 -16.37 -37.19 14.34
CA ALA C 164 -16.89 -37.35 15.71
C ALA C 164 -18.31 -36.83 15.89
N ASP C 165 -18.54 -35.56 15.53
CA ASP C 165 -19.82 -34.90 15.81
C ASP C 165 -20.83 -35.02 14.66
N GLY C 166 -20.48 -35.79 13.63
CA GLY C 166 -21.45 -36.13 12.58
C GLY C 166 -20.98 -35.90 11.16
N GLY C 167 -19.68 -35.75 10.96
CA GLY C 167 -19.12 -35.72 9.62
C GLY C 167 -19.13 -37.12 9.06
N TYR C 168 -19.35 -37.25 7.75
CA TYR C 168 -19.29 -38.55 7.10
C TYR C 168 -18.87 -38.41 5.64
N ALA C 169 -18.45 -39.54 5.05
CA ALA C 169 -17.99 -39.55 3.66
C ALA C 169 -19.16 -39.57 2.72
N PHE C 170 -19.78 -40.73 2.60
CA PHE C 170 -21.00 -40.89 1.81
C PHE C 170 -22.06 -41.49 2.71
N LYS C 171 -23.27 -40.97 2.60
CA LYS C 171 -24.36 -41.40 3.47
C LYS C 171 -24.77 -42.82 3.06
N TYR C 172 -24.73 -43.72 4.04
CA TYR C 172 -25.07 -45.11 3.83
C TYR C 172 -26.59 -45.28 3.94
N GLU C 173 -27.21 -45.60 2.81
CA GLU C 173 -28.67 -45.66 2.70
C GLU C 173 -29.09 -46.76 1.74
N ASN C 174 -30.14 -47.49 2.07
CA ASN C 174 -30.62 -48.60 1.22
C ASN C 174 -29.53 -49.61 0.92
N GLY C 175 -28.68 -49.86 1.92
CA GLY C 175 -27.67 -50.89 1.78
C GLY C 175 -26.60 -50.40 0.82
N LYS C 176 -26.68 -49.11 0.48
CA LYS C 176 -25.82 -48.50 -0.55
C LYS C 176 -25.34 -47.10 -0.16
N TYR C 177 -24.30 -46.64 -0.83
CA TYR C 177 -23.76 -45.31 -0.57
C TYR C 177 -24.35 -44.28 -1.53
N ASP C 178 -24.83 -43.16 -0.99
CA ASP C 178 -25.35 -42.07 -1.83
C ASP C 178 -24.25 -41.09 -2.26
N ILE C 179 -23.91 -41.14 -3.55
CA ILE C 179 -22.81 -40.35 -4.10
C ILE C 179 -23.16 -38.86 -4.12
N LYS C 180 -24.43 -38.54 -3.92
CA LYS C 180 -24.87 -37.13 -3.91
C LYS C 180 -24.87 -36.52 -2.51
N ASP C 181 -25.01 -37.36 -1.50
CA ASP C 181 -24.98 -36.92 -0.11
C ASP C 181 -23.60 -37.08 0.56
N VAL C 182 -22.79 -36.02 0.53
CA VAL C 182 -21.47 -36.03 1.16
C VAL C 182 -21.53 -35.24 2.47
N GLY C 183 -20.89 -35.75 3.52
CA GLY C 183 -20.99 -35.16 4.83
C GLY C 183 -19.75 -34.45 5.36
N VAL C 184 -19.06 -33.70 4.50
CA VAL C 184 -17.82 -33.05 4.93
C VAL C 184 -17.98 -31.57 5.31
N ASP C 185 -19.11 -30.96 4.96
CA ASP C 185 -19.31 -29.52 5.26
C ASP C 185 -20.46 -29.29 6.24
N ASN C 186 -20.83 -30.31 7.00
CA ASN C 186 -21.86 -30.16 8.02
C ASN C 186 -21.25 -29.58 9.30
N ALA C 187 -22.10 -29.28 10.28
CA ALA C 187 -21.66 -28.60 11.49
C ALA C 187 -20.55 -29.36 12.25
N GLY C 188 -20.67 -30.67 12.34
CA GLY C 188 -19.72 -31.45 13.11
C GLY C 188 -18.32 -31.39 12.53
N ALA C 189 -18.26 -31.50 11.21
CA ALA C 189 -16.99 -31.45 10.49
C ALA C 189 -16.33 -30.09 10.69
N LYS C 190 -17.11 -29.02 10.51
CA LYS C 190 -16.64 -27.66 10.69
C LYS C 190 -16.14 -27.46 12.11
N ALA C 191 -16.88 -28.02 13.07
CA ALA C 191 -16.50 -27.94 14.47
C ALA C 191 -15.14 -28.60 14.70
N GLY C 192 -15.03 -29.88 14.28
CA GLY C 192 -13.82 -30.64 14.46
C GLY C 192 -12.62 -29.99 13.80
N LEU C 193 -12.77 -29.63 12.54
CA LEU C 193 -11.68 -29.03 11.82
C LEU C 193 -11.34 -27.66 12.41
N THR C 194 -12.36 -26.90 12.80
CA THR C 194 -12.12 -25.61 13.46
C THR C 194 -11.29 -25.84 14.72
N PHE C 195 -11.65 -26.85 15.50
CA PHE C 195 -10.91 -27.17 16.71
C PHE C 195 -9.43 -27.50 16.41
N LEU C 196 -9.23 -28.34 15.40
CA LEU C 196 -7.87 -28.65 14.95
C LEU C 196 -7.11 -27.36 14.62
N VAL C 197 -7.74 -26.54 13.78
CA VAL C 197 -7.14 -25.29 13.36
C VAL C 197 -6.91 -24.41 14.57
N ASP C 198 -7.80 -24.48 15.55
CA ASP C 198 -7.64 -23.72 16.77
C ASP C 198 -6.42 -24.19 17.57
N LEU C 199 -6.24 -25.51 17.66
CA LEU C 199 -5.04 -26.04 18.29
C LEU C 199 -3.82 -25.47 17.62
N ILE C 200 -3.85 -25.43 16.29
CA ILE C 200 -2.72 -24.88 15.56
C ILE C 200 -2.54 -23.38 15.80
N LYS C 201 -3.64 -22.64 15.77
CA LYS C 201 -3.64 -21.19 15.96
C LYS C 201 -3.01 -20.81 17.29
N ASN C 202 -3.37 -21.54 18.34
CA ASN C 202 -2.87 -21.28 19.69
C ASN C 202 -1.52 -21.94 19.93
N LYS C 203 -0.89 -22.41 18.86
CA LYS C 203 0.49 -22.91 18.90
C LYS C 203 0.66 -24.20 19.70
N HIS C 204 -0.42 -24.99 19.82
CA HIS C 204 -0.33 -26.29 20.48
C HIS C 204 0.05 -27.37 19.47
N MET C 205 -0.09 -27.07 18.19
CA MET C 205 0.38 -27.96 17.14
C MET C 205 0.88 -27.17 15.93
N ASN C 206 1.66 -27.84 15.07
CA ASN C 206 2.20 -27.24 13.86
C ASN C 206 1.53 -27.79 12.61
N ALA C 207 1.15 -26.93 11.69
CA ALA C 207 0.41 -27.35 10.50
C ALA C 207 1.21 -28.29 9.57
N ASP C 208 2.54 -28.17 9.57
CA ASP C 208 3.36 -28.93 8.65
C ASP C 208 3.68 -30.34 9.18
N THR C 209 3.18 -30.68 10.37
CA THR C 209 3.54 -31.95 11.01
C THR C 209 3.14 -33.14 10.15
N ASP C 210 4.10 -34.01 9.89
CA ASP C 210 3.86 -35.21 9.10
C ASP C 210 4.18 -36.49 9.88
N TYR C 211 4.15 -37.62 9.21
CA TYR C 211 4.33 -38.92 9.87
C TYR C 211 5.66 -39.06 10.60
N SER C 212 6.75 -38.81 9.90
CA SER C 212 8.07 -39.02 10.47
C SER C 212 8.33 -38.03 11.59
N ILE C 213 7.85 -36.80 11.43
CA ILE C 213 8.03 -35.81 12.47
C ILE C 213 7.32 -36.25 13.74
N ALA C 214 6.04 -36.61 13.62
CA ALA C 214 5.28 -37.02 14.78
C ALA C 214 5.89 -38.25 15.42
N GLU C 215 6.29 -39.20 14.59
CA GLU C 215 6.92 -40.42 15.08
C GLU C 215 8.18 -40.09 15.86
N HIS C 216 9.04 -39.27 15.26
CA HIS C 216 10.26 -38.84 15.92
C HIS C 216 9.94 -38.22 17.26
N ALA C 217 9.02 -37.25 17.25
CA ALA C 217 8.69 -36.51 18.45
C ALA C 217 8.27 -37.48 19.53
N PHE C 218 7.35 -38.39 19.19
CA PHE C 218 6.87 -39.30 20.21
C PHE C 218 7.96 -40.25 20.70
N ASN C 219 8.69 -40.86 19.78
CA ASN C 219 9.67 -41.88 20.15
C ASN C 219 10.85 -41.30 20.94
N HIS C 220 11.08 -40.00 20.80
CA HIS C 220 12.13 -39.32 21.56
C HIS C 220 11.57 -38.66 22.82
N GLY C 221 10.33 -38.94 23.16
CA GLY C 221 9.77 -38.48 24.42
C GLY C 221 9.56 -36.98 24.44
N GLU C 222 9.51 -36.38 23.25
CA GLU C 222 9.34 -34.93 23.10
C GLU C 222 7.87 -34.53 23.14
N THR C 223 6.99 -35.47 22.78
CA THR C 223 5.55 -35.24 22.85
C THR C 223 4.91 -36.39 23.62
N ALA C 224 3.87 -36.06 24.38
CA ALA C 224 3.28 -37.02 25.31
C ALA C 224 2.38 -38.03 24.62
N MET C 225 1.80 -37.59 23.50
CA MET C 225 0.83 -38.41 22.79
C MET C 225 1.03 -38.34 21.29
N THR C 226 0.52 -39.35 20.60
CA THR C 226 0.44 -39.33 19.15
C THR C 226 -0.78 -40.15 18.73
N ILE C 227 -1.14 -40.05 17.46
CA ILE C 227 -2.23 -40.84 16.90
C ILE C 227 -1.69 -41.68 15.74
N ASN C 228 -1.83 -43.00 15.83
CA ASN C 228 -1.29 -43.88 14.80
C ASN C 228 -1.92 -45.28 14.83
N GLY C 229 -1.49 -46.12 13.91
CA GLY C 229 -2.01 -47.49 13.81
C GLY C 229 -1.01 -48.51 14.32
N PRO C 230 -1.40 -49.80 14.29
CA PRO C 230 -0.57 -50.89 14.80
C PRO C 230 0.85 -50.90 14.23
N TRP C 231 0.97 -50.71 12.92
CA TRP C 231 2.27 -50.72 12.24
C TRP C 231 3.33 -49.85 12.93
N ALA C 232 2.88 -48.83 13.65
CA ALA C 232 3.80 -47.88 14.28
C ALA C 232 4.51 -48.46 15.51
N TRP C 233 3.90 -49.47 16.13
CA TRP C 233 4.37 -49.96 17.43
C TRP C 233 5.81 -50.45 17.37
N SER C 234 6.16 -51.14 16.29
CA SER C 234 7.47 -51.75 16.16
C SER C 234 8.59 -50.75 16.41
N ASN C 235 8.47 -49.57 15.82
CA ASN C 235 9.47 -48.54 16.04
C ASN C 235 9.41 -47.98 17.45
N ILE C 236 8.24 -48.03 18.09
CA ILE C 236 8.11 -47.49 19.44
C ILE C 236 8.76 -48.47 20.39
N ASP C 237 8.43 -49.76 20.22
CA ASP C 237 9.05 -50.83 20.97
C ASP C 237 10.57 -50.67 20.98
N THR C 238 11.12 -50.41 19.81
CA THR C 238 12.56 -50.18 19.66
C THR C 238 13.01 -48.95 20.46
N SER C 239 12.13 -47.96 20.60
CA SER C 239 12.51 -46.70 21.25
C SER C 239 12.54 -46.89 22.76
N LYS C 240 12.02 -48.02 23.22
CA LYS C 240 12.00 -48.36 24.65
C LYS C 240 11.21 -47.32 25.45
N VAL C 241 10.37 -46.55 24.77
CA VAL C 241 9.45 -45.65 25.46
C VAL C 241 8.35 -46.49 26.08
N ASN C 242 8.06 -46.25 27.35
CA ASN C 242 6.98 -46.96 28.02
C ASN C 242 5.68 -46.32 27.59
N TYR C 243 5.00 -46.98 26.65
CA TYR C 243 3.84 -46.41 26.00
C TYR C 243 2.60 -47.25 26.21
N GLY C 244 1.45 -46.61 26.06
CA GLY C 244 0.17 -47.29 26.07
C GLY C 244 -0.64 -46.93 24.84
N VAL C 245 -1.40 -47.90 24.37
CA VAL C 245 -2.32 -47.71 23.26
C VAL C 245 -3.73 -47.72 23.85
N THR C 246 -4.48 -46.64 23.61
CA THR C 246 -5.79 -46.50 24.22
C THR C 246 -6.81 -45.85 23.27
N VAL C 247 -8.06 -45.81 23.71
CA VAL C 247 -9.15 -45.22 22.96
C VAL C 247 -8.89 -43.74 22.70
N LEU C 248 -9.25 -43.29 21.50
CA LEU C 248 -9.07 -41.90 21.10
C LEU C 248 -9.92 -40.99 21.98
N PRO C 249 -9.53 -39.72 22.09
CA PRO C 249 -10.32 -38.80 22.93
C PRO C 249 -11.69 -38.51 22.33
N THR C 250 -12.68 -38.25 23.19
CA THR C 250 -14.00 -37.84 22.72
C THR C 250 -13.98 -36.35 22.37
N PHE C 251 -14.92 -35.94 21.51
CA PHE C 251 -15.07 -34.52 21.16
C PHE C 251 -16.53 -34.15 21.28
N LYS C 252 -16.81 -33.11 22.06
CA LYS C 252 -18.19 -32.72 22.38
C LYS C 252 -18.98 -33.91 22.93
N GLY C 253 -18.32 -34.66 23.80
CA GLY C 253 -18.97 -35.78 24.47
C GLY C 253 -19.21 -36.96 23.55
N GLN C 254 -18.60 -36.92 22.37
CA GLN C 254 -18.77 -37.97 21.37
C GLN C 254 -17.43 -38.57 20.97
N PRO C 255 -17.39 -39.89 20.72
CA PRO C 255 -16.13 -40.59 20.42
C PRO C 255 -15.57 -40.23 19.05
N SER C 256 -14.24 -40.20 18.94
CA SER C 256 -13.61 -40.06 17.64
C SER C 256 -13.95 -41.29 16.81
N LYS C 257 -14.25 -41.07 15.54
CA LYS C 257 -14.75 -42.14 14.69
C LYS C 257 -13.77 -42.39 13.54
N PRO C 258 -12.71 -43.15 13.80
CA PRO C 258 -11.72 -43.42 12.76
C PRO C 258 -12.26 -44.34 11.67
N PHE C 259 -11.85 -44.10 10.44
CA PHE C 259 -12.22 -44.98 9.34
C PHE C 259 -11.46 -46.31 9.48
N VAL C 260 -12.21 -47.38 9.66
CA VAL C 260 -11.61 -48.70 9.82
C VAL C 260 -11.20 -49.21 8.46
N GLY C 261 -9.93 -49.59 8.32
CA GLY C 261 -9.43 -50.06 7.05
C GLY C 261 -9.08 -51.52 7.12
N VAL C 262 -9.32 -52.25 6.04
CA VAL C 262 -8.95 -53.65 5.98
C VAL C 262 -7.80 -53.84 5.00
N LEU C 263 -6.61 -54.08 5.52
CA LEU C 263 -5.47 -54.38 4.68
C LEU C 263 -5.81 -55.63 3.90
N SER C 264 -5.71 -55.51 2.59
CA SER C 264 -6.10 -56.54 1.64
C SER C 264 -5.09 -56.72 0.51
N ALA C 265 -5.08 -57.93 -0.06
CA ALA C 265 -4.21 -58.30 -1.18
C ALA C 265 -5.02 -58.60 -2.43
N GLY C 266 -4.79 -57.81 -3.48
CA GLY C 266 -5.47 -57.99 -4.75
C GLY C 266 -4.55 -58.59 -5.82
N ILE C 267 -5.16 -59.29 -6.77
CA ILE C 267 -4.43 -59.89 -7.89
C ILE C 267 -4.67 -59.10 -9.17
N ASN C 268 -3.57 -58.65 -9.79
CA ASN C 268 -3.65 -57.91 -11.05
C ASN C 268 -4.38 -58.70 -12.13
N ALA C 269 -5.35 -58.06 -12.76
CA ALA C 269 -6.14 -58.69 -13.82
C ALA C 269 -5.29 -59.13 -14.99
N ALA C 270 -4.16 -58.46 -15.19
CA ALA C 270 -3.28 -58.72 -16.32
C ALA C 270 -2.23 -59.78 -16.02
N SER C 271 -2.16 -60.23 -14.78
CA SER C 271 -1.12 -61.18 -14.37
C SER C 271 -1.34 -62.55 -15.02
N PRO C 272 -0.24 -63.15 -15.56
CA PRO C 272 -0.36 -64.54 -16.03
C PRO C 272 -0.10 -65.58 -14.93
N ASN C 273 0.11 -65.13 -13.69
CA ASN C 273 0.48 -65.99 -12.58
C ASN C 273 -0.54 -65.95 -11.44
N LYS C 274 -1.80 -65.84 -11.85
CA LYS C 274 -2.92 -65.78 -10.91
C LYS C 274 -2.94 -67.01 -10.03
N GLU C 275 -2.55 -68.16 -10.61
CA GLU C 275 -2.50 -69.39 -9.85
C GLU C 275 -1.35 -69.36 -8.85
N LEU C 276 -0.17 -68.90 -9.28
CA LEU C 276 0.95 -68.76 -8.37
C LEU C 276 0.55 -67.83 -7.25
N ALA C 277 -0.12 -66.74 -7.63
CA ALA C 277 -0.56 -65.73 -6.68
C ALA C 277 -1.56 -66.31 -5.69
N LYS C 278 -2.51 -67.07 -6.21
CA LYS C 278 -3.52 -67.71 -5.37
C LYS C 278 -2.86 -68.68 -4.39
N GLU C 279 -1.92 -69.46 -4.90
CA GLU C 279 -1.18 -70.39 -4.06
C GLU C 279 -0.46 -69.65 -2.94
N PHE C 280 0.32 -68.64 -3.31
CA PHE C 280 1.08 -67.85 -2.36
C PHE C 280 0.16 -67.20 -1.32
N LEU C 281 -0.89 -66.54 -1.79
CA LEU C 281 -1.77 -65.80 -0.89
C LEU C 281 -2.55 -66.74 0.04
N GLU C 282 -3.15 -67.77 -0.53
CA GLU C 282 -4.01 -68.66 0.23
C GLU C 282 -3.23 -69.62 1.13
N ASN C 283 -2.13 -70.15 0.62
CA ASN C 283 -1.44 -71.23 1.30
C ASN C 283 -0.11 -70.87 1.98
N TYR C 284 0.30 -69.60 1.90
CA TYR C 284 1.54 -69.16 2.57
C TYR C 284 1.36 -67.93 3.44
N LEU C 285 0.78 -66.88 2.87
CA LEU C 285 0.59 -65.65 3.62
C LEU C 285 -0.51 -65.85 4.65
N LEU C 286 -1.68 -66.29 4.17
CA LEU C 286 -2.85 -66.37 5.03
C LEU C 286 -2.81 -67.60 5.94
N THR C 287 -1.75 -67.70 6.73
CA THR C 287 -1.60 -68.74 7.74
C THR C 287 -1.09 -68.12 9.02
N ASP C 288 -1.19 -68.85 10.13
CA ASP C 288 -0.69 -68.34 11.40
C ASP C 288 0.79 -67.96 11.32
N GLU C 289 1.59 -68.83 10.72
CA GLU C 289 3.04 -68.61 10.68
C GLU C 289 3.45 -67.45 9.77
N GLY C 290 2.85 -67.36 8.59
CA GLY C 290 3.14 -66.28 7.66
C GLY C 290 2.68 -64.93 8.20
N LEU C 291 1.41 -64.88 8.60
CA LEU C 291 0.84 -63.67 9.18
C LEU C 291 1.57 -63.31 10.45
N GLU C 292 1.99 -64.31 11.22
CA GLU C 292 2.76 -64.02 12.42
C GLU C 292 4.07 -63.39 12.00
N ALA C 293 4.74 -63.94 10.98
CA ALA C 293 5.98 -63.34 10.47
C ALA C 293 5.83 -61.87 10.06
N VAL C 294 4.80 -61.60 9.26
CA VAL C 294 4.56 -60.23 8.83
C VAL C 294 4.31 -59.36 10.09
N ASN C 295 3.44 -59.86 10.97
CA ASN C 295 3.10 -59.17 12.20
C ASN C 295 4.33 -58.97 13.11
N LYS C 296 5.25 -59.92 13.07
CA LYS C 296 6.49 -59.85 13.81
C LYS C 296 7.23 -58.61 13.34
N ASP C 297 7.31 -58.50 12.03
CA ASP C 297 7.98 -57.34 11.40
C ASP C 297 7.30 -56.00 11.77
N LYS C 298 6.06 -55.83 11.30
CA LYS C 298 5.24 -54.67 11.64
C LYS C 298 3.83 -55.16 12.01
N PRO C 299 3.35 -54.84 13.23
CA PRO C 299 2.03 -55.35 13.62
C PRO C 299 0.93 -55.03 12.62
N LEU C 300 0.14 -56.05 12.29
CA LEU C 300 -0.92 -55.92 11.29
C LEU C 300 -2.18 -55.34 11.92
N GLY C 301 -2.30 -55.49 13.23
CA GLY C 301 -3.51 -55.10 13.93
C GLY C 301 -4.33 -56.35 14.23
N ALA C 302 -5.64 -56.26 14.04
CA ALA C 302 -6.53 -57.40 14.23
C ALA C 302 -6.69 -58.15 12.91
N VAL C 303 -5.94 -59.24 12.77
CA VAL C 303 -5.88 -59.97 11.52
C VAL C 303 -7.23 -60.58 11.18
N ALA C 304 -7.44 -60.84 9.89
CA ALA C 304 -8.68 -61.43 9.40
C ALA C 304 -8.75 -62.95 9.66
N LEU C 305 -7.58 -63.58 9.81
CA LEU C 305 -7.49 -65.02 10.07
C LEU C 305 -7.88 -65.35 11.52
N LYS C 306 -8.94 -66.13 11.69
CA LYS C 306 -9.46 -66.48 13.03
C LYS C 306 -8.40 -67.13 13.92
N SER C 307 -7.71 -68.13 13.39
CA SER C 307 -6.76 -68.90 14.20
C SER C 307 -5.70 -67.99 14.82
N TYR C 308 -5.19 -67.05 14.04
CA TYR C 308 -4.17 -66.11 14.52
C TYR C 308 -4.84 -64.96 15.30
N GLU C 309 -6.10 -64.70 14.94
CA GLU C 309 -6.87 -63.66 15.59
C GLU C 309 -7.08 -64.01 17.06
N GLU C 310 -7.37 -65.27 17.32
CA GLU C 310 -7.55 -65.78 18.67
C GLU C 310 -6.29 -65.61 19.51
N GLU C 311 -5.15 -65.90 18.87
CA GLU C 311 -3.87 -65.78 19.53
C GLU C 311 -3.50 -64.32 19.85
N LEU C 312 -3.79 -63.40 18.93
CA LEU C 312 -3.44 -61.99 19.15
C LEU C 312 -4.47 -61.11 19.86
N ALA C 313 -5.70 -61.60 20.03
CA ALA C 313 -6.76 -60.77 20.61
C ALA C 313 -6.50 -60.43 22.08
N LYS C 314 -5.70 -61.25 22.74
CA LYS C 314 -5.36 -61.05 24.14
C LYS C 314 -4.69 -59.69 24.36
N ASP C 315 -3.81 -59.33 23.42
CA ASP C 315 -3.06 -58.07 23.46
C ASP C 315 -3.97 -56.84 23.64
N PRO C 316 -3.76 -56.08 24.75
CA PRO C 316 -4.64 -54.93 24.99
C PRO C 316 -4.51 -53.85 23.92
N ARG C 317 -3.40 -53.85 23.20
CA ARG C 317 -3.22 -52.93 22.08
C ARG C 317 -4.22 -53.25 20.97
N ILE C 318 -4.38 -54.53 20.67
CA ILE C 318 -5.33 -54.98 19.66
C ILE C 318 -6.74 -54.71 20.17
N ALA C 319 -6.96 -54.94 21.45
CA ALA C 319 -8.25 -54.65 22.08
C ALA C 319 -8.60 -53.17 21.91
N ALA C 320 -7.61 -52.31 22.13
CA ALA C 320 -7.81 -50.88 21.94
C ALA C 320 -8.09 -50.56 20.48
N THR C 321 -7.30 -51.15 19.60
CA THR C 321 -7.49 -51.01 18.16
C THR C 321 -8.94 -51.32 17.81
N MET C 322 -9.44 -52.44 18.34
CA MET C 322 -10.79 -52.89 18.05
C MET C 322 -11.86 -52.05 18.74
N GLU C 323 -11.57 -51.49 19.92
CA GLU C 323 -12.50 -50.55 20.55
C GLU C 323 -12.68 -49.31 19.66
N ASN C 324 -11.56 -48.75 19.22
CA ASN C 324 -11.60 -47.62 18.30
C ASN C 324 -12.26 -48.03 16.99
N ALA C 325 -11.94 -49.23 16.52
CA ALA C 325 -12.56 -49.76 15.31
C ALA C 325 -14.07 -49.80 15.50
N GLN C 326 -14.46 -50.26 16.68
CA GLN C 326 -15.87 -50.38 17.05
C GLN C 326 -16.56 -49.03 17.02
N LYS C 327 -15.94 -48.05 17.63
CA LYS C 327 -16.44 -46.68 17.63
C LYS C 327 -16.44 -45.98 16.26
N GLY C 328 -15.65 -46.52 15.33
CA GLY C 328 -15.60 -45.98 13.97
C GLY C 328 -16.52 -46.71 13.01
N GLU C 329 -16.30 -46.46 11.71
CA GLU C 329 -17.04 -47.15 10.66
C GLU C 329 -16.05 -47.73 9.68
N ILE C 330 -16.40 -48.85 9.08
CA ILE C 330 -15.58 -49.41 8.01
C ILE C 330 -15.64 -48.50 6.80
N MET C 331 -14.50 -48.32 6.14
CA MET C 331 -14.44 -47.49 4.94
C MET C 331 -15.26 -48.07 3.80
N PRO C 332 -15.96 -47.22 3.05
CA PRO C 332 -16.52 -47.66 1.77
C PRO C 332 -15.39 -48.03 0.82
N ASN C 333 -15.67 -48.91 -0.15
CA ASN C 333 -14.70 -49.25 -1.17
C ASN C 333 -15.12 -48.78 -2.54
N ILE C 334 -16.18 -47.97 -2.59
CA ILE C 334 -16.72 -47.49 -3.86
C ILE C 334 -15.64 -46.70 -4.61
N PRO C 335 -15.74 -46.67 -5.95
CA PRO C 335 -14.74 -46.00 -6.78
C PRO C 335 -14.48 -44.52 -6.46
N GLN C 336 -15.45 -43.84 -5.84
CA GLN C 336 -15.33 -42.40 -5.61
C GLN C 336 -14.48 -42.03 -4.40
N MET C 337 -14.08 -43.03 -3.61
CA MET C 337 -13.38 -42.78 -2.36
C MET C 337 -12.11 -41.98 -2.60
N SER C 338 -11.39 -42.33 -3.65
CA SER C 338 -10.14 -41.65 -3.94
C SER C 338 -10.42 -40.15 -4.14
N ALA C 339 -11.53 -39.84 -4.79
CA ALA C 339 -11.92 -38.45 -4.99
C ALA C 339 -12.20 -37.81 -3.62
N PHE C 340 -12.78 -38.60 -2.73
CA PHE C 340 -13.16 -38.13 -1.41
C PHE C 340 -11.89 -37.80 -0.63
N TRP C 341 -10.93 -38.71 -0.69
CA TRP C 341 -9.69 -38.57 0.06
C TRP C 341 -8.87 -37.38 -0.42
N TYR C 342 -8.75 -37.22 -1.75
CA TYR C 342 -8.01 -36.07 -2.28
C TYR C 342 -8.68 -34.75 -1.83
N ALA C 343 -9.99 -34.72 -1.92
CA ALA C 343 -10.72 -33.53 -1.55
C ALA C 343 -10.46 -33.16 -0.07
N VAL C 344 -10.69 -34.12 0.80
CA VAL C 344 -10.54 -33.86 2.24
C VAL C 344 -9.08 -33.57 2.60
N ARG C 345 -8.15 -34.24 1.92
CA ARG C 345 -6.74 -34.00 2.16
C ARG C 345 -6.41 -32.53 1.95
N THR C 346 -6.84 -32.01 0.82
CA THR C 346 -6.56 -30.61 0.53
C THR C 346 -7.21 -29.69 1.56
N ALA C 347 -8.49 -29.92 1.85
CA ALA C 347 -9.18 -29.04 2.80
C ALA C 347 -8.45 -29.00 4.15
N VAL C 348 -8.11 -30.16 4.68
CA VAL C 348 -7.43 -30.19 5.97
C VAL C 348 -6.12 -29.40 5.85
N ILE C 349 -5.41 -29.58 4.74
CA ILE C 349 -4.11 -28.91 4.62
C ILE C 349 -4.26 -27.38 4.54
N ASN C 350 -5.18 -26.90 3.70
CA ASN C 350 -5.39 -25.48 3.52
C ASN C 350 -5.99 -24.84 4.77
N ALA C 351 -6.87 -25.58 5.44
CA ALA C 351 -7.48 -25.10 6.66
C ALA C 351 -6.41 -24.94 7.72
N ALA C 352 -5.55 -25.94 7.86
CA ALA C 352 -4.49 -25.91 8.87
C ALA C 352 -3.45 -24.84 8.55
N SER C 353 -3.11 -24.67 7.27
CA SER C 353 -2.10 -23.70 6.87
C SER C 353 -2.67 -22.28 6.86
N GLY C 354 -3.99 -22.19 6.92
CA GLY C 354 -4.66 -20.90 6.87
C GLY C 354 -4.79 -20.39 5.45
N ARG C 355 -4.45 -21.21 4.46
CA ARG C 355 -4.61 -20.78 3.07
C ARG C 355 -6.08 -20.56 2.80
N GLN C 356 -6.92 -21.35 3.47
CA GLN C 356 -8.37 -21.20 3.34
C GLN C 356 -9.00 -21.30 4.72
N THR C 357 -10.19 -20.70 4.85
CA THR C 357 -10.96 -20.82 6.08
C THR C 357 -11.53 -22.22 6.14
N VAL C 358 -12.01 -22.61 7.31
CA VAL C 358 -12.60 -23.93 7.49
C VAL C 358 -13.80 -24.10 6.56
N ASP C 359 -14.69 -23.12 6.59
CA ASP C 359 -15.92 -23.16 5.79
C ASP C 359 -15.64 -23.25 4.29
N ALA C 360 -14.72 -22.41 3.83
CA ALA C 360 -14.38 -22.37 2.41
C ALA C 360 -13.80 -23.71 1.98
N ALA C 361 -12.89 -24.21 2.80
CA ALA C 361 -12.19 -25.46 2.53
C ALA C 361 -13.17 -26.64 2.48
N LEU C 362 -14.03 -26.75 3.49
CA LEU C 362 -14.95 -27.88 3.56
C LEU C 362 -16.08 -27.77 2.53
N ALA C 363 -16.46 -26.55 2.19
CA ALA C 363 -17.41 -26.36 1.09
C ALA C 363 -16.78 -26.86 -0.21
N ALA C 364 -15.54 -26.45 -0.44
CA ALA C 364 -14.81 -26.90 -1.64
C ALA C 364 -14.64 -28.42 -1.68
N ALA C 365 -14.28 -29.03 -0.55
CA ALA C 365 -14.13 -30.48 -0.47
C ALA C 365 -15.46 -31.19 -0.73
N GLN C 366 -16.51 -30.68 -0.10
CA GLN C 366 -17.86 -31.23 -0.30
C GLN C 366 -18.23 -31.21 -1.78
N THR C 367 -18.05 -30.07 -2.44
CA THR C 367 -18.36 -30.02 -3.85
C THR C 367 -17.45 -30.97 -4.64
N ASN C 368 -16.14 -30.88 -4.40
CA ASN C 368 -15.15 -31.59 -5.20
C ASN C 368 -15.20 -33.12 -5.09
N ALA C 369 -15.50 -33.67 -3.92
CA ALA C 369 -15.58 -35.12 -3.75
C ALA C 369 -16.57 -35.77 -4.72
N ALA C 370 -17.67 -35.08 -4.97
CA ALA C 370 -18.72 -35.56 -5.85
C ALA C 370 -18.53 -35.07 -7.28
N ALA C 371 -17.28 -34.85 -7.69
CA ALA C 371 -16.98 -34.27 -9.00
C ALA C 371 -15.96 -35.12 -9.77
N PRO C 372 -16.43 -36.12 -10.52
CA PRO C 372 -15.51 -37.03 -11.22
C PRO C 372 -14.63 -36.38 -12.30
N GLY C 373 -15.17 -35.46 -13.11
CA GLY C 373 -14.38 -34.84 -14.15
C GLY C 373 -13.24 -34.02 -13.59
N LEU C 374 -13.53 -33.30 -12.51
CA LEU C 374 -12.51 -32.53 -11.81
C LEU C 374 -11.42 -33.48 -11.30
N HIS C 375 -11.87 -34.60 -10.74
CA HIS C 375 -10.97 -35.58 -10.16
C HIS C 375 -10.07 -36.18 -11.24
N ALA C 376 -10.69 -36.46 -12.39
CA ALA C 376 -9.97 -36.98 -13.54
C ALA C 376 -8.91 -36.02 -14.06
N ILE C 377 -9.27 -34.76 -14.23
CA ILE C 377 -8.29 -33.75 -14.68
C ILE C 377 -7.16 -33.61 -13.65
N TYR C 378 -7.54 -33.52 -12.39
CA TYR C 378 -6.58 -33.46 -11.30
C TYR C 378 -5.61 -34.65 -11.38
N GLY C 379 -6.13 -35.85 -11.64
CA GLY C 379 -5.27 -37.01 -11.84
C GLY C 379 -4.14 -36.78 -12.84
N GLU C 380 -4.50 -36.30 -14.02
CA GLU C 380 -3.52 -35.98 -15.05
C GLU C 380 -2.53 -34.96 -14.50
N CYS C 381 -3.05 -33.93 -13.83
CA CYS C 381 -2.16 -32.95 -13.21
C CYS C 381 -1.21 -33.59 -12.18
N ARG C 382 -1.70 -34.55 -11.40
CA ARG C 382 -0.84 -35.22 -10.42
C ARG C 382 0.26 -35.98 -11.12
N ARG C 383 -0.11 -36.69 -12.18
CA ARG C 383 0.86 -37.39 -13.00
C ARG C 383 1.94 -36.45 -13.54
N LEU C 384 1.52 -35.32 -14.10
CA LEU C 384 2.49 -34.35 -14.64
C LEU C 384 3.35 -33.68 -13.56
N TYR C 385 2.76 -33.33 -12.42
CA TYR C 385 3.48 -32.63 -11.35
C TYR C 385 3.33 -33.34 -9.99
N PRO C 386 4.04 -34.46 -9.80
CA PRO C 386 3.97 -35.16 -8.52
C PRO C 386 4.45 -34.30 -7.36
N ASP C 387 5.38 -33.39 -7.67
CA ASP C 387 6.01 -32.53 -6.68
C ASP C 387 5.14 -31.44 -6.07
N GLN C 388 3.99 -31.12 -6.69
CA GLN C 388 3.14 -30.03 -6.21
C GLN C 388 1.70 -30.48 -5.96
N PRO C 389 1.48 -31.21 -4.85
CA PRO C 389 0.15 -31.74 -4.52
C PRO C 389 -0.96 -30.70 -4.38
N ASN C 390 -0.64 -29.53 -3.87
CA ASN C 390 -1.67 -28.53 -3.58
C ASN C 390 -1.31 -27.17 -4.17
N PRO C 391 -1.47 -27.03 -5.49
CA PRO C 391 -1.01 -25.83 -6.17
C PRO C 391 -1.88 -24.63 -5.87
N LEU C 392 -1.35 -23.44 -6.08
CA LEU C 392 -2.15 -22.25 -5.93
C LEU C 392 -3.20 -22.25 -7.04
N GLN C 393 -4.40 -21.86 -6.67
CA GLN C 393 -5.55 -21.93 -7.56
C GLN C 393 -6.32 -20.62 -7.57
N VAL C 394 -6.71 -20.16 -8.75
CA VAL C 394 -7.66 -19.07 -8.84
C VAL C 394 -9.05 -19.67 -8.83
N THR C 395 -9.82 -19.36 -7.80
CA THR C 395 -11.16 -19.91 -7.60
C THR C 395 -12.22 -18.82 -7.71
N ALA C 396 -13.27 -19.10 -8.47
CA ALA C 396 -14.41 -18.21 -8.60
C ALA C 396 -15.24 -18.23 -7.32
N ILE C 397 -15.45 -17.06 -6.75
CA ILE C 397 -16.18 -16.91 -5.51
C ILE C 397 -17.61 -17.42 -5.68
N VAL C 398 -18.23 -17.02 -6.78
CA VAL C 398 -19.54 -17.52 -7.18
C VAL C 398 -19.40 -18.34 -8.43
N LYS C 399 -19.82 -19.59 -8.35
CA LYS C 399 -19.64 -20.51 -9.47
C LYS C 399 -20.60 -20.20 -10.60
N TYR C 400 -20.21 -20.58 -11.81
CA TYR C 400 -20.95 -20.28 -13.01
C TYR C 400 -22.33 -20.91 -13.03
N ASP C 401 -22.48 -22.04 -12.33
CA ASP C 401 -23.76 -22.73 -12.32
C ASP C 401 -24.82 -21.89 -11.61
N SER C 402 -24.36 -20.97 -10.77
CA SER C 402 -25.23 -20.00 -10.11
C SER C 402 -25.07 -18.65 -10.78
N PHE C 403 -24.44 -18.67 -11.96
CA PHE C 403 -24.22 -17.51 -12.79
C PHE C 403 -23.32 -16.49 -12.12
N GLY C 404 -22.19 -16.97 -11.62
CA GLY C 404 -21.08 -16.10 -11.33
C GLY C 404 -20.55 -15.69 -12.67
N PRO C 405 -19.78 -14.60 -12.72
CA PRO C 405 -19.31 -14.09 -14.02
C PRO C 405 -18.35 -15.03 -14.71
N ASP C 406 -17.66 -15.86 -13.93
CA ASP C 406 -16.57 -16.67 -14.42
C ASP C 406 -16.95 -18.11 -14.74
N PRO C 407 -16.86 -18.51 -16.02
CA PRO C 407 -17.25 -19.89 -16.33
C PRO C 407 -16.26 -20.94 -15.89
N LEU C 408 -15.00 -20.58 -15.64
CA LEU C 408 -14.01 -21.53 -15.15
C LEU C 408 -14.03 -21.56 -13.63
N ASP C 409 -14.46 -22.68 -13.05
CA ASP C 409 -14.56 -22.78 -11.59
C ASP C 409 -13.22 -22.61 -10.91
N TYR C 410 -12.20 -23.28 -11.44
CA TYR C 410 -10.85 -23.18 -10.93
C TYR C 410 -9.88 -22.96 -12.08
N VAL C 411 -8.80 -22.24 -11.80
CA VAL C 411 -7.63 -22.24 -12.68
C VAL C 411 -6.42 -22.61 -11.85
N SER C 412 -5.79 -23.72 -12.22
CA SER C 412 -4.62 -24.20 -11.51
C SER C 412 -3.38 -23.58 -12.12
N MET C 413 -2.46 -23.19 -11.25
CA MET C 413 -1.20 -22.59 -11.64
C MET C 413 -0.04 -23.42 -11.09
N TYR C 414 0.74 -23.97 -12.01
CA TYR C 414 1.90 -24.80 -11.65
C TYR C 414 3.19 -24.13 -12.07
N ARG C 415 4.27 -24.42 -11.35
CA ARG C 415 5.59 -23.98 -11.78
C ARG C 415 6.26 -25.13 -12.55
N ASN C 416 6.55 -24.89 -13.83
CA ASN C 416 7.20 -25.88 -14.67
C ASN C 416 8.65 -25.47 -14.87
N VAL C 417 9.57 -26.32 -14.40
CA VAL C 417 10.99 -26.00 -14.43
C VAL C 417 11.57 -26.07 -15.85
N GLY C 418 10.80 -26.63 -16.78
CA GLY C 418 11.26 -26.76 -18.15
C GLY C 418 12.46 -27.69 -18.21
N SER C 419 13.28 -27.53 -19.26
CA SER C 419 14.51 -28.32 -19.40
C SER C 419 15.65 -27.43 -19.92
N PRO C 420 16.74 -27.30 -19.11
CA PRO C 420 17.87 -26.49 -19.60
C PRO C 420 18.63 -27.15 -20.75
N SER C 421 18.69 -28.49 -20.76
CA SER C 421 19.34 -29.21 -21.84
C SER C 421 18.56 -29.05 -23.14
N ALA C 422 17.23 -29.10 -23.05
CA ALA C 422 16.38 -28.90 -24.22
C ALA C 422 16.27 -27.41 -24.54
N ASN C 423 16.90 -26.58 -23.70
CA ASN C 423 16.88 -25.13 -23.82
C ASN C 423 15.44 -24.59 -23.82
N ILE C 424 14.57 -25.27 -23.08
CA ILE C 424 13.20 -24.79 -22.91
C ILE C 424 13.14 -24.11 -21.54
N PRO C 425 12.90 -22.79 -21.53
CA PRO C 425 13.05 -22.02 -20.29
C PRO C 425 12.01 -22.39 -19.22
N GLU C 426 12.29 -21.97 -17.99
CA GLU C 426 11.32 -22.12 -16.89
C GLU C 426 10.11 -21.22 -17.13
N HIS C 427 8.93 -21.70 -16.73
CA HIS C 427 7.67 -21.00 -17.02
C HIS C 427 6.54 -21.43 -16.11
N TRP C 428 5.47 -20.64 -16.09
CA TRP C 428 4.26 -20.97 -15.34
C TRP C 428 3.25 -21.69 -16.24
N HIS C 429 2.67 -22.78 -15.72
CA HIS C 429 1.69 -23.58 -16.46
C HIS C 429 0.29 -23.41 -15.87
N TYR C 430 -0.58 -22.77 -16.64
CA TYR C 430 -1.97 -22.55 -16.24
C TYR C 430 -2.85 -23.61 -16.87
N ILE C 431 -3.74 -24.15 -16.05
CA ILE C 431 -4.70 -25.18 -16.47
C ILE C 431 -6.11 -24.81 -15.99
N SER C 432 -7.09 -24.79 -16.89
CA SER C 432 -8.45 -24.38 -16.52
C SER C 432 -9.36 -25.55 -16.15
N PHE C 433 -10.35 -25.29 -15.30
CA PHE C 433 -11.38 -26.28 -14.98
C PHE C 433 -12.77 -25.69 -15.13
N GLY C 434 -13.54 -26.20 -16.09
CA GLY C 434 -14.89 -25.70 -16.30
C GLY C 434 -15.44 -25.86 -17.71
N LEU C 435 -14.58 -25.81 -18.72
CA LEU C 435 -15.04 -25.97 -20.09
C LEU C 435 -15.49 -27.41 -20.33
N SER C 436 -14.94 -28.32 -19.53
CA SER C 436 -15.36 -29.71 -19.56
C SER C 436 -16.40 -29.96 -18.48
N ASP C 437 -16.96 -31.16 -18.47
CA ASP C 437 -17.99 -31.51 -17.51
C ASP C 437 -17.33 -32.06 -16.23
N LEU C 438 -17.28 -31.21 -15.21
CA LEU C 438 -16.66 -31.56 -13.93
C LEU C 438 -17.60 -32.38 -13.05
N TYR C 439 -18.88 -32.04 -13.07
CA TYR C 439 -19.86 -32.57 -12.10
C TYR C 439 -20.88 -33.53 -12.67
N GLY C 440 -21.25 -33.34 -13.94
CA GLY C 440 -22.12 -34.27 -14.64
C GLY C 440 -23.57 -34.33 -14.21
N ASP C 441 -24.01 -33.34 -13.44
CA ASP C 441 -25.39 -33.28 -12.96
C ASP C 441 -26.22 -32.21 -13.68
N ASN C 442 -25.75 -31.81 -14.85
CA ASN C 442 -26.44 -30.82 -15.70
C ASN C 442 -26.61 -29.47 -15.01
N ARG C 443 -25.68 -29.09 -14.14
CA ARG C 443 -25.72 -27.76 -13.55
C ARG C 443 -25.27 -26.73 -14.59
N VAL C 444 -24.37 -27.15 -15.49
CA VAL C 444 -23.84 -26.27 -16.53
C VAL C 444 -23.84 -26.96 -17.88
N HIS C 445 -23.44 -28.22 -17.91
CA HIS C 445 -23.25 -28.93 -19.17
C HIS C 445 -24.30 -29.99 -19.39
N GLU C 446 -24.55 -30.26 -20.66
CA GLU C 446 -25.40 -31.38 -21.03
C GLU C 446 -24.59 -32.63 -20.77
N PHE C 447 -25.19 -33.57 -20.04
CA PHE C 447 -24.54 -34.84 -19.74
C PHE C 447 -24.66 -35.79 -20.91
N THR C 448 -23.51 -36.13 -21.50
CA THR C 448 -23.48 -36.86 -22.75
C THR C 448 -23.01 -38.31 -22.60
N GLY C 449 -22.47 -38.66 -21.44
CA GLY C 449 -22.00 -40.01 -21.19
C GLY C 449 -20.51 -40.17 -21.39
N THR C 450 -20.03 -41.41 -21.27
CA THR C 450 -18.61 -41.74 -21.40
C THR C 450 -18.09 -41.57 -22.82
N ASP C 451 -18.96 -41.83 -23.80
CA ASP C 451 -18.61 -41.65 -25.20
C ASP C 451 -18.89 -40.21 -25.56
N GLY C 452 -18.10 -39.64 -26.45
CA GLY C 452 -18.26 -38.24 -26.82
C GLY C 452 -17.47 -37.33 -25.89
N PRO C 453 -17.52 -36.02 -26.16
CA PRO C 453 -16.74 -35.01 -25.42
C PRO C 453 -17.33 -34.67 -24.05
N SER C 454 -16.48 -34.50 -23.05
CA SER C 454 -16.92 -34.02 -21.75
C SER C 454 -17.12 -32.51 -21.81
N GLY C 455 -18.36 -32.07 -21.63
CA GLY C 455 -18.68 -30.67 -21.88
C GLY C 455 -18.32 -30.33 -23.31
N PHE C 456 -17.52 -29.28 -23.49
CA PHE C 456 -17.03 -28.92 -24.82
C PHE C 456 -15.90 -29.85 -25.25
N GLY C 457 -15.47 -30.72 -24.36
CA GLY C 457 -14.52 -31.76 -24.70
C GLY C 457 -13.06 -31.38 -24.54
N PHE C 458 -12.79 -30.20 -24.00
CA PHE C 458 -11.42 -29.76 -23.81
C PHE C 458 -11.28 -28.77 -22.65
N GLU C 459 -10.05 -28.63 -22.14
CA GLU C 459 -9.73 -27.56 -21.21
C GLU C 459 -8.58 -26.73 -21.75
N LEU C 460 -8.52 -25.48 -21.30
CA LEU C 460 -7.51 -24.54 -21.76
C LEU C 460 -6.26 -24.64 -20.89
N THR C 461 -5.11 -24.51 -21.53
CA THR C 461 -3.85 -24.42 -20.80
C THR C 461 -3.06 -23.23 -21.34
N PHE C 462 -2.10 -22.77 -20.55
CA PHE C 462 -1.27 -21.65 -20.96
C PHE C 462 0.11 -21.74 -20.34
N ARG C 463 1.15 -21.42 -21.11
CA ARG C 463 2.52 -21.46 -20.60
C ARG C 463 3.17 -20.09 -20.72
N LEU C 464 3.46 -19.49 -19.56
CA LEU C 464 3.95 -18.12 -19.46
C LEU C 464 5.40 -18.04 -18.97
N LYS C 465 6.26 -17.35 -19.73
CA LYS C 465 7.66 -17.17 -19.34
C LYS C 465 7.77 -16.64 -17.92
N ARG C 466 8.56 -17.35 -17.11
CA ARG C 466 8.81 -16.95 -15.73
C ARG C 466 9.93 -15.91 -15.65
N GLU C 467 9.69 -14.86 -14.87
CA GLU C 467 10.75 -13.89 -14.58
C GLU C 467 11.53 -14.42 -13.38
N THR C 468 12.83 -14.16 -13.32
CA THR C 468 13.63 -14.68 -12.22
C THR C 468 13.19 -14.02 -10.90
N GLY C 469 12.71 -12.77 -10.99
CA GLY C 469 12.28 -12.04 -9.81
C GLY C 469 10.89 -12.44 -9.35
N GLU C 470 10.20 -13.25 -10.15
CA GLU C 470 8.84 -13.69 -9.85
C GLU C 470 8.83 -14.81 -8.79
N SER C 471 8.30 -14.51 -7.62
CA SER C 471 8.17 -15.50 -6.56
C SER C 471 6.99 -16.44 -6.80
N ALA C 472 5.92 -15.89 -7.35
CA ALA C 472 4.67 -16.62 -7.57
C ALA C 472 4.14 -16.33 -8.97
N PRO C 473 3.29 -17.23 -9.50
CA PRO C 473 2.72 -17.01 -10.84
C PRO C 473 1.74 -15.85 -10.86
N PRO C 474 1.80 -15.01 -11.91
CA PRO C 474 0.78 -13.97 -12.05
C PRO C 474 -0.60 -14.56 -12.35
N THR C 475 -1.66 -13.84 -12.01
CA THR C 475 -3.01 -14.37 -12.11
C THR C 475 -3.78 -13.89 -13.34
N TRP C 476 -3.25 -12.91 -14.07
CA TRP C 476 -3.98 -12.34 -15.21
C TRP C 476 -4.28 -13.35 -16.32
N PRO C 477 -3.39 -14.35 -16.52
CA PRO C 477 -3.73 -15.32 -17.57
C PRO C 477 -5.01 -16.07 -17.24
N ALA C 478 -5.32 -16.18 -15.95
CA ALA C 478 -6.56 -16.82 -15.51
C ALA C 478 -7.75 -16.03 -16.04
N GLU C 479 -7.71 -14.71 -15.85
CA GLU C 479 -8.77 -13.85 -16.38
C GLU C 479 -8.82 -13.96 -17.91
N LEU C 480 -7.66 -14.00 -18.54
CA LEU C 480 -7.61 -14.22 -20.00
C LEU C 480 -8.38 -15.48 -20.39
N MET C 481 -8.11 -16.57 -19.68
CA MET C 481 -8.82 -17.82 -19.90
C MET C 481 -10.31 -17.67 -19.64
N GLN C 482 -10.67 -16.96 -18.57
CA GLN C 482 -12.08 -16.71 -18.28
C GLN C 482 -12.73 -16.01 -19.48
N GLY C 483 -12.02 -15.06 -20.06
CA GLY C 483 -12.49 -14.38 -21.26
C GLY C 483 -12.75 -15.33 -22.40
N LEU C 484 -11.73 -16.13 -22.71
CA LEU C 484 -11.84 -17.17 -23.72
C LEU C 484 -13.04 -18.10 -23.48
N ALA C 485 -13.19 -18.53 -22.23
CA ALA C 485 -14.27 -19.43 -21.86
C ALA C 485 -15.61 -18.76 -22.03
N ARG C 486 -15.70 -17.49 -21.64
CA ARG C 486 -16.90 -16.71 -21.83
C ARG C 486 -17.26 -16.77 -23.29
N TYR C 487 -16.30 -16.49 -24.16
CA TYR C 487 -16.56 -16.62 -25.60
C TYR C 487 -17.10 -17.99 -25.97
N VAL C 488 -16.39 -19.05 -25.58
CA VAL C 488 -16.81 -20.40 -25.94
C VAL C 488 -18.27 -20.66 -25.52
N PHE C 489 -18.61 -20.31 -24.28
CA PHE C 489 -19.97 -20.50 -23.79
C PHE C 489 -20.99 -19.63 -24.53
N GLN C 490 -20.64 -18.38 -24.80
CA GLN C 490 -21.55 -17.47 -25.49
C GLN C 490 -21.81 -17.97 -26.93
N SER C 491 -20.74 -18.36 -27.60
CA SER C 491 -20.80 -18.69 -29.03
C SER C 491 -21.12 -20.16 -29.33
N GLU C 492 -20.94 -21.03 -28.34
CA GLU C 492 -21.05 -22.48 -28.52
C GLU C 492 -20.01 -23.08 -29.47
N ASN C 493 -18.96 -22.32 -29.77
CA ASN C 493 -17.89 -22.78 -30.67
C ASN C 493 -16.76 -23.47 -29.93
N THR C 494 -16.54 -24.76 -30.20
CA THR C 494 -15.41 -25.46 -29.60
C THR C 494 -14.09 -25.06 -30.24
N PHE C 495 -13.05 -25.08 -29.42
CA PHE C 495 -11.69 -24.86 -29.89
C PHE C 495 -11.04 -26.16 -30.32
N CYS C 496 -10.20 -26.06 -31.33
CA CYS C 496 -9.40 -27.17 -31.82
C CYS C 496 -7.96 -26.70 -32.02
N SER C 497 -7.02 -27.65 -32.02
CA SER C 497 -5.63 -27.30 -32.29
C SER C 497 -5.51 -26.77 -33.70
N GLY C 498 -4.84 -25.64 -33.85
CA GLY C 498 -4.68 -25.01 -35.15
C GLY C 498 -5.56 -23.79 -35.34
N ASP C 499 -6.58 -23.65 -34.49
CA ASP C 499 -7.46 -22.49 -34.58
C ASP C 499 -6.69 -21.23 -34.17
N HIS C 500 -7.23 -20.08 -34.56
CA HIS C 500 -6.67 -18.81 -34.14
C HIS C 500 -7.72 -17.97 -33.44
N VAL C 501 -7.26 -17.01 -32.65
CA VAL C 501 -8.12 -16.15 -31.86
C VAL C 501 -7.61 -14.73 -31.95
N SER C 502 -8.41 -13.84 -32.54
CA SER C 502 -8.07 -12.42 -32.59
C SER C 502 -8.55 -11.72 -31.33
N TRP C 503 -7.61 -11.14 -30.58
CA TRP C 503 -7.93 -10.46 -29.32
C TRP C 503 -7.84 -8.95 -29.51
N HIS C 504 -6.87 -8.50 -30.30
CA HIS C 504 -6.69 -7.08 -30.63
C HIS C 504 -6.37 -6.26 -29.39
N SER C 505 -5.89 -6.95 -28.35
CA SER C 505 -5.47 -6.29 -27.13
C SER C 505 -4.29 -7.05 -26.53
N PRO C 506 -3.34 -6.34 -25.91
CA PRO C 506 -2.25 -7.05 -25.23
C PRO C 506 -2.79 -7.96 -24.13
N LEU C 507 -2.42 -9.25 -24.18
CA LEU C 507 -3.07 -10.26 -23.35
C LEU C 507 -3.00 -9.90 -21.87
N ASP C 508 -1.88 -9.30 -21.46
CA ASP C 508 -1.70 -8.89 -20.08
C ASP C 508 -2.09 -7.43 -19.94
N ASN C 509 -2.62 -6.88 -21.04
CA ASN C 509 -3.06 -5.49 -21.09
C ASN C 509 -1.93 -4.50 -20.78
N SER C 510 -0.69 -4.90 -21.05
CA SER C 510 0.49 -4.04 -20.92
C SER C 510 0.71 -3.32 -22.26
N GLU C 511 1.97 -2.99 -22.58
CA GLU C 511 2.31 -2.41 -23.89
C GLU C 511 2.76 -3.51 -24.87
N SER C 512 2.60 -4.77 -24.46
CA SER C 512 3.10 -5.91 -25.22
C SER C 512 2.53 -5.99 -26.64
N ARG C 513 3.35 -6.49 -27.56
CA ARG C 513 2.94 -6.66 -28.96
C ARG C 513 2.15 -7.97 -29.15
N ILE C 514 2.13 -8.81 -28.12
CA ILE C 514 1.36 -10.04 -28.14
C ILE C 514 -0.12 -9.70 -27.92
N GLN C 515 -0.85 -9.58 -29.02
CA GLN C 515 -2.25 -9.14 -28.98
C GLN C 515 -3.21 -10.20 -29.50
N HIS C 516 -2.69 -11.40 -29.77
CA HIS C 516 -3.50 -12.42 -30.41
C HIS C 516 -3.10 -13.82 -29.93
N MET C 517 -3.91 -14.82 -30.25
CA MET C 517 -3.64 -16.18 -29.77
C MET C 517 -3.84 -17.27 -30.82
N LEU C 518 -2.97 -18.27 -30.78
CA LEU C 518 -3.17 -19.52 -31.51
C LEU C 518 -3.36 -20.64 -30.51
N LEU C 519 -4.02 -21.71 -30.94
CA LEU C 519 -4.33 -22.82 -30.05
C LEU C 519 -3.69 -24.09 -30.59
N THR C 520 -3.06 -24.85 -29.70
CA THR C 520 -2.42 -26.10 -30.08
C THR C 520 -2.59 -27.13 -28.98
N GLU C 521 -2.20 -28.37 -29.27
CA GLU C 521 -2.23 -29.43 -28.26
C GLU C 521 -1.19 -29.11 -27.18
N ASP C 522 -1.58 -29.30 -25.92
CA ASP C 522 -0.64 -29.14 -24.81
C ASP C 522 0.49 -30.16 -24.98
N PRO C 523 1.76 -29.71 -24.86
CA PRO C 523 2.90 -30.60 -25.11
C PRO C 523 3.09 -31.70 -24.07
N GLN C 524 2.55 -31.53 -22.85
CA GLN C 524 2.70 -32.53 -21.79
C GLN C 524 1.39 -33.19 -21.37
N MET C 525 0.34 -32.38 -21.23
CA MET C 525 -0.95 -32.87 -20.75
C MET C 525 -1.59 -33.82 -21.76
N GLN C 526 -1.81 -35.07 -21.33
CA GLN C 526 -2.42 -36.06 -22.20
C GLN C 526 -3.94 -36.09 -22.00
N PRO C 527 -4.71 -36.33 -23.08
CA PRO C 527 -6.16 -36.37 -22.92
C PRO C 527 -6.63 -37.43 -21.92
N VAL C 528 -7.77 -37.18 -21.28
CA VAL C 528 -8.26 -38.03 -20.20
C VAL C 528 -9.70 -38.51 -20.43
N GLN C 529 -9.97 -39.72 -19.96
CA GLN C 529 -11.31 -40.30 -20.00
C GLN C 529 -11.98 -40.14 -18.65
N THR C 530 -13.20 -39.62 -18.66
CA THR C 530 -13.99 -39.42 -17.45
C THR C 530 -15.34 -40.08 -17.67
N PRO C 531 -16.08 -40.33 -16.59
CA PRO C 531 -17.42 -40.88 -16.80
C PRO C 531 -18.33 -39.96 -17.61
N PHE C 532 -17.92 -38.71 -17.82
CA PHE C 532 -18.74 -37.72 -18.52
C PHE C 532 -18.22 -37.41 -19.92
N GLY C 533 -17.14 -38.08 -20.34
CA GLY C 533 -16.60 -37.89 -21.68
C GLY C 533 -15.09 -37.74 -21.67
N VAL C 534 -14.55 -37.37 -22.83
CA VAL C 534 -13.12 -37.15 -22.99
C VAL C 534 -12.75 -35.67 -22.84
N VAL C 535 -11.62 -35.42 -22.18
CA VAL C 535 -11.09 -34.07 -22.05
C VAL C 535 -9.70 -34.01 -22.66
N THR C 536 -9.55 -33.18 -23.69
CA THR C 536 -8.24 -32.88 -24.26
C THR C 536 -7.79 -31.54 -23.70
N PHE C 537 -6.53 -31.18 -23.94
CA PHE C 537 -5.99 -29.96 -23.37
C PHE C 537 -5.37 -29.11 -24.46
N LEU C 538 -6.00 -27.96 -24.67
CA LEU C 538 -5.60 -27.03 -25.72
C LEU C 538 -4.78 -25.90 -25.11
N GLN C 539 -3.52 -25.80 -25.50
CA GLN C 539 -2.67 -24.72 -25.04
C GLN C 539 -2.77 -23.46 -25.88
N ILE C 540 -2.83 -22.34 -25.15
CA ILE C 540 -2.84 -21.01 -25.74
C ILE C 540 -1.42 -20.54 -26.05
N VAL C 541 -1.23 -19.97 -27.24
CA VAL C 541 0.05 -19.43 -27.65
C VAL C 541 -0.10 -17.99 -28.14
N GLY C 542 0.52 -17.05 -27.42
CA GLY C 542 0.45 -15.66 -27.80
C GLY C 542 1.22 -15.36 -29.08
N VAL C 543 0.62 -14.58 -29.97
CA VAL C 543 1.25 -14.23 -31.24
C VAL C 543 1.01 -12.75 -31.57
N CYS C 544 1.75 -12.27 -32.56
CA CYS C 544 1.59 -10.90 -33.07
C CYS C 544 0.57 -10.85 -34.19
N THR C 545 0.15 -9.63 -34.52
CA THR C 545 -0.93 -9.44 -35.49
C THR C 545 -0.49 -10.03 -36.84
N GLU C 546 0.77 -9.81 -37.18
CA GLU C 546 1.32 -10.28 -38.44
C GLU C 546 1.32 -11.81 -38.52
N GLU C 547 1.66 -12.43 -37.39
CA GLU C 547 1.69 -13.88 -37.31
C GLU C 547 0.29 -14.45 -37.39
N LEU C 548 -0.65 -13.78 -36.73
CA LEU C 548 -2.05 -14.16 -36.87
C LEU C 548 -2.45 -14.08 -38.33
N HIS C 549 -2.11 -12.96 -38.98
CA HIS C 549 -2.45 -12.78 -40.38
C HIS C 549 -1.85 -13.91 -41.20
N SER C 550 -0.61 -14.27 -40.87
CA SER C 550 0.05 -15.39 -41.54
C SER C 550 -0.66 -16.72 -41.31
N ALA C 551 -1.13 -16.95 -40.08
CA ALA C 551 -1.90 -18.14 -39.77
C ALA C 551 -3.23 -18.16 -40.52
N GLN C 552 -3.89 -16.99 -40.58
CA GLN C 552 -5.16 -16.85 -41.31
C GLN C 552 -4.96 -17.16 -42.78
N GLN C 553 -3.98 -16.48 -43.38
CA GLN C 553 -3.75 -16.56 -44.81
C GLN C 553 -3.33 -17.98 -45.21
N TRP C 554 -2.58 -18.63 -44.33
CA TRP C 554 -2.07 -19.98 -44.61
C TRP C 554 -2.72 -21.07 -43.72
N ASN C 555 -2.02 -21.49 -42.65
CA ASN C 555 -2.57 -22.43 -41.68
C ASN C 555 -1.96 -22.29 -40.30
N GLY C 556 -2.71 -22.70 -39.28
CA GLY C 556 -2.26 -22.61 -37.91
C GLY C 556 -1.06 -23.51 -37.62
N GLN C 557 -1.13 -24.75 -38.12
CA GLN C 557 -0.12 -25.75 -37.82
C GLN C 557 1.28 -25.32 -38.28
N GLY C 558 1.35 -24.77 -39.49
CA GLY C 558 2.59 -24.30 -40.06
C GLY C 558 3.20 -23.21 -39.21
N ILE C 559 2.40 -22.17 -38.94
CA ILE C 559 2.84 -21.04 -38.14
C ILE C 559 3.30 -21.54 -36.77
N LEU C 560 2.56 -22.49 -36.22
CA LEU C 560 2.92 -23.08 -34.93
C LEU C 560 4.30 -23.72 -34.99
N GLU C 561 4.54 -24.56 -35.99
CA GLU C 561 5.85 -25.19 -36.16
C GLU C 561 6.96 -24.13 -36.30
N LEU C 562 6.70 -23.14 -37.16
CA LEU C 562 7.64 -22.03 -37.32
C LEU C 562 7.92 -21.40 -35.96
N LEU C 563 6.86 -21.24 -35.16
CA LEU C 563 7.03 -20.71 -33.81
C LEU C 563 7.82 -21.68 -32.91
N ARG C 564 7.66 -22.99 -33.14
CA ARG C 564 8.43 -23.98 -32.37
C ARG C 564 9.92 -23.90 -32.68
N THR C 565 10.27 -23.72 -33.95
CA THR C 565 11.68 -23.65 -34.35
C THR C 565 12.42 -22.43 -33.79
N VAL C 566 11.67 -21.43 -33.34
CA VAL C 566 12.25 -20.22 -32.77
C VAL C 566 12.06 -20.22 -31.25
N PRO C 567 13.14 -20.43 -30.49
CA PRO C 567 13.02 -20.66 -29.04
C PRO C 567 12.39 -19.48 -28.28
N ILE C 568 12.81 -18.25 -28.60
CA ILE C 568 12.34 -17.08 -27.88
C ILE C 568 10.87 -16.79 -28.15
N ALA C 569 10.30 -17.43 -29.17
CA ALA C 569 8.89 -17.24 -29.50
C ALA C 569 8.05 -18.42 -29.02
N GLY C 570 8.70 -19.43 -28.45
CA GLY C 570 7.99 -20.60 -27.98
C GLY C 570 8.88 -21.80 -27.67
N GLY C 571 9.65 -22.24 -28.66
CA GLY C 571 10.44 -23.44 -28.53
C GLY C 571 9.52 -24.63 -28.68
N PRO C 572 10.03 -25.85 -28.42
CA PRO C 572 9.21 -27.05 -28.59
C PRO C 572 7.89 -27.02 -27.81
N TRP C 573 7.90 -26.45 -26.60
CA TRP C 573 6.69 -26.43 -25.76
C TRP C 573 5.89 -25.12 -25.90
N LEU C 574 6.31 -24.27 -26.82
CA LEU C 574 5.56 -23.07 -27.18
C LEU C 574 5.18 -22.20 -25.98
N ILE C 575 6.19 -21.74 -25.24
CA ILE C 575 5.99 -20.82 -24.11
C ILE C 575 5.78 -19.37 -24.59
N THR C 576 4.85 -18.67 -23.94
CA THR C 576 4.56 -17.28 -24.30
C THR C 576 5.39 -16.26 -23.51
N ASP C 577 6.10 -15.38 -24.22
CA ASP C 577 6.86 -14.31 -23.60
C ASP C 577 6.25 -12.95 -23.91
N MET C 578 5.63 -12.34 -22.89
CA MET C 578 4.92 -11.09 -23.06
C MET C 578 5.84 -9.90 -23.31
N ARG C 579 7.12 -10.03 -22.96
CA ARG C 579 8.08 -8.95 -23.14
C ARG C 579 8.77 -9.04 -24.51
N ARG C 580 8.37 -10.03 -25.31
CA ARG C 580 8.87 -10.20 -26.67
C ARG C 580 8.53 -9.00 -27.54
N GLY C 581 9.52 -8.51 -28.29
CA GLY C 581 9.37 -7.28 -29.06
C GLY C 581 9.33 -7.44 -30.57
N GLU C 582 9.79 -8.58 -31.09
CA GLU C 582 9.87 -8.81 -32.53
C GLU C 582 9.06 -10.02 -32.99
N THR C 583 8.49 -9.93 -34.19
CA THR C 583 7.86 -11.09 -34.82
C THR C 583 8.94 -12.03 -35.35
N ILE C 584 8.57 -13.27 -35.64
CA ILE C 584 9.52 -14.23 -36.21
C ILE C 584 9.98 -13.78 -37.60
N PHE C 585 9.14 -13.01 -38.29
CA PHE C 585 9.45 -12.53 -39.64
C PHE C 585 10.50 -11.42 -39.59
N GLU C 586 10.51 -10.66 -38.51
CA GLU C 586 11.53 -9.62 -38.32
C GLU C 586 12.83 -10.24 -37.82
N ILE C 587 12.71 -11.37 -37.15
CA ILE C 587 13.86 -12.08 -36.59
C ILE C 587 14.59 -12.93 -37.63
N ASP C 588 13.82 -13.52 -38.54
CA ASP C 588 14.39 -14.36 -39.59
C ASP C 588 13.60 -14.12 -40.88
N PRO C 589 14.11 -13.19 -41.73
CA PRO C 589 13.37 -12.81 -42.95
C PRO C 589 12.96 -13.99 -43.81
N HIS C 590 13.89 -14.93 -44.03
CA HIS C 590 13.67 -16.08 -44.89
C HIS C 590 12.37 -16.79 -44.57
N LEU C 591 12.05 -16.87 -43.27
CA LEU C 591 10.83 -17.58 -42.84
C LEU C 591 9.63 -17.09 -43.65
N GLN C 592 9.57 -15.78 -43.91
CA GLN C 592 8.43 -15.20 -44.61
C GLN C 592 8.25 -15.98 -45.89
N GLU C 593 9.41 -16.29 -46.49
CA GLU C 593 9.46 -16.94 -47.79
C GLU C 593 8.64 -18.23 -47.70
N ARG C 594 8.72 -18.92 -46.58
CA ARG C 594 8.03 -20.20 -46.42
C ARG C 594 6.53 -20.07 -46.26
N VAL C 595 6.04 -18.93 -45.77
CA VAL C 595 4.60 -18.81 -45.62
C VAL C 595 4.15 -18.71 -47.06
N ASP C 596 4.81 -17.79 -47.76
CA ASP C 596 4.58 -17.58 -49.17
C ASP C 596 4.80 -18.87 -49.95
N LYS C 597 5.67 -19.76 -49.46
CA LYS C 597 5.88 -21.12 -50.04
C LYS C 597 4.65 -21.97 -49.81
N GLY C 598 4.04 -21.81 -48.64
CA GLY C 598 2.90 -22.64 -48.29
C GLY C 598 1.63 -22.28 -49.04
N ILE C 599 1.34 -20.98 -49.08
CA ILE C 599 0.11 -20.45 -49.67
C ILE C 599 0.02 -20.77 -51.14
N GLU C 600 1.19 -20.79 -51.76
CA GLU C 600 1.29 -20.92 -53.22
C GLU C 600 1.07 -22.36 -53.67
N THR C 601 1.54 -23.32 -52.88
CA THR C 601 1.42 -24.74 -53.26
C THR C 601 0.13 -25.42 -52.77
N ASP C 602 -0.26 -25.14 -51.52
CA ASP C 602 -1.41 -25.81 -50.89
C ASP C 602 -2.61 -24.89 -50.61
N GLY C 603 -2.38 -23.59 -50.53
CA GLY C 603 -3.43 -22.64 -50.22
C GLY C 603 -3.73 -22.55 -48.73
N SER C 604 -4.99 -22.25 -48.39
CA SER C 604 -5.39 -22.07 -46.99
C SER C 604 -5.97 -23.34 -46.35
N ASN C 605 -5.78 -23.45 -45.04
CA ASN C 605 -6.24 -24.59 -44.23
C ASN C 605 -7.61 -24.37 -43.58
N LEU C 606 -8.09 -23.12 -43.65
CA LEU C 606 -9.24 -22.66 -42.87
C LEU C 606 -10.59 -23.16 -43.38
N SER C 607 -11.16 -24.18 -42.73
CA SER C 607 -12.44 -24.73 -43.18
C SER C 607 -13.57 -23.71 -43.01
N GLY C 608 -13.49 -22.88 -41.97
CA GLY C 608 -14.51 -21.89 -41.71
C GLY C 608 -14.11 -20.95 -40.59
N VAL C 609 -14.91 -19.93 -40.34
CA VAL C 609 -14.58 -18.95 -39.30
C VAL C 609 -15.80 -18.38 -38.57
N SER C 610 -15.62 -18.03 -37.31
CA SER C 610 -16.66 -17.37 -36.53
C SER C 610 -16.44 -15.87 -36.50
N ALA C 611 -17.41 -15.13 -36.99
CA ALA C 611 -17.26 -13.68 -37.14
C ALA C 611 -18.61 -13.00 -37.17
N LYS C 612 -18.62 -11.67 -37.24
CA LYS C 612 -19.88 -10.94 -37.39
C LYS C 612 -20.31 -11.00 -38.85
N CYS C 613 -21.44 -11.65 -39.11
CA CYS C 613 -21.91 -11.78 -40.48
C CYS C 613 -23.40 -12.08 -40.50
N ALA C 614 -23.99 -12.03 -41.69
CA ALA C 614 -25.41 -12.33 -41.84
C ALA C 614 -25.79 -12.52 -43.30
N TRP C 615 -27.03 -12.92 -43.54
CA TRP C 615 -27.55 -13.00 -44.89
C TRP C 615 -29.04 -12.71 -44.84
N ASP C 616 -29.62 -12.35 -45.99
CA ASP C 616 -31.03 -12.01 -46.01
C ASP C 616 -31.60 -12.00 -47.44
N ASP C 617 -32.92 -11.84 -47.52
CA ASP C 617 -33.67 -11.78 -48.77
C ASP C 617 -33.79 -10.36 -49.30
N LEU C 618 -33.87 -10.21 -50.62
CA LEU C 618 -34.13 -8.90 -51.24
C LEU C 618 -35.62 -8.74 -51.53
N PRO C 625 -34.90 -17.15 -41.22
CA PRO C 625 -35.51 -17.84 -40.07
C PRO C 625 -35.90 -19.29 -40.37
N ILE C 626 -37.17 -19.66 -40.19
CA ILE C 626 -37.62 -21.04 -40.23
C ILE C 626 -37.60 -21.64 -41.65
N ARG C 627 -37.64 -22.97 -41.72
CA ARG C 627 -37.90 -23.75 -42.95
C ARG C 627 -36.73 -23.96 -43.92
N THR C 628 -36.92 -24.93 -44.83
CA THR C 628 -36.02 -25.14 -45.96
C THR C 628 -36.47 -24.33 -47.18
N ARG C 629 -35.57 -23.49 -47.71
CA ARG C 629 -35.90 -22.61 -48.84
C ARG C 629 -34.80 -22.46 -49.89
N GLN C 630 -35.18 -22.58 -51.17
CA GLN C 630 -34.29 -22.20 -52.27
C GLN C 630 -34.60 -20.74 -52.65
N LEU C 631 -33.57 -19.99 -53.02
CA LEU C 631 -33.73 -18.57 -53.30
C LEU C 631 -33.15 -18.17 -54.65
N GLU C 632 -33.87 -17.35 -55.40
CA GLU C 632 -33.38 -16.85 -56.69
C GLU C 632 -32.34 -15.77 -56.51
N SER C 633 -32.58 -14.91 -55.50
CA SER C 633 -31.69 -13.82 -55.17
C SER C 633 -31.27 -13.94 -53.71
N VAL C 634 -30.08 -13.42 -53.40
CA VAL C 634 -29.52 -13.47 -52.04
C VAL C 634 -28.84 -12.15 -51.68
N HIS C 635 -28.88 -11.79 -50.40
CA HIS C 635 -28.17 -10.59 -49.95
C HIS C 635 -27.32 -10.93 -48.70
N LEU C 636 -26.00 -10.89 -48.86
CA LEU C 636 -25.05 -11.26 -47.81
C LEU C 636 -24.42 -10.06 -47.13
N LYS C 637 -24.16 -10.19 -45.82
CA LYS C 637 -23.65 -9.10 -45.00
C LYS C 637 -22.44 -9.55 -44.17
N PHE C 638 -21.36 -8.78 -44.22
CA PHE C 638 -20.13 -9.10 -43.48
C PHE C 638 -19.60 -7.87 -42.75
N ASN C 639 -18.74 -8.10 -41.77
CA ASN C 639 -17.94 -7.02 -41.19
C ASN C 639 -16.63 -6.92 -41.98
N GLN C 640 -15.85 -5.88 -41.72
CA GLN C 640 -14.58 -5.69 -42.43
C GLN C 640 -13.65 -6.87 -42.23
N GLU C 641 -13.57 -7.29 -40.98
CA GLU C 641 -12.64 -8.33 -40.56
C GLU C 641 -12.92 -9.65 -41.30
N SER C 642 -14.17 -10.12 -41.23
CA SER C 642 -14.60 -11.32 -41.96
C SER C 642 -14.55 -11.05 -43.45
N GLY C 643 -14.84 -9.80 -43.83
CA GLY C 643 -14.80 -9.37 -45.21
C GLY C 643 -13.42 -9.54 -45.84
N ALA C 644 -12.38 -9.25 -45.05
CA ALA C 644 -11.00 -9.39 -45.52
C ALA C 644 -10.64 -10.85 -45.84
N LEU C 645 -11.42 -11.79 -45.32
CA LEU C 645 -11.21 -13.21 -45.59
C LEU C 645 -11.93 -13.70 -46.84
N ILE C 646 -12.85 -12.91 -47.38
CA ILE C 646 -13.58 -13.33 -48.58
C ILE C 646 -12.62 -13.69 -49.72
N PRO C 647 -11.59 -12.83 -49.97
CA PRO C 647 -10.61 -13.22 -50.99
C PRO C 647 -9.97 -14.57 -50.69
N LEU C 648 -9.72 -14.80 -49.40
CA LEU C 648 -9.19 -16.08 -48.96
C LEU C 648 -10.20 -17.19 -49.17
N CYS C 649 -11.45 -16.95 -48.81
CA CYS C 649 -12.52 -17.94 -48.97
C CYS C 649 -12.59 -18.42 -50.42
N LEU C 650 -12.52 -17.49 -51.37
CA LEU C 650 -12.66 -17.85 -52.79
C LEU C 650 -11.43 -18.55 -53.36
N ARG C 651 -10.31 -17.82 -53.45
CA ARG C 651 -9.09 -18.38 -54.02
C ARG C 651 -8.49 -19.47 -53.16
N GLY C 652 -8.53 -19.26 -51.84
CA GLY C 652 -7.85 -20.14 -50.92
C GLY C 652 -8.44 -21.52 -50.85
N ARG C 653 -9.77 -21.68 -51.00
CA ARG C 653 -10.45 -23.00 -50.84
C ARG C 653 -11.40 -23.41 -51.95
N LEU C 654 -12.24 -22.50 -52.44
CA LEU C 654 -13.20 -22.88 -53.49
C LEU C 654 -12.50 -23.48 -54.71
N LEU C 655 -11.32 -22.95 -55.04
CA LEU C 655 -10.58 -23.40 -56.23
C LEU C 655 -10.11 -24.84 -56.11
N HIS C 656 -10.16 -25.37 -54.90
CA HIS C 656 -9.66 -26.71 -54.64
C HIS C 656 -10.76 -27.73 -54.35
N GLY C 657 -12.00 -27.40 -54.73
CA GLY C 657 -13.10 -28.32 -54.52
C GLY C 657 -13.43 -28.40 -53.04
N ARG C 658 -13.10 -27.32 -52.32
CA ARG C 658 -13.34 -27.27 -50.88
C ARG C 658 -14.49 -26.31 -50.60
N HIS C 659 -15.02 -26.38 -49.37
CA HIS C 659 -16.12 -25.53 -48.95
C HIS C 659 -15.56 -24.50 -47.96
N PHE C 660 -16.30 -23.43 -47.74
CA PHE C 660 -15.91 -22.49 -46.70
C PHE C 660 -17.15 -22.02 -45.96
N THR C 661 -17.07 -21.92 -44.63
CA THR C 661 -18.22 -21.54 -43.81
C THR C 661 -17.95 -20.37 -42.85
N TYR C 662 -18.75 -19.32 -42.99
CA TYR C 662 -18.82 -18.26 -41.99
C TYR C 662 -19.95 -18.53 -41.00
N LYS C 663 -19.65 -18.55 -39.71
CA LYS C 663 -20.70 -18.62 -38.68
C LYS C 663 -20.73 -17.34 -37.87
N SER C 664 -21.95 -16.85 -37.62
CA SER C 664 -22.12 -15.69 -36.76
C SER C 664 -22.10 -16.14 -35.29
N ILE C 665 -21.39 -15.39 -34.45
CA ILE C 665 -21.33 -15.71 -33.02
C ILE C 665 -22.58 -15.19 -32.33
N THR C 666 -23.10 -14.08 -32.86
CA THR C 666 -24.27 -13.40 -32.30
C THR C 666 -25.54 -14.19 -32.60
N GLY C 667 -25.68 -14.65 -33.84
CA GLY C 667 -26.86 -15.39 -34.25
C GLY C 667 -26.62 -16.89 -34.37
N ASP C 668 -27.59 -17.58 -34.98
CA ASP C 668 -27.46 -18.97 -35.36
C ASP C 668 -27.17 -19.03 -36.87
N MET C 669 -26.83 -17.85 -37.41
CA MET C 669 -26.60 -17.64 -38.83
C MET C 669 -25.37 -18.37 -39.31
N ALA C 670 -25.41 -18.82 -40.56
CA ALA C 670 -24.23 -19.44 -41.15
C ALA C 670 -24.31 -19.33 -42.66
N ILE C 671 -23.13 -19.22 -43.27
CA ILE C 671 -23.02 -19.16 -44.73
C ILE C 671 -21.91 -20.08 -45.19
N THR C 672 -22.26 -21.07 -46.00
CA THR C 672 -21.25 -21.98 -46.54
C THR C 672 -21.07 -21.72 -48.05
N PHE C 673 -19.91 -21.17 -48.39
CA PHE C 673 -19.51 -21.03 -49.79
C PHE C 673 -19.08 -22.38 -50.33
N VAL C 674 -19.60 -22.67 -51.52
CA VAL C 674 -19.44 -23.96 -52.17
C VAL C 674 -19.03 -23.76 -53.62
N SER C 675 -18.17 -24.64 -54.11
CA SER C 675 -17.79 -24.60 -55.52
C SER C 675 -18.41 -25.78 -56.25
N THR C 676 -18.21 -25.83 -57.56
CA THR C 676 -18.63 -27.00 -58.33
C THR C 676 -17.70 -28.14 -57.98
N GLY C 677 -18.22 -29.37 -57.97
CA GLY C 677 -17.40 -30.53 -57.70
C GLY C 677 -17.33 -30.95 -56.25
N VAL C 678 -18.03 -30.23 -55.37
CA VAL C 678 -18.09 -30.61 -53.96
C VAL C 678 -19.11 -31.72 -53.79
N GLU C 679 -19.03 -32.44 -52.67
CA GLU C 679 -20.00 -33.50 -52.39
C GLU C 679 -20.83 -33.14 -51.16
N GLY C 680 -22.02 -33.73 -51.09
CA GLY C 680 -22.94 -33.47 -49.99
C GLY C 680 -23.78 -32.22 -50.22
N ALA C 681 -23.36 -31.37 -51.16
CA ALA C 681 -24.07 -30.13 -51.45
C ALA C 681 -25.42 -30.37 -52.11
N PHE C 682 -26.45 -29.67 -51.62
CA PHE C 682 -27.77 -29.69 -52.25
C PHE C 682 -27.86 -28.60 -53.31
N ALA C 683 -26.87 -27.72 -53.33
CA ALA C 683 -26.83 -26.66 -54.32
C ALA C 683 -26.40 -27.22 -55.67
N THR C 684 -27.27 -27.01 -56.65
CA THR C 684 -27.02 -27.42 -58.02
C THR C 684 -26.58 -26.18 -58.79
N GLU C 685 -26.00 -26.39 -59.98
CA GLU C 685 -25.64 -25.27 -60.82
C GLU C 685 -26.90 -24.48 -61.23
N GLU C 686 -27.98 -25.20 -61.50
CA GLU C 686 -29.28 -24.59 -61.84
C GLU C 686 -29.91 -23.83 -60.68
N HIS C 687 -29.75 -24.37 -59.46
CA HIS C 687 -30.30 -23.72 -58.26
C HIS C 687 -29.17 -23.43 -57.25
N PRO C 688 -28.42 -22.32 -57.49
CA PRO C 688 -27.24 -21.96 -56.70
C PRO C 688 -27.49 -21.70 -55.20
N TYR C 689 -28.57 -21.03 -54.82
CA TYR C 689 -28.75 -20.57 -53.43
C TYR C 689 -29.88 -21.27 -52.70
N ALA C 690 -29.56 -21.94 -51.58
CA ALA C 690 -30.59 -22.61 -50.78
C ALA C 690 -30.23 -22.70 -49.29
N ALA C 691 -31.26 -22.73 -48.43
CA ALA C 691 -31.08 -22.65 -46.97
C ALA C 691 -32.01 -23.62 -46.22
N HIS C 692 -31.49 -24.23 -45.16
CA HIS C 692 -32.31 -25.08 -44.28
C HIS C 692 -32.83 -24.32 -43.07
N GLY C 693 -32.69 -23.00 -43.11
CA GLY C 693 -33.04 -22.16 -41.98
C GLY C 693 -32.01 -21.03 -41.90
N PRO C 694 -31.46 -20.80 -40.70
CA PRO C 694 -30.40 -19.78 -40.64
C PRO C 694 -29.15 -20.23 -41.39
N TRP C 695 -29.05 -21.54 -41.65
CA TRP C 695 -27.95 -22.11 -42.39
C TRP C 695 -28.17 -21.91 -43.90
N LEU C 696 -27.29 -21.14 -44.53
CA LEU C 696 -27.39 -20.86 -45.97
C LEU C 696 -26.19 -21.35 -46.78
N GLN C 697 -26.47 -22.04 -47.86
CA GLN C 697 -25.45 -22.44 -48.82
C GLN C 697 -25.67 -21.75 -50.16
N ILE C 698 -24.59 -21.20 -50.71
CA ILE C 698 -24.59 -20.63 -52.05
C ILE C 698 -23.46 -21.29 -52.85
N LEU C 699 -23.79 -21.73 -54.07
CA LEU C 699 -22.81 -22.37 -54.95
C LEU C 699 -22.33 -21.35 -55.98
N LEU C 700 -21.02 -21.16 -56.01
CA LEU C 700 -20.41 -20.18 -56.92
C LEU C 700 -19.47 -20.87 -57.88
N THR C 701 -19.48 -20.38 -59.14
CA THR C 701 -18.64 -20.94 -60.18
C THR C 701 -17.30 -20.22 -60.14
N GLU C 702 -16.22 -20.93 -60.49
CA GLU C 702 -14.89 -20.36 -60.51
C GLU C 702 -14.90 -19.10 -61.38
N GLU C 703 -15.66 -19.19 -62.48
CA GLU C 703 -15.86 -18.04 -63.36
C GLU C 703 -16.32 -16.83 -62.52
N PHE C 704 -17.39 -17.07 -61.81
CA PHE C 704 -18.02 -16.06 -60.98
C PHE C 704 -17.05 -15.69 -59.86
N VAL C 705 -16.27 -16.69 -59.42
CA VAL C 705 -15.22 -16.48 -58.43
C VAL C 705 -14.16 -15.48 -58.90
N GLU C 706 -13.62 -15.67 -60.11
CA GLU C 706 -12.61 -14.75 -60.63
C GLU C 706 -13.16 -13.35 -60.82
N LYS C 707 -14.31 -13.21 -61.46
CA LYS C 707 -14.89 -11.87 -61.61
C LYS C 707 -15.12 -11.23 -60.23
N MET C 708 -15.65 -12.04 -59.30
CA MET C 708 -15.85 -11.57 -57.93
C MET C 708 -14.54 -11.11 -57.29
N LEU C 709 -13.50 -11.91 -57.46
CA LEU C 709 -12.18 -11.61 -56.93
C LEU C 709 -11.65 -10.28 -57.49
N GLU C 710 -11.83 -10.11 -58.80
CA GLU C 710 -11.38 -8.88 -59.43
C GLU C 710 -12.09 -7.65 -58.87
N ASP C 711 -13.41 -7.74 -58.67
CA ASP C 711 -14.16 -6.59 -58.14
C ASP C 711 -13.67 -6.25 -56.73
N ALA C 719 -13.34 1.74 -46.16
CA ALA C 719 -14.40 2.69 -46.47
C ALA C 719 -15.77 2.03 -46.45
N LEU C 720 -16.41 2.01 -45.27
CA LEU C 720 -17.70 1.33 -45.15
C LEU C 720 -18.86 2.33 -44.98
N PRO C 721 -20.06 1.94 -45.47
CA PRO C 721 -20.30 0.68 -46.17
C PRO C 721 -19.67 0.66 -47.58
N LYS C 722 -19.05 -0.45 -47.95
CA LYS C 722 -18.56 -0.62 -49.32
C LYS C 722 -19.51 -1.65 -49.92
N GLU C 723 -20.04 -1.33 -51.10
CA GLU C 723 -21.15 -2.10 -51.62
C GLU C 723 -20.74 -2.82 -52.90
N TYR C 724 -20.97 -4.13 -52.96
CA TYR C 724 -20.74 -4.89 -54.18
C TYR C 724 -22.06 -5.42 -54.70
N SER C 725 -22.27 -5.38 -56.01
CA SER C 725 -23.54 -5.82 -56.58
C SER C 725 -23.39 -6.63 -57.88
N TRP C 726 -24.38 -7.49 -58.12
CA TRP C 726 -24.45 -8.29 -59.33
C TRP C 726 -25.91 -8.43 -59.75
N PRO C 727 -26.14 -8.95 -60.97
CA PRO C 727 -27.53 -9.20 -61.39
C PRO C 727 -28.25 -10.26 -60.53
N GLU C 728 -27.52 -11.12 -59.82
CA GLU C 728 -28.15 -12.22 -59.07
C GLU C 728 -27.97 -12.09 -57.56
N LYS C 729 -27.18 -11.10 -57.12
CA LYS C 729 -26.76 -11.07 -55.73
C LYS C 729 -26.11 -9.74 -55.33
N LYS C 730 -26.29 -9.35 -54.06
CA LYS C 730 -25.74 -8.10 -53.50
C LYS C 730 -24.98 -8.38 -52.21
N LEU C 731 -23.85 -7.70 -52.00
CA LEU C 731 -22.96 -7.96 -50.87
C LEU C 731 -22.50 -6.66 -50.18
N LYS C 732 -22.88 -6.47 -48.91
CA LYS C 732 -22.39 -5.30 -48.15
C LYS C 732 -21.42 -5.68 -47.06
N VAL C 733 -20.54 -4.74 -46.71
CA VAL C 733 -19.68 -4.82 -45.54
C VAL C 733 -20.04 -3.69 -44.58
N SER C 734 -20.33 -4.04 -43.32
CA SER C 734 -20.86 -3.07 -42.35
C SER C 734 -20.19 -3.15 -40.98
N ILE C 735 -20.49 -2.17 -40.12
CA ILE C 735 -19.87 -2.07 -38.80
C ILE C 735 -20.86 -2.45 -37.70
N VAL C 746 -28.02 -8.93 -30.32
CA VAL C 746 -29.23 -8.77 -29.51
C VAL C 746 -29.35 -9.91 -28.50
N GLU C 747 -28.74 -11.06 -28.79
CA GLU C 747 -29.03 -12.32 -28.10
C GLU C 747 -27.87 -12.92 -27.25
N HIS C 748 -28.21 -13.39 -26.05
CA HIS C 748 -27.26 -13.99 -25.10
C HIS C 748 -27.42 -15.49 -24.79
N HIS C 749 -26.41 -16.30 -25.08
CA HIS C 749 -26.45 -17.73 -24.74
C HIS C 749 -25.69 -18.06 -23.45
N HIS C 750 -26.31 -18.89 -22.61
CA HIS C 750 -25.78 -19.24 -21.30
C HIS C 750 -25.62 -20.75 -21.11
N HIS C 751 -24.52 -21.15 -20.47
CA HIS C 751 -24.25 -22.55 -20.15
C HIS C 751 -24.13 -23.43 -21.40
N HIS C 752 -24.11 -24.75 -21.19
CA HIS C 752 -24.04 -25.73 -22.27
C HIS C 752 -25.23 -26.68 -22.24
N HIS C 753 -26.31 -26.23 -21.61
CA HIS C 753 -27.57 -26.96 -21.65
C HIS C 753 -28.02 -27.20 -23.09
N GLY D 6 -47.45 4.37 -50.45
CA GLY D 6 -46.34 3.81 -49.72
C GLY D 6 -46.68 2.49 -49.04
N LYS D 7 -45.86 2.13 -48.07
CA LYS D 7 -46.00 0.87 -47.32
C LYS D 7 -46.00 1.14 -45.80
N LEU D 8 -46.14 0.06 -45.01
CA LEU D 8 -46.15 0.18 -43.54
C LEU D 8 -44.99 -0.51 -42.85
N VAL D 9 -44.20 0.29 -42.15
CA VAL D 9 -43.12 -0.21 -41.30
C VAL D 9 -43.51 -0.04 -39.83
N ILE D 10 -43.39 -1.12 -39.07
CA ILE D 10 -43.79 -1.15 -37.67
C ILE D 10 -42.65 -1.54 -36.75
N TRP D 11 -42.49 -0.79 -35.65
CA TRP D 11 -41.52 -1.11 -34.61
C TRP D 11 -42.20 -1.63 -33.36
N ILE D 12 -41.74 -2.79 -32.88
CA ILE D 12 -42.25 -3.34 -31.63
C ILE D 12 -41.07 -3.97 -30.90
N ASN D 13 -41.10 -3.98 -29.57
CA ASN D 13 -39.97 -4.46 -28.80
C ASN D 13 -39.71 -5.96 -29.00
N GLY D 14 -38.44 -6.35 -28.88
CA GLY D 14 -38.02 -7.70 -29.16
C GLY D 14 -38.59 -8.76 -28.25
N ASP D 15 -39.10 -8.37 -27.09
CA ASP D 15 -39.68 -9.33 -26.16
C ASP D 15 -41.17 -9.54 -26.41
N LYS D 16 -41.71 -8.88 -27.44
CA LYS D 16 -43.13 -9.00 -27.77
C LYS D 16 -43.35 -9.92 -28.95
N GLY D 17 -44.61 -10.31 -29.18
CA GLY D 17 -44.93 -11.26 -30.23
C GLY D 17 -44.93 -10.66 -31.62
N TYR D 18 -43.73 -10.37 -32.14
CA TYR D 18 -43.60 -9.66 -33.41
C TYR D 18 -43.87 -10.55 -34.63
N ASN D 19 -43.68 -11.86 -34.50
CA ASN D 19 -43.98 -12.78 -35.59
C ASN D 19 -45.50 -12.88 -35.79
N GLY D 20 -46.25 -12.92 -34.69
CA GLY D 20 -47.69 -12.91 -34.76
C GLY D 20 -48.17 -11.64 -35.44
N LEU D 21 -47.57 -10.52 -35.03
CA LEU D 21 -47.88 -9.24 -35.64
C LEU D 21 -47.53 -9.28 -37.12
N ALA D 22 -46.41 -9.92 -37.46
CA ALA D 22 -46.04 -10.08 -38.87
C ALA D 22 -47.09 -10.89 -39.64
N GLU D 23 -47.64 -11.92 -39.03
CA GLU D 23 -48.73 -12.66 -39.65
C GLU D 23 -49.94 -11.75 -39.90
N VAL D 24 -50.29 -10.95 -38.89
CA VAL D 24 -51.36 -9.98 -39.08
C VAL D 24 -50.99 -9.06 -40.25
N GLY D 25 -49.73 -8.67 -40.32
CA GLY D 25 -49.25 -7.88 -41.44
C GLY D 25 -49.42 -8.61 -42.76
N LYS D 26 -49.20 -9.92 -42.74
CA LYS D 26 -49.37 -10.75 -43.95
C LYS D 26 -50.82 -10.82 -44.38
N LYS D 27 -51.73 -10.99 -43.43
CA LYS D 27 -53.16 -10.93 -43.78
C LYS D 27 -53.50 -9.56 -44.34
N PHE D 28 -53.00 -8.51 -43.71
CA PHE D 28 -53.22 -7.15 -44.19
C PHE D 28 -52.73 -6.97 -45.63
N GLU D 29 -51.52 -7.46 -45.91
CA GLU D 29 -50.96 -7.39 -47.26
C GLU D 29 -51.79 -8.22 -48.21
N LYS D 30 -52.21 -9.39 -47.74
CA LYS D 30 -53.01 -10.30 -48.54
C LYS D 30 -54.31 -9.64 -49.00
N ASP D 31 -55.04 -9.04 -48.05
CA ASP D 31 -56.33 -8.43 -48.37
C ASP D 31 -56.16 -7.11 -49.10
N THR D 32 -55.17 -6.32 -48.71
CA THR D 32 -55.06 -4.93 -49.18
C THR D 32 -53.99 -4.74 -50.26
N GLY D 33 -52.99 -5.62 -50.26
CA GLY D 33 -51.90 -5.51 -51.21
C GLY D 33 -50.77 -4.62 -50.72
N ILE D 34 -50.95 -4.01 -49.56
CA ILE D 34 -49.92 -3.13 -48.99
C ILE D 34 -49.01 -3.94 -48.09
N LYS D 35 -47.72 -3.89 -48.38
CA LYS D 35 -46.75 -4.69 -47.63
C LYS D 35 -46.55 -4.10 -46.23
N VAL D 36 -46.43 -4.99 -45.24
CA VAL D 36 -46.22 -4.60 -43.85
C VAL D 36 -44.92 -5.21 -43.35
N THR D 37 -43.99 -4.33 -42.96
CA THR D 37 -42.68 -4.75 -42.46
C THR D 37 -42.53 -4.49 -40.96
N VAL D 38 -42.45 -5.58 -40.19
CA VAL D 38 -42.29 -5.51 -38.74
C VAL D 38 -40.83 -5.67 -38.31
N GLU D 39 -40.34 -4.71 -37.54
CA GLU D 39 -38.97 -4.72 -37.06
C GLU D 39 -38.95 -4.60 -35.53
N HIS D 40 -37.91 -5.13 -34.90
CA HIS D 40 -37.79 -5.05 -33.44
C HIS D 40 -36.39 -4.62 -33.01
N PRO D 41 -36.01 -3.40 -33.37
CA PRO D 41 -34.67 -2.88 -33.06
C PRO D 41 -34.45 -2.67 -31.56
N ASP D 42 -33.18 -2.67 -31.15
CA ASP D 42 -32.84 -2.40 -29.76
C ASP D 42 -33.04 -0.93 -29.42
N LYS D 43 -33.49 -0.66 -28.20
CA LYS D 43 -33.67 0.70 -27.71
C LYS D 43 -34.54 1.54 -28.65
N LEU D 44 -35.62 0.96 -29.14
CA LEU D 44 -36.50 1.65 -30.07
C LEU D 44 -37.14 2.86 -29.39
N GLU D 45 -37.38 2.76 -28.09
CA GLU D 45 -38.00 3.86 -27.36
C GLU D 45 -37.08 5.09 -27.29
N GLU D 46 -35.77 4.87 -27.41
CA GLU D 46 -34.81 5.97 -27.52
C GLU D 46 -34.59 6.38 -28.96
N LYS D 47 -34.57 5.40 -29.86
CA LYS D 47 -34.27 5.64 -31.26
C LYS D 47 -35.39 6.41 -31.93
N PHE D 48 -36.63 6.09 -31.57
CA PHE D 48 -37.79 6.70 -32.22
C PHE D 48 -37.73 8.24 -32.21
N PRO D 49 -37.56 8.86 -31.04
CA PRO D 49 -37.48 10.33 -31.03
C PRO D 49 -36.25 10.88 -31.78
N GLN D 50 -35.20 10.08 -31.90
CA GLN D 50 -34.03 10.49 -32.66
C GLN D 50 -34.35 10.50 -34.15
N VAL D 51 -34.93 9.41 -34.64
CA VAL D 51 -35.17 9.23 -36.08
C VAL D 51 -36.32 10.06 -36.63
N ALA D 52 -37.34 10.32 -35.81
CA ALA D 52 -38.51 11.06 -36.29
C ALA D 52 -38.14 12.45 -36.81
N ALA D 53 -37.13 13.07 -36.20
CA ALA D 53 -36.68 14.38 -36.64
C ALA D 53 -36.07 14.32 -38.05
N THR D 54 -35.38 13.22 -38.34
CA THR D 54 -34.79 13.01 -39.66
C THR D 54 -35.80 12.42 -40.65
N GLY D 55 -36.95 12.00 -40.13
CA GLY D 55 -38.05 11.53 -40.96
C GLY D 55 -37.96 10.08 -41.41
N ASP D 56 -37.06 9.32 -40.83
CA ASP D 56 -36.88 7.91 -41.22
C ASP D 56 -37.34 6.96 -40.10
N GLY D 57 -38.29 7.42 -39.28
CA GLY D 57 -38.87 6.57 -38.25
C GLY D 57 -39.95 5.68 -38.83
N PRO D 58 -40.48 4.74 -38.01
CA PRO D 58 -41.51 3.83 -38.51
C PRO D 58 -42.85 4.52 -38.72
N ASP D 59 -43.79 3.84 -39.35
CA ASP D 59 -45.14 4.37 -39.51
C ASP D 59 -45.92 4.18 -38.23
N ILE D 60 -45.73 3.01 -37.61
CA ILE D 60 -46.37 2.67 -36.35
C ILE D 60 -45.31 2.29 -35.33
N ILE D 61 -45.46 2.76 -34.10
CA ILE D 61 -44.55 2.38 -33.01
C ILE D 61 -45.27 1.80 -31.82
N PHE D 62 -44.83 0.61 -31.43
CA PHE D 62 -45.38 -0.06 -30.26
C PHE D 62 -44.51 0.16 -29.03
N TRP D 63 -45.15 0.53 -27.93
CA TRP D 63 -44.49 0.57 -26.64
C TRP D 63 -45.53 0.76 -25.56
N ALA D 64 -45.15 0.60 -24.30
CA ALA D 64 -46.03 0.96 -23.21
C ALA D 64 -46.33 2.46 -23.30
N HIS D 65 -47.50 2.85 -22.81
CA HIS D 65 -48.00 4.21 -22.97
C HIS D 65 -47.12 5.29 -22.35
N ASP D 66 -46.33 4.92 -21.36
CA ASP D 66 -45.61 5.88 -20.54
C ASP D 66 -44.64 6.74 -21.35
N ARG D 67 -44.19 6.22 -22.49
CA ARG D 67 -43.32 6.98 -23.38
C ARG D 67 -44.10 7.99 -24.21
N PHE D 68 -45.35 7.65 -24.53
CA PHE D 68 -46.04 8.29 -25.63
C PHE D 68 -46.38 9.75 -25.38
N GLY D 69 -46.60 10.10 -24.11
CA GLY D 69 -46.85 11.49 -23.77
C GLY D 69 -45.64 12.33 -24.11
N GLY D 70 -44.45 11.74 -24.03
CA GLY D 70 -43.24 12.47 -24.34
C GLY D 70 -43.25 12.77 -25.81
N TYR D 71 -43.38 11.71 -26.60
CA TYR D 71 -43.44 11.80 -28.06
C TYR D 71 -44.48 12.84 -28.46
N ALA D 72 -45.65 12.75 -27.84
CA ALA D 72 -46.74 13.66 -28.13
C ALA D 72 -46.31 15.10 -27.88
N GLN D 73 -45.48 15.33 -26.87
CA GLN D 73 -45.08 16.68 -26.54
C GLN D 73 -44.13 17.14 -27.63
N SER D 74 -43.43 16.21 -28.28
CA SER D 74 -42.42 16.56 -29.26
C SER D 74 -43.04 16.66 -30.64
N GLY D 75 -44.36 16.45 -30.71
CA GLY D 75 -45.09 16.56 -31.97
C GLY D 75 -44.77 15.42 -32.91
N LEU D 76 -44.50 14.25 -32.34
CA LEU D 76 -44.06 13.10 -33.11
C LEU D 76 -45.22 12.15 -33.40
N LEU D 77 -46.35 12.42 -32.77
CA LEU D 77 -47.51 11.53 -32.89
C LEU D 77 -48.72 12.23 -33.48
N ALA D 78 -49.28 11.59 -34.50
CA ALA D 78 -50.53 12.04 -35.09
C ALA D 78 -51.66 11.67 -34.15
N GLU D 79 -52.65 12.55 -34.02
CA GLU D 79 -53.82 12.27 -33.20
C GLU D 79 -54.61 11.14 -33.85
N ILE D 80 -55.01 10.16 -33.06
CA ILE D 80 -55.82 9.06 -33.59
C ILE D 80 -57.29 9.43 -33.42
N THR D 81 -58.12 9.01 -34.37
CA THR D 81 -59.51 9.43 -34.41
C THR D 81 -60.48 8.27 -34.67
N PRO D 82 -60.63 7.38 -33.68
CA PRO D 82 -61.57 6.25 -33.78
C PRO D 82 -63.02 6.66 -33.53
N ASP D 83 -63.96 6.06 -34.24
CA ASP D 83 -65.38 6.34 -33.99
C ASP D 83 -65.77 5.82 -32.61
N LYS D 84 -66.89 6.29 -32.07
CA LYS D 84 -67.29 5.91 -30.72
C LYS D 84 -67.55 4.42 -30.64
N ALA D 85 -68.13 3.87 -31.71
CA ALA D 85 -68.44 2.45 -31.78
C ALA D 85 -67.17 1.63 -31.53
N PHE D 86 -66.07 2.05 -32.12
CA PHE D 86 -64.79 1.37 -31.92
C PHE D 86 -64.25 1.58 -30.50
N GLN D 87 -64.36 2.80 -29.99
CA GLN D 87 -63.94 3.10 -28.64
C GLN D 87 -64.68 2.24 -27.62
N ASP D 88 -65.94 1.92 -27.93
CA ASP D 88 -66.73 1.04 -27.06
C ASP D 88 -66.16 -0.38 -27.01
N LYS D 89 -65.54 -0.82 -28.09
CA LYS D 89 -64.94 -2.15 -28.16
C LYS D 89 -63.82 -2.37 -27.13
N LEU D 90 -63.17 -1.28 -26.72
CA LEU D 90 -62.04 -1.35 -25.78
C LEU D 90 -62.38 -0.76 -24.42
N TYR D 91 -61.66 -1.19 -23.39
CA TYR D 91 -61.92 -0.74 -22.02
C TYR D 91 -61.58 0.74 -21.87
N PRO D 92 -62.46 1.52 -21.22
CA PRO D 92 -62.17 2.95 -21.05
C PRO D 92 -60.80 3.24 -20.41
N PHE D 93 -60.41 2.50 -19.38
CA PHE D 93 -59.15 2.81 -18.71
C PHE D 93 -57.94 2.62 -19.64
N THR D 94 -58.06 1.73 -20.62
CA THR D 94 -56.97 1.57 -21.57
C THR D 94 -56.90 2.80 -22.46
N TRP D 95 -58.06 3.36 -22.79
CA TRP D 95 -58.10 4.64 -23.50
C TRP D 95 -57.52 5.74 -22.63
N ASP D 96 -57.89 5.74 -21.35
CA ASP D 96 -57.35 6.68 -20.37
C ASP D 96 -55.82 6.64 -20.38
N ALA D 97 -55.28 5.44 -20.41
CA ALA D 97 -53.82 5.24 -20.43
C ALA D 97 -53.13 5.95 -21.61
N VAL D 98 -53.81 6.05 -22.76
CA VAL D 98 -53.22 6.65 -23.95
C VAL D 98 -53.73 8.06 -24.23
N ARG D 99 -54.23 8.73 -23.20
CA ARG D 99 -54.74 10.09 -23.34
C ARG D 99 -53.75 11.12 -22.81
N TYR D 100 -53.48 12.14 -23.63
CA TYR D 100 -52.54 13.20 -23.25
C TYR D 100 -53.08 14.58 -23.62
N ASN D 101 -53.24 15.43 -22.59
CA ASN D 101 -53.83 16.76 -22.77
C ASN D 101 -55.13 16.70 -23.57
N GLY D 102 -56.00 15.76 -23.21
CA GLY D 102 -57.31 15.66 -23.82
C GLY D 102 -57.33 15.09 -25.23
N LYS D 103 -56.23 14.49 -25.67
CA LYS D 103 -56.19 13.86 -27.00
C LYS D 103 -55.77 12.39 -26.94
N LEU D 104 -56.36 11.58 -27.82
CA LEU D 104 -55.97 10.18 -27.98
C LEU D 104 -54.78 10.12 -28.92
N ILE D 105 -53.66 9.63 -28.41
CA ILE D 105 -52.39 9.69 -29.13
C ILE D 105 -51.86 8.31 -29.50
N ALA D 106 -52.61 7.27 -29.14
CA ALA D 106 -52.21 5.91 -29.48
C ALA D 106 -53.35 4.93 -29.26
N TYR D 107 -53.28 3.78 -29.92
CA TYR D 107 -54.25 2.72 -29.72
C TYR D 107 -53.77 1.80 -28.60
N PRO D 108 -54.56 1.65 -27.53
CA PRO D 108 -54.18 0.72 -26.48
C PRO D 108 -54.42 -0.73 -26.89
N ILE D 109 -53.45 -1.60 -26.61
CA ILE D 109 -53.51 -3.00 -27.03
C ILE D 109 -53.80 -3.94 -25.87
N ALA D 110 -52.98 -3.86 -24.81
CA ALA D 110 -53.07 -4.80 -23.70
C ALA D 110 -52.49 -4.23 -22.41
N VAL D 111 -53.04 -4.69 -21.28
CA VAL D 111 -52.54 -4.35 -19.96
C VAL D 111 -51.44 -5.32 -19.48
N GLU D 112 -50.36 -4.75 -18.98
CA GLU D 112 -49.16 -5.48 -18.56
C GLU D 112 -48.84 -5.17 -17.10
N ALA D 113 -48.59 -6.21 -16.32
CA ALA D 113 -48.14 -6.06 -14.94
C ALA D 113 -47.29 -7.26 -14.55
N LEU D 114 -46.23 -7.01 -13.78
CA LEU D 114 -45.34 -8.08 -13.37
C LEU D 114 -46.02 -8.96 -12.35
N SER D 115 -45.70 -10.25 -12.40
CA SER D 115 -46.24 -11.21 -11.45
C SER D 115 -45.10 -12.06 -10.90
N LEU D 116 -45.35 -12.78 -9.82
CA LEU D 116 -44.36 -13.71 -9.31
C LEU D 116 -44.56 -15.02 -10.05
N ILE D 117 -43.53 -15.45 -10.77
CA ILE D 117 -43.55 -16.73 -11.46
C ILE D 117 -42.72 -17.74 -10.69
N TYR D 118 -43.31 -18.90 -10.40
CA TYR D 118 -42.63 -19.90 -9.58
C TYR D 118 -42.73 -21.33 -10.07
N ASN D 119 -41.65 -22.07 -9.82
CA ASN D 119 -41.56 -23.49 -10.10
C ASN D 119 -42.26 -24.33 -9.06
N LYS D 120 -43.37 -24.97 -9.45
CA LYS D 120 -44.17 -25.74 -8.50
C LYS D 120 -43.43 -26.96 -7.94
N ASP D 121 -42.56 -27.57 -8.75
CA ASP D 121 -41.84 -28.76 -8.33
C ASP D 121 -40.80 -28.43 -7.27
N LEU D 122 -40.07 -27.33 -7.48
CA LEU D 122 -39.08 -26.90 -6.50
C LEU D 122 -39.71 -26.23 -5.29
N LEU D 123 -40.89 -25.65 -5.50
CA LEU D 123 -41.50 -24.78 -4.49
C LEU D 123 -43.02 -24.78 -4.63
N PRO D 124 -43.69 -25.80 -4.07
CA PRO D 124 -45.13 -25.94 -4.24
C PRO D 124 -45.92 -24.80 -3.59
N ASN D 125 -45.41 -24.26 -2.49
CA ASN D 125 -46.04 -23.15 -1.80
C ASN D 125 -45.15 -21.92 -1.83
N PRO D 126 -45.39 -21.00 -2.79
CA PRO D 126 -44.51 -19.85 -2.91
C PRO D 126 -44.68 -18.89 -1.72
N PRO D 127 -43.62 -18.15 -1.38
CA PRO D 127 -43.65 -17.28 -0.20
C PRO D 127 -44.57 -16.08 -0.40
N LYS D 128 -45.27 -15.71 0.67
CA LYS D 128 -46.15 -14.55 0.63
C LYS D 128 -45.36 -13.27 0.83
N THR D 129 -44.16 -13.40 1.37
CA THR D 129 -43.35 -12.23 1.74
C THR D 129 -41.95 -12.25 1.15
N TRP D 130 -41.40 -11.05 0.93
CA TRP D 130 -40.02 -10.91 0.51
C TRP D 130 -39.10 -11.41 1.60
N GLU D 131 -39.53 -11.21 2.85
CA GLU D 131 -38.73 -11.55 4.01
C GLU D 131 -38.46 -13.06 4.13
N GLU D 132 -39.35 -13.86 3.55
CA GLU D 132 -39.20 -15.31 3.54
C GLU D 132 -38.07 -15.79 2.62
N ILE D 133 -37.74 -15.02 1.60
CA ILE D 133 -36.91 -15.53 0.52
C ILE D 133 -35.48 -15.95 0.91
N PRO D 134 -34.79 -15.19 1.78
CA PRO D 134 -33.42 -15.61 2.15
C PRO D 134 -33.29 -17.03 2.72
N ALA D 135 -34.15 -17.38 3.67
CA ALA D 135 -34.13 -18.74 4.24
C ALA D 135 -34.41 -19.76 3.15
N LEU D 136 -35.36 -19.42 2.30
CA LEU D 136 -35.76 -20.28 1.20
C LEU D 136 -34.56 -20.47 0.27
N ASP D 137 -33.82 -19.39 0.03
CA ASP D 137 -32.63 -19.48 -0.80
C ASP D 137 -31.59 -20.37 -0.16
N LYS D 138 -31.40 -20.25 1.15
CA LYS D 138 -30.46 -21.11 1.85
C LYS D 138 -30.82 -22.59 1.63
N GLU D 139 -32.08 -22.91 1.87
CA GLU D 139 -32.58 -24.26 1.63
C GLU D 139 -32.33 -24.71 0.19
N LEU D 140 -32.65 -23.86 -0.77
CA LEU D 140 -32.45 -24.22 -2.17
C LEU D 140 -30.96 -24.32 -2.54
N LYS D 141 -30.13 -23.49 -1.93
CA LYS D 141 -28.70 -23.54 -2.20
C LYS D 141 -28.11 -24.85 -1.71
N ALA D 142 -28.66 -25.36 -0.61
CA ALA D 142 -28.25 -26.69 -0.14
C ALA D 142 -28.32 -27.78 -1.23
N LYS D 143 -29.31 -27.70 -2.12
CA LYS D 143 -29.44 -28.67 -3.23
C LYS D 143 -29.15 -28.04 -4.60
N GLY D 144 -28.20 -27.11 -4.62
CA GLY D 144 -27.65 -26.55 -5.86
C GLY D 144 -28.59 -25.66 -6.68
N LYS D 145 -29.53 -25.02 -6.01
CA LYS D 145 -30.52 -24.17 -6.65
C LYS D 145 -30.56 -22.80 -5.99
N SER D 146 -31.29 -21.87 -6.61
CA SER D 146 -31.49 -20.55 -6.04
C SER D 146 -32.98 -20.23 -5.91
N ALA D 147 -33.30 -19.31 -5.01
CA ALA D 147 -34.70 -18.97 -4.75
C ALA D 147 -35.24 -18.06 -5.84
N LEU D 148 -34.51 -16.98 -6.12
CA LEU D 148 -35.03 -15.94 -6.99
C LEU D 148 -33.96 -15.36 -7.92
N MET D 149 -34.33 -15.20 -9.18
CA MET D 149 -33.53 -14.48 -10.16
C MET D 149 -34.44 -13.72 -11.07
N PHE D 150 -34.13 -12.44 -11.26
CA PHE D 150 -34.87 -11.61 -12.21
C PHE D 150 -34.00 -10.49 -12.72
N ASN D 151 -34.46 -9.83 -13.78
CA ASN D 151 -33.70 -8.77 -14.43
C ASN D 151 -33.48 -7.58 -13.51
N LEU D 152 -32.22 -7.31 -13.15
CA LEU D 152 -31.88 -6.18 -12.29
C LEU D 152 -31.39 -4.96 -13.06
N GLN D 153 -31.29 -5.09 -14.38
CA GLN D 153 -30.75 -4.03 -15.21
C GLN D 153 -31.82 -3.07 -15.69
N GLU D 154 -33.07 -3.45 -15.47
CA GLU D 154 -34.18 -2.56 -15.81
C GLU D 154 -34.99 -2.28 -14.55
N PRO D 155 -35.08 -0.99 -14.17
CA PRO D 155 -35.72 -0.64 -12.91
C PRO D 155 -37.20 -1.01 -12.82
N TYR D 156 -37.79 -1.30 -13.98
CA TYR D 156 -39.18 -1.75 -14.07
C TYR D 156 -39.43 -2.92 -13.14
N PHE D 157 -38.43 -3.78 -13.02
CA PHE D 157 -38.56 -5.04 -12.30
C PHE D 157 -38.37 -4.92 -10.79
N THR D 158 -37.57 -3.95 -10.36
CA THR D 158 -37.32 -3.78 -8.94
C THR D 158 -38.29 -2.78 -8.35
N TRP D 159 -38.94 -2.01 -9.21
CA TRP D 159 -39.83 -0.97 -8.78
C TRP D 159 -40.96 -1.46 -7.88
N PRO D 160 -41.54 -2.64 -8.18
CA PRO D 160 -42.60 -3.11 -7.29
C PRO D 160 -42.16 -3.20 -5.83
N LEU D 161 -40.90 -3.59 -5.64
CA LEU D 161 -40.32 -3.67 -4.31
C LEU D 161 -40.06 -2.27 -3.75
N ILE D 162 -39.48 -1.40 -4.56
CA ILE D 162 -39.18 -0.03 -4.16
C ILE D 162 -40.43 0.74 -3.76
N ALA D 163 -41.49 0.59 -4.54
CA ALA D 163 -42.71 1.35 -4.32
C ALA D 163 -43.48 0.79 -3.13
N ALA D 164 -43.22 -0.47 -2.79
CA ALA D 164 -44.03 -1.18 -1.81
C ALA D 164 -44.21 -0.38 -0.53
N ASP D 165 -43.10 0.11 0.02
CA ASP D 165 -43.14 0.76 1.33
C ASP D 165 -43.35 2.29 1.25
N GLY D 166 -43.56 2.81 0.04
CA GLY D 166 -43.97 4.19 -0.14
C GLY D 166 -43.13 4.97 -1.14
N GLY D 167 -42.36 4.25 -1.95
CA GLY D 167 -41.66 4.88 -3.04
C GLY D 167 -42.69 5.19 -4.11
N TYR D 168 -42.50 6.30 -4.81
CA TYR D 168 -43.35 6.65 -5.93
C TYR D 168 -42.58 7.49 -6.93
N ALA D 169 -43.11 7.60 -8.14
CA ALA D 169 -42.44 8.38 -9.19
C ALA D 169 -42.73 9.86 -9.00
N PHE D 170 -43.95 10.28 -9.35
CA PHE D 170 -44.39 11.66 -9.14
C PHE D 170 -45.67 11.59 -8.35
N LYS D 171 -45.83 12.48 -7.36
CA LYS D 171 -46.96 12.37 -6.46
C LYS D 171 -48.25 12.75 -7.18
N TYR D 172 -49.15 11.77 -7.23
CA TYR D 172 -50.48 11.93 -7.81
C TYR D 172 -51.51 12.33 -6.76
N GLU D 173 -52.03 13.53 -6.92
CA GLU D 173 -53.06 14.06 -6.03
C GLU D 173 -54.02 14.93 -6.78
N ASN D 174 -55.29 14.76 -6.45
CA ASN D 174 -56.36 15.59 -6.97
C ASN D 174 -56.36 15.59 -8.50
N GLY D 175 -56.07 14.42 -9.08
CA GLY D 175 -56.14 14.22 -10.51
C GLY D 175 -54.95 14.74 -11.30
N LYS D 176 -53.88 15.15 -10.62
CA LYS D 176 -52.73 15.72 -11.31
C LYS D 176 -51.42 15.25 -10.71
N TYR D 177 -50.37 15.25 -11.53
CA TYR D 177 -49.05 14.86 -11.08
C TYR D 177 -48.18 16.06 -10.71
N ASP D 178 -47.60 16.02 -9.51
CA ASP D 178 -46.66 17.06 -9.13
C ASP D 178 -45.26 16.63 -9.56
N ILE D 179 -44.76 17.22 -10.64
CA ILE D 179 -43.51 16.76 -11.23
C ILE D 179 -42.28 17.08 -10.38
N LYS D 180 -42.43 17.97 -9.41
CA LYS D 180 -41.32 18.31 -8.53
C LYS D 180 -41.39 17.54 -7.21
N ASP D 181 -42.54 16.94 -6.93
CA ASP D 181 -42.68 16.04 -5.79
C ASP D 181 -42.35 14.62 -6.26
N VAL D 182 -41.07 14.24 -6.12
CA VAL D 182 -40.60 12.91 -6.52
C VAL D 182 -40.35 12.02 -5.31
N GLY D 183 -40.79 10.77 -5.40
CA GLY D 183 -40.72 9.86 -4.26
C GLY D 183 -39.71 8.72 -4.35
N VAL D 184 -38.52 8.96 -4.87
CA VAL D 184 -37.54 7.87 -5.01
C VAL D 184 -36.54 7.79 -3.86
N ASP D 185 -36.44 8.83 -3.02
CA ASP D 185 -35.47 8.82 -1.93
C ASP D 185 -36.12 8.90 -0.55
N ASN D 186 -37.39 8.55 -0.42
CA ASN D 186 -38.04 8.55 0.88
C ASN D 186 -37.71 7.25 1.61
N ALA D 187 -38.14 7.14 2.86
CA ALA D 187 -37.82 5.99 3.71
C ALA D 187 -38.25 4.66 3.08
N GLY D 188 -39.41 4.65 2.42
CA GLY D 188 -39.93 3.44 1.82
C GLY D 188 -39.11 2.93 0.66
N ALA D 189 -38.71 3.84 -0.21
CA ALA D 189 -37.91 3.49 -1.37
C ALA D 189 -36.57 2.93 -0.90
N LYS D 190 -35.97 3.64 0.05
CA LYS D 190 -34.70 3.21 0.65
C LYS D 190 -34.84 1.85 1.31
N ALA D 191 -35.95 1.64 1.99
CA ALA D 191 -36.21 0.35 2.62
C ALA D 191 -36.22 -0.77 1.58
N GLY D 192 -37.05 -0.60 0.55
CA GLY D 192 -37.16 -1.62 -0.47
C GLY D 192 -35.82 -1.92 -1.14
N LEU D 193 -35.16 -0.87 -1.61
CA LEU D 193 -33.91 -1.06 -2.33
C LEU D 193 -32.84 -1.66 -1.40
N THR D 194 -32.83 -1.22 -0.15
CA THR D 194 -31.93 -1.78 0.84
C THR D 194 -32.18 -3.27 1.02
N PHE D 195 -33.44 -3.69 1.07
CA PHE D 195 -33.72 -5.12 1.15
C PHE D 195 -33.10 -5.84 -0.04
N LEU D 196 -33.30 -5.30 -1.23
CA LEU D 196 -32.66 -5.87 -2.43
C LEU D 196 -31.13 -5.98 -2.30
N VAL D 197 -30.48 -4.87 -1.96
CA VAL D 197 -29.03 -4.85 -1.82
C VAL D 197 -28.59 -5.80 -0.72
N ASP D 198 -29.39 -5.93 0.33
CA ASP D 198 -29.08 -6.91 1.38
C ASP D 198 -29.16 -8.33 0.82
N LEU D 199 -30.17 -8.62 0.00
CA LEU D 199 -30.21 -9.93 -0.65
C LEU D 199 -28.93 -10.18 -1.43
N ILE D 200 -28.47 -9.17 -2.18
CA ILE D 200 -27.23 -9.36 -2.94
C ILE D 200 -26.02 -9.49 -2.01
N LYS D 201 -25.98 -8.68 -0.95
CA LYS D 201 -24.86 -8.74 -0.01
C LYS D 201 -24.75 -10.12 0.61
N ASN D 202 -25.88 -10.71 0.98
CA ASN D 202 -25.90 -12.05 1.59
C ASN D 202 -25.87 -13.18 0.57
N LYS D 203 -25.54 -12.85 -0.67
CA LYS D 203 -25.31 -13.84 -1.72
C LYS D 203 -26.55 -14.63 -2.10
N HIS D 204 -27.74 -14.07 -1.90
CA HIS D 204 -28.97 -14.71 -2.33
C HIS D 204 -29.34 -14.28 -3.76
N MET D 205 -28.68 -13.23 -4.24
CA MET D 205 -28.77 -12.84 -5.65
C MET D 205 -27.45 -12.28 -6.14
N ASN D 206 -27.30 -12.21 -7.46
CA ASN D 206 -26.12 -11.64 -8.10
C ASN D 206 -26.51 -10.31 -8.69
N ALA D 207 -25.70 -9.28 -8.48
CA ALA D 207 -26.04 -7.93 -8.90
C ALA D 207 -26.13 -7.78 -10.41
N ASP D 208 -25.40 -8.62 -11.14
CA ASP D 208 -25.30 -8.48 -12.58
C ASP D 208 -26.45 -9.11 -13.38
N THR D 209 -27.42 -9.70 -12.67
CA THR D 209 -28.49 -10.46 -13.32
C THR D 209 -29.32 -9.61 -14.27
N ASP D 210 -29.47 -10.11 -15.50
CA ASP D 210 -30.24 -9.44 -16.54
C ASP D 210 -31.42 -10.32 -16.98
N TYR D 211 -32.12 -9.90 -18.03
CA TYR D 211 -33.33 -10.58 -18.47
C TYR D 211 -33.06 -12.02 -18.89
N SER D 212 -32.08 -12.20 -19.75
CA SER D 212 -31.77 -13.49 -20.35
C SER D 212 -31.27 -14.49 -19.32
N ILE D 213 -30.44 -14.01 -18.40
CA ILE D 213 -29.91 -14.88 -17.36
C ILE D 213 -31.05 -15.39 -16.50
N ALA D 214 -31.91 -14.49 -16.04
CA ALA D 214 -33.04 -14.86 -15.20
C ALA D 214 -33.95 -15.81 -15.95
N GLU D 215 -34.20 -15.50 -17.22
CA GLU D 215 -35.05 -16.35 -18.03
C GLU D 215 -34.48 -17.77 -18.13
N HIS D 216 -33.21 -17.85 -18.49
CA HIS D 216 -32.50 -19.11 -18.58
C HIS D 216 -32.58 -19.85 -17.27
N ALA D 217 -32.23 -19.15 -16.19
CA ALA D 217 -32.19 -19.76 -14.88
C ALA D 217 -33.53 -20.36 -14.53
N PHE D 218 -34.60 -19.58 -14.66
CA PHE D 218 -35.91 -20.11 -14.28
C PHE D 218 -36.32 -21.24 -15.21
N ASN D 219 -36.15 -21.03 -16.51
CA ASN D 219 -36.62 -22.00 -17.49
C ASN D 219 -35.88 -23.32 -17.47
N HIS D 220 -34.65 -23.32 -16.96
CA HIS D 220 -33.87 -24.55 -16.83
C HIS D 220 -33.96 -25.15 -15.43
N GLY D 221 -34.88 -24.64 -14.62
CA GLY D 221 -35.15 -25.21 -13.32
C GLY D 221 -34.03 -24.97 -12.32
N GLU D 222 -33.18 -23.98 -12.63
CA GLU D 222 -32.04 -23.66 -11.78
C GLU D 222 -32.41 -22.72 -10.64
N THR D 223 -33.47 -21.95 -10.83
CA THR D 223 -33.98 -21.06 -9.77
C THR D 223 -35.49 -21.29 -9.57
N ALA D 224 -35.95 -21.17 -8.34
CA ALA D 224 -37.33 -21.51 -8.00
C ALA D 224 -38.33 -20.42 -8.41
N MET D 225 -37.87 -19.17 -8.47
CA MET D 225 -38.76 -18.06 -8.77
C MET D 225 -38.15 -17.03 -9.71
N THR D 226 -39.03 -16.30 -10.39
CA THR D 226 -38.63 -15.15 -11.17
C THR D 226 -39.77 -14.14 -11.17
N ILE D 227 -39.47 -12.93 -11.63
CA ILE D 227 -40.45 -11.87 -11.78
C ILE D 227 -40.45 -11.42 -13.23
N ASN D 228 -41.60 -11.53 -13.87
CA ASN D 228 -41.70 -11.18 -15.28
C ASN D 228 -43.16 -10.95 -15.69
N GLY D 229 -43.35 -10.61 -16.96
CA GLY D 229 -44.67 -10.34 -17.48
C GLY D 229 -45.18 -11.43 -18.41
N PRO D 230 -46.40 -11.26 -18.95
CA PRO D 230 -47.04 -12.26 -19.81
C PRO D 230 -46.19 -12.72 -20.99
N TRP D 231 -45.55 -11.77 -21.67
CA TRP D 231 -44.72 -12.09 -22.82
C TRP D 231 -43.71 -13.19 -22.54
N ALA D 232 -43.33 -13.33 -21.27
CA ALA D 232 -42.32 -14.31 -20.88
C ALA D 232 -42.85 -15.74 -20.88
N TRP D 233 -44.17 -15.88 -20.75
CA TRP D 233 -44.77 -17.18 -20.51
C TRP D 233 -44.51 -18.22 -21.60
N SER D 234 -44.63 -17.82 -22.86
CA SER D 234 -44.55 -18.76 -23.98
C SER D 234 -43.26 -19.57 -23.94
N ASN D 235 -42.16 -18.90 -23.64
CA ASN D 235 -40.88 -19.59 -23.56
C ASN D 235 -40.84 -20.54 -22.39
N ILE D 236 -41.64 -20.28 -21.36
CA ILE D 236 -41.65 -21.15 -20.21
C ILE D 236 -42.41 -22.41 -20.60
N ASP D 237 -43.56 -22.24 -21.25
CA ASP D 237 -44.35 -23.36 -21.78
C ASP D 237 -43.45 -24.34 -22.54
N THR D 238 -42.62 -23.79 -23.41
CA THR D 238 -41.68 -24.58 -24.20
C THR D 238 -40.69 -25.32 -23.30
N SER D 239 -40.34 -24.74 -22.16
CA SER D 239 -39.34 -25.34 -21.30
C SER D 239 -39.93 -26.50 -20.51
N LYS D 240 -41.26 -26.61 -20.53
CA LYS D 240 -41.96 -27.68 -19.83
C LYS D 240 -41.72 -27.62 -18.31
N VAL D 241 -41.30 -26.47 -17.81
CA VAL D 241 -41.22 -26.28 -16.37
C VAL D 241 -42.63 -26.13 -15.84
N ASN D 242 -42.95 -26.87 -14.79
CA ASN D 242 -44.27 -26.76 -14.16
C ASN D 242 -44.33 -25.51 -13.28
N TYR D 243 -44.90 -24.45 -13.84
CA TYR D 243 -44.82 -23.13 -13.21
C TYR D 243 -46.20 -22.55 -12.87
N GLY D 244 -46.18 -21.63 -11.92
CA GLY D 244 -47.38 -20.90 -11.55
C GLY D 244 -47.12 -19.40 -11.54
N VAL D 245 -48.16 -18.65 -11.89
CA VAL D 245 -48.13 -17.19 -11.84
C VAL D 245 -48.99 -16.74 -10.66
N THR D 246 -48.40 -15.95 -9.77
CA THR D 246 -49.09 -15.55 -8.55
C THR D 246 -48.78 -14.12 -8.16
N VAL D 247 -49.46 -13.65 -7.13
CA VAL D 247 -49.25 -12.32 -6.60
C VAL D 247 -47.82 -12.17 -6.11
N LEU D 248 -47.25 -10.99 -6.34
CA LEU D 248 -45.90 -10.70 -5.90
C LEU D 248 -45.83 -10.77 -4.38
N PRO D 249 -44.64 -11.06 -3.83
CA PRO D 249 -44.57 -11.11 -2.37
C PRO D 249 -44.75 -9.72 -1.75
N THR D 250 -45.30 -9.67 -0.54
CA THR D 250 -45.41 -8.42 0.18
C THR D 250 -44.07 -8.03 0.78
N PHE D 251 -43.91 -6.75 1.06
CA PHE D 251 -42.73 -6.22 1.73
C PHE D 251 -43.23 -5.39 2.91
N LYS D 252 -42.76 -5.73 4.11
CA LYS D 252 -43.27 -5.12 5.34
C LYS D 252 -44.79 -5.22 5.43
N GLY D 253 -45.34 -6.36 5.01
CA GLY D 253 -46.76 -6.61 5.12
C GLY D 253 -47.58 -5.79 4.14
N GLN D 254 -46.91 -5.18 3.16
CA GLN D 254 -47.58 -4.32 2.18
C GLN D 254 -47.33 -4.85 0.76
N PRO D 255 -48.31 -4.64 -0.14
CA PRO D 255 -48.19 -5.23 -1.48
C PRO D 255 -47.10 -4.64 -2.34
N SER D 256 -46.47 -5.48 -3.14
CA SER D 256 -45.57 -4.98 -4.16
C SER D 256 -46.44 -4.18 -5.14
N LYS D 257 -45.94 -3.04 -5.58
CA LYS D 257 -46.71 -2.12 -6.40
C LYS D 257 -46.09 -1.98 -7.78
N PRO D 258 -46.37 -2.92 -8.69
CA PRO D 258 -45.79 -2.85 -10.03
C PRO D 258 -46.37 -1.71 -10.85
N PHE D 259 -45.52 -1.06 -11.64
CA PHE D 259 -46.01 -0.04 -12.55
C PHE D 259 -46.74 -0.74 -13.69
N VAL D 260 -48.04 -0.51 -13.77
CA VAL D 260 -48.86 -1.14 -14.79
C VAL D 260 -48.69 -0.44 -16.12
N GLY D 261 -48.36 -1.22 -17.14
CA GLY D 261 -48.10 -0.68 -18.47
C GLY D 261 -49.17 -1.13 -19.44
N VAL D 262 -49.55 -0.26 -20.35
CA VAL D 262 -50.51 -0.59 -21.41
C VAL D 262 -49.80 -0.59 -22.74
N LEU D 263 -49.62 -1.77 -23.34
CA LEU D 263 -49.00 -1.82 -24.65
C LEU D 263 -49.82 -1.00 -25.64
N SER D 264 -49.18 -0.06 -26.31
CA SER D 264 -49.88 0.88 -27.17
C SER D 264 -49.17 1.03 -28.50
N ALA D 265 -49.96 1.33 -29.53
CA ALA D 265 -49.48 1.56 -30.88
C ALA D 265 -49.74 3.02 -31.25
N GLY D 266 -48.65 3.74 -31.53
CA GLY D 266 -48.74 5.13 -31.93
C GLY D 266 -48.46 5.28 -33.41
N ILE D 267 -49.03 6.33 -34.00
CA ILE D 267 -48.81 6.64 -35.42
C ILE D 267 -47.87 7.82 -35.55
N ASN D 268 -46.78 7.60 -36.28
CA ASN D 268 -45.81 8.65 -36.56
C ASN D 268 -46.50 9.83 -37.22
N ALA D 269 -46.27 11.02 -36.68
CA ALA D 269 -46.85 12.23 -37.23
C ALA D 269 -46.35 12.46 -38.65
N ALA D 270 -45.16 11.93 -38.95
CA ALA D 270 -44.53 12.13 -40.24
C ALA D 270 -44.91 11.05 -41.25
N SER D 271 -45.67 10.05 -40.81
CA SER D 271 -46.05 8.96 -41.70
C SER D 271 -47.01 9.45 -42.79
N PRO D 272 -46.77 9.07 -44.06
CA PRO D 272 -47.75 9.35 -45.10
C PRO D 272 -48.83 8.28 -45.16
N ASN D 273 -48.78 7.33 -44.24
CA ASN D 273 -49.64 6.15 -44.31
C ASN D 273 -50.55 6.05 -43.09
N LYS D 274 -51.01 7.21 -42.61
CA LYS D 274 -51.81 7.29 -41.39
C LYS D 274 -53.12 6.51 -41.49
N GLU D 275 -53.76 6.59 -42.66
CA GLU D 275 -55.03 5.88 -42.88
C GLU D 275 -54.81 4.38 -43.00
N LEU D 276 -53.77 3.97 -43.72
CA LEU D 276 -53.42 2.56 -43.80
C LEU D 276 -53.13 2.02 -42.40
N ALA D 277 -52.40 2.82 -41.60
CA ALA D 277 -52.06 2.45 -40.23
C ALA D 277 -53.32 2.33 -39.39
N LYS D 278 -54.22 3.30 -39.52
CA LYS D 278 -55.50 3.26 -38.81
C LYS D 278 -56.28 2.01 -39.20
N GLU D 279 -56.32 1.73 -40.50
CA GLU D 279 -56.99 0.54 -41.02
C GLU D 279 -56.38 -0.72 -40.40
N PHE D 280 -55.06 -0.81 -40.47
CA PHE D 280 -54.35 -1.96 -39.92
C PHE D 280 -54.62 -2.15 -38.44
N LEU D 281 -54.48 -1.08 -37.67
CA LEU D 281 -54.62 -1.17 -36.23
C LEU D 281 -56.06 -1.48 -35.81
N GLU D 282 -57.02 -0.75 -36.39
CA GLU D 282 -58.42 -0.90 -36.01
C GLU D 282 -59.09 -2.14 -36.59
N ASN D 283 -58.81 -2.47 -37.85
CA ASN D 283 -59.56 -3.51 -38.56
C ASN D 283 -58.81 -4.82 -38.79
N TYR D 284 -57.55 -4.88 -38.37
CA TYR D 284 -56.78 -6.11 -38.54
C TYR D 284 -56.14 -6.54 -37.23
N LEU D 285 -55.40 -5.64 -36.57
CA LEU D 285 -54.75 -5.99 -35.32
C LEU D 285 -55.74 -6.05 -34.16
N LEU D 286 -56.50 -4.99 -33.95
CA LEU D 286 -57.39 -4.96 -32.79
C LEU D 286 -58.68 -5.76 -33.05
N THR D 287 -58.49 -7.03 -33.35
CA THR D 287 -59.59 -7.97 -33.55
C THR D 287 -59.25 -9.29 -32.87
N ASP D 288 -60.24 -10.16 -32.72
CA ASP D 288 -59.99 -11.47 -32.13
C ASP D 288 -58.88 -12.20 -32.89
N GLU D 289 -58.91 -12.15 -34.21
CA GLU D 289 -57.95 -12.90 -35.02
C GLU D 289 -56.52 -12.38 -34.87
N GLY D 290 -56.37 -11.05 -34.92
CA GLY D 290 -55.08 -10.41 -34.81
C GLY D 290 -54.46 -10.54 -33.43
N LEU D 291 -55.24 -10.14 -32.43
CA LEU D 291 -54.79 -10.25 -31.06
C LEU D 291 -54.55 -11.70 -30.70
N GLU D 292 -55.36 -12.60 -31.24
CA GLU D 292 -55.10 -14.01 -31.03
C GLU D 292 -53.79 -14.45 -31.67
N ALA D 293 -53.52 -14.02 -32.91
CA ALA D 293 -52.25 -14.37 -33.54
C ALA D 293 -51.05 -13.91 -32.70
N VAL D 294 -51.09 -12.63 -32.33
CA VAL D 294 -50.01 -12.07 -31.54
C VAL D 294 -49.92 -12.77 -30.19
N ASN D 295 -51.05 -12.93 -29.51
CA ASN D 295 -51.06 -13.57 -28.20
C ASN D 295 -50.56 -15.01 -28.30
N LYS D 296 -50.85 -15.67 -29.42
CA LYS D 296 -50.28 -17.01 -29.66
C LYS D 296 -48.76 -16.92 -29.69
N ASP D 297 -48.23 -15.94 -30.41
CA ASP D 297 -46.77 -15.79 -30.43
C ASP D 297 -46.20 -15.59 -29.02
N LYS D 298 -46.48 -14.44 -28.43
CA LYS D 298 -46.11 -14.13 -27.05
C LYS D 298 -47.30 -13.49 -26.35
N PRO D 299 -47.74 -14.06 -25.20
CA PRO D 299 -48.95 -13.54 -24.56
C PRO D 299 -48.91 -12.03 -24.31
N LEU D 300 -50.02 -11.35 -24.63
CA LEU D 300 -50.10 -9.90 -24.53
C LEU D 300 -50.45 -9.44 -23.12
N GLY D 301 -51.05 -10.32 -22.34
CA GLY D 301 -51.54 -9.97 -21.02
C GLY D 301 -53.05 -9.84 -21.05
N ALA D 302 -53.57 -8.81 -20.38
CA ALA D 302 -55.01 -8.53 -20.40
C ALA D 302 -55.29 -7.55 -21.52
N VAL D 303 -55.75 -8.07 -22.66
CA VAL D 303 -55.92 -7.27 -23.86
C VAL D 303 -56.97 -6.19 -23.67
N ALA D 304 -56.87 -5.13 -24.46
CA ALA D 304 -57.80 -4.00 -24.37
C ALA D 304 -59.13 -4.34 -25.03
N LEU D 305 -59.12 -5.28 -25.96
CA LEU D 305 -60.33 -5.69 -26.66
C LEU D 305 -61.20 -6.54 -25.73
N LYS D 306 -62.39 -6.06 -25.43
CA LYS D 306 -63.32 -6.73 -24.51
C LYS D 306 -63.62 -8.16 -24.95
N SER D 307 -63.98 -8.34 -26.22
CA SER D 307 -64.42 -9.63 -26.74
C SER D 307 -63.37 -10.72 -26.50
N TYR D 308 -62.11 -10.40 -26.77
CA TYR D 308 -61.04 -11.37 -26.61
C TYR D 308 -60.59 -11.48 -25.14
N GLU D 309 -60.75 -10.38 -24.39
CA GLU D 309 -60.40 -10.38 -22.98
C GLU D 309 -61.33 -11.28 -22.17
N GLU D 310 -62.62 -11.30 -22.50
CA GLU D 310 -63.54 -12.22 -21.83
C GLU D 310 -63.11 -13.66 -22.09
N GLU D 311 -62.64 -13.92 -23.30
CA GLU D 311 -62.13 -15.23 -23.69
C GLU D 311 -60.82 -15.58 -22.95
N LEU D 312 -59.96 -14.59 -22.76
CA LEU D 312 -58.68 -14.84 -22.06
C LEU D 312 -58.70 -14.66 -20.53
N ALA D 313 -59.79 -14.11 -20.01
CA ALA D 313 -59.86 -13.81 -18.57
C ALA D 313 -59.89 -15.06 -17.71
N LYS D 314 -60.36 -16.17 -18.27
CA LYS D 314 -60.44 -17.43 -17.55
C LYS D 314 -59.06 -17.88 -17.06
N ASP D 315 -58.05 -17.68 -17.90
CA ASP D 315 -56.67 -18.05 -17.57
C ASP D 315 -56.24 -17.46 -16.23
N PRO D 316 -55.90 -18.33 -15.25
CA PRO D 316 -55.55 -17.82 -13.92
C PRO D 316 -54.27 -17.00 -13.90
N ARG D 317 -53.44 -17.19 -14.93
CA ARG D 317 -52.24 -16.39 -15.09
C ARG D 317 -52.62 -14.92 -15.30
N ILE D 318 -53.64 -14.71 -16.13
CA ILE D 318 -54.16 -13.39 -16.38
C ILE D 318 -54.81 -12.83 -15.11
N ALA D 319 -55.53 -13.67 -14.39
CA ALA D 319 -56.14 -13.24 -13.14
C ALA D 319 -55.06 -12.75 -12.18
N ALA D 320 -53.96 -13.49 -12.11
CA ALA D 320 -52.82 -13.10 -11.28
C ALA D 320 -52.20 -11.78 -11.79
N THR D 321 -52.02 -11.69 -13.11
CA THR D 321 -51.53 -10.48 -13.75
C THR D 321 -52.33 -9.30 -13.28
N MET D 322 -53.66 -9.44 -13.33
CA MET D 322 -54.56 -8.36 -12.99
C MET D 322 -54.62 -8.07 -11.49
N GLU D 323 -54.46 -9.11 -10.67
CA GLU D 323 -54.35 -8.91 -9.23
C GLU D 323 -53.14 -8.02 -8.91
N ASN D 324 -52.00 -8.37 -9.50
CA ASN D 324 -50.80 -7.57 -9.36
C ASN D 324 -50.95 -6.17 -9.95
N ALA D 325 -51.60 -6.09 -11.12
CA ALA D 325 -51.83 -4.81 -11.76
C ALA D 325 -52.62 -3.89 -10.83
N GLN D 326 -53.67 -4.43 -10.28
CA GLN D 326 -54.55 -3.71 -9.40
C GLN D 326 -53.85 -3.24 -8.13
N LYS D 327 -53.10 -4.13 -7.47
CA LYS D 327 -52.35 -3.69 -6.28
C LYS D 327 -51.26 -2.63 -6.58
N GLY D 328 -50.95 -2.44 -7.85
CA GLY D 328 -50.01 -1.40 -8.27
C GLY D 328 -50.70 -0.12 -8.73
N GLU D 329 -49.94 0.73 -9.42
CA GLU D 329 -50.46 1.97 -10.03
C GLU D 329 -50.13 2.01 -11.52
N ILE D 330 -51.06 2.55 -12.30
CA ILE D 330 -50.81 2.72 -13.72
C ILE D 330 -49.75 3.79 -13.92
N MET D 331 -48.88 3.55 -14.89
CA MET D 331 -47.80 4.47 -15.17
C MET D 331 -48.34 5.81 -15.65
N PRO D 332 -47.76 6.92 -15.19
CA PRO D 332 -48.03 8.21 -15.83
C PRO D 332 -47.52 8.22 -17.26
N ASN D 333 -48.08 9.08 -18.11
CA ASN D 333 -47.54 9.23 -19.46
C ASN D 333 -46.91 10.59 -19.64
N ILE D 334 -46.77 11.33 -18.55
CA ILE D 334 -46.23 12.68 -18.61
C ILE D 334 -44.83 12.63 -19.21
N PRO D 335 -44.42 13.71 -19.91
CA PRO D 335 -43.12 13.73 -20.59
C PRO D 335 -41.93 13.47 -19.66
N GLN D 336 -42.11 13.75 -18.37
CA GLN D 336 -41.00 13.69 -17.42
C GLN D 336 -40.62 12.27 -17.06
N MET D 337 -41.40 11.29 -17.55
CA MET D 337 -41.18 9.89 -17.18
C MET D 337 -39.84 9.32 -17.60
N SER D 338 -39.39 9.56 -18.82
CA SER D 338 -38.16 8.91 -19.26
C SER D 338 -37.02 9.35 -18.35
N ALA D 339 -37.04 10.62 -17.98
CA ALA D 339 -36.05 11.15 -17.07
C ALA D 339 -36.13 10.43 -15.74
N PHE D 340 -37.34 9.99 -15.37
CA PHE D 340 -37.51 9.27 -14.12
C PHE D 340 -36.87 7.90 -14.26
N TRP D 341 -37.12 7.24 -15.40
CA TRP D 341 -36.60 5.91 -15.62
C TRP D 341 -35.09 5.89 -15.73
N TYR D 342 -34.53 6.88 -16.43
CA TYR D 342 -33.09 6.97 -16.58
C TYR D 342 -32.40 7.10 -15.23
N ALA D 343 -32.97 7.92 -14.36
CA ALA D 343 -32.40 8.14 -13.04
C ALA D 343 -32.43 6.88 -12.19
N VAL D 344 -33.60 6.26 -12.11
CA VAL D 344 -33.78 5.06 -11.28
C VAL D 344 -33.03 3.86 -11.85
N ARG D 345 -32.93 3.76 -13.18
CA ARG D 345 -32.14 2.69 -13.78
C ARG D 345 -30.71 2.75 -13.26
N THR D 346 -30.12 3.94 -13.27
CA THR D 346 -28.74 4.10 -12.85
C THR D 346 -28.58 3.76 -11.37
N ALA D 347 -29.51 4.24 -10.56
CA ALA D 347 -29.46 4.05 -9.12
C ALA D 347 -29.46 2.59 -8.73
N VAL D 348 -30.43 1.83 -9.24
CA VAL D 348 -30.58 0.42 -8.91
C VAL D 348 -29.35 -0.33 -9.36
N ILE D 349 -28.85 0.00 -10.55
CA ILE D 349 -27.70 -0.71 -11.08
C ILE D 349 -26.47 -0.44 -10.23
N ASN D 350 -26.22 0.81 -9.91
CA ASN D 350 -25.06 1.18 -9.12
C ASN D 350 -25.20 0.69 -7.68
N ALA D 351 -26.41 0.73 -7.16
CA ALA D 351 -26.67 0.27 -5.81
C ALA D 351 -26.42 -1.22 -5.71
N ALA D 352 -26.91 -1.98 -6.70
CA ALA D 352 -26.77 -3.42 -6.68
C ALA D 352 -25.31 -3.83 -6.84
N SER D 353 -24.60 -3.12 -7.71
CA SER D 353 -23.20 -3.43 -7.98
C SER D 353 -22.33 -2.91 -6.84
N GLY D 354 -22.90 -2.09 -5.97
CA GLY D 354 -22.16 -1.51 -4.87
C GLY D 354 -21.34 -0.30 -5.28
N ARG D 355 -21.56 0.19 -6.50
CA ARG D 355 -20.85 1.39 -6.95
C ARG D 355 -21.25 2.55 -6.06
N GLN D 356 -22.49 2.51 -5.60
CA GLN D 356 -23.02 3.53 -4.71
C GLN D 356 -23.84 2.91 -3.60
N THR D 357 -23.98 3.64 -2.50
CA THR D 357 -24.86 3.23 -1.44
C THR D 357 -26.29 3.45 -1.89
N VAL D 358 -27.24 2.85 -1.19
CA VAL D 358 -28.65 3.00 -1.51
C VAL D 358 -29.03 4.47 -1.40
N ASP D 359 -28.62 5.08 -0.28
CA ASP D 359 -28.93 6.47 -0.01
C ASP D 359 -28.38 7.38 -1.09
N ALA D 360 -27.12 7.16 -1.44
CA ALA D 360 -26.46 8.01 -2.41
C ALA D 360 -27.15 7.90 -3.76
N ALA D 361 -27.41 6.66 -4.13
CA ALA D 361 -28.02 6.35 -5.40
C ALA D 361 -29.40 6.96 -5.53
N LEU D 362 -30.23 6.76 -4.52
CA LEU D 362 -31.59 7.26 -4.57
C LEU D 362 -31.67 8.77 -4.39
N ALA D 363 -30.75 9.35 -3.62
CA ALA D 363 -30.65 10.79 -3.50
C ALA D 363 -30.31 11.41 -4.85
N ALA D 364 -29.31 10.83 -5.50
CA ALA D 364 -28.90 11.28 -6.82
C ALA D 364 -30.05 11.14 -7.82
N ALA D 365 -30.74 10.01 -7.78
CA ALA D 365 -31.89 9.78 -8.65
C ALA D 365 -33.01 10.81 -8.42
N GLN D 366 -33.31 11.06 -7.15
CA GLN D 366 -34.31 12.06 -6.77
C GLN D 366 -33.97 13.44 -7.35
N THR D 367 -32.72 13.87 -7.19
CA THR D 367 -32.29 15.14 -7.77
C THR D 367 -32.36 15.10 -9.31
N ASN D 368 -31.80 14.04 -9.90
CA ASN D 368 -31.66 13.92 -11.36
C ASN D 368 -32.97 13.77 -12.16
N ALA D 369 -33.95 13.09 -11.58
CA ALA D 369 -35.24 12.95 -12.25
C ALA D 369 -35.86 14.30 -12.54
N ALA D 370 -35.67 15.25 -11.59
CA ALA D 370 -36.21 16.61 -11.70
C ALA D 370 -35.23 17.63 -12.28
N ALA D 371 -34.32 17.21 -13.16
CA ALA D 371 -33.30 18.11 -13.69
C ALA D 371 -33.25 18.09 -15.21
N PRO D 372 -34.08 18.92 -15.86
CA PRO D 372 -34.19 18.91 -17.33
C PRO D 372 -32.90 19.24 -18.09
N GLY D 373 -32.12 20.19 -17.59
CA GLY D 373 -30.89 20.59 -18.25
C GLY D 373 -29.90 19.45 -18.28
N LEU D 374 -29.85 18.71 -17.18
CA LEU D 374 -29.02 17.51 -17.08
C LEU D 374 -29.48 16.48 -18.09
N HIS D 375 -30.80 16.31 -18.14
CA HIS D 375 -31.47 15.31 -18.97
C HIS D 375 -31.26 15.53 -20.46
N ALA D 376 -31.34 16.78 -20.90
CA ALA D 376 -31.09 17.08 -22.31
C ALA D 376 -29.66 16.73 -22.73
N ILE D 377 -28.70 17.16 -21.92
CA ILE D 377 -27.29 16.88 -22.19
C ILE D 377 -27.04 15.38 -22.16
N TYR D 378 -27.56 14.71 -21.14
CA TYR D 378 -27.47 13.26 -21.07
C TYR D 378 -28.01 12.69 -22.35
N GLY D 379 -29.16 13.20 -22.79
CA GLY D 379 -29.76 12.80 -24.04
C GLY D 379 -28.78 12.86 -25.19
N GLU D 380 -28.10 13.99 -25.35
CA GLU D 380 -27.08 14.08 -26.40
C GLU D 380 -26.00 13.00 -26.22
N CYS D 381 -25.55 12.83 -24.98
CA CYS D 381 -24.55 11.79 -24.68
C CYS D 381 -25.05 10.40 -25.07
N ARG D 382 -26.32 10.12 -24.80
CA ARG D 382 -26.93 8.85 -25.13
C ARG D 382 -26.97 8.67 -26.63
N ARG D 383 -27.32 9.73 -27.34
CA ARG D 383 -27.30 9.69 -28.80
C ARG D 383 -25.91 9.31 -29.27
N LEU D 384 -24.88 9.95 -28.73
CA LEU D 384 -23.52 9.57 -29.12
C LEU D 384 -23.06 8.19 -28.66
N TYR D 385 -23.45 7.80 -27.44
CA TYR D 385 -22.98 6.54 -26.88
C TYR D 385 -24.12 5.67 -26.42
N PRO D 386 -24.86 5.07 -27.38
CA PRO D 386 -25.93 4.15 -26.99
C PRO D 386 -25.37 2.96 -26.24
N ASP D 387 -24.12 2.63 -26.56
CA ASP D 387 -23.44 1.46 -26.01
C ASP D 387 -23.09 1.58 -24.53
N GLN D 388 -23.15 2.79 -23.97
CA GLN D 388 -22.71 3.04 -22.60
C GLN D 388 -23.79 3.73 -21.75
N PRO D 389 -24.79 2.97 -21.28
CA PRO D 389 -25.91 3.45 -20.46
C PRO D 389 -25.50 4.08 -19.12
N ASN D 390 -24.41 3.60 -18.53
CA ASN D 390 -24.00 4.04 -17.20
C ASN D 390 -22.53 4.41 -17.17
N PRO D 391 -22.18 5.60 -17.69
CA PRO D 391 -20.77 5.89 -17.85
C PRO D 391 -20.10 6.12 -16.52
N LEU D 392 -18.79 5.97 -16.44
CA LEU D 392 -18.10 6.36 -15.24
C LEU D 392 -18.17 7.88 -15.15
N GLN D 393 -18.43 8.36 -13.93
CA GLN D 393 -18.62 9.77 -13.68
C GLN D 393 -17.78 10.24 -12.51
N VAL D 394 -17.12 11.38 -12.69
CA VAL D 394 -16.48 12.07 -11.56
C VAL D 394 -17.52 13.00 -10.95
N THR D 395 -17.90 12.73 -9.70
CA THR D 395 -18.97 13.46 -9.03
C THR D 395 -18.50 14.24 -7.80
N ALA D 396 -18.89 15.51 -7.69
CA ALA D 396 -18.57 16.29 -6.49
C ALA D 396 -19.40 15.85 -5.30
N ILE D 397 -18.72 15.45 -4.24
CA ILE D 397 -19.38 14.96 -3.03
C ILE D 397 -20.24 16.05 -2.44
N VAL D 398 -19.68 17.25 -2.45
CA VAL D 398 -20.38 18.46 -2.02
C VAL D 398 -20.61 19.30 -3.26
N LYS D 399 -21.87 19.54 -3.59
CA LYS D 399 -22.22 20.25 -4.82
C LYS D 399 -21.95 21.75 -4.72
N TYR D 400 -21.77 22.39 -5.87
CA TYR D 400 -21.42 23.80 -5.93
C TYR D 400 -22.51 24.70 -5.35
N ASP D 401 -23.76 24.27 -5.42
CA ASP D 401 -24.86 25.07 -4.92
C ASP D 401 -24.77 25.26 -3.42
N SER D 402 -24.06 24.36 -2.76
CA SER D 402 -23.79 24.45 -1.33
C SER D 402 -22.36 24.88 -1.10
N PHE D 403 -21.72 25.37 -2.17
CA PHE D 403 -20.35 25.88 -2.13
C PHE D 403 -19.32 24.80 -1.81
N GLY D 404 -19.40 23.70 -2.54
CA GLY D 404 -18.29 22.78 -2.65
C GLY D 404 -17.24 23.41 -3.55
N PRO D 405 -16.00 22.90 -3.50
CA PRO D 405 -14.92 23.51 -4.27
C PRO D 405 -15.10 23.37 -5.78
N ASP D 406 -15.83 22.33 -6.19
CA ASP D 406 -15.95 21.97 -7.60
C ASP D 406 -17.24 22.46 -8.22
N PRO D 407 -17.15 23.36 -9.19
CA PRO D 407 -18.38 23.89 -9.80
C PRO D 407 -19.09 22.92 -10.75
N LEU D 408 -18.38 21.93 -11.26
CA LEU D 408 -18.98 20.93 -12.14
C LEU D 408 -19.54 19.77 -11.32
N ASP D 409 -20.86 19.62 -11.29
CA ASP D 409 -21.49 18.59 -10.47
C ASP D 409 -21.03 17.22 -10.91
N TYR D 410 -21.07 17.02 -12.23
CA TYR D 410 -20.64 15.79 -12.83
C TYR D 410 -19.69 16.02 -13.97
N VAL D 411 -18.76 15.09 -14.13
CA VAL D 411 -18.02 14.94 -15.38
C VAL D 411 -18.15 13.50 -15.85
N SER D 412 -18.76 13.32 -17.02
CA SER D 412 -18.95 11.99 -17.58
C SER D 412 -17.76 11.62 -18.46
N MET D 413 -17.34 10.36 -18.33
CA MET D 413 -16.20 9.84 -19.09
C MET D 413 -16.62 8.67 -19.99
N TYR D 414 -16.47 8.86 -21.29
CA TYR D 414 -16.85 7.85 -22.28
C TYR D 414 -15.68 7.28 -23.07
N ARG D 415 -15.91 6.07 -23.58
CA ARG D 415 -15.03 5.40 -24.52
C ARG D 415 -15.45 5.73 -25.94
N ASN D 416 -14.57 6.41 -26.67
CA ASN D 416 -14.82 6.69 -28.07
C ASN D 416 -13.88 5.82 -28.91
N VAL D 417 -14.45 4.93 -29.71
CA VAL D 417 -13.64 4.00 -30.48
C VAL D 417 -12.95 4.71 -31.65
N GLY D 418 -13.34 5.94 -31.93
CA GLY D 418 -12.75 6.67 -33.03
C GLY D 418 -13.08 6.05 -34.36
N SER D 419 -12.20 6.27 -35.34
CA SER D 419 -12.38 5.70 -36.67
C SER D 419 -11.06 5.12 -37.21
N PRO D 420 -11.05 3.78 -37.50
CA PRO D 420 -9.84 3.16 -38.05
C PRO D 420 -9.55 3.60 -39.49
N SER D 421 -10.60 3.83 -40.27
CA SER D 421 -10.44 4.31 -41.64
C SER D 421 -9.90 5.75 -41.67
N ALA D 422 -10.43 6.59 -40.80
CA ALA D 422 -10.03 8.01 -40.72
C ALA D 422 -8.72 8.23 -39.97
N ASN D 423 -8.12 7.15 -39.49
CA ASN D 423 -6.91 7.26 -38.68
C ASN D 423 -7.21 8.13 -37.45
N ILE D 424 -8.42 7.99 -36.93
CA ILE D 424 -8.80 8.67 -35.69
C ILE D 424 -8.67 7.66 -34.55
N PRO D 425 -7.69 7.88 -33.66
CA PRO D 425 -7.42 6.86 -32.65
C PRO D 425 -8.50 6.76 -31.60
N GLU D 426 -8.50 5.65 -30.87
CA GLU D 426 -9.39 5.47 -29.74
C GLU D 426 -9.00 6.45 -28.64
N HIS D 427 -9.99 6.97 -27.93
CA HIS D 427 -9.73 8.02 -26.94
C HIS D 427 -10.85 8.14 -25.92
N TRP D 428 -10.54 8.81 -24.82
CA TRP D 428 -11.53 9.07 -23.79
C TRP D 428 -12.20 10.42 -24.01
N HIS D 429 -13.52 10.43 -23.91
CA HIS D 429 -14.32 11.63 -24.13
C HIS D 429 -14.91 12.11 -22.81
N TYR D 430 -14.41 13.26 -22.35
CA TYR D 430 -14.88 13.87 -21.10
C TYR D 430 -15.89 14.96 -21.41
N ILE D 431 -16.99 14.96 -20.65
CA ILE D 431 -18.06 15.95 -20.78
C ILE D 431 -18.49 16.50 -19.41
N SER D 432 -18.52 17.82 -19.26
CA SER D 432 -18.84 18.45 -17.98
C SER D 432 -20.31 18.81 -17.83
N PHE D 433 -20.77 18.84 -16.58
CA PHE D 433 -22.10 19.31 -16.24
C PHE D 433 -22.03 20.30 -15.08
N GLY D 434 -22.43 21.54 -15.32
CA GLY D 434 -22.42 22.54 -14.28
C GLY D 434 -22.30 23.97 -14.78
N LEU D 435 -21.61 24.14 -15.91
CA LEU D 435 -21.45 25.46 -16.50
C LEU D 435 -22.76 25.94 -17.10
N SER D 436 -23.61 24.99 -17.49
CA SER D 436 -24.95 25.31 -17.98
C SER D 436 -25.95 25.15 -16.83
N ASP D 437 -27.21 25.51 -17.08
CA ASP D 437 -28.23 25.41 -16.05
C ASP D 437 -28.89 24.02 -16.09
N LEU D 438 -28.51 23.17 -15.15
CA LEU D 438 -28.98 21.80 -15.09
C LEU D 438 -30.37 21.68 -14.45
N TYR D 439 -30.61 22.46 -13.40
CA TYR D 439 -31.79 22.27 -12.54
C TYR D 439 -32.83 23.38 -12.71
N GLY D 440 -32.36 24.59 -13.02
CA GLY D 440 -33.25 25.70 -13.33
C GLY D 440 -34.01 26.30 -12.15
N ASP D 441 -33.59 25.96 -10.93
CA ASP D 441 -34.25 26.45 -9.73
C ASP D 441 -33.44 27.57 -9.06
N ASN D 442 -32.54 28.18 -9.81
CA ASN D 442 -31.75 29.31 -9.32
C ASN D 442 -30.87 28.99 -8.11
N ARG D 443 -30.41 27.74 -8.02
CA ARG D 443 -29.46 27.34 -6.99
C ARG D 443 -28.05 27.84 -7.31
N VAL D 444 -27.75 27.98 -8.60
CA VAL D 444 -26.44 28.43 -9.07
C VAL D 444 -26.57 29.48 -10.16
N HIS D 445 -27.51 29.26 -11.08
CA HIS D 445 -27.65 30.10 -12.28
C HIS D 445 -28.94 30.92 -12.30
N GLU D 446 -28.92 32.05 -13.00
CA GLU D 446 -30.14 32.85 -13.22
C GLU D 446 -30.99 32.21 -14.32
N PHE D 447 -32.23 31.86 -14.01
CA PHE D 447 -33.11 31.25 -15.01
C PHE D 447 -33.86 32.31 -15.79
N THR D 448 -33.54 32.40 -17.09
CA THR D 448 -33.98 33.48 -17.97
C THR D 448 -35.02 33.04 -18.99
N GLY D 449 -35.37 31.77 -18.98
CA GLY D 449 -36.32 31.20 -19.93
C GLY D 449 -35.65 30.38 -21.03
N THR D 450 -36.45 29.88 -21.96
CA THR D 450 -35.96 28.97 -23.00
C THR D 450 -35.02 29.61 -24.01
N ASP D 451 -35.27 30.88 -24.32
CA ASP D 451 -34.41 31.60 -25.24
C ASP D 451 -33.11 31.98 -24.56
N GLY D 452 -32.05 32.10 -25.35
CA GLY D 452 -30.77 32.49 -24.81
C GLY D 452 -29.97 31.32 -24.27
N PRO D 453 -28.77 31.61 -23.78
CA PRO D 453 -27.86 30.56 -23.29
C PRO D 453 -28.24 30.05 -21.90
N SER D 454 -28.16 28.74 -21.74
CA SER D 454 -28.35 28.10 -20.43
C SER D 454 -27.08 28.22 -19.60
N GLY D 455 -27.17 28.89 -18.46
CA GLY D 455 -26.00 29.22 -17.67
C GLY D 455 -25.05 30.02 -18.53
N PHE D 456 -23.80 29.59 -18.60
CA PHE D 456 -22.83 30.23 -19.47
C PHE D 456 -23.07 29.83 -20.92
N GLY D 457 -24.03 28.95 -21.13
CA GLY D 457 -24.49 28.60 -22.47
C GLY D 457 -23.70 27.51 -23.12
N PHE D 458 -22.77 26.92 -22.37
CA PHE D 458 -21.95 25.84 -22.90
C PHE D 458 -21.47 24.91 -21.81
N GLU D 459 -21.09 23.70 -22.24
CA GLU D 459 -20.39 22.76 -21.36
C GLU D 459 -19.05 22.39 -21.98
N LEU D 460 -18.11 22.00 -21.13
CA LEU D 460 -16.78 21.64 -21.59
C LEU D 460 -16.67 20.18 -21.94
N THR D 461 -15.90 19.91 -22.99
CA THR D 461 -15.58 18.54 -23.36
C THR D 461 -14.08 18.41 -23.59
N PHE D 462 -13.58 17.19 -23.54
CA PHE D 462 -12.15 16.95 -23.75
C PHE D 462 -11.93 15.55 -24.33
N ARG D 463 -10.98 15.41 -25.25
CA ARG D 463 -10.68 14.13 -25.87
C ARG D 463 -9.21 13.73 -25.64
N LEU D 464 -9.02 12.68 -24.86
CA LEU D 464 -7.68 12.25 -24.47
C LEU D 464 -7.33 10.91 -25.14
N LYS D 465 -6.27 10.90 -25.95
CA LYS D 465 -5.86 9.69 -26.65
C LYS D 465 -5.69 8.56 -25.64
N ARG D 466 -6.28 7.41 -25.96
CA ARG D 466 -6.20 6.25 -25.10
C ARG D 466 -4.88 5.50 -25.31
N GLU D 467 -4.22 5.17 -24.19
CA GLU D 467 -3.01 4.35 -24.22
C GLU D 467 -3.38 2.87 -24.23
N THR D 468 -2.52 2.05 -24.80
CA THR D 468 -2.86 0.65 -25.07
C THR D 468 -3.17 -0.19 -23.82
N GLY D 469 -2.55 0.14 -22.69
CA GLY D 469 -2.75 -0.61 -21.45
C GLY D 469 -3.91 -0.13 -20.59
N GLU D 470 -4.50 0.99 -20.96
CA GLU D 470 -5.58 1.59 -20.18
C GLU D 470 -6.94 0.91 -20.29
N SER D 471 -7.37 0.32 -19.18
CA SER D 471 -8.71 -0.26 -19.08
C SER D 471 -9.77 0.81 -18.81
N ALA D 472 -9.38 1.84 -18.06
CA ALA D 472 -10.32 2.88 -17.64
C ALA D 472 -9.77 4.29 -17.87
N PRO D 473 -10.68 5.28 -18.00
CA PRO D 473 -10.27 6.67 -18.23
C PRO D 473 -9.61 7.30 -17.00
N PRO D 474 -8.49 8.03 -17.19
CA PRO D 474 -7.92 8.77 -16.07
C PRO D 474 -8.81 9.94 -15.66
N THR D 475 -8.73 10.36 -14.40
CA THR D 475 -9.67 11.35 -13.87
C THR D 475 -9.11 12.78 -13.81
N TRP D 476 -7.83 12.96 -14.08
CA TRP D 476 -7.21 14.28 -13.95
C TRP D 476 -7.84 15.34 -14.89
N PRO D 477 -8.34 14.91 -16.07
CA PRO D 477 -8.97 15.95 -16.91
C PRO D 477 -10.20 16.58 -16.26
N ALA D 478 -10.86 15.83 -15.38
CA ALA D 478 -12.02 16.34 -14.68
C ALA D 478 -11.61 17.53 -13.82
N GLU D 479 -10.54 17.36 -13.05
CA GLU D 479 -10.04 18.46 -12.23
C GLU D 479 -9.59 19.63 -13.10
N LEU D 480 -8.94 19.33 -14.22
CA LEU D 480 -8.61 20.39 -15.19
C LEU D 480 -9.87 21.18 -15.57
N MET D 481 -10.93 20.45 -15.89
CA MET D 481 -12.20 21.07 -16.22
C MET D 481 -12.73 21.87 -15.05
N GLN D 482 -12.61 21.34 -13.83
CA GLN D 482 -13.04 22.07 -12.64
C GLN D 482 -12.30 23.40 -12.53
N GLY D 483 -10.99 23.38 -12.77
CA GLY D 483 -10.21 24.60 -12.76
C GLY D 483 -10.73 25.60 -13.77
N LEU D 484 -10.87 25.17 -15.01
CA LEU D 484 -11.42 26.02 -16.07
C LEU D 484 -12.77 26.61 -15.65
N ALA D 485 -13.63 25.77 -15.10
CA ALA D 485 -14.94 26.20 -14.67
C ALA D 485 -14.87 27.22 -13.54
N ARG D 486 -14.00 26.95 -12.58
CA ARG D 486 -13.79 27.87 -11.46
C ARG D 486 -13.44 29.23 -12.02
N TYR D 487 -12.50 29.26 -12.96
CA TYR D 487 -12.15 30.51 -13.61
C TYR D 487 -13.36 31.19 -14.23
N VAL D 488 -14.09 30.45 -15.08
CA VAL D 488 -15.25 31.04 -15.76
C VAL D 488 -16.20 31.66 -14.75
N PHE D 489 -16.51 30.93 -13.69
CA PHE D 489 -17.41 31.46 -12.66
C PHE D 489 -16.85 32.68 -11.93
N GLN D 490 -15.58 32.63 -11.56
CA GLN D 490 -14.98 33.74 -10.82
C GLN D 490 -14.89 35.02 -11.66
N SER D 491 -14.50 34.87 -12.93
CA SER D 491 -14.24 36.02 -13.80
C SER D 491 -15.46 36.50 -14.58
N GLU D 492 -16.50 35.66 -14.66
CA GLU D 492 -17.66 35.91 -15.52
C GLU D 492 -17.31 35.93 -17.01
N ASN D 493 -16.13 35.45 -17.37
CA ASN D 493 -15.73 35.44 -18.78
C ASN D 493 -16.12 34.13 -19.47
N THR D 494 -16.96 34.23 -20.49
CA THR D 494 -17.36 33.08 -21.29
C THR D 494 -16.23 32.68 -22.23
N PHE D 495 -16.12 31.37 -22.51
CA PHE D 495 -15.18 30.87 -23.49
C PHE D 495 -15.81 30.89 -24.86
N CYS D 496 -15.00 31.14 -25.89
CA CYS D 496 -15.46 31.10 -27.28
C CYS D 496 -14.51 30.26 -28.13
N SER D 497 -15.01 29.69 -29.21
CA SER D 497 -14.16 28.91 -30.10
C SER D 497 -13.08 29.79 -30.70
N GLY D 498 -11.84 29.32 -30.61
CA GLY D 498 -10.70 30.07 -31.09
C GLY D 498 -9.94 30.70 -29.95
N ASP D 499 -10.56 30.80 -28.77
CA ASP D 499 -9.87 31.35 -27.62
C ASP D 499 -8.77 30.41 -27.17
N HIS D 500 -7.80 30.95 -26.43
CA HIS D 500 -6.74 30.14 -25.85
C HIS D 500 -6.70 30.34 -24.36
N VAL D 501 -6.05 29.38 -23.71
CA VAL D 501 -5.90 29.36 -22.29
C VAL D 501 -4.47 28.95 -21.97
N SER D 502 -3.73 29.87 -21.35
CA SER D 502 -2.38 29.60 -20.90
C SER D 502 -2.44 29.01 -19.49
N TRP D 503 -1.88 27.81 -19.32
CA TRP D 503 -1.90 27.10 -18.05
C TRP D 503 -0.51 27.11 -17.41
N HIS D 504 0.52 27.00 -18.24
CA HIS D 504 1.93 27.04 -17.83
C HIS D 504 2.35 25.85 -16.96
N SER D 505 1.60 24.78 -17.05
CA SER D 505 1.93 23.55 -16.37
C SER D 505 1.48 22.40 -17.25
N PRO D 506 2.22 21.28 -17.23
CA PRO D 506 1.75 20.11 -17.96
C PRO D 506 0.39 19.70 -17.41
N LEU D 507 -0.61 19.58 -18.28
CA LEU D 507 -1.99 19.44 -17.83
C LEU D 507 -2.17 18.25 -16.89
N ASP D 508 -1.46 17.16 -17.15
CA ASP D 508 -1.59 15.94 -16.35
C ASP D 508 -0.54 15.88 -15.23
N ASN D 509 0.15 16.99 -15.00
CA ASN D 509 1.17 17.14 -13.95
C ASN D 509 2.29 16.13 -14.17
N SER D 510 2.44 15.67 -15.42
CA SER D 510 3.52 14.77 -15.81
C SER D 510 4.72 15.55 -16.34
N GLU D 511 5.48 14.93 -17.23
CA GLU D 511 6.60 15.59 -17.92
C GLU D 511 6.16 16.11 -19.29
N SER D 512 4.86 16.04 -19.54
CA SER D 512 4.30 16.35 -20.86
C SER D 512 4.65 17.77 -21.33
N ARG D 513 4.83 17.89 -22.64
CA ARG D 513 5.12 19.17 -23.25
C ARG D 513 3.82 19.96 -23.50
N ILE D 514 2.69 19.27 -23.34
CA ILE D 514 1.35 19.88 -23.48
C ILE D 514 1.03 20.68 -22.23
N GLN D 515 1.29 21.98 -22.27
CA GLN D 515 1.15 22.83 -21.09
C GLN D 515 0.10 23.90 -21.25
N HIS D 516 -0.61 23.92 -22.38
CA HIS D 516 -1.53 25.01 -22.67
C HIS D 516 -2.74 24.47 -23.40
N MET D 517 -3.77 25.31 -23.55
CA MET D 517 -5.03 24.86 -24.12
C MET D 517 -5.61 25.82 -25.14
N LEU D 518 -6.20 25.26 -26.20
CA LEU D 518 -7.02 26.00 -27.13
C LEU D 518 -8.45 25.48 -26.99
N LEU D 519 -9.42 26.28 -27.41
CA LEU D 519 -10.83 25.88 -27.30
C LEU D 519 -11.49 25.85 -28.66
N THR D 520 -12.25 24.80 -28.93
CA THR D 520 -12.93 24.67 -30.21
C THR D 520 -14.30 24.02 -30.07
N GLU D 521 -15.09 24.04 -31.13
CA GLU D 521 -16.37 23.34 -31.11
C GLU D 521 -16.10 21.84 -31.04
N ASP D 522 -16.86 21.16 -30.19
CA ASP D 522 -16.78 19.72 -30.14
C ASP D 522 -17.23 19.17 -31.49
N PRO D 523 -16.44 18.25 -32.09
CA PRO D 523 -16.74 17.75 -33.44
C PRO D 523 -17.97 16.84 -33.54
N GLN D 524 -18.40 16.26 -32.42
CA GLN D 524 -19.55 15.36 -32.43
C GLN D 524 -20.74 15.88 -31.64
N MET D 525 -20.47 16.45 -30.46
CA MET D 525 -21.54 16.96 -29.62
C MET D 525 -22.20 18.15 -30.29
N GLN D 526 -23.48 18.00 -30.64
CA GLN D 526 -24.24 19.06 -31.28
C GLN D 526 -25.00 19.86 -30.22
N PRO D 527 -25.16 21.18 -30.43
CA PRO D 527 -25.84 22.00 -29.43
C PRO D 527 -27.24 21.50 -29.09
N VAL D 528 -27.68 21.76 -27.86
CA VAL D 528 -28.95 21.23 -27.37
C VAL D 528 -29.85 22.34 -26.84
N GLN D 529 -31.16 22.16 -27.04
CA GLN D 529 -32.17 23.07 -26.53
C GLN D 529 -32.75 22.47 -25.26
N THR D 530 -32.77 23.26 -24.21
CA THR D 530 -33.36 22.84 -22.94
C THR D 530 -34.36 23.90 -22.53
N PRO D 531 -35.27 23.56 -21.61
CA PRO D 531 -36.21 24.59 -21.15
C PRO D 531 -35.51 25.77 -20.49
N PHE D 532 -34.23 25.63 -20.19
CA PHE D 532 -33.46 26.66 -19.49
C PHE D 532 -32.49 27.40 -20.41
N GLY D 533 -32.49 27.06 -21.71
CA GLY D 533 -31.66 27.76 -22.67
C GLY D 533 -30.95 26.84 -23.63
N VAL D 534 -30.07 27.41 -24.45
CA VAL D 534 -29.29 26.63 -25.41
C VAL D 534 -27.92 26.32 -24.83
N VAL D 535 -27.49 25.06 -25.01
CA VAL D 535 -26.18 24.61 -24.56
C VAL D 535 -25.34 24.10 -25.72
N THR D 536 -24.19 24.74 -25.90
CA THR D 536 -23.16 24.30 -26.85
C THR D 536 -22.07 23.54 -26.10
N PHE D 537 -21.14 22.96 -26.84
CA PHE D 537 -20.08 22.15 -26.23
C PHE D 537 -18.71 22.59 -26.72
N LEU D 538 -17.90 23.08 -25.79
CA LEU D 538 -16.55 23.55 -26.10
C LEU D 538 -15.53 22.51 -25.75
N GLN D 539 -14.83 22.03 -26.77
CA GLN D 539 -13.76 21.08 -26.55
C GLN D 539 -12.45 21.77 -26.26
N ILE D 540 -11.78 21.25 -25.24
CA ILE D 540 -10.44 21.67 -24.86
C ILE D 540 -9.41 20.92 -25.69
N VAL D 541 -8.42 21.64 -26.17
CA VAL D 541 -7.34 21.07 -26.98
C VAL D 541 -5.99 21.41 -26.37
N GLY D 542 -5.29 20.39 -25.90
CA GLY D 542 -3.96 20.59 -25.32
C GLY D 542 -2.93 20.94 -26.39
N VAL D 543 -2.08 21.92 -26.10
CA VAL D 543 -1.07 22.37 -27.06
C VAL D 543 0.27 22.65 -26.40
N CYS D 544 1.29 22.87 -27.23
CA CYS D 544 2.61 23.28 -26.77
C CYS D 544 2.68 24.79 -26.66
N THR D 545 3.70 25.28 -25.96
CA THR D 545 3.83 26.71 -25.71
C THR D 545 3.99 27.42 -27.06
N GLU D 546 4.72 26.77 -27.96
CA GLU D 546 4.99 27.34 -29.28
C GLU D 546 3.69 27.54 -30.04
N GLU D 547 2.81 26.56 -29.93
CA GLU D 547 1.52 26.62 -30.60
C GLU D 547 0.61 27.69 -30.01
N LEU D 548 0.60 27.81 -28.69
CA LEU D 548 -0.14 28.89 -28.03
C LEU D 548 0.37 30.24 -28.54
N HIS D 549 1.69 30.40 -28.52
CA HIS D 549 2.28 31.65 -28.99
C HIS D 549 1.92 31.92 -30.44
N SER D 550 1.97 30.90 -31.29
CA SER D 550 1.56 31.07 -32.67
C SER D 550 0.09 31.45 -32.78
N ALA D 551 -0.74 30.84 -31.95
CA ALA D 551 -2.16 31.17 -31.92
C ALA D 551 -2.33 32.62 -31.53
N GLN D 552 -1.52 33.07 -30.56
CA GLN D 552 -1.53 34.46 -30.13
C GLN D 552 -1.13 35.36 -31.30
N GLN D 553 0.02 35.07 -31.91
CA GLN D 553 0.56 35.92 -32.96
C GLN D 553 -0.29 35.97 -34.21
N TRP D 554 -0.91 34.85 -34.57
CA TRP D 554 -1.70 34.76 -35.78
C TRP D 554 -3.20 34.70 -35.44
N ASN D 555 -3.78 33.50 -35.45
CA ASN D 555 -5.14 33.32 -34.96
C ASN D 555 -5.35 31.90 -34.47
N GLY D 556 -6.28 31.73 -33.55
CA GLY D 556 -6.53 30.43 -32.97
C GLY D 556 -7.07 29.46 -34.00
N GLN D 557 -7.98 29.95 -34.83
CA GLN D 557 -8.65 29.11 -35.80
C GLN D 557 -7.64 28.49 -36.76
N GLY D 558 -6.69 29.30 -37.20
CA GLY D 558 -5.65 28.85 -38.10
C GLY D 558 -4.82 27.72 -37.52
N ILE D 559 -4.32 27.95 -36.31
CA ILE D 559 -3.52 26.94 -35.62
C ILE D 559 -4.35 25.69 -35.42
N LEU D 560 -5.62 25.85 -35.09
CA LEU D 560 -6.51 24.71 -34.93
C LEU D 560 -6.57 23.91 -36.24
N GLU D 561 -6.77 24.61 -37.35
CA GLU D 561 -6.77 23.96 -38.66
C GLU D 561 -5.47 23.21 -38.89
N LEU D 562 -4.34 23.87 -38.61
CA LEU D 562 -3.05 23.23 -38.71
C LEU D 562 -2.99 21.98 -37.82
N LEU D 563 -3.55 22.06 -36.62
CA LEU D 563 -3.56 20.92 -35.72
C LEU D 563 -4.41 19.79 -36.33
N ARG D 564 -5.46 20.17 -37.05
CA ARG D 564 -6.27 19.17 -37.75
C ARG D 564 -5.48 18.50 -38.89
N THR D 565 -4.72 19.28 -39.66
CA THR D 565 -3.95 18.73 -40.78
C THR D 565 -2.85 17.74 -40.36
N VAL D 566 -2.47 17.77 -39.08
CA VAL D 566 -1.47 16.86 -38.53
C VAL D 566 -2.12 15.84 -37.59
N PRO D 567 -2.24 14.57 -38.03
CA PRO D 567 -3.04 13.62 -37.24
C PRO D 567 -2.53 13.38 -35.81
N ILE D 568 -1.23 13.23 -35.61
CA ILE D 568 -0.72 12.92 -34.27
C ILE D 568 -0.83 14.11 -33.30
N ALA D 569 -1.14 15.29 -33.83
CA ALA D 569 -1.25 16.49 -33.00
C ALA D 569 -2.69 16.87 -32.69
N GLY D 570 -3.64 16.11 -33.23
CA GLY D 570 -5.04 16.41 -33.05
C GLY D 570 -5.92 15.61 -33.98
N GLY D 571 -5.66 15.74 -35.28
CA GLY D 571 -6.47 15.06 -36.28
C GLY D 571 -7.80 15.77 -36.47
N PRO D 572 -8.70 15.16 -37.26
CA PRO D 572 -9.99 15.78 -37.56
C PRO D 572 -10.78 16.20 -36.33
N TRP D 573 -10.74 15.36 -35.29
CA TRP D 573 -11.49 15.61 -34.06
C TRP D 573 -10.62 16.24 -32.97
N LEU D 574 -9.37 16.57 -33.30
CA LEU D 574 -8.47 17.25 -32.38
C LEU D 574 -8.39 16.54 -31.03
N ILE D 575 -7.96 15.28 -31.06
CA ILE D 575 -7.73 14.52 -29.86
C ILE D 575 -6.41 14.98 -29.26
N THR D 576 -6.38 15.13 -27.93
CA THR D 576 -5.17 15.61 -27.26
C THR D 576 -4.30 14.43 -26.86
N ASP D 577 -3.04 14.46 -27.30
CA ASP D 577 -2.08 13.42 -26.94
C ASP D 577 -1.01 13.97 -26.01
N MET D 578 -1.06 13.56 -24.75
CA MET D 578 -0.15 14.04 -23.74
C MET D 578 1.29 13.51 -23.91
N ARG D 579 1.45 12.42 -24.64
CA ARG D 579 2.76 11.78 -24.81
C ARG D 579 3.48 12.32 -26.04
N ARG D 580 2.86 13.26 -26.73
CA ARG D 580 3.49 13.90 -27.88
C ARG D 580 4.73 14.69 -27.47
N GLY D 581 5.81 14.54 -28.24
CA GLY D 581 7.10 15.13 -27.90
C GLY D 581 7.51 16.30 -28.77
N GLU D 582 6.85 16.46 -29.91
CA GLU D 582 7.17 17.52 -30.88
C GLU D 582 5.99 18.44 -31.16
N THR D 583 6.27 19.73 -31.38
CA THR D 583 5.26 20.68 -31.84
C THR D 583 4.98 20.40 -33.31
N ILE D 584 3.88 20.94 -33.83
CA ILE D 584 3.53 20.74 -35.23
C ILE D 584 4.59 21.31 -36.18
N PHE D 585 5.31 22.31 -35.72
CA PHE D 585 6.31 22.99 -36.54
C PHE D 585 7.57 22.14 -36.72
N GLU D 586 7.87 21.33 -35.71
CA GLU D 586 9.02 20.44 -35.75
C GLU D 586 8.71 19.22 -36.61
N ILE D 587 7.43 18.89 -36.71
CA ILE D 587 6.97 17.75 -37.50
C ILE D 587 6.89 18.15 -38.98
N ASP D 588 6.49 19.38 -39.21
CA ASP D 588 6.31 19.92 -40.55
C ASP D 588 6.82 21.37 -40.58
N PRO D 589 8.11 21.56 -40.91
CA PRO D 589 8.74 22.89 -40.87
C PRO D 589 7.94 23.94 -41.64
N HIS D 590 7.54 23.57 -42.85
CA HIS D 590 6.86 24.48 -43.77
C HIS D 590 5.73 25.23 -43.10
N LEU D 591 4.97 24.54 -42.27
CA LEU D 591 3.83 25.15 -41.61
C LEU D 591 4.23 26.48 -41.00
N GLN D 592 5.41 26.53 -40.41
CA GLN D 592 5.84 27.74 -39.71
C GLN D 592 5.69 28.91 -40.68
N GLU D 593 6.16 28.73 -41.91
CA GLU D 593 6.12 29.82 -42.88
C GLU D 593 4.66 30.14 -43.19
N ARG D 594 3.80 29.13 -43.14
CA ARG D 594 2.40 29.36 -43.46
C ARG D 594 1.86 30.29 -42.37
N VAL D 595 2.46 30.21 -41.17
CA VAL D 595 2.04 31.07 -40.08
C VAL D 595 2.64 32.46 -40.31
N ASP D 596 3.96 32.50 -40.53
CA ASP D 596 4.67 33.76 -40.74
C ASP D 596 4.14 34.56 -41.92
N LYS D 597 3.63 33.88 -42.94
CA LYS D 597 2.95 34.57 -44.02
C LYS D 597 1.63 35.11 -43.49
N GLY D 598 0.99 34.34 -42.61
CA GLY D 598 -0.33 34.68 -42.13
C GLY D 598 -0.27 35.90 -41.23
N ILE D 599 0.68 35.89 -40.30
CA ILE D 599 0.80 36.96 -39.33
C ILE D 599 1.14 38.30 -39.98
N GLU D 600 1.93 38.31 -41.05
CA GLU D 600 2.34 39.60 -41.62
C GLU D 600 1.23 40.24 -42.47
N THR D 601 0.45 39.41 -43.15
CA THR D 601 -0.58 39.94 -44.06
C THR D 601 -1.87 40.21 -43.29
N ASP D 602 -2.19 39.37 -42.32
CA ASP D 602 -3.46 39.46 -41.60
C ASP D 602 -3.26 39.96 -40.17
N GLY D 603 -2.06 39.75 -39.63
CA GLY D 603 -1.76 40.16 -38.27
C GLY D 603 -2.33 39.18 -37.26
N SER D 604 -2.66 39.70 -36.08
CA SER D 604 -3.23 38.90 -35.01
C SER D 604 -4.75 38.97 -35.02
N ASN D 605 -5.38 37.89 -34.58
CA ASN D 605 -6.84 37.81 -34.48
C ASN D 605 -7.33 38.18 -33.10
N LEU D 606 -6.39 38.22 -32.15
CA LEU D 606 -6.72 38.30 -30.74
C LEU D 606 -7.12 39.71 -30.32
N SER D 607 -8.43 39.92 -30.15
CA SER D 607 -8.96 41.24 -29.80
C SER D 607 -8.47 41.71 -28.44
N GLY D 608 -8.28 40.78 -27.51
CA GLY D 608 -7.86 41.15 -26.17
C GLY D 608 -7.54 39.94 -25.31
N VAL D 609 -7.11 40.21 -24.08
CA VAL D 609 -6.76 39.15 -23.15
C VAL D 609 -7.11 39.54 -21.71
N SER D 610 -7.42 38.54 -20.90
CA SER D 610 -7.63 38.73 -19.47
C SER D 610 -6.37 38.37 -18.74
N ALA D 611 -5.83 39.33 -17.98
CA ALA D 611 -4.50 39.14 -17.39
C ALA D 611 -4.28 39.98 -16.14
N LYS D 612 -3.13 39.79 -15.52
CA LYS D 612 -2.72 40.63 -14.40
C LYS D 612 -2.16 41.92 -14.99
N CYS D 613 -2.84 43.02 -14.72
CA CYS D 613 -2.41 44.31 -15.24
C CYS D 613 -3.03 45.44 -14.45
N ALA D 614 -2.56 46.67 -14.69
CA ALA D 614 -3.11 47.83 -14.01
C ALA D 614 -2.69 49.12 -14.70
N TRP D 615 -3.29 50.24 -14.27
CA TRP D 615 -2.95 51.56 -14.77
C TRP D 615 -3.12 52.67 -13.72
N ASP D 616 -2.52 53.82 -14.01
CA ASP D 616 -2.51 54.96 -13.09
C ASP D 616 -2.15 56.25 -13.83
N ILE D 626 -20.05 56.67 -14.71
CA ILE D 626 -19.55 57.80 -13.92
C ILE D 626 -19.19 58.99 -14.83
N ARG D 627 -17.92 59.07 -15.24
CA ARG D 627 -17.44 60.12 -16.14
C ARG D 627 -16.19 59.74 -16.91
N THR D 628 -16.16 60.16 -18.17
CA THR D 628 -14.96 60.06 -18.98
C THR D 628 -14.04 61.25 -18.70
N ARG D 629 -12.78 60.96 -18.38
CA ARG D 629 -11.84 62.02 -18.04
C ARG D 629 -10.55 61.77 -18.80
N GLN D 630 -9.99 62.85 -19.34
CA GLN D 630 -8.72 62.80 -20.05
C GLN D 630 -7.55 63.04 -19.09
N LEU D 631 -6.44 62.36 -19.36
CA LEU D 631 -5.27 62.39 -18.48
C LEU D 631 -4.03 62.77 -19.28
N GLU D 632 -3.21 63.63 -18.68
CA GLU D 632 -1.97 64.07 -19.28
C GLU D 632 -0.92 62.98 -19.17
N SER D 633 -0.93 62.28 -18.04
CA SER D 633 0.02 61.20 -17.80
C SER D 633 -0.72 59.89 -17.52
N VAL D 634 -0.05 58.80 -17.87
CA VAL D 634 -0.57 57.46 -17.64
C VAL D 634 0.57 56.59 -17.19
N HIS D 635 0.27 55.65 -16.32
CA HIS D 635 1.26 54.71 -15.85
C HIS D 635 0.71 53.29 -15.91
N LEU D 636 1.25 52.48 -16.81
CA LEU D 636 0.72 51.13 -16.99
C LEU D 636 1.62 50.08 -16.36
N LYS D 637 0.98 49.06 -15.79
CA LYS D 637 1.66 48.00 -15.06
C LYS D 637 1.20 46.62 -15.53
N PHE D 638 2.17 45.77 -15.84
CA PHE D 638 1.89 44.43 -16.35
C PHE D 638 2.67 43.40 -15.58
N ASN D 639 2.26 42.13 -15.69
CA ASN D 639 3.14 41.06 -15.23
C ASN D 639 4.00 40.64 -16.41
N GLN D 640 4.95 39.76 -16.17
CA GLN D 640 5.89 39.35 -17.21
C GLN D 640 5.14 38.82 -18.43
N GLU D 641 4.16 37.95 -18.19
CA GLU D 641 3.40 37.32 -19.26
C GLU D 641 2.61 38.32 -20.09
N SER D 642 1.78 39.13 -19.43
CA SER D 642 1.01 40.14 -20.13
C SER D 642 1.95 41.15 -20.76
N GLY D 643 3.04 41.45 -20.07
CA GLY D 643 4.06 42.34 -20.59
C GLY D 643 4.66 41.80 -21.86
N ALA D 644 4.87 40.50 -21.91
CA ALA D 644 5.43 39.84 -23.08
C ALA D 644 4.52 39.94 -24.31
N LEU D 645 3.25 40.27 -24.10
CA LEU D 645 2.30 40.44 -25.19
C LEU D 645 2.29 41.83 -25.80
N ILE D 646 2.91 42.81 -25.12
CA ILE D 646 2.92 44.18 -25.61
C ILE D 646 3.49 44.29 -27.04
N PRO D 647 4.62 43.63 -27.32
CA PRO D 647 5.10 43.67 -28.71
C PRO D 647 4.04 43.15 -29.69
N LEU D 648 3.28 42.14 -29.29
CA LEU D 648 2.18 41.63 -30.10
C LEU D 648 1.10 42.69 -30.23
N CYS D 649 0.74 43.28 -29.09
CA CYS D 649 -0.27 44.33 -29.07
C CYS D 649 0.11 45.45 -30.04
N LEU D 650 1.38 45.85 -30.02
CA LEU D 650 1.84 46.94 -30.87
C LEU D 650 1.99 46.48 -32.32
N ARG D 651 2.90 45.53 -32.54
CA ARG D 651 3.17 45.04 -33.89
C ARG D 651 1.97 44.28 -34.49
N GLY D 652 1.38 43.42 -33.66
CA GLY D 652 0.34 42.51 -34.12
C GLY D 652 -0.99 43.17 -34.45
N ARG D 653 -1.33 44.25 -33.76
CA ARG D 653 -2.65 44.84 -33.97
C ARG D 653 -2.62 46.34 -34.26
N LEU D 654 -1.87 47.11 -33.48
CA LEU D 654 -1.86 48.55 -33.67
C LEU D 654 -1.33 48.91 -35.05
N LEU D 655 -0.27 48.24 -35.50
CA LEU D 655 0.30 48.51 -36.83
C LEU D 655 -0.62 48.05 -37.95
N HIS D 656 -1.64 47.28 -37.63
CA HIS D 656 -2.57 46.79 -38.63
C HIS D 656 -3.89 47.54 -38.49
N GLY D 657 -3.85 48.65 -37.77
CA GLY D 657 -5.03 49.49 -37.62
C GLY D 657 -6.09 48.85 -36.75
N ARG D 658 -5.68 47.94 -35.88
CA ARG D 658 -6.60 47.31 -34.94
C ARG D 658 -6.30 47.71 -33.49
N HIS D 659 -7.23 47.39 -32.60
CA HIS D 659 -7.10 47.71 -31.18
C HIS D 659 -6.83 46.46 -30.37
N PHE D 660 -6.33 46.65 -29.15
CA PHE D 660 -6.08 45.52 -28.25
C PHE D 660 -6.46 45.87 -26.83
N THR D 661 -7.08 44.93 -26.13
CA THR D 661 -7.59 45.18 -24.79
C THR D 661 -7.05 44.20 -23.75
N TYR D 662 -6.39 44.76 -22.74
CA TYR D 662 -6.04 44.04 -21.53
C TYR D 662 -7.13 44.23 -20.49
N LYS D 663 -7.77 43.17 -20.03
CA LYS D 663 -8.74 43.33 -18.94
C LYS D 663 -8.23 42.54 -17.73
N SER D 664 -8.41 43.09 -16.53
CA SER D 664 -7.97 42.40 -15.33
C SER D 664 -8.92 41.27 -14.92
N ILE D 665 -8.32 40.17 -14.47
CA ILE D 665 -9.06 39.01 -13.99
C ILE D 665 -9.60 39.30 -12.60
N THR D 666 -8.81 40.02 -11.81
CA THR D 666 -9.17 40.34 -10.44
C THR D 666 -10.14 41.50 -10.34
N GLY D 667 -9.81 42.58 -11.06
CA GLY D 667 -10.57 43.81 -10.96
C GLY D 667 -11.49 44.10 -12.13
N ASP D 668 -11.95 45.34 -12.16
CA ASP D 668 -12.74 45.86 -13.27
C ASP D 668 -11.88 46.73 -14.18
N MET D 669 -10.59 46.82 -13.89
CA MET D 669 -9.71 47.64 -14.72
C MET D 669 -9.46 47.03 -16.08
N ALA D 670 -9.24 47.91 -17.05
CA ALA D 670 -8.93 47.51 -18.40
C ALA D 670 -8.09 48.58 -19.11
N ILE D 671 -7.28 48.14 -20.07
CA ILE D 671 -6.45 49.03 -20.88
C ILE D 671 -6.66 48.65 -22.33
N THR D 672 -7.19 49.58 -23.11
CA THR D 672 -7.39 49.36 -24.52
C THR D 672 -6.43 50.20 -25.35
N PHE D 673 -5.48 49.53 -25.98
CA PHE D 673 -4.59 50.17 -26.94
C PHE D 673 -5.34 50.38 -28.25
N VAL D 674 -5.20 51.58 -28.79
CA VAL D 674 -5.92 51.97 -29.99
C VAL D 674 -4.94 52.65 -30.96
N SER D 675 -5.08 52.33 -32.25
CA SER D 675 -4.27 52.99 -33.26
C SER D 675 -5.15 53.85 -34.18
N THR D 676 -4.51 54.51 -35.15
CA THR D 676 -5.18 55.20 -36.22
C THR D 676 -5.86 54.15 -37.09
N GLY D 677 -6.97 54.51 -37.72
CA GLY D 677 -7.71 53.59 -38.58
C GLY D 677 -8.87 52.92 -37.85
N VAL D 678 -8.93 53.11 -36.54
CA VAL D 678 -10.07 52.64 -35.76
C VAL D 678 -11.22 53.64 -35.81
N GLU D 679 -12.44 53.16 -35.56
CA GLU D 679 -13.60 54.02 -35.45
C GLU D 679 -14.24 53.83 -34.07
N GLY D 680 -14.98 54.84 -33.61
CA GLY D 680 -15.69 54.75 -32.34
C GLY D 680 -14.93 55.20 -31.10
N ALA D 681 -13.61 55.30 -31.22
CA ALA D 681 -12.77 55.69 -30.08
C ALA D 681 -13.02 57.14 -29.68
N PHE D 682 -13.15 57.38 -28.37
CA PHE D 682 -13.26 58.75 -27.85
C PHE D 682 -11.85 59.31 -27.63
N ALA D 683 -10.84 58.45 -27.72
CA ALA D 683 -9.46 58.88 -27.62
C ALA D 683 -9.00 59.47 -28.95
N THR D 684 -8.55 60.72 -28.91
CA THR D 684 -8.04 61.39 -30.12
C THR D 684 -6.52 61.40 -30.08
N GLU D 685 -5.89 61.65 -31.23
CA GLU D 685 -4.44 61.79 -31.27
C GLU D 685 -3.99 62.98 -30.41
N GLU D 686 -4.82 64.02 -30.40
CA GLU D 686 -4.56 65.23 -29.63
C GLU D 686 -4.61 64.93 -28.13
N HIS D 687 -5.55 64.06 -27.74
CA HIS D 687 -5.69 63.63 -26.33
C HIS D 687 -5.58 62.10 -26.28
N PRO D 688 -4.32 61.59 -26.27
CA PRO D 688 -4.02 60.14 -26.39
C PRO D 688 -4.70 59.27 -25.35
N TYR D 689 -4.77 59.74 -24.11
CA TYR D 689 -5.21 58.94 -22.97
C TYR D 689 -6.56 59.40 -22.43
N ALA D 690 -7.52 58.48 -22.38
CA ALA D 690 -8.86 58.80 -21.86
C ALA D 690 -9.41 57.61 -21.09
N ALA D 691 -10.23 57.86 -20.07
CA ALA D 691 -10.64 56.82 -19.12
C ALA D 691 -12.10 56.93 -18.71
N HIS D 692 -12.93 55.97 -19.16
CA HIS D 692 -14.34 55.93 -18.77
C HIS D 692 -14.53 55.06 -17.52
N GLY D 693 -13.76 55.37 -16.48
CA GLY D 693 -13.79 54.64 -15.22
C GLY D 693 -12.54 53.81 -14.98
N PRO D 694 -12.70 52.55 -14.58
CA PRO D 694 -11.55 51.64 -14.50
C PRO D 694 -11.05 51.31 -15.91
N TRP D 695 -11.93 51.59 -16.88
CA TRP D 695 -11.66 51.35 -18.29
C TRP D 695 -10.80 52.48 -18.88
N LEU D 696 -9.62 52.12 -19.41
CA LEU D 696 -8.69 53.10 -19.99
C LEU D 696 -8.39 52.86 -21.47
N GLN D 697 -8.44 53.95 -22.25
CA GLN D 697 -7.98 53.97 -23.64
C GLN D 697 -6.73 54.82 -23.82
N ILE D 698 -5.77 54.30 -24.57
CA ILE D 698 -4.64 55.10 -25.02
C ILE D 698 -4.50 54.95 -26.52
N LEU D 699 -4.34 56.10 -27.20
CA LEU D 699 -4.15 56.11 -28.65
C LEU D 699 -2.67 56.33 -28.93
N LEU D 700 -2.07 55.41 -29.69
CA LEU D 700 -0.67 55.52 -30.04
C LEU D 700 -0.53 55.63 -31.56
N THR D 701 0.43 56.44 -31.98
CA THR D 701 0.66 56.70 -33.40
C THR D 701 1.60 55.64 -33.96
N GLU D 702 1.45 55.36 -35.25
CA GLU D 702 2.23 54.32 -35.91
C GLU D 702 3.73 54.55 -35.70
N GLU D 703 4.13 55.81 -35.83
CA GLU D 703 5.52 56.23 -35.63
C GLU D 703 6.00 55.86 -34.23
N PHE D 704 5.25 56.32 -33.25
CA PHE D 704 5.59 56.08 -31.86
C PHE D 704 5.47 54.60 -31.54
N VAL D 705 4.53 53.93 -32.19
CA VAL D 705 4.40 52.49 -32.05
C VAL D 705 5.69 51.83 -32.51
N GLU D 706 6.18 52.20 -33.68
CA GLU D 706 7.44 51.64 -34.18
C GLU D 706 8.63 51.93 -33.28
N LYS D 707 8.80 53.18 -32.87
CA LYS D 707 9.90 53.47 -31.94
C LYS D 707 9.74 52.65 -30.67
N MET D 708 8.51 52.56 -30.19
CA MET D 708 8.23 51.79 -29.01
C MET D 708 8.72 50.37 -29.34
N LEU D 709 8.35 49.85 -30.51
CA LEU D 709 8.81 48.52 -30.87
C LEU D 709 10.35 48.46 -30.90
N GLU D 710 11.00 49.52 -31.37
CA GLU D 710 12.46 49.58 -31.39
C GLU D 710 13.00 49.49 -29.95
N ASP D 711 12.36 50.22 -29.05
CA ASP D 711 12.73 50.29 -27.65
C ASP D 711 12.55 48.97 -26.89
N LEU D 712 11.59 48.16 -27.30
CA LEU D 712 11.26 46.99 -26.50
C LEU D 712 12.12 45.79 -26.87
N GLU D 713 12.80 45.27 -25.86
CA GLU D 713 13.65 44.09 -25.94
C GLU D 713 13.46 43.42 -24.57
N ASP D 714 12.21 43.03 -24.31
CA ASP D 714 11.81 42.56 -22.99
C ASP D 714 12.03 41.07 -22.75
N LEU D 715 12.09 40.30 -23.83
CA LEU D 715 12.26 38.84 -23.73
C LEU D 715 13.46 38.47 -22.86
N ALA D 719 14.88 41.24 -16.41
CA ALA D 719 15.37 41.88 -15.18
C ALA D 719 14.28 42.72 -14.55
N LEU D 720 13.50 42.12 -13.64
CA LEU D 720 12.34 42.79 -13.04
C LEU D 720 12.54 43.14 -11.55
N PRO D 721 11.89 44.21 -11.07
CA PRO D 721 10.98 45.12 -11.81
C PRO D 721 11.73 45.97 -12.82
N LYS D 722 11.18 46.08 -14.02
CA LYS D 722 11.76 46.94 -15.05
C LYS D 722 10.85 48.12 -15.44
N GLU D 723 11.47 49.29 -15.54
CA GLU D 723 10.77 50.56 -15.74
C GLU D 723 11.07 51.13 -17.13
N TYR D 724 10.01 51.41 -17.89
CA TYR D 724 10.13 52.09 -19.18
C TYR D 724 9.45 53.44 -19.17
N SER D 725 10.10 54.44 -19.78
CA SER D 725 9.59 55.81 -19.76
C SER D 725 9.76 56.54 -21.09
N TRP D 726 8.88 57.51 -21.31
CA TRP D 726 8.90 58.39 -22.48
C TRP D 726 8.48 59.79 -22.02
N PRO D 727 8.60 60.81 -22.90
CA PRO D 727 8.11 62.14 -22.48
C PRO D 727 6.61 62.17 -22.13
N GLU D 728 5.83 61.16 -22.54
CA GLU D 728 4.38 61.19 -22.30
C GLU D 728 3.82 60.11 -21.37
N LYS D 729 4.61 59.08 -21.03
CA LYS D 729 4.03 57.89 -20.36
C LYS D 729 5.05 56.89 -19.80
N LYS D 730 4.65 56.18 -18.75
CA LYS D 730 5.50 55.20 -18.08
C LYS D 730 4.86 53.82 -17.93
N LEU D 731 5.68 52.78 -18.15
CA LEU D 731 5.27 51.36 -18.13
C LEU D 731 6.20 50.44 -17.33
N LYS D 732 5.64 49.81 -16.30
CA LYS D 732 6.36 48.81 -15.47
C LYS D 732 5.87 47.36 -15.63
N VAL D 733 6.79 46.43 -15.44
CA VAL D 733 6.44 45.02 -15.35
C VAL D 733 6.84 44.34 -14.02
N SER D 734 5.86 43.83 -13.26
CA SER D 734 6.11 43.20 -11.96
C SER D 734 5.17 41.98 -11.80
N ILE D 735 5.47 41.04 -10.89
CA ILE D 735 4.63 39.83 -10.74
C ILE D 735 3.87 39.73 -9.41
N LEU D 736 4.43 40.27 -8.34
CA LEU D 736 3.80 40.19 -7.01
C LEU D 736 2.81 41.32 -6.64
N PRO D 737 3.01 42.55 -7.16
CA PRO D 737 2.03 43.59 -6.78
C PRO D 737 0.61 43.34 -7.30
N ASP D 738 0.51 42.66 -8.43
CA ASP D 738 -0.77 42.36 -9.05
C ASP D 738 -1.63 41.38 -8.23
N VAL D 739 -1.04 40.60 -7.32
CA VAL D 739 -1.79 39.50 -6.66
C VAL D 739 -2.48 39.92 -5.35
N VAL D 740 -2.25 41.16 -4.91
CA VAL D 740 -2.97 41.74 -3.77
C VAL D 740 -3.31 43.20 -4.04
N GLU D 747 -11.42 40.64 -4.08
CA GLU D 747 -12.86 40.40 -3.93
C GLU D 747 -13.25 39.16 -4.75
N HIS D 748 -14.14 38.34 -4.19
CA HIS D 748 -14.57 37.05 -4.79
C HIS D 748 -15.97 37.03 -5.36
N HIS D 749 -16.08 36.52 -6.59
CA HIS D 749 -17.36 36.44 -7.29
C HIS D 749 -17.97 35.05 -7.13
N HIS D 750 -19.25 34.96 -6.79
CA HIS D 750 -19.87 33.65 -6.50
C HIS D 750 -21.13 33.33 -7.32
N HIS D 751 -21.20 32.10 -7.81
CA HIS D 751 -22.33 31.59 -8.59
C HIS D 751 -22.57 32.42 -9.85
N HIS D 752 -23.70 32.17 -10.50
CA HIS D 752 -24.12 32.91 -11.70
C HIS D 752 -25.46 33.57 -11.45
N HIS D 753 -25.80 33.74 -10.17
CA HIS D 753 -26.96 34.52 -9.77
C HIS D 753 -26.87 35.93 -10.37
N SER E 6 35.31 28.60 7.57
CA SER E 6 36.63 28.48 8.18
C SER E 6 36.68 27.29 9.15
N TYR E 7 35.57 26.57 9.31
CA TYR E 7 35.54 25.47 10.25
C TYR E 7 34.73 24.29 9.71
N GLY E 8 35.14 23.07 10.07
CA GLY E 8 34.52 21.86 9.56
C GLY E 8 33.92 20.99 10.64
N HIS E 9 32.82 20.32 10.30
CA HIS E 9 32.16 19.38 11.19
C HIS E 9 32.02 18.05 10.46
N LEU E 10 32.61 16.98 10.98
CA LEU E 10 32.73 15.76 10.18
C LEU E 10 31.92 14.59 10.70
N SER E 11 31.11 14.00 9.82
CA SER E 11 30.37 12.79 10.13
C SER E 11 29.50 13.04 11.34
N ILE E 12 28.99 14.27 11.43
CA ILE E 12 28.29 14.72 12.63
C ILE E 12 26.99 14.01 12.90
N GLY E 13 26.29 13.62 11.85
CA GLY E 13 25.12 12.77 12.00
C GLY E 13 25.42 11.40 11.43
N THR E 14 25.33 10.36 12.26
CA THR E 14 25.57 8.99 11.80
C THR E 14 26.95 8.83 11.17
N SER F 6 36.77 -29.17 0.54
CA SER F 6 37.12 -30.47 0.00
C SER F 6 35.88 -31.35 -0.22
N TYR F 7 34.70 -30.80 0.05
CA TYR F 7 33.45 -31.55 -0.12
C TYR F 7 32.34 -30.66 -0.71
N GLY F 8 31.43 -31.26 -1.47
CA GLY F 8 30.39 -30.52 -2.17
C GLY F 8 28.96 -30.88 -1.84
N HIS F 9 28.10 -29.85 -1.83
CA HIS F 9 26.66 -30.03 -1.57
C HIS F 9 25.82 -29.39 -2.66
N LEU F 10 24.99 -30.20 -3.35
CA LEU F 10 24.32 -29.72 -4.56
C LEU F 10 22.80 -29.64 -4.49
N SER F 11 22.29 -28.47 -4.85
CA SER F 11 20.85 -28.21 -4.97
C SER F 11 20.16 -28.49 -3.66
N ILE F 12 20.87 -28.18 -2.57
CA ILE F 12 20.42 -28.51 -1.24
C ILE F 12 19.18 -27.75 -0.79
N GLY F 13 19.04 -26.51 -1.22
CA GLY F 13 17.85 -25.75 -0.90
C GLY F 13 16.88 -25.83 -2.05
N THR F 14 15.66 -26.26 -1.73
CA THR F 14 14.61 -26.40 -2.72
C THR F 14 15.07 -27.35 -3.84
N SER G 6 -7.81 -25.12 -38.59
CA SER G 6 -8.78 -25.19 -39.69
C SER G 6 -9.98 -24.27 -39.42
N TYR G 7 -9.98 -23.59 -38.27
CA TYR G 7 -11.08 -22.70 -37.90
C TYR G 7 -10.61 -21.41 -37.20
N GLY G 8 -11.37 -20.33 -37.41
CA GLY G 8 -11.02 -19.03 -36.86
C GLY G 8 -12.07 -18.43 -35.93
N HIS G 9 -11.61 -17.74 -34.89
CA HIS G 9 -12.48 -17.03 -33.96
C HIS G 9 -11.99 -15.58 -33.79
N LEU G 10 -12.82 -14.62 -34.16
CA LEU G 10 -12.35 -13.22 -34.25
C LEU G 10 -13.01 -12.25 -33.27
N SER G 11 -12.16 -11.49 -32.57
CA SER G 11 -12.56 -10.43 -31.65
C SER G 11 -13.45 -10.96 -30.54
N ILE G 12 -13.12 -12.15 -30.04
CA ILE G 12 -13.92 -12.82 -29.04
C ILE G 12 -13.93 -12.01 -27.74
N GLY G 13 -12.85 -11.30 -27.49
CA GLY G 13 -12.76 -10.39 -26.36
C GLY G 13 -13.04 -8.95 -26.76
N SER H 6 -10.23 34.68 -30.64
CA SER H 6 -10.22 36.14 -30.53
C SER H 6 -10.04 36.64 -29.10
N TYR H 7 -9.92 35.74 -28.14
CA TYR H 7 -9.72 36.14 -26.75
C TYR H 7 -8.76 35.21 -26.02
N GLY H 8 -8.00 35.78 -25.09
CA GLY H 8 -7.00 35.03 -24.35
C GLY H 8 -7.31 35.06 -22.86
N HIS H 9 -7.04 33.94 -22.20
CA HIS H 9 -7.20 33.86 -20.75
C HIS H 9 -5.90 33.30 -20.22
N LEU H 10 -5.20 34.04 -19.36
CA LEU H 10 -3.84 33.64 -19.01
C LEU H 10 -3.68 33.27 -17.55
N SER H 11 -3.08 32.10 -17.33
CA SER H 11 -2.75 31.62 -15.99
C SER H 11 -4.00 31.53 -15.16
N ILE H 12 -5.09 31.11 -15.77
CA ILE H 12 -6.37 31.03 -15.08
C ILE H 12 -6.31 29.90 -14.05
N GLY H 13 -5.26 29.08 -14.13
CA GLY H 13 -4.98 28.19 -13.04
C GLY H 13 -4.56 29.12 -11.94
N THR H 14 -4.96 28.84 -10.71
CA THR H 14 -4.68 29.81 -9.65
C THR H 14 -5.49 31.09 -9.86
#